data_1F3Y
#
_entry.id   1F3Y
#
_cell.length_a   1.000
_cell.length_b   1.000
_cell.length_c   1.000
_cell.angle_alpha   90.00
_cell.angle_beta   90.00
_cell.angle_gamma   90.00
#
_symmetry.space_group_name_H-M   'P 1'
#
_entity_poly.entity_id   1
_entity_poly.type   'polypeptide(L)'
_entity_poly.pdbx_seq_one_letter_code
;GPLGSMDSPPEGYRRNVGICLMNNDKKIFAASRLDIPDAWQMPQGGIDEGEDPRNAAIRELREETGVTSAEVIAEVPYWL
TYDFPPKVREKLNIQWGSDWKGQAQKWFLFKFTGQDQEINLLGDGSEKPEFGEWSWVTPEQLIDLTVEFKKPVYKEVLSV
FAPHL
;
_entity_poly.pdbx_strand_id   A
#
# COMPACT_ATOMS: atom_id res chain seq x y z
N GLY A 1 2.87 15.57 -8.64
CA GLY A 1 2.29 15.16 -7.33
C GLY A 1 3.31 14.45 -6.45
N PRO A 2 4.32 15.18 -5.96
CA PRO A 2 5.36 14.62 -5.10
C PRO A 2 4.88 14.38 -3.68
N LEU A 3 5.73 13.75 -2.87
CA LEU A 3 5.38 13.47 -1.48
C LEU A 3 6.47 13.98 -0.54
N GLY A 4 6.35 13.63 0.74
CA GLY A 4 7.33 14.06 1.72
C GLY A 4 8.08 12.88 2.35
N SER A 5 7.42 11.73 2.39
CA SER A 5 8.00 10.52 2.96
C SER A 5 8.43 10.74 4.40
N MET A 6 9.66 11.21 4.58
CA MET A 6 10.20 11.45 5.92
C MET A 6 10.33 10.15 6.69
N ASP A 7 11.52 9.90 7.22
CA ASP A 7 11.78 8.68 8.00
C ASP A 7 11.00 8.68 9.32
N SER A 8 10.40 9.82 9.65
CA SER A 8 9.64 9.94 10.88
C SER A 8 8.33 10.70 10.62
N PRO A 9 7.18 10.05 10.86
CA PRO A 9 5.86 10.68 10.63
C PRO A 9 5.71 11.99 11.38
N PRO A 10 5.48 13.08 10.64
CA PRO A 10 5.33 14.42 11.22
C PRO A 10 4.00 14.58 11.96
N GLU A 11 3.87 15.71 12.64
CA GLU A 11 2.67 16.02 13.40
C GLU A 11 1.40 15.91 12.56
N GLY A 12 0.40 15.24 13.12
CA GLY A 12 -0.87 15.07 12.42
C GLY A 12 -0.74 14.42 11.07
N TYR A 13 -0.84 13.10 11.04
CA TYR A 13 -0.77 12.34 9.80
C TYR A 13 -1.37 10.95 10.01
N ARG A 14 -2.17 10.50 9.05
CA ARG A 14 -2.82 9.20 9.15
C ARG A 14 -1.82 8.06 9.00
N ARG A 15 -1.19 7.69 10.11
CA ARG A 15 -0.22 6.59 10.12
C ARG A 15 -0.81 5.35 9.48
N ASN A 16 -0.35 5.05 8.27
CA ASN A 16 -0.79 3.88 7.54
C ASN A 16 0.40 3.14 6.97
N VAL A 17 0.17 1.99 6.37
CA VAL A 17 1.26 1.22 5.77
C VAL A 17 0.83 0.57 4.47
N GLY A 18 1.82 0.11 3.73
CA GLY A 18 1.57 -0.56 2.48
C GLY A 18 2.41 -1.81 2.37
N ILE A 19 1.98 -2.76 1.57
CA ILE A 19 2.72 -4.01 1.43
C ILE A 19 2.98 -4.36 -0.03
N CYS A 20 4.26 -4.49 -0.36
CA CYS A 20 4.67 -4.85 -1.70
C CYS A 20 5.03 -6.33 -1.74
N LEU A 21 4.21 -7.10 -2.43
CA LEU A 21 4.44 -8.55 -2.50
C LEU A 21 4.93 -8.97 -3.89
N MET A 22 6.06 -9.64 -3.91
CA MET A 22 6.65 -10.10 -5.15
C MET A 22 6.73 -11.62 -5.19
N ASN A 23 6.50 -12.17 -6.37
CA ASN A 23 6.56 -13.62 -6.54
C ASN A 23 7.90 -14.06 -7.07
N ASN A 24 8.00 -15.36 -7.34
CA ASN A 24 9.22 -15.97 -7.86
C ASN A 24 9.69 -15.33 -9.16
N ASP A 25 8.92 -14.40 -9.70
CA ASP A 25 9.29 -13.75 -10.96
C ASP A 25 9.82 -12.34 -10.72
N LYS A 26 9.85 -11.93 -9.46
CA LYS A 26 10.30 -10.59 -9.09
C LYS A 26 9.25 -9.58 -9.52
N LYS A 27 8.01 -10.04 -9.64
CA LYS A 27 6.90 -9.19 -10.03
C LYS A 27 6.21 -8.68 -8.77
N ILE A 28 5.13 -7.93 -8.92
CA ILE A 28 4.43 -7.39 -7.76
C ILE A 28 2.97 -7.81 -7.77
N PHE A 29 2.46 -8.11 -6.59
CA PHE A 29 1.07 -8.51 -6.44
C PHE A 29 0.15 -7.32 -6.76
N ALA A 30 -0.50 -7.37 -7.91
CA ALA A 30 -1.39 -6.30 -8.31
C ALA A 30 -2.86 -6.71 -8.13
N ALA A 31 -3.65 -5.79 -7.63
CA ALA A 31 -5.07 -6.03 -7.40
C ALA A 31 -5.90 -4.82 -7.84
N SER A 32 -7.03 -5.08 -8.48
CA SER A 32 -7.89 -3.99 -8.97
C SER A 32 -9.08 -3.76 -8.04
N ARG A 33 -9.50 -2.50 -7.97
CA ARG A 33 -10.64 -2.12 -7.13
C ARG A 33 -11.94 -2.65 -7.71
N LEU A 34 -12.74 -3.33 -6.88
CA LEU A 34 -14.03 -3.90 -7.30
C LEU A 34 -14.95 -2.84 -7.92
N ASP A 35 -14.47 -2.17 -8.95
CA ASP A 35 -15.23 -1.13 -9.63
C ASP A 35 -14.43 -0.60 -10.80
N ILE A 36 -13.12 -0.48 -10.60
CA ILE A 36 -12.23 0.01 -11.62
C ILE A 36 -11.29 -1.10 -12.10
N PRO A 37 -11.49 -1.60 -13.33
CA PRO A 37 -10.66 -2.68 -13.89
C PRO A 37 -9.27 -2.22 -14.31
N ASP A 38 -9.10 -0.90 -14.47
CA ASP A 38 -7.83 -0.34 -14.87
C ASP A 38 -7.01 0.14 -13.66
N ALA A 39 -7.64 0.14 -12.49
CA ALA A 39 -6.95 0.58 -11.28
C ALA A 39 -6.32 -0.59 -10.54
N TRP A 40 -5.07 -0.86 -10.85
CA TRP A 40 -4.32 -1.94 -10.22
C TRP A 40 -3.52 -1.40 -9.04
N GLN A 41 -3.34 -2.20 -8.01
CA GLN A 41 -2.60 -1.77 -6.83
C GLN A 41 -2.22 -2.94 -5.95
N MET A 42 -1.27 -2.69 -5.05
CA MET A 42 -0.83 -3.72 -4.11
C MET A 42 -1.47 -3.47 -2.76
N PRO A 43 -1.60 -4.53 -1.93
CA PRO A 43 -2.22 -4.41 -0.61
C PRO A 43 -1.63 -3.26 0.20
N GLN A 44 -2.44 -2.72 1.11
CA GLN A 44 -2.03 -1.60 1.95
C GLN A 44 -3.14 -1.24 2.94
N GLY A 45 -2.76 -0.77 4.12
CA GLY A 45 -3.75 -0.40 5.11
C GLY A 45 -3.23 0.61 6.10
N GLY A 46 -3.89 0.72 7.25
CA GLY A 46 -3.46 1.67 8.26
C GLY A 46 -3.10 1.02 9.58
N ILE A 47 -2.07 1.56 10.22
CA ILE A 47 -1.59 1.05 11.50
C ILE A 47 -2.60 1.34 12.61
N ASP A 48 -2.71 0.41 13.55
CA ASP A 48 -3.63 0.57 14.68
C ASP A 48 -3.13 1.67 15.60
N GLU A 49 -3.83 1.85 16.73
CA GLU A 49 -3.46 2.86 17.70
C GLU A 49 -1.96 2.80 18.03
N GLY A 50 -1.52 1.65 18.54
CA GLY A 50 -0.12 1.48 18.88
C GLY A 50 0.45 0.18 18.35
N GLU A 51 0.40 0.01 17.04
CA GLU A 51 0.91 -1.20 16.40
C GLU A 51 2.06 -0.87 15.45
N ASP A 52 2.93 -1.85 15.20
CA ASP A 52 4.07 -1.65 14.31
C ASP A 52 3.60 -1.59 12.86
N PRO A 53 4.37 -0.91 11.99
CA PRO A 53 4.03 -0.78 10.57
C PRO A 53 4.20 -2.10 9.84
N ARG A 54 5.35 -2.72 10.05
CA ARG A 54 5.66 -4.00 9.43
C ARG A 54 4.56 -5.01 9.71
N ASN A 55 4.13 -5.05 10.96
CA ASN A 55 3.07 -5.98 11.37
C ASN A 55 1.75 -5.56 10.73
N ALA A 56 1.48 -4.26 10.76
CA ALA A 56 0.25 -3.74 10.18
C ALA A 56 0.24 -4.06 8.69
N ALA A 57 1.40 -3.91 8.07
CA ALA A 57 1.56 -4.20 6.66
C ALA A 57 1.17 -5.66 6.39
N ILE A 58 1.82 -6.56 7.13
CA ILE A 58 1.55 -7.98 7.00
C ILE A 58 0.08 -8.30 7.24
N ARG A 59 -0.45 -7.84 8.37
CA ARG A 59 -1.85 -8.10 8.71
C ARG A 59 -2.80 -7.51 7.66
N GLU A 60 -2.73 -6.18 7.47
CA GLU A 60 -3.60 -5.53 6.49
C GLU A 60 -3.58 -6.30 5.19
N LEU A 61 -2.37 -6.69 4.77
CA LEU A 61 -2.18 -7.46 3.56
C LEU A 61 -3.11 -8.68 3.55
N ARG A 62 -3.13 -9.38 4.68
CA ARG A 62 -3.97 -10.56 4.84
C ARG A 62 -5.45 -10.23 4.77
N GLU A 63 -5.93 -9.46 5.74
CA GLU A 63 -7.34 -9.08 5.81
C GLU A 63 -7.87 -8.57 4.47
N GLU A 64 -6.99 -8.14 3.58
CA GLU A 64 -7.42 -7.60 2.29
C GLU A 64 -7.37 -8.62 1.15
N THR A 65 -6.38 -9.50 1.15
CA THR A 65 -6.27 -10.48 0.07
C THR A 65 -6.12 -11.92 0.57
N GLY A 66 -5.95 -12.08 1.87
CA GLY A 66 -5.78 -13.41 2.43
C GLY A 66 -4.36 -13.92 2.31
N VAL A 67 -3.56 -13.24 1.49
CA VAL A 67 -2.17 -13.62 1.30
C VAL A 67 -1.40 -13.60 2.61
N THR A 68 -0.98 -14.78 3.03
CA THR A 68 -0.21 -14.91 4.26
C THR A 68 1.14 -15.56 3.97
N SER A 69 1.11 -16.54 3.06
CA SER A 69 2.32 -17.25 2.66
C SER A 69 3.34 -16.32 2.04
N ALA A 70 3.99 -15.52 2.86
CA ALA A 70 4.99 -14.58 2.37
C ALA A 70 5.97 -14.17 3.47
N GLU A 71 7.16 -13.75 3.05
CA GLU A 71 8.19 -13.31 3.98
C GLU A 71 8.73 -11.96 3.57
N VAL A 72 9.20 -11.19 4.54
CA VAL A 72 9.74 -9.87 4.27
C VAL A 72 11.13 -9.96 3.65
N ILE A 73 11.29 -9.31 2.51
CA ILE A 73 12.56 -9.30 1.80
C ILE A 73 13.23 -7.94 1.95
N ALA A 74 12.42 -6.94 2.27
CA ALA A 74 12.91 -5.59 2.43
C ALA A 74 11.83 -4.68 3.02
N GLU A 75 12.20 -3.44 3.30
CA GLU A 75 11.27 -2.47 3.85
C GLU A 75 11.71 -1.05 3.52
N VAL A 76 10.75 -0.16 3.33
CA VAL A 76 11.07 1.23 3.00
C VAL A 76 11.66 1.94 4.22
N PRO A 77 12.75 2.69 4.00
CA PRO A 77 13.43 3.42 5.06
C PRO A 77 12.56 4.49 5.70
N TYR A 78 12.02 5.37 4.88
CA TYR A 78 11.18 6.46 5.34
C TYR A 78 9.70 6.14 5.15
N TRP A 79 8.86 7.10 5.54
CA TRP A 79 7.42 6.95 5.40
C TRP A 79 6.96 7.55 4.08
N LEU A 80 5.70 7.96 3.99
CA LEU A 80 5.14 8.55 2.78
C LEU A 80 3.84 9.28 3.09
N THR A 81 3.91 10.61 3.10
CA THR A 81 2.75 11.44 3.39
C THR A 81 2.19 12.07 2.12
N TYR A 82 1.19 11.42 1.54
CA TYR A 82 0.57 11.94 0.32
C TYR A 82 -0.41 13.06 0.66
N ASP A 83 0.10 14.29 0.69
CA ASP A 83 -0.74 15.44 0.98
C ASP A 83 -1.64 15.74 -0.21
N PHE A 84 -2.77 16.39 0.05
CA PHE A 84 -3.70 16.72 -1.02
C PHE A 84 -3.63 18.21 -1.37
N PRO A 85 -4.07 18.56 -2.60
CA PRO A 85 -4.07 19.95 -3.08
C PRO A 85 -4.86 20.87 -2.16
N PRO A 86 -4.89 22.19 -2.46
CA PRO A 86 -5.63 23.16 -1.65
C PRO A 86 -7.13 22.87 -1.62
N LYS A 87 -7.62 22.26 -2.69
CA LYS A 87 -9.04 21.92 -2.78
C LYS A 87 -9.38 20.76 -1.87
N VAL A 88 -8.71 19.63 -2.08
CA VAL A 88 -8.92 18.44 -1.27
C VAL A 88 -8.44 18.64 0.16
N ARG A 89 -7.48 19.55 0.33
CA ARG A 89 -6.93 19.84 1.66
C ARG A 89 -8.04 20.21 2.63
N GLU A 90 -8.87 21.17 2.24
CA GLU A 90 -9.96 21.62 3.08
C GLU A 90 -10.96 20.49 3.34
N LYS A 91 -10.98 19.51 2.44
CA LYS A 91 -11.89 18.38 2.56
C LYS A 91 -11.22 17.21 3.28
N LEU A 92 -9.90 17.24 3.36
CA LEU A 92 -9.14 16.18 4.02
C LEU A 92 -8.33 16.73 5.19
N ASN A 93 -7.36 17.58 4.90
CA ASN A 93 -6.51 18.18 5.92
C ASN A 93 -7.34 18.76 7.07
N ILE A 94 -8.18 19.72 6.75
CA ILE A 94 -9.02 20.37 7.75
C ILE A 94 -10.14 19.42 8.22
N GLN A 95 -10.28 18.28 7.56
CA GLN A 95 -11.31 17.30 7.92
C GLN A 95 -10.95 16.58 9.22
N TRP A 96 -9.74 16.83 9.73
CA TRP A 96 -9.31 16.19 10.97
C TRP A 96 -9.34 17.18 12.13
N GLY A 97 -9.36 18.47 11.83
CA GLY A 97 -9.39 19.48 12.88
C GLY A 97 -8.40 20.61 12.64
N SER A 98 -7.15 20.39 13.05
CA SER A 98 -6.11 21.39 12.89
C SER A 98 -4.74 20.85 13.25
N ASP A 99 -4.58 19.56 13.06
CA ASP A 99 -3.33 18.89 13.35
C ASP A 99 -2.87 18.04 12.17
N TRP A 100 -3.81 17.30 11.59
CA TRP A 100 -3.51 16.43 10.45
C TRP A 100 -3.14 17.24 9.22
N LYS A 101 -3.15 16.60 8.05
CA LYS A 101 -2.81 17.28 6.78
C LYS A 101 -2.55 16.29 5.64
N GLY A 102 -2.67 14.99 5.88
CA GLY A 102 -2.42 14.03 4.82
C GLY A 102 -2.50 12.59 5.30
N GLN A 103 -1.64 11.74 4.74
CA GLN A 103 -1.60 10.33 5.10
C GLN A 103 -0.17 9.79 5.03
N ALA A 104 0.42 9.49 6.18
CA ALA A 104 1.79 8.96 6.21
C ALA A 104 1.76 7.45 6.19
N GLN A 105 2.22 6.88 5.08
CA GLN A 105 2.22 5.43 4.92
C GLN A 105 3.60 4.88 4.59
N LYS A 106 4.02 3.87 5.34
CA LYS A 106 5.30 3.21 5.10
C LYS A 106 5.07 1.88 4.42
N TRP A 107 5.86 1.58 3.40
CA TRP A 107 5.71 0.35 2.65
C TRP A 107 6.76 -0.69 3.02
N PHE A 108 6.47 -1.94 2.68
CA PHE A 108 7.36 -3.06 2.97
C PHE A 108 7.37 -4.05 1.80
N LEU A 109 8.48 -4.79 1.66
CA LEU A 109 8.62 -5.77 0.60
C LEU A 109 8.37 -7.18 1.14
N PHE A 110 7.69 -8.01 0.35
CA PHE A 110 7.40 -9.37 0.78
C PHE A 110 7.47 -10.38 -0.36
N LYS A 111 7.91 -11.59 -0.01
CA LYS A 111 8.02 -12.69 -0.98
C LYS A 111 6.88 -13.66 -0.78
N PHE A 112 6.11 -13.94 -1.84
CA PHE A 112 4.99 -14.88 -1.75
C PHE A 112 5.47 -16.33 -1.80
N THR A 113 5.64 -16.93 -0.62
CA THR A 113 6.09 -18.31 -0.53
C THR A 113 4.90 -19.25 -0.33
N GLY A 114 3.91 -19.13 -1.21
CA GLY A 114 2.73 -19.97 -1.11
C GLY A 114 2.06 -20.18 -2.45
N GLN A 115 0.74 -20.29 -2.45
CA GLN A 115 -0.02 -20.50 -3.68
C GLN A 115 -1.05 -19.39 -3.89
N ASP A 116 -1.29 -19.06 -5.16
CA ASP A 116 -2.23 -18.02 -5.54
C ASP A 116 -3.65 -18.32 -5.06
N GLN A 117 -3.95 -19.60 -4.93
CA GLN A 117 -5.28 -20.06 -4.50
C GLN A 117 -5.68 -19.47 -3.15
N GLU A 118 -4.77 -18.72 -2.52
CA GLU A 118 -5.06 -18.11 -1.22
C GLU A 118 -5.64 -16.71 -1.39
N ILE A 119 -5.48 -16.15 -2.59
CA ILE A 119 -5.96 -14.81 -2.89
C ILE A 119 -7.44 -14.82 -3.31
N ASN A 120 -8.32 -14.51 -2.35
CA ASN A 120 -9.75 -14.47 -2.61
C ASN A 120 -10.27 -13.04 -2.73
N LEU A 121 -9.43 -12.05 -2.43
CA LEU A 121 -9.83 -10.64 -2.48
C LEU A 121 -11.22 -10.43 -1.90
N LEU A 122 -11.62 -11.30 -0.98
CA LEU A 122 -12.93 -11.19 -0.36
C LEU A 122 -12.85 -10.68 1.07
N GLY A 123 -13.97 -10.68 1.77
CA GLY A 123 -14.02 -10.22 3.13
C GLY A 123 -15.44 -10.15 3.65
N ASP A 124 -15.67 -10.79 4.79
CA ASP A 124 -16.99 -10.83 5.40
C ASP A 124 -17.17 -9.67 6.39
N GLY A 125 -17.61 -8.53 5.86
CA GLY A 125 -17.83 -7.36 6.69
C GLY A 125 -19.20 -6.73 6.50
N SER A 126 -20.01 -7.34 5.62
CA SER A 126 -21.36 -6.85 5.33
C SER A 126 -21.35 -5.69 4.34
N GLU A 127 -20.18 -5.11 4.10
CA GLU A 127 -20.06 -4.00 3.17
C GLU A 127 -19.75 -4.49 1.76
N LYS A 128 -18.49 -4.86 1.54
CA LYS A 128 -18.04 -5.35 0.23
C LYS A 128 -16.57 -5.70 0.26
N PRO A 129 -16.11 -6.53 -0.68
CA PRO A 129 -14.71 -6.94 -0.76
C PRO A 129 -13.80 -5.77 -1.09
N GLU A 130 -12.50 -6.04 -1.19
CA GLU A 130 -11.52 -4.98 -1.49
C GLU A 130 -11.21 -4.92 -2.98
N PHE A 131 -10.57 -5.96 -3.49
CA PHE A 131 -10.19 -6.03 -4.90
C PHE A 131 -11.09 -6.99 -5.66
N GLY A 132 -11.36 -6.66 -6.92
CA GLY A 132 -12.19 -7.51 -7.74
C GLY A 132 -11.37 -8.50 -8.52
N GLU A 133 -10.18 -8.08 -8.94
CA GLU A 133 -9.29 -8.95 -9.72
C GLU A 133 -7.83 -8.63 -9.43
N TRP A 134 -6.99 -9.65 -9.41
CA TRP A 134 -5.57 -9.46 -9.15
C TRP A 134 -4.70 -10.20 -10.17
N SER A 135 -3.41 -9.87 -10.20
CA SER A 135 -2.47 -10.48 -11.13
C SER A 135 -1.03 -10.33 -10.68
N TRP A 136 -0.11 -10.88 -11.47
CA TRP A 136 1.32 -10.79 -11.20
C TRP A 136 2.00 -9.98 -12.30
N VAL A 137 2.29 -8.71 -12.01
CA VAL A 137 2.93 -7.84 -12.98
C VAL A 137 4.27 -7.36 -12.43
N THR A 138 5.12 -6.80 -13.28
CA THR A 138 6.42 -6.33 -12.83
C THR A 138 6.26 -5.06 -12.02
N PRO A 139 7.31 -4.65 -11.29
CA PRO A 139 7.28 -3.44 -10.48
C PRO A 139 6.95 -2.23 -11.34
N GLU A 140 7.75 -2.02 -12.39
CA GLU A 140 7.52 -0.92 -13.31
C GLU A 140 6.18 -1.09 -14.02
N GLN A 141 5.75 -2.34 -14.17
CA GLN A 141 4.48 -2.65 -14.82
C GLN A 141 3.32 -2.28 -13.92
N LEU A 142 3.41 -2.67 -12.66
CA LEU A 142 2.37 -2.37 -11.69
C LEU A 142 2.16 -0.87 -11.61
N ILE A 143 3.25 -0.11 -11.66
CA ILE A 143 3.16 1.34 -11.60
C ILE A 143 2.39 1.87 -12.80
N ASP A 144 2.51 1.17 -13.93
CA ASP A 144 1.81 1.56 -15.14
C ASP A 144 0.31 1.29 -15.02
N LEU A 145 0.00 0.04 -14.68
CA LEU A 145 -1.39 -0.40 -14.55
C LEU A 145 -2.06 0.14 -13.29
N THR A 146 -1.27 0.59 -12.32
CA THR A 146 -1.84 1.12 -11.08
C THR A 146 -2.46 2.49 -11.29
N VAL A 147 -3.10 3.01 -10.24
CA VAL A 147 -3.72 4.33 -10.31
C VAL A 147 -2.71 5.43 -10.02
N GLU A 148 -2.85 6.55 -10.70
CA GLU A 148 -1.94 7.68 -10.52
C GLU A 148 -1.73 8.00 -9.04
N PHE A 149 -2.83 8.05 -8.30
CA PHE A 149 -2.79 8.35 -6.86
C PHE A 149 -1.82 7.44 -6.10
N LYS A 150 -1.33 6.38 -6.74
CA LYS A 150 -0.43 5.44 -6.07
C LYS A 150 0.81 5.11 -6.91
N LYS A 151 0.88 5.63 -8.12
CA LYS A 151 2.01 5.36 -9.00
C LYS A 151 3.31 5.93 -8.40
N PRO A 152 3.35 7.24 -8.08
CA PRO A 152 4.54 7.86 -7.51
C PRO A 152 4.87 7.30 -6.13
N VAL A 153 3.83 6.86 -5.42
CA VAL A 153 4.01 6.28 -4.11
C VAL A 153 4.71 4.94 -4.24
N TYR A 154 4.15 4.10 -5.11
CA TYR A 154 4.71 2.78 -5.37
C TYR A 154 6.08 2.92 -6.01
N LYS A 155 6.21 3.93 -6.88
CA LYS A 155 7.47 4.21 -7.56
C LYS A 155 8.59 4.42 -6.57
N GLU A 156 8.31 5.20 -5.54
CA GLU A 156 9.30 5.48 -4.51
C GLU A 156 9.57 4.21 -3.73
N VAL A 157 8.56 3.37 -3.64
CA VAL A 157 8.69 2.11 -2.95
C VAL A 157 9.61 1.19 -3.75
N LEU A 158 9.45 1.20 -5.07
CA LEU A 158 10.27 0.37 -5.95
C LEU A 158 11.72 0.80 -5.87
N SER A 159 11.96 2.12 -5.98
CA SER A 159 13.31 2.66 -5.90
C SER A 159 14.02 2.10 -4.68
N VAL A 160 13.30 2.05 -3.58
CA VAL A 160 13.85 1.49 -2.35
C VAL A 160 14.12 0.00 -2.55
N PHE A 161 13.17 -0.65 -3.22
CA PHE A 161 13.26 -2.07 -3.49
C PHE A 161 14.13 -2.41 -4.69
N ALA A 162 14.79 -1.42 -5.27
CA ALA A 162 15.66 -1.66 -6.42
C ALA A 162 16.75 -2.67 -6.06
N PRO A 163 17.49 -2.43 -4.96
CA PRO A 163 18.54 -3.35 -4.52
C PRO A 163 18.01 -4.74 -4.21
N HIS A 164 16.68 -4.86 -4.15
CA HIS A 164 16.04 -6.14 -3.85
C HIS A 164 15.34 -6.71 -5.09
N LEU A 165 15.08 -5.85 -6.08
CA LEU A 165 14.42 -6.29 -7.30
C LEU A 165 15.45 -6.59 -8.39
N GLY A 1 -1.20 15.20 -5.77
CA GLY A 1 -0.10 14.70 -6.64
C GLY A 1 1.20 14.47 -5.88
N PRO A 2 1.85 15.55 -5.41
CA PRO A 2 3.13 15.44 -4.68
C PRO A 2 3.01 14.60 -3.42
N LEU A 3 4.14 14.04 -2.98
CA LEU A 3 4.18 13.23 -1.78
C LEU A 3 5.45 13.54 -0.97
N GLY A 4 5.28 14.25 0.14
CA GLY A 4 6.42 14.61 0.97
C GLY A 4 7.24 13.41 1.41
N SER A 5 6.56 12.33 1.79
CA SER A 5 7.22 11.12 2.25
C SER A 5 7.86 11.32 3.62
N MET A 6 9.16 11.58 3.64
CA MET A 6 9.87 11.81 4.90
C MET A 6 9.89 10.55 5.75
N ASP A 7 11.07 10.19 6.27
CA ASP A 7 11.20 9.01 7.10
C ASP A 7 10.56 9.21 8.47
N SER A 8 10.41 10.45 8.88
CA SER A 8 9.80 10.76 10.16
C SER A 8 8.36 11.20 9.98
N PRO A 9 7.45 10.78 10.88
CA PRO A 9 6.04 11.16 10.80
C PRO A 9 5.83 12.61 11.23
N PRO A 10 5.14 13.40 10.40
CA PRO A 10 4.88 14.81 10.68
C PRO A 10 3.67 15.01 11.59
N GLU A 11 3.53 16.21 12.11
CA GLU A 11 2.41 16.56 12.98
C GLU A 11 1.09 16.11 12.38
N GLY A 12 0.35 15.32 13.13
CA GLY A 12 -0.94 14.85 12.66
C GLY A 12 -0.90 14.21 11.28
N TYR A 13 -0.84 12.89 11.23
CA TYR A 13 -0.82 12.16 9.96
C TYR A 13 -1.39 10.75 10.13
N ARG A 14 -2.24 10.32 9.19
CA ARG A 14 -2.84 9.00 9.25
C ARG A 14 -1.83 7.90 8.99
N ARG A 15 -0.99 7.63 9.98
CA ARG A 15 0.02 6.59 9.87
C ARG A 15 -0.56 5.28 9.34
N ASN A 16 -0.13 4.90 8.14
CA ASN A 16 -0.59 3.67 7.49
C ASN A 16 0.61 2.91 6.89
N VAL A 17 0.39 1.71 6.40
CA VAL A 17 1.48 0.93 5.81
C VAL A 17 1.10 0.36 4.46
N GLY A 18 2.13 0.01 3.69
CA GLY A 18 1.92 -0.58 2.40
C GLY A 18 2.68 -1.88 2.26
N ILE A 19 2.14 -2.81 1.49
CA ILE A 19 2.79 -4.12 1.32
C ILE A 19 3.09 -4.43 -0.14
N CYS A 20 4.37 -4.56 -0.45
CA CYS A 20 4.80 -4.91 -1.79
C CYS A 20 5.15 -6.38 -1.83
N LEU A 21 4.21 -7.16 -2.33
CA LEU A 21 4.37 -8.60 -2.39
C LEU A 21 4.76 -9.08 -3.78
N MET A 22 5.95 -9.68 -3.87
CA MET A 22 6.43 -10.19 -5.14
C MET A 22 6.69 -11.69 -5.05
N ASN A 23 6.74 -12.34 -6.20
CA ASN A 23 6.98 -13.78 -6.25
C ASN A 23 8.45 -14.06 -6.52
N ASN A 24 8.80 -15.33 -6.46
CA ASN A 24 10.15 -15.77 -6.74
C ASN A 24 10.60 -15.34 -8.15
N ASP A 25 9.67 -14.76 -8.91
CA ASP A 25 9.97 -14.33 -10.28
C ASP A 25 10.25 -12.84 -10.37
N LYS A 26 10.27 -12.19 -9.22
CA LYS A 26 10.50 -10.75 -9.14
C LYS A 26 9.27 -9.99 -9.63
N LYS A 27 8.13 -10.67 -9.65
CA LYS A 27 6.89 -10.03 -10.07
C LYS A 27 6.14 -9.57 -8.83
N ILE A 28 5.50 -8.41 -8.95
CA ILE A 28 4.78 -7.83 -7.83
C ILE A 28 3.29 -8.05 -7.95
N PHE A 29 2.67 -8.25 -6.79
CA PHE A 29 1.23 -8.48 -6.71
C PHE A 29 0.47 -7.17 -6.92
N ALA A 30 -0.64 -7.24 -7.65
CA ALA A 30 -1.46 -6.08 -7.90
C ALA A 30 -2.94 -6.42 -7.78
N ALA A 31 -3.74 -5.45 -7.41
CA ALA A 31 -5.17 -5.65 -7.25
C ALA A 31 -5.96 -4.47 -7.78
N SER A 32 -7.03 -4.77 -8.52
CA SER A 32 -7.87 -3.72 -9.09
C SER A 32 -9.09 -3.47 -8.22
N ARG A 33 -9.48 -2.21 -8.08
CA ARG A 33 -10.64 -1.85 -7.27
C ARG A 33 -11.92 -2.35 -7.92
N LEU A 34 -12.73 -3.07 -7.15
CA LEU A 34 -13.98 -3.61 -7.66
C LEU A 34 -14.75 -2.54 -8.44
N ASP A 35 -14.62 -1.32 -7.98
CA ASP A 35 -15.28 -0.17 -8.61
C ASP A 35 -14.59 0.14 -9.95
N ILE A 36 -13.27 0.02 -9.96
CA ILE A 36 -12.50 0.28 -11.16
C ILE A 36 -11.61 -0.91 -11.53
N PRO A 37 -11.96 -1.64 -12.61
CA PRO A 37 -11.19 -2.80 -13.06
C PRO A 37 -9.87 -2.44 -13.69
N ASP A 38 -9.73 -1.19 -14.10
CA ASP A 38 -8.50 -0.73 -14.74
C ASP A 38 -7.52 -0.14 -13.72
N ALA A 39 -8.01 0.10 -12.50
CA ALA A 39 -7.18 0.67 -11.44
C ALA A 39 -6.53 -0.44 -10.62
N TRP A 40 -5.23 -0.66 -10.85
CA TRP A 40 -4.48 -1.68 -10.14
C TRP A 40 -3.74 -1.08 -8.96
N GLN A 41 -3.49 -1.88 -7.93
CA GLN A 41 -2.80 -1.40 -6.75
C GLN A 41 -2.17 -2.53 -5.96
N MET A 42 -1.22 -2.16 -5.12
CA MET A 42 -0.51 -3.11 -4.27
C MET A 42 -1.13 -3.07 -2.87
N PRO A 43 -1.01 -4.16 -2.10
CA PRO A 43 -1.56 -4.23 -0.74
C PRO A 43 -1.14 -3.03 0.11
N GLN A 44 -2.05 -2.58 0.99
CA GLN A 44 -1.77 -1.44 1.84
C GLN A 44 -2.85 -1.27 2.90
N GLY A 45 -2.44 -0.90 4.10
CA GLY A 45 -3.37 -0.69 5.20
C GLY A 45 -2.89 0.39 6.16
N GLY A 46 -3.58 0.58 7.27
CA GLY A 46 -3.18 1.60 8.21
C GLY A 46 -2.32 1.09 9.35
N ILE A 47 -2.37 1.79 10.48
CA ILE A 47 -1.59 1.41 11.67
C ILE A 47 -2.13 2.12 12.91
N ASP A 48 -2.47 1.35 13.94
CA ASP A 48 -2.98 1.91 15.18
C ASP A 48 -1.85 2.54 16.00
N GLU A 49 -2.23 3.22 17.08
CA GLU A 49 -1.26 3.90 17.95
C GLU A 49 -0.07 2.99 18.28
N GLY A 50 -0.29 2.04 19.20
CA GLY A 50 0.77 1.13 19.59
C GLY A 50 0.89 -0.08 18.67
N GLU A 51 0.63 0.14 17.39
CA GLU A 51 0.72 -0.93 16.40
C GLU A 51 1.87 -0.64 15.44
N ASP A 52 2.80 -1.57 15.32
CA ASP A 52 3.93 -1.37 14.41
C ASP A 52 3.45 -1.45 12.97
N PRO A 53 4.23 -0.88 12.03
CA PRO A 53 3.86 -0.86 10.61
C PRO A 53 4.04 -2.21 9.91
N ARG A 54 5.20 -2.80 10.10
CA ARG A 54 5.52 -4.09 9.49
C ARG A 54 4.41 -5.10 9.74
N ASN A 55 3.94 -5.17 10.97
CA ASN A 55 2.87 -6.10 11.33
C ASN A 55 1.58 -5.71 10.65
N ALA A 56 1.28 -4.42 10.69
CA ALA A 56 0.07 -3.91 10.07
C ALA A 56 0.07 -4.24 8.59
N ALA A 57 1.22 -4.09 7.95
CA ALA A 57 1.36 -4.41 6.54
C ALA A 57 0.98 -5.87 6.32
N ILE A 58 1.67 -6.76 7.03
CA ILE A 58 1.42 -8.18 6.93
C ILE A 58 -0.05 -8.50 7.19
N ARG A 59 -0.56 -8.03 8.33
CA ARG A 59 -1.94 -8.29 8.71
C ARG A 59 -2.89 -7.67 7.69
N GLU A 60 -2.82 -6.35 7.52
CA GLU A 60 -3.67 -5.67 6.56
C GLU A 60 -3.66 -6.43 5.24
N LEU A 61 -2.45 -6.74 4.78
CA LEU A 61 -2.28 -7.49 3.54
C LEU A 61 -3.15 -8.74 3.54
N ARG A 62 -3.15 -9.44 4.67
CA ARG A 62 -3.94 -10.65 4.83
C ARG A 62 -5.44 -10.36 4.73
N GLU A 63 -5.94 -9.60 5.70
CA GLU A 63 -7.36 -9.26 5.74
C GLU A 63 -7.88 -8.74 4.41
N GLU A 64 -6.99 -8.21 3.57
CA GLU A 64 -7.40 -7.64 2.29
C GLU A 64 -7.26 -8.60 1.11
N THR A 65 -6.27 -9.49 1.13
CA THR A 65 -6.06 -10.40 0.01
C THR A 65 -5.98 -11.86 0.43
N GLY A 66 -5.96 -12.11 1.73
CA GLY A 66 -5.86 -13.48 2.20
C GLY A 66 -4.43 -13.98 2.15
N VAL A 67 -3.57 -13.24 1.43
CA VAL A 67 -2.18 -13.60 1.29
C VAL A 67 -1.48 -13.68 2.64
N THR A 68 -1.00 -14.86 2.96
CA THR A 68 -0.28 -15.06 4.19
C THR A 68 1.05 -15.76 3.89
N SER A 69 1.01 -16.70 2.95
CA SER A 69 2.21 -17.43 2.53
C SER A 69 3.24 -16.49 1.93
N ALA A 70 3.89 -15.70 2.77
CA ALA A 70 4.88 -14.75 2.30
C ALA A 70 5.81 -14.29 3.42
N GLU A 71 7.01 -13.85 3.05
CA GLU A 71 8.00 -13.38 4.01
C GLU A 71 8.53 -12.01 3.61
N VAL A 72 8.94 -11.22 4.59
CA VAL A 72 9.48 -9.89 4.33
C VAL A 72 10.89 -9.95 3.78
N ILE A 73 11.09 -9.30 2.65
CA ILE A 73 12.40 -9.27 2.02
C ILE A 73 13.04 -7.90 2.20
N ALA A 74 12.21 -6.91 2.50
CA ALA A 74 12.70 -5.55 2.69
C ALA A 74 11.60 -4.65 3.23
N GLU A 75 11.97 -3.41 3.52
CA GLU A 75 11.05 -2.43 4.04
C GLU A 75 11.49 -1.02 3.67
N VAL A 76 10.54 -0.14 3.37
CA VAL A 76 10.87 1.22 3.00
C VAL A 76 11.40 2.00 4.19
N PRO A 77 12.54 2.72 4.01
CA PRO A 77 13.17 3.50 5.06
C PRO A 77 12.32 4.68 5.53
N TYR A 78 11.84 5.47 4.58
CA TYR A 78 11.03 6.64 4.92
C TYR A 78 9.54 6.37 4.72
N TRP A 79 8.71 7.36 5.04
CA TRP A 79 7.27 7.22 4.89
C TRP A 79 6.80 7.77 3.54
N LEU A 80 5.50 8.01 3.41
CA LEU A 80 4.95 8.53 2.16
C LEU A 80 3.59 9.18 2.40
N THR A 81 3.57 10.51 2.41
CA THR A 81 2.35 11.27 2.65
C THR A 81 1.86 11.97 1.38
N TYR A 82 0.85 11.37 0.75
CA TYR A 82 0.28 11.93 -0.46
C TYR A 82 -0.69 13.08 -0.14
N ASP A 83 -0.33 13.88 0.88
CA ASP A 83 -1.13 15.03 1.32
C ASP A 83 -2.62 14.86 0.97
N PHE A 84 -3.10 15.67 0.03
CA PHE A 84 -4.50 15.62 -0.39
C PHE A 84 -4.77 16.75 -1.39
N PRO A 85 -6.02 16.89 -1.87
CA PRO A 85 -6.37 17.95 -2.82
C PRO A 85 -6.00 19.35 -2.30
N PRO A 86 -6.23 20.39 -3.12
CA PRO A 86 -5.89 21.77 -2.75
C PRO A 86 -6.80 22.35 -1.67
N LYS A 87 -8.11 22.32 -1.90
CA LYS A 87 -9.08 22.85 -0.96
C LYS A 87 -9.35 21.87 0.17
N VAL A 88 -9.34 20.58 -0.16
CA VAL A 88 -9.58 19.54 0.84
C VAL A 88 -8.51 19.57 1.94
N ARG A 89 -7.42 20.30 1.69
CA ARG A 89 -6.34 20.41 2.66
C ARG A 89 -6.84 20.99 3.98
N GLU A 90 -7.06 22.29 4.01
CA GLU A 90 -7.54 22.96 5.21
C GLU A 90 -8.96 22.51 5.58
N LYS A 91 -9.61 21.80 4.67
CA LYS A 91 -10.96 21.33 4.91
C LYS A 91 -10.97 19.93 5.54
N LEU A 92 -9.99 19.11 5.15
CA LEU A 92 -9.90 17.75 5.68
C LEU A 92 -8.57 17.50 6.38
N ASN A 93 -7.49 17.82 5.69
CA ASN A 93 -6.13 17.60 6.19
C ASN A 93 -5.92 18.18 7.58
N ILE A 94 -6.15 19.49 7.72
CA ILE A 94 -5.99 20.13 9.01
C ILE A 94 -7.17 19.78 9.91
N GLN A 95 -8.16 19.10 9.33
CA GLN A 95 -9.34 18.68 10.07
C GLN A 95 -9.08 17.42 10.90
N TRP A 96 -9.51 16.27 10.40
CA TRP A 96 -9.34 15.00 11.11
C TRP A 96 -9.61 15.14 12.61
N GLY A 97 -10.49 16.08 12.96
CA GLY A 97 -10.80 16.29 14.36
C GLY A 97 -9.76 17.14 15.07
N SER A 98 -8.51 16.69 15.01
CA SER A 98 -7.41 17.41 15.66
C SER A 98 -6.07 16.76 15.34
N ASP A 99 -5.04 17.58 15.21
CA ASP A 99 -3.69 17.09 14.92
C ASP A 99 -3.69 16.30 13.62
N TRP A 100 -3.57 17.00 12.49
CA TRP A 100 -3.55 16.35 11.19
C TRP A 100 -3.18 17.33 10.09
N LYS A 101 -3.04 16.81 8.87
CA LYS A 101 -2.67 17.62 7.70
C LYS A 101 -2.28 16.73 6.51
N GLY A 102 -2.47 15.41 6.64
CA GLY A 102 -2.12 14.51 5.57
C GLY A 102 -2.16 13.06 6.01
N GLN A 103 -1.44 12.20 5.30
CA GLN A 103 -1.40 10.78 5.65
C GLN A 103 -0.03 10.18 5.31
N ALA A 104 0.68 9.71 6.33
CA ALA A 104 2.00 9.12 6.11
C ALA A 104 1.89 7.61 5.98
N GLN A 105 2.40 7.12 4.86
CA GLN A 105 2.31 5.69 4.55
C GLN A 105 3.68 5.07 4.27
N LYS A 106 4.08 4.09 5.07
CA LYS A 106 5.34 3.40 4.86
C LYS A 106 5.08 2.03 4.26
N TRP A 107 5.85 1.67 3.24
CA TRP A 107 5.65 0.40 2.56
C TRP A 107 6.68 -0.65 2.99
N PHE A 108 6.38 -1.90 2.66
CA PHE A 108 7.24 -3.03 3.00
C PHE A 108 7.29 -4.01 1.83
N LEU A 109 8.38 -4.76 1.72
CA LEU A 109 8.54 -5.75 0.66
C LEU A 109 8.27 -7.16 1.18
N PHE A 110 7.61 -7.97 0.36
CA PHE A 110 7.28 -9.34 0.78
C PHE A 110 7.38 -10.33 -0.36
N LYS A 111 7.80 -11.54 0.00
CA LYS A 111 7.93 -12.63 -0.96
C LYS A 111 6.79 -13.61 -0.79
N PHE A 112 6.03 -13.86 -1.86
CA PHE A 112 4.93 -14.80 -1.79
C PHE A 112 5.44 -16.25 -1.85
N THR A 113 5.60 -16.84 -0.68
CA THR A 113 6.09 -18.22 -0.58
C THR A 113 4.93 -19.19 -0.47
N GLY A 114 4.01 -19.14 -1.42
CA GLY A 114 2.87 -20.03 -1.41
C GLY A 114 2.22 -20.16 -2.78
N GLN A 115 0.90 -20.22 -2.79
CA GLN A 115 0.14 -20.34 -4.04
C GLN A 115 -0.91 -19.23 -4.16
N ASP A 116 -1.17 -18.80 -5.39
CA ASP A 116 -2.13 -17.72 -5.66
C ASP A 116 -3.54 -18.08 -5.21
N GLN A 117 -3.85 -19.37 -5.20
CA GLN A 117 -5.18 -19.84 -4.81
C GLN A 117 -5.56 -19.39 -3.40
N GLU A 118 -4.62 -18.76 -2.69
CA GLU A 118 -4.88 -18.28 -1.34
C GLU A 118 -5.48 -16.88 -1.36
N ILE A 119 -5.34 -16.21 -2.49
CA ILE A 119 -5.85 -14.86 -2.65
C ILE A 119 -7.34 -14.88 -2.97
N ASN A 120 -8.16 -14.54 -1.99
CA ASN A 120 -9.60 -14.51 -2.17
C ASN A 120 -10.11 -13.08 -2.30
N LEU A 121 -9.36 -12.14 -1.72
CA LEU A 121 -9.72 -10.72 -1.76
C LEU A 121 -10.91 -10.43 -0.84
N LEU A 122 -11.83 -11.39 -0.75
CA LEU A 122 -13.01 -11.23 0.09
C LEU A 122 -12.65 -11.38 1.56
N GLY A 123 -13.53 -10.89 2.42
CA GLY A 123 -13.31 -10.96 3.85
C GLY A 123 -14.25 -10.09 4.64
N ASP A 124 -15.05 -9.31 3.94
CA ASP A 124 -16.01 -8.42 4.56
C ASP A 124 -17.31 -8.41 3.76
N GLY A 125 -18.04 -9.52 3.81
CA GLY A 125 -19.29 -9.62 3.08
C GLY A 125 -20.43 -8.87 3.76
N SER A 126 -20.14 -7.68 4.25
CA SER A 126 -21.13 -6.86 4.92
C SER A 126 -21.65 -5.78 3.97
N GLU A 127 -20.80 -5.37 3.03
CA GLU A 127 -21.16 -4.33 2.07
C GLU A 127 -20.48 -4.59 0.73
N LYS A 128 -19.18 -4.85 0.77
CA LYS A 128 -18.41 -5.13 -0.45
C LYS A 128 -16.96 -5.43 -0.12
N PRO A 129 -16.29 -6.19 -0.98
CA PRO A 129 -14.88 -6.56 -0.80
C PRO A 129 -13.92 -5.41 -1.09
N GLU A 130 -12.64 -5.72 -1.05
CA GLU A 130 -11.60 -4.73 -1.31
C GLU A 130 -11.26 -4.67 -2.79
N PHE A 131 -10.57 -5.69 -3.28
CA PHE A 131 -10.19 -5.75 -4.69
C PHE A 131 -11.06 -6.72 -5.46
N GLY A 132 -11.38 -6.36 -6.70
CA GLY A 132 -12.20 -7.20 -7.54
C GLY A 132 -11.39 -8.28 -8.22
N GLU A 133 -10.17 -7.91 -8.60
CA GLU A 133 -9.26 -8.82 -9.27
C GLU A 133 -7.82 -8.45 -8.97
N TRP A 134 -6.93 -9.43 -9.04
CA TRP A 134 -5.52 -9.18 -8.77
C TRP A 134 -4.63 -9.86 -9.81
N SER A 135 -3.36 -9.48 -9.83
CA SER A 135 -2.39 -10.06 -10.77
C SER A 135 -0.96 -9.84 -10.32
N TRP A 136 -0.05 -10.60 -10.92
CA TRP A 136 1.38 -10.48 -10.62
C TRP A 136 2.07 -9.91 -11.83
N VAL A 137 2.50 -8.66 -11.70
CA VAL A 137 3.17 -7.97 -12.77
C VAL A 137 4.53 -7.49 -12.30
N THR A 138 5.33 -6.94 -13.20
CA THR A 138 6.64 -6.43 -12.81
C THR A 138 6.48 -5.14 -12.03
N PRO A 139 7.57 -4.62 -11.46
CA PRO A 139 7.52 -3.37 -10.71
C PRO A 139 7.06 -2.23 -11.61
N GLU A 140 7.78 -2.05 -12.71
CA GLU A 140 7.44 -0.99 -13.67
C GLU A 140 6.07 -1.25 -14.30
N GLN A 141 5.69 -2.52 -14.43
CA GLN A 141 4.38 -2.87 -14.99
C GLN A 141 3.28 -2.50 -14.02
N LEU A 142 3.44 -2.87 -12.76
CA LEU A 142 2.45 -2.54 -11.75
C LEU A 142 2.20 -1.05 -11.74
N ILE A 143 3.27 -0.29 -11.88
CA ILE A 143 3.16 1.17 -11.90
C ILE A 143 2.28 1.63 -13.07
N ASP A 144 2.39 0.94 -14.21
CA ASP A 144 1.60 1.28 -15.38
C ASP A 144 0.13 0.94 -15.17
N LEU A 145 -0.11 -0.30 -14.78
CA LEU A 145 -1.46 -0.78 -14.55
C LEU A 145 -2.08 -0.15 -13.30
N THR A 146 -1.25 0.29 -12.36
CA THR A 146 -1.77 0.87 -11.12
C THR A 146 -2.37 2.25 -11.36
N VAL A 147 -3.05 2.74 -10.34
CA VAL A 147 -3.70 4.04 -10.39
C VAL A 147 -2.67 5.16 -10.31
N GLU A 148 -3.02 6.33 -10.84
CA GLU A 148 -2.13 7.48 -10.82
C GLU A 148 -1.80 7.90 -9.39
N PHE A 149 -2.83 8.15 -8.59
CA PHE A 149 -2.66 8.57 -7.20
C PHE A 149 -1.83 7.60 -6.36
N LYS A 150 -1.35 6.50 -6.95
CA LYS A 150 -0.55 5.53 -6.21
C LYS A 150 0.70 5.11 -6.99
N LYS A 151 0.80 5.53 -8.24
CA LYS A 151 1.95 5.20 -9.07
C LYS A 151 3.25 5.76 -8.48
N PRO A 152 3.33 7.10 -8.30
CA PRO A 152 4.52 7.73 -7.74
C PRO A 152 4.82 7.20 -6.34
N VAL A 153 3.77 6.79 -5.64
CA VAL A 153 3.93 6.24 -4.30
C VAL A 153 4.63 4.90 -4.40
N TYR A 154 4.12 4.04 -5.28
CA TYR A 154 4.70 2.72 -5.50
C TYR A 154 6.07 2.87 -6.13
N LYS A 155 6.19 3.84 -7.01
CA LYS A 155 7.45 4.13 -7.71
C LYS A 155 8.55 4.40 -6.70
N GLU A 156 8.22 5.17 -5.68
CA GLU A 156 9.16 5.49 -4.64
C GLU A 156 9.46 4.23 -3.85
N VAL A 157 8.44 3.40 -3.73
CA VAL A 157 8.57 2.15 -3.03
C VAL A 157 9.52 1.24 -3.82
N LEU A 158 9.37 1.24 -5.14
CA LEU A 158 10.21 0.41 -6.01
C LEU A 158 11.66 0.84 -5.91
N SER A 159 11.90 2.15 -5.95
CA SER A 159 13.26 2.68 -5.86
C SER A 159 13.93 2.14 -4.61
N VAL A 160 13.16 2.07 -3.53
CA VAL A 160 13.67 1.53 -2.28
C VAL A 160 13.93 0.04 -2.44
N PHE A 161 13.01 -0.62 -3.13
CA PHE A 161 13.09 -2.06 -3.37
C PHE A 161 14.02 -2.39 -4.53
N ALA A 162 14.68 -1.38 -5.10
CA ALA A 162 15.59 -1.61 -6.21
C ALA A 162 16.69 -2.60 -5.81
N PRO A 163 17.39 -2.33 -4.70
CA PRO A 163 18.45 -3.22 -4.21
C PRO A 163 17.91 -4.63 -3.94
N HIS A 164 16.59 -4.77 -3.91
CA HIS A 164 15.95 -6.06 -3.67
C HIS A 164 15.32 -6.61 -4.94
N LEU A 165 15.08 -5.74 -5.92
CA LEU A 165 14.49 -6.17 -7.19
C LEU A 165 15.57 -6.44 -8.22
N GLY A 1 10.57 16.62 -4.82
CA GLY A 1 9.95 15.86 -5.94
C GLY A 1 8.61 15.24 -5.55
N PRO A 2 8.02 14.42 -6.43
CA PRO A 2 6.74 13.75 -6.16
C PRO A 2 6.78 12.98 -4.85
N LEU A 3 5.74 13.13 -4.05
CA LEU A 3 5.67 12.45 -2.77
C LEU A 3 6.78 12.91 -1.85
N GLY A 4 6.41 13.45 -0.70
CA GLY A 4 7.41 13.92 0.25
C GLY A 4 7.98 12.80 1.07
N SER A 5 7.11 12.04 1.73
CA SER A 5 7.52 10.91 2.57
C SER A 5 8.58 11.31 3.58
N MET A 6 8.18 11.56 4.82
CA MET A 6 9.12 11.90 5.87
C MET A 6 9.51 10.65 6.64
N ASP A 7 10.66 10.68 7.29
CA ASP A 7 11.11 9.54 8.06
C ASP A 7 10.16 9.30 9.24
N SER A 8 9.94 10.34 10.03
CA SER A 8 9.03 10.26 11.16
C SER A 8 7.66 10.82 10.78
N PRO A 9 6.57 10.29 11.38
CA PRO A 9 5.21 10.76 11.08
C PRO A 9 4.93 12.15 11.64
N PRO A 10 4.64 13.13 10.76
CA PRO A 10 4.36 14.50 11.15
C PRO A 10 2.93 14.71 11.67
N GLU A 11 2.67 15.90 12.21
CA GLU A 11 1.36 16.26 12.77
C GLU A 11 0.21 16.00 11.80
N GLY A 12 -0.81 15.29 12.28
CA GLY A 12 -1.98 15.01 11.48
C GLY A 12 -1.66 14.38 10.13
N TYR A 13 -0.53 13.69 10.06
CA TYR A 13 -0.14 13.02 8.82
C TYR A 13 -0.50 11.54 8.88
N ARG A 14 -1.74 11.25 9.28
CA ARG A 14 -2.23 9.87 9.37
C ARG A 14 -1.15 8.88 9.80
N ARG A 15 -1.32 7.62 9.41
CA ARG A 15 -0.39 6.56 9.76
C ARG A 15 -0.90 5.22 9.24
N ASN A 16 -0.51 4.87 8.03
CA ASN A 16 -0.91 3.59 7.45
C ASN A 16 0.29 2.92 6.82
N VAL A 17 0.06 1.75 6.24
CA VAL A 17 1.14 1.02 5.61
C VAL A 17 0.70 0.37 4.32
N GLY A 18 1.69 -0.09 3.56
CA GLY A 18 1.41 -0.75 2.31
C GLY A 18 2.19 -2.04 2.21
N ILE A 19 1.75 -2.92 1.32
CA ILE A 19 2.42 -4.21 1.17
C ILE A 19 2.78 -4.49 -0.27
N CYS A 20 4.07 -4.64 -0.53
CA CYS A 20 4.56 -4.97 -1.85
C CYS A 20 4.95 -6.43 -1.88
N LEU A 21 4.11 -7.23 -2.50
CA LEU A 21 4.36 -8.66 -2.56
C LEU A 21 4.76 -9.10 -3.95
N MET A 22 5.94 -9.71 -4.03
CA MET A 22 6.45 -10.20 -5.29
C MET A 22 6.65 -11.71 -5.25
N ASN A 23 6.78 -12.31 -6.41
CA ASN A 23 6.99 -13.75 -6.52
C ASN A 23 8.46 -14.05 -6.73
N ASN A 24 8.80 -15.32 -6.60
CA ASN A 24 10.17 -15.78 -6.84
C ASN A 24 10.64 -15.39 -8.25
N ASP A 25 9.73 -14.81 -9.05
CA ASP A 25 10.05 -14.40 -10.41
C ASP A 25 10.32 -12.91 -10.50
N LYS A 26 10.29 -12.25 -9.37
CA LYS A 26 10.50 -10.82 -9.30
C LYS A 26 9.28 -10.08 -9.82
N LYS A 27 8.13 -10.76 -9.81
CA LYS A 27 6.89 -10.15 -10.28
C LYS A 27 6.16 -9.56 -9.08
N ILE A 28 5.47 -8.45 -9.30
CA ILE A 28 4.77 -7.77 -8.22
C ILE A 28 3.28 -8.07 -8.25
N PHE A 29 2.75 -8.27 -7.06
CA PHE A 29 1.34 -8.54 -6.89
C PHE A 29 0.54 -7.25 -6.98
N ALA A 30 -0.62 -7.31 -7.63
CA ALA A 30 -1.46 -6.14 -7.79
C ALA A 30 -2.93 -6.52 -7.71
N ALA A 31 -3.75 -5.54 -7.39
CA ALA A 31 -5.18 -5.76 -7.27
C ALA A 31 -5.97 -4.52 -7.69
N SER A 32 -7.06 -4.74 -8.42
CA SER A 32 -7.86 -3.63 -8.91
C SER A 32 -9.10 -3.43 -8.03
N ARG A 33 -9.53 -2.17 -7.92
CA ARG A 33 -10.69 -1.82 -7.12
C ARG A 33 -11.98 -2.33 -7.73
N LEU A 34 -12.80 -3.02 -6.92
CA LEU A 34 -14.08 -3.59 -7.37
C LEU A 34 -15.00 -2.54 -7.98
N ASP A 35 -14.50 -1.84 -8.99
CA ASP A 35 -15.24 -0.81 -9.67
C ASP A 35 -14.41 -0.24 -10.82
N ILE A 36 -13.09 -0.28 -10.66
CA ILE A 36 -12.17 0.21 -11.68
C ILE A 36 -11.27 -0.92 -12.18
N PRO A 37 -11.46 -1.36 -13.43
CA PRO A 37 -10.67 -2.44 -14.01
C PRO A 37 -9.26 -2.00 -14.40
N ASP A 38 -9.06 -0.70 -14.57
CA ASP A 38 -7.76 -0.16 -14.96
C ASP A 38 -6.96 0.32 -13.75
N ALA A 39 -7.59 0.34 -12.57
CA ALA A 39 -6.92 0.78 -11.36
C ALA A 39 -6.33 -0.40 -10.61
N TRP A 40 -5.03 -0.56 -10.71
CA TRP A 40 -4.35 -1.64 -10.02
C TRP A 40 -3.59 -1.10 -8.83
N GLN A 41 -3.52 -1.87 -7.76
CA GLN A 41 -2.82 -1.42 -6.56
C GLN A 41 -2.38 -2.59 -5.70
N MET A 42 -1.42 -2.31 -4.84
CA MET A 42 -0.91 -3.30 -3.92
C MET A 42 -1.59 -3.18 -2.55
N PRO A 43 -1.67 -4.29 -1.81
CA PRO A 43 -2.28 -4.31 -0.47
C PRO A 43 -1.76 -3.17 0.42
N GLN A 44 -2.52 -2.83 1.46
CA GLN A 44 -2.13 -1.75 2.39
C GLN A 44 -3.16 -1.58 3.50
N GLY A 45 -2.93 -0.62 4.40
CA GLY A 45 -3.87 -0.36 5.48
C GLY A 45 -3.28 0.47 6.61
N GLY A 46 -4.15 1.16 7.35
CA GLY A 46 -3.72 2.02 8.44
C GLY A 46 -3.32 1.28 9.69
N ILE A 47 -2.16 1.65 10.24
CA ILE A 47 -1.65 1.06 11.47
C ILE A 47 -2.51 1.48 12.65
N ASP A 48 -2.66 0.59 13.61
CA ASP A 48 -3.45 0.86 14.79
C ASP A 48 -2.79 1.94 15.65
N GLU A 49 -3.36 2.16 16.83
CA GLU A 49 -2.85 3.16 17.77
C GLU A 49 -1.35 2.99 17.99
N GLY A 50 -0.96 2.07 18.87
CA GLY A 50 0.44 1.82 19.15
C GLY A 50 0.91 0.49 18.60
N GLU A 51 0.68 0.27 17.32
CA GLU A 51 1.07 -0.97 16.67
C GLU A 51 2.14 -0.71 15.61
N ASP A 52 2.94 -1.73 15.32
CA ASP A 52 4.00 -1.59 14.34
C ASP A 52 3.43 -1.48 12.93
N PRO A 53 4.18 -0.90 11.99
CA PRO A 53 3.74 -0.73 10.61
C PRO A 53 3.79 -2.02 9.84
N ARG A 54 4.95 -2.66 9.86
CA ARG A 54 5.12 -3.93 9.17
C ARG A 54 3.99 -4.86 9.50
N ASN A 55 3.75 -5.07 10.79
CA ASN A 55 2.67 -5.95 11.22
C ASN A 55 1.37 -5.53 10.58
N ALA A 56 1.09 -4.24 10.61
CA ALA A 56 -0.11 -3.73 9.98
C ALA A 56 -0.06 -4.07 8.50
N ALA A 57 1.12 -3.89 7.92
CA ALA A 57 1.33 -4.19 6.51
C ALA A 57 1.03 -5.66 6.24
N ILE A 58 1.80 -6.54 6.88
CA ILE A 58 1.64 -7.98 6.72
C ILE A 58 0.21 -8.39 7.05
N ARG A 59 -0.33 -7.89 8.15
CA ARG A 59 -1.68 -8.23 8.53
C ARG A 59 -2.67 -7.73 7.49
N GLU A 60 -2.72 -6.41 7.32
CA GLU A 60 -3.63 -5.80 6.34
C GLU A 60 -3.58 -6.59 5.04
N LEU A 61 -2.37 -6.91 4.60
CA LEU A 61 -2.18 -7.69 3.38
C LEU A 61 -3.07 -8.93 3.42
N ARG A 62 -3.02 -9.65 4.55
CA ARG A 62 -3.81 -10.86 4.72
C ARG A 62 -5.31 -10.55 4.71
N GLU A 63 -5.74 -9.76 5.68
CA GLU A 63 -7.16 -9.41 5.80
C GLU A 63 -7.71 -8.86 4.49
N GLU A 64 -6.83 -8.41 3.61
CA GLU A 64 -7.26 -7.83 2.34
C GLU A 64 -7.13 -8.79 1.16
N THR A 65 -6.07 -9.62 1.14
CA THR A 65 -5.88 -10.55 0.03
C THR A 65 -5.69 -11.99 0.50
N GLY A 66 -5.77 -12.24 1.79
CA GLY A 66 -5.56 -13.60 2.29
C GLY A 66 -4.12 -14.06 2.16
N VAL A 67 -3.33 -13.30 1.41
CA VAL A 67 -1.91 -13.60 1.21
C VAL A 67 -1.16 -13.67 2.52
N THR A 68 -0.77 -14.87 2.89
CA THR A 68 -0.02 -15.07 4.11
C THR A 68 1.30 -15.73 3.80
N SER A 69 1.26 -16.70 2.89
CA SER A 69 2.45 -17.43 2.47
C SER A 69 3.48 -16.50 1.85
N ALA A 70 4.16 -15.73 2.67
CA ALA A 70 5.16 -14.80 2.19
C ALA A 70 6.10 -14.34 3.31
N GLU A 71 7.31 -13.97 2.92
CA GLU A 71 8.31 -13.49 3.87
C GLU A 71 8.82 -12.11 3.46
N VAL A 72 9.17 -11.31 4.45
CA VAL A 72 9.67 -9.97 4.20
C VAL A 72 11.11 -9.97 3.71
N ILE A 73 11.33 -9.32 2.58
CA ILE A 73 12.66 -9.22 1.99
C ILE A 73 13.19 -7.81 2.12
N ALA A 74 12.28 -6.87 2.34
CA ALA A 74 12.66 -5.47 2.47
C ALA A 74 11.51 -4.60 2.97
N GLU A 75 11.82 -3.32 3.17
CA GLU A 75 10.84 -2.36 3.63
C GLU A 75 11.29 -0.93 3.38
N VAL A 76 10.34 -0.03 3.16
CA VAL A 76 10.62 1.37 2.88
C VAL A 76 11.13 2.09 4.14
N PRO A 77 12.12 2.99 3.97
CA PRO A 77 12.71 3.74 5.08
C PRO A 77 11.74 4.70 5.75
N TYR A 78 11.41 5.79 5.06
CA TYR A 78 10.51 6.81 5.57
C TYR A 78 9.05 6.46 5.31
N TRP A 79 8.15 7.29 5.83
CA TRP A 79 6.71 7.10 5.66
C TRP A 79 6.21 7.86 4.43
N LEU A 80 5.86 7.14 3.38
CA LEU A 80 5.37 7.78 2.17
C LEU A 80 4.05 8.51 2.42
N THR A 81 4.09 9.84 2.37
CA THR A 81 2.90 10.66 2.58
C THR A 81 2.52 11.43 1.32
N TYR A 82 1.58 12.36 1.47
CA TYR A 82 1.12 13.18 0.37
C TYR A 82 0.18 14.27 0.86
N ASP A 83 0.74 15.34 1.42
CA ASP A 83 -0.06 16.44 1.93
C ASP A 83 -0.69 17.23 0.78
N PHE A 84 -1.78 17.94 1.07
CA PHE A 84 -2.46 18.72 0.05
C PHE A 84 -2.10 20.20 0.15
N PRO A 85 -2.39 20.98 -0.91
CA PRO A 85 -2.09 22.42 -0.98
C PRO A 85 -3.17 23.29 -0.32
N PRO A 86 -3.03 24.64 -0.33
CA PRO A 86 -4.01 25.54 0.28
C PRO A 86 -5.42 25.27 -0.20
N LYS A 87 -6.40 25.57 0.64
CA LYS A 87 -7.81 25.35 0.31
C LYS A 87 -8.15 23.87 0.35
N VAL A 88 -7.26 23.04 -0.19
CA VAL A 88 -7.47 21.60 -0.22
C VAL A 88 -7.16 20.98 1.14
N ARG A 89 -6.20 21.58 1.85
CA ARG A 89 -5.83 21.08 3.16
C ARG A 89 -7.02 21.13 4.10
N GLU A 90 -7.48 22.34 4.44
CA GLU A 90 -8.62 22.48 5.33
C GLU A 90 -9.89 21.87 4.75
N LYS A 91 -9.87 21.53 3.46
CA LYS A 91 -11.04 20.94 2.80
C LYS A 91 -11.01 19.42 2.87
N LEU A 92 -9.81 18.86 2.77
CA LEU A 92 -9.65 17.41 2.79
C LEU A 92 -8.78 16.98 3.98
N ASN A 93 -7.61 17.59 4.09
CA ASN A 93 -6.66 17.27 5.15
C ASN A 93 -7.30 17.32 6.52
N ILE A 94 -8.25 18.23 6.70
CA ILE A 94 -8.94 18.36 7.97
C ILE A 94 -10.24 17.55 7.94
N GLN A 95 -10.65 17.12 6.74
CA GLN A 95 -11.86 16.33 6.56
C GLN A 95 -11.73 14.92 7.15
N TRP A 96 -10.55 14.58 7.67
CA TRP A 96 -10.32 13.27 8.26
C TRP A 96 -10.79 13.23 9.71
N GLY A 97 -11.60 14.19 10.11
CA GLY A 97 -12.08 14.24 11.47
C GLY A 97 -10.95 14.54 12.44
N SER A 98 -11.02 15.71 13.07
CA SER A 98 -9.99 16.15 14.03
C SER A 98 -8.86 16.87 13.30
N ASP A 99 -7.76 17.10 14.00
CA ASP A 99 -6.60 17.79 13.41
C ASP A 99 -6.30 17.26 12.00
N TRP A 100 -5.41 16.27 11.92
CA TRP A 100 -5.04 15.69 10.63
C TRP A 100 -4.55 16.76 9.67
N LYS A 101 -3.99 16.33 8.54
CA LYS A 101 -3.50 17.25 7.52
C LYS A 101 -2.70 16.52 6.45
N GLY A 102 -3.01 15.25 6.21
CA GLY A 102 -2.32 14.48 5.20
C GLY A 102 -2.36 13.00 5.48
N GLN A 103 -1.48 12.24 4.87
CA GLN A 103 -1.45 10.79 5.08
C GLN A 103 -0.03 10.23 4.98
N ALA A 104 0.44 9.61 6.07
CA ALA A 104 1.77 9.02 6.10
C ALA A 104 1.68 7.50 6.07
N GLN A 105 2.10 6.91 4.96
CA GLN A 105 2.04 5.47 4.80
C GLN A 105 3.41 4.85 4.51
N LYS A 106 3.74 3.81 5.27
CA LYS A 106 5.00 3.09 5.11
C LYS A 106 4.75 1.76 4.42
N TRP A 107 5.54 1.47 3.41
CA TRP A 107 5.38 0.23 2.65
C TRP A 107 6.43 -0.81 3.01
N PHE A 108 6.15 -2.06 2.64
CA PHE A 108 7.04 -3.18 2.91
C PHE A 108 7.11 -4.15 1.73
N LEU A 109 8.26 -4.79 1.55
CA LEU A 109 8.46 -5.76 0.46
C LEU A 109 8.39 -7.19 0.99
N PHE A 110 7.57 -8.03 0.36
CA PHE A 110 7.43 -9.42 0.79
C PHE A 110 7.47 -10.40 -0.38
N LYS A 111 8.00 -11.60 -0.11
CA LYS A 111 8.09 -12.66 -1.13
C LYS A 111 6.94 -13.63 -0.94
N PHE A 112 6.18 -13.89 -2.00
CA PHE A 112 5.07 -14.83 -1.91
C PHE A 112 5.58 -16.26 -1.99
N THR A 113 5.75 -16.87 -0.82
CA THR A 113 6.25 -18.23 -0.72
C THR A 113 5.09 -19.22 -0.58
N GLY A 114 4.10 -19.09 -1.46
CA GLY A 114 2.94 -19.96 -1.42
C GLY A 114 2.27 -20.09 -2.77
N GLN A 115 0.94 -20.19 -2.75
CA GLN A 115 0.15 -20.31 -3.97
C GLN A 115 -0.90 -19.21 -4.08
N ASP A 116 -1.24 -18.86 -5.30
CA ASP A 116 -2.23 -17.82 -5.58
C ASP A 116 -3.61 -18.18 -5.05
N GLN A 117 -3.86 -19.47 -4.91
CA GLN A 117 -5.14 -19.96 -4.41
C GLN A 117 -5.44 -19.45 -3.01
N GLU A 118 -4.49 -18.74 -2.40
CA GLU A 118 -4.68 -18.20 -1.07
C GLU A 118 -5.27 -16.79 -1.14
N ILE A 119 -5.15 -16.18 -2.31
CA ILE A 119 -5.66 -14.82 -2.51
C ILE A 119 -7.17 -14.83 -2.78
N ASN A 120 -7.93 -14.44 -1.77
CA ASN A 120 -9.37 -14.38 -1.91
C ASN A 120 -9.86 -12.95 -2.12
N LEU A 121 -9.08 -11.98 -1.63
CA LEU A 121 -9.43 -10.56 -1.77
C LEU A 121 -10.57 -10.16 -0.83
N LEU A 122 -11.52 -11.08 -0.65
CA LEU A 122 -12.66 -10.82 0.22
C LEU A 122 -12.25 -10.81 1.69
N GLY A 123 -13.14 -10.30 2.52
CA GLY A 123 -12.87 -10.23 3.95
C GLY A 123 -14.01 -10.78 4.77
N ASP A 124 -15.01 -11.30 4.07
CA ASP A 124 -16.19 -11.87 4.72
C ASP A 124 -16.92 -10.81 5.54
N GLY A 125 -17.29 -9.72 4.89
CA GLY A 125 -17.99 -8.66 5.57
C GLY A 125 -19.31 -8.32 4.89
N SER A 126 -20.30 -7.95 5.70
CA SER A 126 -21.61 -7.59 5.17
C SER A 126 -21.55 -6.29 4.39
N GLU A 127 -20.39 -5.64 4.37
CA GLU A 127 -20.23 -4.39 3.66
C GLU A 127 -19.84 -4.63 2.21
N LYS A 128 -18.55 -4.90 1.99
CA LYS A 128 -18.05 -5.15 0.65
C LYS A 128 -16.57 -5.52 0.69
N PRO A 129 -16.10 -6.10 -0.42
CA PRO A 129 -14.70 -6.52 -0.57
C PRO A 129 -13.75 -5.35 -0.80
N GLU A 130 -12.47 -5.69 -1.02
CA GLU A 130 -11.44 -4.68 -1.26
C GLU A 130 -11.08 -4.59 -2.73
N PHE A 131 -10.55 -5.70 -3.29
CA PHE A 131 -10.15 -5.74 -4.69
C PHE A 131 -11.01 -6.72 -5.48
N GLY A 132 -11.35 -6.32 -6.70
CA GLY A 132 -12.15 -7.17 -7.56
C GLY A 132 -11.34 -8.24 -8.23
N GLU A 133 -10.11 -7.88 -8.58
CA GLU A 133 -9.21 -8.80 -9.25
C GLU A 133 -7.76 -8.43 -8.97
N TRP A 134 -6.88 -9.42 -9.03
CA TRP A 134 -5.47 -9.19 -8.79
C TRP A 134 -4.61 -9.89 -9.83
N SER A 135 -3.33 -9.52 -9.88
CA SER A 135 -2.41 -10.11 -10.85
C SER A 135 -0.94 -9.90 -10.45
N TRP A 136 -0.06 -10.63 -11.11
CA TRP A 136 1.39 -10.51 -10.86
C TRP A 136 2.04 -9.83 -12.05
N VAL A 137 2.37 -8.56 -11.88
CA VAL A 137 3.00 -7.78 -12.93
C VAL A 137 4.39 -7.34 -12.47
N THR A 138 5.20 -6.81 -13.37
CA THR A 138 6.53 -6.37 -12.95
C THR A 138 6.42 -5.12 -12.10
N PRO A 139 7.52 -4.70 -11.49
CA PRO A 139 7.54 -3.49 -10.67
C PRO A 139 7.09 -2.30 -11.51
N GLU A 140 7.83 -2.04 -12.58
CA GLU A 140 7.51 -0.94 -13.48
C GLU A 140 6.12 -1.10 -14.11
N GLN A 141 5.68 -2.35 -14.28
CA GLN A 141 4.37 -2.62 -14.86
C GLN A 141 3.27 -2.24 -13.88
N LEU A 142 3.42 -2.69 -12.64
CA LEU A 142 2.45 -2.39 -11.61
C LEU A 142 2.26 -0.90 -11.53
N ILE A 143 3.37 -0.18 -11.61
CA ILE A 143 3.33 1.27 -11.56
C ILE A 143 2.54 1.82 -12.73
N ASP A 144 2.61 1.13 -13.86
CA ASP A 144 1.88 1.55 -15.03
C ASP A 144 0.40 1.23 -14.88
N LEU A 145 0.12 -0.01 -14.52
CA LEU A 145 -1.25 -0.48 -14.34
C LEU A 145 -1.90 0.09 -13.08
N THR A 146 -1.10 0.54 -12.12
CA THR A 146 -1.66 1.09 -10.89
C THR A 146 -2.26 2.46 -11.14
N VAL A 147 -2.87 3.02 -10.11
CA VAL A 147 -3.49 4.33 -10.21
C VAL A 147 -2.46 5.43 -9.94
N GLU A 148 -2.64 6.57 -10.58
CA GLU A 148 -1.73 7.70 -10.42
C GLU A 148 -1.47 8.00 -8.94
N PHE A 149 -2.54 8.11 -8.16
CA PHE A 149 -2.44 8.39 -6.72
C PHE A 149 -1.55 7.39 -5.98
N LYS A 150 -1.06 6.35 -6.67
CA LYS A 150 -0.22 5.35 -6.03
C LYS A 150 1.00 4.97 -6.86
N LYS A 151 1.06 5.46 -8.09
CA LYS A 151 2.18 5.17 -8.98
C LYS A 151 3.49 5.71 -8.41
N PRO A 152 3.53 7.02 -8.08
CA PRO A 152 4.73 7.65 -7.49
C PRO A 152 5.01 7.10 -6.11
N VAL A 153 3.95 6.69 -5.42
CA VAL A 153 4.09 6.11 -4.09
C VAL A 153 4.78 4.77 -4.25
N TYR A 154 4.18 3.91 -5.06
CA TYR A 154 4.74 2.59 -5.32
C TYR A 154 6.09 2.73 -5.99
N LYS A 155 6.20 3.73 -6.88
CA LYS A 155 7.44 3.98 -7.58
C LYS A 155 8.58 4.18 -6.61
N GLU A 156 8.32 4.96 -5.58
CA GLU A 156 9.33 5.21 -4.58
C GLU A 156 9.58 3.93 -3.82
N VAL A 157 8.53 3.15 -3.64
CA VAL A 157 8.65 1.90 -2.96
C VAL A 157 9.56 0.97 -3.74
N LEU A 158 9.39 0.96 -5.07
CA LEU A 158 10.20 0.12 -5.95
C LEU A 158 11.66 0.53 -5.89
N SER A 159 11.91 1.84 -5.92
CA SER A 159 13.28 2.34 -5.85
C SER A 159 13.93 1.81 -4.58
N VAL A 160 13.15 1.78 -3.51
CA VAL A 160 13.65 1.26 -2.25
C VAL A 160 13.87 -0.24 -2.41
N PHE A 161 12.92 -0.89 -3.07
CA PHE A 161 12.98 -2.32 -3.31
C PHE A 161 13.87 -2.67 -4.51
N ALA A 162 14.56 -1.67 -5.04
CA ALA A 162 15.44 -1.92 -6.19
C ALA A 162 16.50 -2.95 -5.85
N PRO A 163 17.28 -2.73 -4.78
CA PRO A 163 18.32 -3.67 -4.37
C PRO A 163 17.75 -5.06 -4.10
N HIS A 164 16.41 -5.14 -4.01
CA HIS A 164 15.73 -6.40 -3.75
C HIS A 164 15.02 -6.91 -5.00
N LEU A 165 14.81 -6.01 -5.97
CA LEU A 165 14.15 -6.39 -7.21
C LEU A 165 15.17 -6.68 -8.30
N GLY A 1 8.79 15.41 -5.67
CA GLY A 1 8.20 16.61 -5.03
C GLY A 1 7.01 16.27 -4.14
N PRO A 2 5.84 16.01 -4.74
CA PRO A 2 4.63 15.68 -3.99
C PRO A 2 4.86 14.52 -3.02
N LEU A 3 3.79 14.13 -2.31
CA LEU A 3 3.86 13.03 -1.34
C LEU A 3 5.21 12.93 -0.66
N GLY A 4 5.34 13.57 0.50
CA GLY A 4 6.59 13.52 1.24
C GLY A 4 6.76 12.23 2.01
N SER A 5 7.97 11.68 1.99
CA SER A 5 8.25 10.44 2.68
C SER A 5 8.51 10.66 4.15
N MET A 6 9.69 11.19 4.46
CA MET A 6 10.08 11.47 5.84
C MET A 6 10.18 10.17 6.63
N ASP A 7 11.30 9.99 7.32
CA ASP A 7 11.51 8.79 8.12
C ASP A 7 10.55 8.77 9.30
N SER A 8 10.24 9.95 9.81
CA SER A 8 9.31 10.07 10.93
C SER A 8 7.95 10.57 10.44
N PRO A 9 6.85 10.12 11.08
CA PRO A 9 5.50 10.53 10.70
C PRO A 9 5.22 11.98 11.08
N PRO A 10 5.22 12.88 10.09
CA PRO A 10 4.98 14.32 10.29
C PRO A 10 3.71 14.60 11.09
N GLU A 11 3.60 15.83 11.58
CA GLU A 11 2.45 16.27 12.36
C GLU A 11 1.14 16.01 11.63
N GLY A 12 0.15 15.46 12.34
CA GLY A 12 -1.14 15.19 11.76
C GLY A 12 -1.05 14.44 10.44
N TYR A 13 -1.03 13.12 10.51
CA TYR A 13 -0.94 12.30 9.31
C TYR A 13 -1.60 10.93 9.54
N ARG A 14 -2.48 10.55 8.62
CA ARG A 14 -3.18 9.27 8.71
C ARG A 14 -2.20 8.09 8.56
N ARG A 15 -1.53 7.75 9.66
CA ARG A 15 -0.56 6.65 9.66
C ARG A 15 -1.14 5.39 9.04
N ASN A 16 -0.63 5.05 7.86
CA ASN A 16 -1.03 3.84 7.15
C ASN A 16 0.21 3.08 6.70
N VAL A 17 0.03 1.91 6.09
CA VAL A 17 1.17 1.13 5.60
C VAL A 17 0.85 0.41 4.30
N GLY A 18 1.88 -0.07 3.64
CA GLY A 18 1.68 -0.80 2.38
C GLY A 18 2.52 -2.05 2.31
N ILE A 19 2.14 -2.97 1.43
CA ILE A 19 2.87 -4.22 1.28
C ILE A 19 3.21 -4.49 -0.18
N CYS A 20 4.51 -4.57 -0.47
CA CYS A 20 4.98 -4.86 -1.82
C CYS A 20 5.29 -6.34 -1.93
N LEU A 21 4.31 -7.11 -2.38
CA LEU A 21 4.47 -8.55 -2.51
C LEU A 21 4.97 -8.94 -3.89
N MET A 22 6.10 -9.64 -3.93
CA MET A 22 6.68 -10.08 -5.19
C MET A 22 6.73 -11.60 -5.27
N ASN A 23 6.69 -12.10 -6.50
CA ASN A 23 6.71 -13.53 -6.74
C ASN A 23 8.12 -14.00 -7.07
N ASN A 24 8.28 -15.31 -7.20
CA ASN A 24 9.56 -15.89 -7.58
C ASN A 24 10.06 -15.30 -8.91
N ASP A 25 9.22 -14.49 -9.56
CA ASP A 25 9.58 -13.89 -10.84
C ASP A 25 10.01 -12.44 -10.68
N LYS A 26 9.96 -11.96 -9.45
CA LYS A 26 10.32 -10.59 -9.14
C LYS A 26 9.21 -9.65 -9.56
N LYS A 27 7.99 -10.17 -9.70
CA LYS A 27 6.85 -9.36 -10.09
C LYS A 27 6.17 -8.84 -8.83
N ILE A 28 5.16 -8.00 -8.98
CA ILE A 28 4.47 -7.45 -7.82
C ILE A 28 3.00 -7.84 -7.80
N PHE A 29 2.52 -8.19 -6.61
CA PHE A 29 1.13 -8.55 -6.43
C PHE A 29 0.22 -7.37 -6.73
N ALA A 30 -0.38 -7.37 -7.92
CA ALA A 30 -1.28 -6.28 -8.30
C ALA A 30 -2.73 -6.64 -8.06
N ALA A 31 -3.48 -5.69 -7.53
CA ALA A 31 -4.90 -5.88 -7.25
C ALA A 31 -5.70 -4.65 -7.66
N SER A 32 -6.88 -4.87 -8.24
CA SER A 32 -7.72 -3.76 -8.70
C SER A 32 -8.90 -3.50 -7.77
N ARG A 33 -9.33 -2.24 -7.71
CA ARG A 33 -10.46 -1.85 -6.88
C ARG A 33 -11.79 -2.30 -7.49
N LEU A 34 -12.62 -2.95 -6.68
CA LEU A 34 -13.93 -3.45 -7.11
C LEU A 34 -14.81 -2.34 -7.68
N ASP A 35 -14.30 -1.59 -8.64
CA ASP A 35 -15.04 -0.50 -9.25
C ASP A 35 -14.24 0.09 -10.40
N ILE A 36 -12.92 0.17 -10.21
CA ILE A 36 -12.03 0.72 -11.22
C ILE A 36 -11.15 -0.37 -11.81
N PRO A 37 -11.43 -0.79 -13.06
CA PRO A 37 -10.67 -1.84 -13.75
C PRO A 37 -9.19 -1.53 -13.92
N ASP A 38 -8.87 -0.45 -14.62
CA ASP A 38 -7.49 -0.06 -14.86
C ASP A 38 -6.76 0.37 -13.59
N ALA A 39 -7.44 0.29 -12.45
CA ALA A 39 -6.84 0.69 -11.18
C ALA A 39 -6.20 -0.51 -10.48
N TRP A 40 -4.91 -0.70 -10.70
CA TRP A 40 -4.18 -1.79 -10.08
C TRP A 40 -3.41 -1.27 -8.87
N GLN A 41 -3.12 -2.15 -7.93
CA GLN A 41 -2.42 -1.75 -6.72
C GLN A 41 -1.83 -2.96 -6.00
N MET A 42 -1.92 -2.97 -4.68
CA MET A 42 -1.40 -4.07 -3.88
C MET A 42 -1.72 -3.82 -2.42
N PRO A 43 -1.63 -4.86 -1.58
CA PRO A 43 -1.93 -4.77 -0.16
C PRO A 43 -1.46 -3.46 0.48
N GLN A 44 -2.37 -2.83 1.21
CA GLN A 44 -2.08 -1.56 1.87
C GLN A 44 -3.27 -1.15 2.75
N GLY A 45 -2.98 -0.60 3.92
CA GLY A 45 -4.04 -0.16 4.81
C GLY A 45 -3.56 0.82 5.85
N GLY A 46 -4.27 0.91 6.97
CA GLY A 46 -3.89 1.84 8.02
C GLY A 46 -3.53 1.15 9.32
N ILE A 47 -2.48 1.63 9.97
CA ILE A 47 -2.02 1.07 11.23
C ILE A 47 -2.99 1.37 12.36
N ASP A 48 -3.11 0.43 13.29
CA ASP A 48 -4.01 0.59 14.43
C ASP A 48 -3.48 1.66 15.38
N GLU A 49 -4.15 1.81 16.52
CA GLU A 49 -3.75 2.80 17.53
C GLU A 49 -2.25 2.71 17.82
N GLY A 50 -1.85 1.68 18.57
CA GLY A 50 -0.45 1.50 18.90
C GLY A 50 0.12 0.23 18.32
N GLU A 51 0.02 0.08 17.01
CA GLU A 51 0.53 -1.10 16.32
C GLU A 51 1.67 -0.72 15.38
N ASP A 52 2.62 -1.64 15.21
CA ASP A 52 3.75 -1.40 14.33
C ASP A 52 3.32 -1.42 12.87
N PRO A 53 4.12 -0.83 11.97
CA PRO A 53 3.81 -0.79 10.54
C PRO A 53 3.91 -2.17 9.91
N ARG A 54 5.03 -2.83 10.17
CA ARG A 54 5.29 -4.17 9.66
C ARG A 54 4.13 -5.09 9.96
N ASN A 55 3.66 -5.03 11.19
CA ASN A 55 2.54 -5.87 11.61
C ASN A 55 1.29 -5.46 10.84
N ALA A 56 1.06 -4.16 10.74
CA ALA A 56 -0.09 -3.66 10.02
C ALA A 56 0.00 -4.05 8.56
N ALA A 57 1.18 -3.88 7.98
CA ALA A 57 1.40 -4.25 6.60
C ALA A 57 1.08 -5.72 6.40
N ILE A 58 1.74 -6.55 7.20
CA ILE A 58 1.54 -8.00 7.13
C ILE A 58 0.07 -8.36 7.33
N ARG A 59 -0.56 -7.84 8.39
CA ARG A 59 -1.96 -8.16 8.65
C ARG A 59 -2.88 -7.61 7.57
N GLU A 60 -2.78 -6.30 7.29
CA GLU A 60 -3.61 -5.69 6.25
C GLU A 60 -3.59 -6.55 5.00
N LEU A 61 -2.40 -7.00 4.63
CA LEU A 61 -2.21 -7.85 3.47
C LEU A 61 -3.16 -9.04 3.52
N ARG A 62 -3.15 -9.74 4.64
CA ARG A 62 -4.03 -10.90 4.84
C ARG A 62 -5.49 -10.50 4.84
N GLU A 63 -5.87 -9.66 5.79
CA GLU A 63 -7.26 -9.22 5.91
C GLU A 63 -7.81 -8.67 4.59
N GLU A 64 -6.92 -8.23 3.71
CA GLU A 64 -7.34 -7.66 2.44
C GLU A 64 -7.30 -8.66 1.28
N THR A 65 -6.29 -9.54 1.24
CA THR A 65 -6.20 -10.51 0.15
C THR A 65 -5.96 -11.93 0.63
N GLY A 66 -5.81 -12.12 1.93
CA GLY A 66 -5.59 -13.46 2.47
C GLY A 66 -4.17 -13.94 2.30
N VAL A 67 -3.37 -13.20 1.55
CA VAL A 67 -1.98 -13.55 1.32
C VAL A 67 -1.21 -13.64 2.63
N THR A 68 -0.83 -14.86 2.98
CA THR A 68 -0.06 -15.10 4.18
C THR A 68 1.26 -15.77 3.82
N SER A 69 1.20 -16.68 2.85
CA SER A 69 2.37 -17.38 2.38
C SER A 69 3.37 -16.42 1.76
N ALA A 70 3.99 -15.61 2.60
CA ALA A 70 4.96 -14.63 2.14
C ALA A 70 5.85 -14.16 3.28
N GLU A 71 7.05 -13.74 2.93
CA GLU A 71 8.01 -13.24 3.91
C GLU A 71 8.56 -11.90 3.48
N VAL A 72 9.05 -11.13 4.45
CA VAL A 72 9.62 -9.81 4.16
C VAL A 72 11.02 -9.90 3.60
N ILE A 73 11.24 -9.18 2.51
CA ILE A 73 12.54 -9.14 1.86
C ILE A 73 13.24 -7.83 2.16
N ALA A 74 12.44 -6.83 2.50
CA ALA A 74 12.99 -5.52 2.81
C ALA A 74 11.93 -4.59 3.36
N GLU A 75 12.37 -3.38 3.69
CA GLU A 75 11.47 -2.35 4.23
C GLU A 75 11.93 -0.98 3.76
N VAL A 76 10.96 -0.09 3.52
CA VAL A 76 11.29 1.25 3.07
C VAL A 76 11.92 2.06 4.20
N PRO A 77 13.00 2.82 3.89
CA PRO A 77 13.69 3.65 4.88
C PRO A 77 12.74 4.58 5.62
N TYR A 78 12.21 5.54 4.89
CA TYR A 78 11.29 6.51 5.45
C TYR A 78 9.85 6.09 5.18
N TRP A 79 8.92 6.96 5.52
CA TRP A 79 7.51 6.70 5.30
C TRP A 79 7.10 7.19 3.91
N LEU A 80 5.82 7.44 3.71
CA LEU A 80 5.31 7.93 2.43
C LEU A 80 3.94 8.54 2.62
N THR A 81 3.90 9.86 2.68
CA THR A 81 2.66 10.58 2.89
C THR A 81 2.16 11.20 1.59
N TYR A 82 1.22 12.12 1.72
CA TYR A 82 0.64 12.82 0.59
C TYR A 82 -0.18 14.00 1.07
N ASP A 83 0.52 15.01 1.57
CA ASP A 83 -0.13 16.21 2.09
C ASP A 83 -0.83 16.97 0.97
N PHE A 84 -1.52 18.02 1.35
CA PHE A 84 -2.26 18.84 0.40
C PHE A 84 -1.82 20.30 0.46
N PRO A 85 -2.08 21.07 -0.61
CA PRO A 85 -1.74 22.49 -0.67
C PRO A 85 -2.23 23.23 0.58
N PRO A 86 -1.93 24.54 0.70
CA PRO A 86 -2.35 25.32 1.86
C PRO A 86 -3.85 25.57 1.90
N LYS A 87 -4.42 25.95 0.75
CA LYS A 87 -5.85 26.23 0.66
C LYS A 87 -6.68 24.95 0.76
N VAL A 88 -6.11 23.84 0.30
CA VAL A 88 -6.82 22.56 0.33
C VAL A 88 -7.04 22.05 1.76
N ARG A 89 -6.46 22.74 2.74
CA ARG A 89 -6.60 22.35 4.14
C ARG A 89 -8.04 22.45 4.63
N GLU A 90 -8.95 22.84 3.75
CA GLU A 90 -10.37 22.93 4.11
C GLU A 90 -11.20 22.00 3.24
N LYS A 91 -10.62 21.57 2.12
CA LYS A 91 -11.31 20.68 1.19
C LYS A 91 -10.97 19.21 1.48
N LEU A 92 -9.79 18.99 2.07
CA LEU A 92 -9.35 17.64 2.37
C LEU A 92 -9.17 17.42 3.88
N ASN A 93 -8.41 18.30 4.53
CA ASN A 93 -8.19 18.17 5.98
C ASN A 93 -9.52 18.15 6.71
N ILE A 94 -10.36 19.14 6.43
CA ILE A 94 -11.67 19.23 7.06
C ILE A 94 -12.56 18.07 6.62
N GLN A 95 -12.14 17.38 5.56
CA GLN A 95 -12.90 16.25 5.04
C GLN A 95 -12.82 15.06 6.00
N TRP A 96 -11.92 15.14 6.95
CA TRP A 96 -11.74 14.07 7.94
C TRP A 96 -12.31 14.49 9.30
N GLY A 97 -12.84 15.70 9.38
CA GLY A 97 -13.36 16.17 10.65
C GLY A 97 -12.24 16.52 11.60
N SER A 98 -11.61 15.49 12.16
CA SER A 98 -10.50 15.69 13.09
C SER A 98 -9.27 16.18 12.33
N ASP A 99 -8.11 16.11 12.97
CA ASP A 99 -6.87 16.54 12.34
C ASP A 99 -6.14 15.35 11.71
N TRP A 100 -6.14 15.31 10.37
CA TRP A 100 -5.47 14.22 9.66
C TRP A 100 -4.29 14.73 8.84
N LYS A 101 -4.30 16.05 8.55
CA LYS A 101 -3.27 16.70 7.75
C LYS A 101 -2.39 15.73 6.94
N GLY A 102 -3.03 14.88 6.14
CA GLY A 102 -2.29 13.96 5.30
C GLY A 102 -2.41 12.52 5.74
N GLN A 103 -1.65 11.66 5.08
CA GLN A 103 -1.66 10.23 5.37
C GLN A 103 -0.26 9.65 5.18
N ALA A 104 0.42 9.32 6.28
CA ALA A 104 1.77 8.76 6.20
C ALA A 104 1.73 7.25 6.13
N GLN A 105 2.22 6.73 5.02
CA GLN A 105 2.22 5.30 4.80
C GLN A 105 3.60 4.75 4.48
N LYS A 106 4.07 3.79 5.26
CA LYS A 106 5.37 3.18 5.00
C LYS A 106 5.16 1.81 4.36
N TRP A 107 5.98 1.50 3.37
CA TRP A 107 5.84 0.24 2.64
C TRP A 107 6.88 -0.79 3.05
N PHE A 108 6.59 -2.04 2.70
CA PHE A 108 7.47 -3.17 2.99
C PHE A 108 7.51 -4.13 1.80
N LEU A 109 8.60 -4.90 1.69
CA LEU A 109 8.71 -5.85 0.59
C LEU A 109 8.39 -7.25 1.09
N PHE A 110 7.64 -8.00 0.29
CA PHE A 110 7.26 -9.35 0.66
C PHE A 110 7.34 -10.32 -0.51
N LYS A 111 7.87 -11.50 -0.23
CA LYS A 111 7.96 -12.54 -1.26
C LYS A 111 6.86 -13.57 -1.03
N PHE A 112 6.06 -13.83 -2.06
CA PHE A 112 4.97 -14.78 -1.96
C PHE A 112 5.49 -16.22 -2.06
N THR A 113 5.66 -16.86 -0.92
CA THR A 113 6.16 -18.23 -0.88
C THR A 113 5.01 -19.22 -0.73
N GLY A 114 4.00 -19.08 -1.58
CA GLY A 114 2.86 -19.96 -1.53
C GLY A 114 2.17 -20.10 -2.87
N GLN A 115 0.86 -20.27 -2.86
CA GLN A 115 0.09 -20.42 -4.08
C GLN A 115 -0.95 -19.30 -4.20
N ASP A 116 -1.27 -18.95 -5.44
CA ASP A 116 -2.23 -17.88 -5.72
C ASP A 116 -3.60 -18.18 -5.13
N GLN A 117 -3.95 -19.45 -5.13
CA GLN A 117 -5.24 -19.90 -4.60
C GLN A 117 -5.44 -19.47 -3.15
N GLU A 118 -4.41 -18.88 -2.54
CA GLU A 118 -4.50 -18.41 -1.15
C GLU A 118 -5.00 -16.97 -1.09
N ILE A 119 -4.97 -16.29 -2.24
CA ILE A 119 -5.41 -14.90 -2.31
C ILE A 119 -6.92 -14.79 -2.36
N ASN A 120 -7.52 -14.47 -1.22
CA ASN A 120 -8.96 -14.32 -1.11
C ASN A 120 -9.33 -12.84 -1.03
N LEU A 121 -9.73 -12.26 -2.16
CA LEU A 121 -10.12 -10.85 -2.20
C LEU A 121 -11.43 -10.63 -1.46
N LEU A 122 -12.12 -11.72 -1.10
CA LEU A 122 -13.39 -11.63 -0.39
C LEU A 122 -13.19 -11.84 1.11
N GLY A 123 -14.29 -11.90 1.84
CA GLY A 123 -14.23 -12.10 3.28
C GLY A 123 -15.04 -11.07 4.04
N ASP A 124 -15.54 -10.08 3.32
CA ASP A 124 -16.33 -9.01 3.92
C ASP A 124 -17.82 -9.25 3.67
N GLY A 125 -18.39 -10.21 4.37
CA GLY A 125 -19.80 -10.52 4.20
C GLY A 125 -20.69 -9.38 4.65
N SER A 126 -21.89 -9.31 4.07
CA SER A 126 -22.85 -8.26 4.42
C SER A 126 -22.33 -6.87 4.04
N GLU A 127 -21.30 -6.83 3.21
CA GLU A 127 -20.73 -5.56 2.78
C GLU A 127 -20.15 -5.65 1.36
N LYS A 128 -18.84 -5.88 1.26
CA LYS A 128 -18.19 -6.02 -0.04
C LYS A 128 -16.70 -6.29 0.12
N PRO A 129 -16.08 -6.91 -0.89
CA PRO A 129 -14.65 -7.23 -0.86
C PRO A 129 -13.78 -5.98 -1.01
N GLU A 130 -12.48 -6.19 -1.12
CA GLU A 130 -11.54 -5.09 -1.28
C GLU A 130 -11.19 -4.88 -2.74
N PHE A 131 -10.51 -5.86 -3.31
CA PHE A 131 -10.12 -5.82 -4.71
C PHE A 131 -11.03 -6.72 -5.54
N GLY A 132 -11.33 -6.29 -6.75
CA GLY A 132 -12.19 -7.08 -7.61
C GLY A 132 -11.41 -8.11 -8.39
N GLU A 133 -10.20 -7.73 -8.79
CA GLU A 133 -9.34 -8.64 -9.55
C GLU A 133 -7.88 -8.33 -9.30
N TRP A 134 -7.06 -9.38 -9.22
CA TRP A 134 -5.65 -9.21 -8.99
C TRP A 134 -4.83 -9.98 -10.02
N SER A 135 -3.54 -9.68 -10.08
CA SER A 135 -2.65 -10.34 -11.03
C SER A 135 -1.19 -10.19 -10.62
N TRP A 136 -0.31 -10.78 -11.44
CA TRP A 136 1.13 -10.72 -11.21
C TRP A 136 1.78 -9.92 -12.34
N VAL A 137 2.14 -8.69 -12.04
CA VAL A 137 2.78 -7.82 -13.01
C VAL A 137 4.17 -7.42 -12.52
N THR A 138 4.98 -6.83 -13.38
CA THR A 138 6.31 -6.40 -12.95
C THR A 138 6.19 -5.17 -12.08
N PRO A 139 7.29 -4.76 -11.44
CA PRO A 139 7.28 -3.58 -10.58
C PRO A 139 6.93 -2.34 -11.39
N GLU A 140 7.68 -2.14 -12.46
CA GLU A 140 7.44 -1.01 -13.35
C GLU A 140 6.08 -1.13 -14.02
N GLN A 141 5.61 -2.37 -14.20
CA GLN A 141 4.32 -2.63 -14.82
C GLN A 141 3.19 -2.28 -13.88
N LEU A 142 3.33 -2.66 -12.61
CA LEU A 142 2.32 -2.38 -11.61
C LEU A 142 2.12 -0.88 -11.50
N ILE A 143 3.22 -0.14 -11.60
CA ILE A 143 3.16 1.31 -11.52
C ILE A 143 2.36 1.88 -12.69
N ASP A 144 2.51 1.25 -13.85
CA ASP A 144 1.80 1.69 -15.03
C ASP A 144 0.31 1.40 -14.90
N LEU A 145 0.02 0.17 -14.53
CA LEU A 145 -1.36 -0.28 -14.35
C LEU A 145 -2.02 0.27 -13.09
N THR A 146 -1.22 0.72 -12.13
CA THR A 146 -1.77 1.25 -10.88
C THR A 146 -2.32 2.66 -11.08
N VAL A 147 -2.97 3.17 -10.04
CA VAL A 147 -3.57 4.51 -10.09
C VAL A 147 -2.51 5.59 -9.84
N GLU A 148 -2.70 6.75 -10.48
CA GLU A 148 -1.77 7.87 -10.33
C GLU A 148 -1.54 8.20 -8.86
N PHE A 149 -2.62 8.30 -8.10
CA PHE A 149 -2.53 8.61 -6.68
C PHE A 149 -1.57 7.69 -5.92
N LYS A 150 -1.12 6.62 -6.58
CA LYS A 150 -0.22 5.66 -5.94
C LYS A 150 0.95 5.25 -6.85
N LYS A 151 0.92 5.69 -8.10
CA LYS A 151 1.99 5.36 -9.04
C LYS A 151 3.36 5.83 -8.52
N PRO A 152 3.53 7.15 -8.31
CA PRO A 152 4.79 7.70 -7.80
C PRO A 152 5.09 7.23 -6.39
N VAL A 153 4.03 6.90 -5.65
CA VAL A 153 4.20 6.40 -4.29
C VAL A 153 4.84 5.03 -4.35
N TYR A 154 4.26 4.17 -5.18
CA TYR A 154 4.78 2.82 -5.38
C TYR A 154 6.14 2.89 -6.05
N LYS A 155 6.25 3.83 -6.98
CA LYS A 155 7.48 4.01 -7.74
C LYS A 155 8.65 4.31 -6.80
N GLU A 156 8.41 5.14 -5.81
CA GLU A 156 9.44 5.46 -4.84
C GLU A 156 9.71 4.25 -3.98
N VAL A 157 8.66 3.48 -3.75
CA VAL A 157 8.78 2.27 -2.97
C VAL A 157 9.63 1.26 -3.73
N LEU A 158 9.42 1.16 -5.04
CA LEU A 158 10.18 0.23 -5.86
C LEU A 158 11.65 0.61 -5.88
N SER A 159 11.92 1.92 -5.92
CA SER A 159 13.28 2.41 -5.91
C SER A 159 13.99 1.87 -4.69
N VAL A 160 13.29 1.86 -3.57
CA VAL A 160 13.82 1.33 -2.33
C VAL A 160 14.02 -0.17 -2.48
N PHE A 161 13.02 -0.83 -3.05
CA PHE A 161 13.02 -2.26 -3.25
C PHE A 161 13.82 -2.68 -4.49
N ALA A 162 14.47 -1.72 -5.15
CA ALA A 162 15.25 -2.04 -6.33
C ALA A 162 16.35 -3.05 -6.00
N PRO A 163 17.16 -2.79 -4.96
CA PRO A 163 18.22 -3.71 -4.55
C PRO A 163 17.67 -5.09 -4.17
N HIS A 164 16.35 -5.18 -4.03
CA HIS A 164 15.70 -6.43 -3.67
C HIS A 164 14.90 -7.00 -4.85
N LEU A 165 14.55 -6.14 -5.79
CA LEU A 165 13.77 -6.55 -6.95
C LEU A 165 14.69 -6.84 -8.14
N GLY A 1 -1.83 12.81 -4.32
CA GLY A 1 -1.17 14.10 -4.68
C GLY A 1 0.34 14.04 -4.52
N PRO A 2 0.97 15.12 -4.02
CA PRO A 2 2.43 15.17 -3.83
C PRO A 2 2.96 14.01 -3.01
N LEU A 3 4.28 13.86 -3.01
CA LEU A 3 4.94 12.77 -2.26
C LEU A 3 5.90 13.34 -1.22
N GLY A 4 5.41 13.48 0.02
CA GLY A 4 6.24 14.02 1.09
C GLY A 4 7.17 13.00 1.70
N SER A 5 6.64 11.81 1.96
CA SER A 5 7.41 10.73 2.56
C SER A 5 7.89 11.08 3.97
N MET A 6 9.13 11.54 4.08
CA MET A 6 9.70 11.89 5.38
C MET A 6 9.82 10.65 6.27
N ASP A 7 10.97 10.50 6.92
CA ASP A 7 11.19 9.34 7.80
C ASP A 7 10.23 9.36 8.98
N SER A 8 10.04 10.53 9.56
CA SER A 8 9.13 10.68 10.69
C SER A 8 7.81 11.30 10.22
N PRO A 9 6.72 10.52 10.21
CA PRO A 9 5.42 11.01 9.76
C PRO A 9 4.73 11.90 10.81
N PRO A 10 4.76 13.22 10.57
CA PRO A 10 4.15 14.21 11.47
C PRO A 10 2.72 13.90 11.86
N GLU A 11 2.27 14.53 12.95
CA GLU A 11 0.92 14.36 13.45
C GLU A 11 -0.11 14.73 12.39
N GLY A 12 -1.35 14.28 12.58
CA GLY A 12 -2.41 14.59 11.64
C GLY A 12 -2.41 13.69 10.42
N TYR A 13 -1.28 13.06 10.14
CA TYR A 13 -1.19 12.17 8.99
C TYR A 13 -1.63 10.76 9.36
N ARG A 14 -2.51 10.18 8.55
CA ARG A 14 -3.03 8.85 8.80
C ARG A 14 -1.97 7.78 8.60
N ARG A 15 -1.33 7.39 9.69
CA ARG A 15 -0.31 6.35 9.63
C ARG A 15 -0.82 5.12 8.91
N ASN A 16 -0.26 4.84 7.74
CA ASN A 16 -0.64 3.68 6.96
C ASN A 16 0.59 2.90 6.53
N VAL A 17 0.37 1.73 5.97
CA VAL A 17 1.46 0.90 5.49
C VAL A 17 1.07 0.23 4.19
N GLY A 18 2.07 -0.26 3.47
CA GLY A 18 1.80 -0.93 2.22
C GLY A 18 2.60 -2.21 2.11
N ILE A 19 2.16 -3.12 1.26
CA ILE A 19 2.84 -4.37 1.09
C ILE A 19 3.15 -4.67 -0.37
N CYS A 20 4.43 -4.81 -0.69
CA CYS A 20 4.84 -5.13 -2.04
C CYS A 20 5.10 -6.62 -2.10
N LEU A 21 4.07 -7.37 -2.42
CA LEU A 21 4.17 -8.81 -2.48
C LEU A 21 4.55 -9.28 -3.87
N MET A 22 5.73 -9.89 -3.97
CA MET A 22 6.23 -10.38 -5.24
C MET A 22 6.43 -11.89 -5.19
N ASN A 23 6.60 -12.48 -6.36
CA ASN A 23 6.81 -13.92 -6.46
C ASN A 23 8.29 -14.22 -6.67
N ASN A 24 8.65 -15.49 -6.52
CA ASN A 24 10.03 -15.92 -6.74
C ASN A 24 10.53 -15.53 -8.13
N ASP A 25 9.66 -14.95 -8.96
CA ASP A 25 10.03 -14.56 -10.31
C ASP A 25 10.31 -13.07 -10.43
N LYS A 26 10.24 -12.38 -9.30
CA LYS A 26 10.46 -10.95 -9.25
C LYS A 26 9.23 -10.22 -9.78
N LYS A 27 8.09 -10.91 -9.79
CA LYS A 27 6.85 -10.31 -10.24
C LYS A 27 6.12 -9.72 -9.05
N ILE A 28 5.40 -8.63 -9.29
CA ILE A 28 4.71 -7.92 -8.22
C ILE A 28 3.21 -8.25 -8.16
N PHE A 29 2.71 -8.42 -6.95
CA PHE A 29 1.31 -8.69 -6.72
C PHE A 29 0.50 -7.40 -6.84
N ALA A 30 -0.62 -7.46 -7.55
CA ALA A 30 -1.46 -6.28 -7.74
C ALA A 30 -2.94 -6.64 -7.66
N ALA A 31 -3.74 -5.67 -7.24
CA ALA A 31 -5.17 -5.85 -7.12
C ALA A 31 -5.89 -4.56 -7.52
N SER A 32 -6.92 -4.68 -8.34
CA SER A 32 -7.66 -3.51 -8.81
C SER A 32 -8.91 -3.27 -7.98
N ARG A 33 -9.38 -2.02 -8.00
CA ARG A 33 -10.56 -1.62 -7.26
C ARG A 33 -11.84 -2.11 -7.94
N LEU A 34 -12.71 -2.75 -7.15
CA LEU A 34 -13.98 -3.28 -7.63
C LEU A 34 -14.86 -2.20 -8.27
N ASP A 35 -14.32 -1.51 -9.25
CA ASP A 35 -15.04 -0.46 -9.94
C ASP A 35 -14.20 0.10 -11.08
N ILE A 36 -12.89 0.12 -10.87
CA ILE A 36 -11.97 0.62 -11.87
C ILE A 36 -11.02 -0.49 -12.31
N PRO A 37 -11.26 -1.07 -13.50
CA PRO A 37 -10.44 -2.17 -14.05
C PRO A 37 -8.98 -1.78 -14.26
N ASP A 38 -8.75 -0.63 -14.88
CA ASP A 38 -7.39 -0.18 -15.16
C ASP A 38 -6.68 0.32 -13.90
N ALA A 39 -7.38 0.31 -12.77
CA ALA A 39 -6.78 0.76 -11.52
C ALA A 39 -6.23 -0.41 -10.70
N TRP A 40 -4.94 -0.66 -10.86
CA TRP A 40 -4.27 -1.74 -10.14
C TRP A 40 -3.51 -1.17 -8.95
N GLN A 41 -3.36 -1.96 -7.89
CA GLN A 41 -2.65 -1.48 -6.71
C GLN A 41 -2.07 -2.64 -5.90
N MET A 42 -1.17 -2.30 -5.00
CA MET A 42 -0.53 -3.30 -4.14
C MET A 42 -1.17 -3.28 -2.76
N PRO A 43 -1.19 -4.43 -2.06
CA PRO A 43 -1.78 -4.52 -0.73
C PRO A 43 -1.27 -3.42 0.20
N GLN A 44 -2.12 -3.02 1.15
CA GLN A 44 -1.76 -1.97 2.09
C GLN A 44 -2.86 -1.80 3.15
N GLY A 45 -2.63 -0.90 4.09
CA GLY A 45 -3.60 -0.65 5.14
C GLY A 45 -3.09 0.32 6.17
N GLY A 46 -4.00 0.94 6.91
CA GLY A 46 -3.61 1.90 7.92
C GLY A 46 -3.32 1.26 9.27
N ILE A 47 -2.21 1.68 9.87
CA ILE A 47 -1.80 1.17 11.17
C ILE A 47 -2.74 1.61 12.29
N ASP A 48 -2.88 0.75 13.29
CA ASP A 48 -3.73 1.06 14.44
C ASP A 48 -3.10 2.16 15.28
N GLU A 49 -3.69 2.43 16.44
CA GLU A 49 -3.17 3.46 17.34
C GLU A 49 -1.68 3.27 17.60
N GLY A 50 -1.33 2.31 18.44
CA GLY A 50 0.06 2.06 18.75
C GLY A 50 0.54 0.71 18.23
N GLU A 51 0.39 0.51 16.92
CA GLU A 51 0.81 -0.74 16.29
C GLU A 51 1.97 -0.48 15.33
N ASP A 52 2.83 -1.48 15.17
CA ASP A 52 3.98 -1.36 14.27
C ASP A 52 3.50 -1.39 12.81
N PRO A 53 4.28 -0.80 11.89
CA PRO A 53 3.94 -0.76 10.47
C PRO A 53 4.14 -2.10 9.79
N ARG A 54 5.33 -2.65 9.98
CA ARG A 54 5.68 -3.94 9.39
C ARG A 54 4.61 -4.98 9.70
N ASN A 55 4.20 -5.04 10.96
CA ASN A 55 3.18 -6.00 11.36
C ASN A 55 1.84 -5.64 10.73
N ALA A 56 1.54 -4.34 10.70
CA ALA A 56 0.30 -3.88 10.11
C ALA A 56 0.27 -4.26 8.65
N ALA A 57 1.39 -4.06 7.98
CA ALA A 57 1.50 -4.42 6.56
C ALA A 57 1.17 -5.89 6.38
N ILE A 58 1.83 -6.73 7.16
CA ILE A 58 1.60 -8.18 7.09
C ILE A 58 0.13 -8.51 7.31
N ARG A 59 -0.42 -8.03 8.43
CA ARG A 59 -1.82 -8.29 8.76
C ARG A 59 -2.75 -7.70 7.71
N GLU A 60 -2.74 -6.38 7.58
CA GLU A 60 -3.59 -5.70 6.60
C GLU A 60 -3.59 -6.46 5.28
N LEU A 61 -2.40 -6.84 4.84
CA LEU A 61 -2.22 -7.59 3.61
C LEU A 61 -3.12 -8.83 3.62
N ARG A 62 -3.10 -9.56 4.74
CA ARG A 62 -3.91 -10.76 4.88
C ARG A 62 -5.40 -10.43 4.84
N GLU A 63 -5.85 -9.66 5.82
CA GLU A 63 -7.26 -9.27 5.92
C GLU A 63 -7.79 -8.72 4.60
N GLU A 64 -6.91 -8.28 3.72
CA GLU A 64 -7.32 -7.70 2.44
C GLU A 64 -7.32 -8.71 1.29
N THR A 65 -6.31 -9.59 1.22
CA THR A 65 -6.25 -10.56 0.13
C THR A 65 -6.11 -12.00 0.63
N GLY A 66 -5.96 -12.16 1.94
CA GLY A 66 -5.80 -13.49 2.50
C GLY A 66 -4.37 -13.99 2.39
N VAL A 67 -3.56 -13.29 1.60
CA VAL A 67 -2.16 -13.66 1.42
C VAL A 67 -1.42 -13.70 2.74
N THR A 68 -0.98 -14.90 3.10
CA THR A 68 -0.22 -15.08 4.33
C THR A 68 1.11 -15.73 3.98
N SER A 69 1.07 -16.68 3.05
CA SER A 69 2.26 -17.39 2.59
C SER A 69 3.25 -16.43 1.95
N ALA A 70 3.91 -15.63 2.78
CA ALA A 70 4.89 -14.66 2.27
C ALA A 70 5.80 -14.16 3.38
N GLU A 71 6.99 -13.71 2.98
CA GLU A 71 7.96 -13.17 3.94
C GLU A 71 8.50 -11.83 3.46
N VAL A 72 8.94 -11.02 4.40
CA VAL A 72 9.48 -9.69 4.08
C VAL A 72 10.89 -9.76 3.52
N ILE A 73 11.08 -9.04 2.41
CA ILE A 73 12.37 -8.99 1.76
C ILE A 73 13.05 -7.66 2.05
N ALA A 74 12.25 -6.68 2.42
CA ALA A 74 12.77 -5.36 2.73
C ALA A 74 11.73 -4.45 3.36
N GLU A 75 12.16 -3.24 3.69
CA GLU A 75 11.29 -2.24 4.30
C GLU A 75 11.67 -0.85 3.83
N VAL A 76 10.68 0.00 3.58
CA VAL A 76 10.94 1.35 3.12
C VAL A 76 11.54 2.19 4.25
N PRO A 77 12.56 3.02 3.93
CA PRO A 77 13.25 3.87 4.90
C PRO A 77 12.29 4.83 5.59
N TYR A 78 11.79 5.79 4.82
CA TYR A 78 10.88 6.80 5.33
C TYR A 78 9.44 6.41 5.04
N TRP A 79 8.53 7.33 5.33
CA TRP A 79 7.12 7.10 5.10
C TRP A 79 6.70 7.64 3.74
N LEU A 80 5.40 7.89 3.55
CA LEU A 80 4.91 8.40 2.28
C LEU A 80 3.55 9.05 2.44
N THR A 81 3.56 10.39 2.44
CA THR A 81 2.35 11.18 2.58
C THR A 81 1.98 11.83 1.24
N TYR A 82 0.91 12.60 1.25
CA TYR A 82 0.49 13.29 0.04
C TYR A 82 -0.62 14.30 0.35
N ASP A 83 -0.25 15.39 1.00
CA ASP A 83 -1.22 16.43 1.33
C ASP A 83 -1.69 17.10 0.04
N PHE A 84 -2.98 17.40 -0.03
CA PHE A 84 -3.55 18.01 -1.23
C PHE A 84 -3.81 19.50 -1.04
N PRO A 85 -3.97 20.24 -2.17
CA PRO A 85 -4.23 21.69 -2.14
C PRO A 85 -5.56 22.02 -1.46
N PRO A 86 -5.88 23.33 -1.30
CA PRO A 86 -7.12 23.76 -0.65
C PRO A 86 -8.37 23.26 -1.37
N LYS A 87 -8.24 22.93 -2.65
CA LYS A 87 -9.38 22.43 -3.42
C LYS A 87 -9.66 20.97 -3.07
N VAL A 88 -8.62 20.17 -3.05
CA VAL A 88 -8.75 18.76 -2.71
C VAL A 88 -8.73 18.55 -1.19
N ARG A 89 -8.25 19.55 -0.47
CA ARG A 89 -8.17 19.47 0.98
C ARG A 89 -9.55 19.41 1.65
N GLU A 90 -10.62 19.46 0.85
CA GLU A 90 -11.97 19.39 1.41
C GLU A 90 -12.50 17.96 1.34
N LYS A 91 -12.30 17.33 0.20
CA LYS A 91 -12.76 15.95 0.02
C LYS A 91 -11.74 14.97 0.58
N LEU A 92 -10.63 15.50 1.11
CA LEU A 92 -9.58 14.66 1.67
C LEU A 92 -9.32 14.99 3.15
N ASN A 93 -8.82 16.20 3.41
CA ASN A 93 -8.53 16.61 4.78
C ASN A 93 -9.79 16.61 5.64
N ILE A 94 -10.80 17.32 5.17
CA ILE A 94 -12.06 17.43 5.90
C ILE A 94 -12.67 16.04 6.13
N GLN A 95 -12.17 15.02 5.43
CA GLN A 95 -12.67 13.67 5.61
C GLN A 95 -12.19 13.08 6.92
N TRP A 96 -11.17 13.71 7.50
CA TRP A 96 -10.61 13.25 8.77
C TRP A 96 -11.08 14.15 9.92
N GLY A 97 -10.29 15.18 10.27
CA GLY A 97 -10.67 16.08 11.34
C GLY A 97 -9.56 17.05 11.71
N SER A 98 -9.25 17.09 13.00
CA SER A 98 -8.19 17.96 13.52
C SER A 98 -6.80 17.45 13.19
N ASP A 99 -5.85 18.36 13.01
CA ASP A 99 -4.45 18.01 12.72
C ASP A 99 -4.27 17.38 11.33
N TRP A 100 -5.21 16.53 10.93
CA TRP A 100 -5.14 15.85 9.64
C TRP A 100 -4.75 16.79 8.50
N LYS A 101 -4.51 16.21 7.31
CA LYS A 101 -4.11 16.98 6.13
C LYS A 101 -3.52 16.07 5.04
N GLY A 102 -3.45 14.76 5.29
CA GLY A 102 -2.89 13.85 4.32
C GLY A 102 -2.87 12.41 4.84
N GLN A 103 -2.02 11.58 4.25
CA GLN A 103 -1.91 10.18 4.68
C GLN A 103 -0.49 9.65 4.51
N ALA A 104 0.20 9.40 5.63
CA ALA A 104 1.57 8.88 5.59
C ALA A 104 1.57 7.36 5.63
N GLN A 105 2.23 6.75 4.65
CA GLN A 105 2.28 5.31 4.57
C GLN A 105 3.68 4.76 4.29
N LYS A 106 4.11 3.82 5.13
CA LYS A 106 5.41 3.18 4.96
C LYS A 106 5.20 1.81 4.34
N TRP A 107 5.96 1.50 3.31
CA TRP A 107 5.79 0.23 2.62
C TRP A 107 6.89 -0.78 2.95
N PHE A 108 6.59 -2.05 2.68
CA PHE A 108 7.50 -3.16 2.93
C PHE A 108 7.45 -4.13 1.75
N LEU A 109 8.54 -4.88 1.54
CA LEU A 109 8.57 -5.84 0.45
C LEU A 109 8.25 -7.23 0.98
N PHE A 110 7.52 -8.00 0.20
CA PHE A 110 7.13 -9.34 0.61
C PHE A 110 7.22 -10.33 -0.53
N LYS A 111 7.74 -11.51 -0.22
CA LYS A 111 7.81 -12.58 -1.22
C LYS A 111 6.72 -13.61 -0.94
N PHE A 112 5.95 -13.94 -1.98
CA PHE A 112 4.87 -14.91 -1.84
C PHE A 112 5.41 -16.33 -1.84
N THR A 113 5.48 -16.93 -0.66
CA THR A 113 5.98 -18.29 -0.52
C THR A 113 4.83 -19.29 -0.39
N GLY A 114 3.84 -19.17 -1.28
CA GLY A 114 2.70 -20.06 -1.24
C GLY A 114 2.06 -20.23 -2.59
N GLN A 115 0.74 -20.40 -2.61
CA GLN A 115 0.00 -20.56 -3.85
C GLN A 115 -1.01 -19.43 -4.05
N ASP A 116 -1.22 -19.06 -5.30
CA ASP A 116 -2.14 -17.97 -5.64
C ASP A 116 -3.55 -18.25 -5.15
N GLN A 117 -3.91 -19.52 -5.14
CA GLN A 117 -5.24 -19.95 -4.71
C GLN A 117 -5.52 -19.53 -3.27
N GLU A 118 -4.53 -18.94 -2.60
CA GLU A 118 -4.70 -18.50 -1.21
C GLU A 118 -5.20 -17.06 -1.16
N ILE A 119 -5.09 -16.36 -2.28
CA ILE A 119 -5.54 -14.97 -2.35
C ILE A 119 -7.05 -14.87 -2.43
N ASN A 120 -7.68 -14.58 -1.30
CA ASN A 120 -9.13 -14.45 -1.24
C ASN A 120 -9.52 -12.98 -1.08
N LEU A 121 -9.83 -12.33 -2.21
CA LEU A 121 -10.24 -10.93 -2.17
C LEU A 121 -11.63 -10.78 -1.53
N LEU A 122 -12.27 -11.91 -1.23
CA LEU A 122 -13.60 -11.89 -0.63
C LEU A 122 -13.65 -12.77 0.62
N GLY A 123 -12.47 -13.17 1.10
CA GLY A 123 -12.40 -14.01 2.28
C GLY A 123 -13.07 -13.40 3.49
N ASP A 124 -12.29 -13.20 4.53
CA ASP A 124 -12.79 -12.63 5.78
C ASP A 124 -12.57 -11.12 5.84
N GLY A 125 -13.57 -10.41 6.32
CA GLY A 125 -13.47 -8.96 6.42
C GLY A 125 -14.70 -8.35 7.07
N SER A 126 -15.43 -7.54 6.32
CA SER A 126 -16.64 -6.90 6.83
C SER A 126 -17.84 -7.31 6.00
N GLU A 127 -17.87 -6.85 4.75
CA GLU A 127 -18.96 -7.18 3.83
C GLU A 127 -18.43 -7.25 2.40
N LYS A 128 -18.31 -6.10 1.76
CA LYS A 128 -17.79 -6.05 0.40
C LYS A 128 -16.27 -6.16 0.40
N PRO A 129 -15.71 -6.63 -0.73
CA PRO A 129 -14.27 -6.80 -0.89
C PRO A 129 -13.54 -5.47 -1.13
N GLU A 130 -12.22 -5.54 -1.27
CA GLU A 130 -11.41 -4.35 -1.49
C GLU A 130 -10.92 -4.29 -2.93
N PHE A 131 -10.53 -5.44 -3.47
CA PHE A 131 -10.06 -5.52 -4.85
C PHE A 131 -10.93 -6.45 -5.65
N GLY A 132 -11.24 -6.05 -6.86
CA GLY A 132 -12.09 -6.85 -7.72
C GLY A 132 -11.30 -7.93 -8.44
N GLU A 133 -10.08 -7.60 -8.81
CA GLU A 133 -9.21 -8.55 -9.51
C GLU A 133 -7.76 -8.29 -9.17
N TRP A 134 -6.98 -9.35 -9.08
CA TRP A 134 -5.58 -9.22 -8.78
C TRP A 134 -4.71 -9.99 -9.77
N SER A 135 -3.42 -9.68 -9.79
CA SER A 135 -2.49 -10.33 -10.70
C SER A 135 -1.04 -10.12 -10.29
N TRP A 136 -0.14 -10.75 -11.03
CA TRP A 136 1.29 -10.61 -10.79
C TRP A 136 1.93 -9.84 -11.95
N VAL A 137 2.23 -8.58 -11.71
CA VAL A 137 2.84 -7.74 -12.72
C VAL A 137 4.22 -7.27 -12.24
N THR A 138 5.04 -6.73 -13.14
CA THR A 138 6.35 -6.25 -12.75
C THR A 138 6.23 -4.99 -11.91
N PRO A 139 7.33 -4.52 -11.32
CA PRO A 139 7.33 -3.31 -10.53
C PRO A 139 6.97 -2.11 -11.39
N GLU A 140 7.71 -1.96 -12.48
CA GLU A 140 7.45 -0.88 -13.43
C GLU A 140 6.09 -1.05 -14.10
N GLN A 141 5.63 -2.29 -14.21
CA GLN A 141 4.34 -2.57 -14.82
C GLN A 141 3.21 -2.17 -13.89
N LEU A 142 3.34 -2.53 -12.62
CA LEU A 142 2.32 -2.18 -11.63
C LEU A 142 2.15 -0.67 -11.57
N ILE A 143 3.27 0.04 -11.67
CA ILE A 143 3.23 1.50 -11.65
C ILE A 143 2.44 2.02 -12.84
N ASP A 144 2.53 1.30 -13.96
CA ASP A 144 1.80 1.67 -15.17
C ASP A 144 0.32 1.38 -15.02
N LEU A 145 0.02 0.15 -14.65
CA LEU A 145 -1.36 -0.31 -14.49
C LEU A 145 -2.02 0.27 -13.24
N THR A 146 -1.22 0.74 -12.29
CA THR A 146 -1.77 1.30 -11.05
C THR A 146 -2.39 2.67 -11.29
N VAL A 147 -2.96 3.23 -10.24
CA VAL A 147 -3.60 4.54 -10.32
C VAL A 147 -2.56 5.65 -10.13
N GLU A 148 -2.82 6.80 -10.73
CA GLU A 148 -1.91 7.94 -10.64
C GLU A 148 -1.64 8.30 -9.18
N PHE A 149 -2.69 8.55 -8.42
CA PHE A 149 -2.57 8.93 -7.00
C PHE A 149 -1.76 7.92 -6.17
N LYS A 150 -1.31 6.82 -6.78
CA LYS A 150 -0.54 5.81 -6.05
C LYS A 150 0.71 5.37 -6.81
N LYS A 151 0.84 5.80 -8.06
CA LYS A 151 1.98 5.43 -8.88
C LYS A 151 3.29 5.93 -8.26
N PRO A 152 3.42 7.25 -8.00
CA PRO A 152 4.62 7.82 -7.41
C PRO A 152 4.87 7.27 -6.01
N VAL A 153 3.80 6.89 -5.33
CA VAL A 153 3.92 6.32 -4.00
C VAL A 153 4.60 4.97 -4.12
N TYR A 154 4.06 4.14 -5.01
CA TYR A 154 4.62 2.82 -5.26
C TYR A 154 5.99 2.95 -5.91
N LYS A 155 6.11 3.93 -6.80
CA LYS A 155 7.37 4.18 -7.49
C LYS A 155 8.49 4.43 -6.50
N GLU A 156 8.19 5.21 -5.47
CA GLU A 156 9.18 5.50 -4.45
C GLU A 156 9.47 4.24 -3.66
N VAL A 157 8.44 3.42 -3.52
CA VAL A 157 8.57 2.16 -2.82
C VAL A 157 9.46 1.23 -3.63
N LEU A 158 9.27 1.24 -4.95
CA LEU A 158 10.07 0.40 -5.84
C LEU A 158 11.54 0.80 -5.77
N SER A 159 11.80 2.10 -5.86
CA SER A 159 13.16 2.61 -5.79
C SER A 159 13.86 2.03 -4.57
N VAL A 160 13.14 1.99 -3.46
CA VAL A 160 13.68 1.41 -2.24
C VAL A 160 13.90 -0.08 -2.44
N PHE A 161 12.93 -0.71 -3.11
CA PHE A 161 12.97 -2.13 -3.38
C PHE A 161 13.84 -2.48 -4.58
N ALA A 162 14.53 -1.49 -5.15
CA ALA A 162 15.38 -1.74 -6.31
C ALA A 162 16.47 -2.75 -5.95
N PRO A 163 17.22 -2.50 -4.87
CA PRO A 163 18.28 -3.42 -4.43
C PRO A 163 17.73 -4.82 -4.14
N HIS A 164 16.41 -4.93 -4.07
CA HIS A 164 15.76 -6.21 -3.80
C HIS A 164 15.06 -6.76 -5.04
N LEU A 165 14.78 -5.87 -5.99
CA LEU A 165 14.10 -6.28 -7.22
C LEU A 165 15.12 -6.57 -8.33
N GLY A 1 9.39 14.63 -5.54
CA GLY A 1 8.17 15.11 -6.25
C GLY A 1 6.89 14.78 -5.48
N PRO A 2 6.06 13.86 -6.01
CA PRO A 2 4.82 13.46 -5.34
C PRO A 2 5.03 13.10 -3.88
N LEU A 3 4.16 13.60 -3.01
CA LEU A 3 4.27 13.35 -1.58
C LEU A 3 5.63 13.81 -1.06
N GLY A 4 5.93 13.49 0.19
CA GLY A 4 7.20 13.89 0.77
C GLY A 4 7.89 12.77 1.54
N SER A 5 7.22 11.62 1.64
CA SER A 5 7.77 10.47 2.34
C SER A 5 8.16 10.80 3.78
N MET A 6 9.41 11.18 3.98
CA MET A 6 9.92 11.51 5.32
C MET A 6 10.03 10.25 6.17
N ASP A 7 11.19 10.04 6.77
CA ASP A 7 11.43 8.87 7.61
C ASP A 7 10.57 8.93 8.88
N SER A 8 10.31 10.13 9.35
CA SER A 8 9.50 10.33 10.53
C SER A 8 8.09 10.77 10.14
N PRO A 9 7.06 10.35 10.89
CA PRO A 9 5.68 10.73 10.60
C PRO A 9 5.43 12.19 10.92
N PRO A 10 5.31 13.03 9.88
CA PRO A 10 5.06 14.47 10.03
C PRO A 10 3.92 14.76 11.00
N GLU A 11 3.82 16.01 11.42
CA GLU A 11 2.78 16.43 12.35
C GLU A 11 1.40 15.98 11.88
N GLY A 12 0.73 15.21 12.72
CA GLY A 12 -0.60 14.73 12.41
C GLY A 12 -0.71 14.08 11.05
N TYR A 13 -0.76 12.76 11.02
CA TYR A 13 -0.88 12.02 9.78
C TYR A 13 -1.44 10.62 10.03
N ARG A 14 -2.29 10.13 9.13
CA ARG A 14 -2.90 8.82 9.27
C ARG A 14 -1.87 7.70 9.06
N ARG A 15 -1.17 7.34 10.13
CA ARG A 15 -0.17 6.27 10.07
C ARG A 15 -0.76 5.03 9.41
N ASN A 16 -0.31 4.75 8.20
CA ASN A 16 -0.76 3.59 7.45
C ASN A 16 0.43 2.84 6.88
N VAL A 17 0.21 1.69 6.27
CA VAL A 17 1.31 0.93 5.68
C VAL A 17 0.92 0.30 4.36
N GLY A 18 1.93 -0.16 3.65
CA GLY A 18 1.72 -0.81 2.38
C GLY A 18 2.50 -2.10 2.28
N ILE A 19 2.04 -3.01 1.45
CA ILE A 19 2.72 -4.29 1.30
C ILE A 19 3.04 -4.61 -0.16
N CYS A 20 4.33 -4.74 -0.45
CA CYS A 20 4.78 -5.07 -1.80
C CYS A 20 5.13 -6.55 -1.85
N LEU A 21 4.24 -7.34 -2.41
CA LEU A 21 4.45 -8.78 -2.50
C LEU A 21 4.84 -9.22 -3.91
N MET A 22 6.02 -9.79 -4.02
CA MET A 22 6.50 -10.28 -5.31
C MET A 22 6.77 -11.78 -5.26
N ASN A 23 6.84 -12.41 -6.43
CA ASN A 23 7.10 -13.83 -6.50
C ASN A 23 8.58 -14.09 -6.72
N ASN A 24 8.97 -15.35 -6.59
CA ASN A 24 10.35 -15.75 -6.84
C ASN A 24 10.81 -15.34 -8.25
N ASP A 25 9.88 -14.81 -9.05
CA ASP A 25 10.18 -14.41 -10.42
C ASP A 25 10.44 -12.91 -10.55
N LYS A 26 10.41 -12.24 -9.41
CA LYS A 26 10.62 -10.79 -9.38
C LYS A 26 9.36 -10.08 -9.85
N LYS A 27 8.23 -10.79 -9.83
CA LYS A 27 6.96 -10.22 -10.23
C LYS A 27 6.24 -9.69 -9.01
N ILE A 28 5.59 -8.56 -9.15
CA ILE A 28 4.88 -7.95 -8.03
C ILE A 28 3.38 -8.17 -8.10
N PHE A 29 2.80 -8.31 -6.92
CA PHE A 29 1.37 -8.53 -6.79
C PHE A 29 0.59 -7.23 -6.98
N ALA A 30 -0.52 -7.30 -7.72
CA ALA A 30 -1.34 -6.14 -7.97
C ALA A 30 -2.81 -6.50 -7.90
N ALA A 31 -3.64 -5.56 -7.47
CA ALA A 31 -5.07 -5.79 -7.37
C ALA A 31 -5.85 -4.59 -7.86
N SER A 32 -6.91 -4.85 -8.62
CA SER A 32 -7.74 -3.78 -9.16
C SER A 32 -8.98 -3.56 -8.30
N ARG A 33 -9.38 -2.31 -8.15
CA ARG A 33 -10.55 -1.96 -7.35
C ARG A 33 -11.83 -2.47 -8.02
N LEU A 34 -12.64 -3.21 -7.27
CA LEU A 34 -13.89 -3.76 -7.80
C LEU A 34 -14.64 -2.71 -8.60
N ASP A 35 -14.53 -1.46 -8.15
CA ASP A 35 -15.19 -0.34 -8.81
C ASP A 35 -14.49 0.00 -10.13
N ILE A 36 -13.16 -0.05 -10.12
CA ILE A 36 -12.38 0.26 -11.30
C ILE A 36 -11.44 -0.88 -11.64
N PRO A 37 -11.76 -1.66 -12.69
CA PRO A 37 -10.95 -2.81 -13.11
C PRO A 37 -9.59 -2.40 -13.66
N ASP A 38 -9.47 -1.14 -14.08
CA ASP A 38 -8.21 -0.63 -14.63
C ASP A 38 -7.32 -0.04 -13.54
N ALA A 39 -7.85 0.05 -12.32
CA ALA A 39 -7.10 0.60 -11.20
C ALA A 39 -6.39 -0.50 -10.43
N TRP A 40 -5.14 -0.75 -10.79
CA TRP A 40 -4.34 -1.78 -10.12
C TRP A 40 -3.57 -1.18 -8.95
N GLN A 41 -3.41 -1.94 -7.89
CA GLN A 41 -2.69 -1.45 -6.73
C GLN A 41 -2.18 -2.61 -5.86
N MET A 42 -1.22 -2.29 -5.00
CA MET A 42 -0.63 -3.28 -4.11
C MET A 42 -1.29 -3.18 -2.73
N PRO A 43 -1.34 -4.28 -1.97
CA PRO A 43 -1.95 -4.28 -0.64
C PRO A 43 -1.49 -3.10 0.20
N GLN A 44 -2.39 -2.58 1.02
CA GLN A 44 -2.07 -1.44 1.87
C GLN A 44 -3.21 -1.16 2.84
N GLY A 45 -2.86 -0.70 4.03
CA GLY A 45 -3.86 -0.39 5.04
C GLY A 45 -3.35 0.60 6.06
N GLY A 46 -4.08 0.76 7.17
CA GLY A 46 -3.65 1.70 8.19
C GLY A 46 -3.34 1.05 9.53
N ILE A 47 -2.25 1.51 10.14
CA ILE A 47 -1.79 0.99 11.42
C ILE A 47 -2.72 1.42 12.56
N ASP A 48 -2.83 0.57 13.58
CA ASP A 48 -3.66 0.87 14.73
C ASP A 48 -3.06 2.02 15.54
N GLU A 49 -3.66 2.30 16.69
CA GLU A 49 -3.18 3.37 17.56
C GLU A 49 -1.67 3.26 17.80
N GLY A 50 -1.27 2.36 18.68
CA GLY A 50 0.15 2.17 18.97
C GLY A 50 0.67 0.83 18.48
N GLU A 51 0.53 0.58 17.19
CA GLU A 51 0.99 -0.67 16.59
C GLU A 51 2.07 -0.39 15.55
N ASP A 52 2.94 -1.38 15.32
CA ASP A 52 4.00 -1.25 14.35
C ASP A 52 3.44 -1.29 12.92
N PRO A 53 4.21 -0.82 11.93
CA PRO A 53 3.78 -0.81 10.52
C PRO A 53 3.83 -2.20 9.93
N ARG A 54 4.94 -2.86 10.16
CA ARG A 54 5.16 -4.21 9.67
C ARG A 54 4.01 -5.13 10.06
N ASN A 55 3.56 -5.03 11.30
CA ASN A 55 2.45 -5.86 11.76
C ASN A 55 1.16 -5.44 11.07
N ALA A 56 0.96 -4.14 10.95
CA ALA A 56 -0.23 -3.61 10.30
C ALA A 56 -0.28 -4.10 8.86
N ALA A 57 0.87 -4.04 8.19
CA ALA A 57 0.95 -4.51 6.82
C ALA A 57 0.54 -5.98 6.74
N ILE A 58 1.19 -6.81 7.55
CA ILE A 58 0.90 -8.25 7.57
C ILE A 58 -0.58 -8.48 7.78
N ARG A 59 -1.14 -7.88 8.83
CA ARG A 59 -2.56 -8.04 9.11
C ARG A 59 -3.41 -7.47 7.98
N GLU A 60 -3.22 -6.19 7.67
CA GLU A 60 -3.96 -5.56 6.59
C GLU A 60 -3.88 -6.40 5.32
N LEU A 61 -2.65 -6.80 4.99
CA LEU A 61 -2.40 -7.63 3.81
C LEU A 61 -3.31 -8.85 3.82
N ARG A 62 -3.36 -9.54 4.97
CA ARG A 62 -4.21 -10.71 5.12
C ARG A 62 -5.68 -10.32 5.04
N GLU A 63 -6.12 -9.53 6.01
CA GLU A 63 -7.51 -9.09 6.08
C GLU A 63 -8.00 -8.51 4.75
N GLU A 64 -7.07 -8.07 3.91
CA GLU A 64 -7.43 -7.46 2.64
C GLU A 64 -7.30 -8.41 1.45
N THR A 65 -6.28 -9.26 1.44
CA THR A 65 -6.08 -10.19 0.32
C THR A 65 -5.95 -11.64 0.76
N GLY A 66 -5.73 -11.86 2.06
CA GLY A 66 -5.57 -13.21 2.54
C GLY A 66 -4.14 -13.69 2.42
N VAL A 67 -3.34 -12.94 1.65
CA VAL A 67 -1.95 -13.26 1.43
C VAL A 67 -1.19 -13.34 2.74
N THR A 68 -0.88 -14.55 3.15
CA THR A 68 -0.13 -14.80 4.37
C THR A 68 1.15 -15.56 4.04
N SER A 69 1.02 -16.51 3.11
CA SER A 69 2.16 -17.31 2.66
C SER A 69 3.22 -16.44 2.01
N ALA A 70 3.94 -15.67 2.81
CA ALA A 70 4.97 -14.78 2.29
C ALA A 70 5.91 -14.31 3.40
N GLU A 71 7.10 -13.87 3.00
CA GLU A 71 8.09 -13.39 3.95
C GLU A 71 8.62 -12.02 3.53
N VAL A 72 9.05 -11.23 4.50
CA VAL A 72 9.60 -9.91 4.22
C VAL A 72 11.01 -10.01 3.66
N ILE A 73 11.22 -9.36 2.52
CA ILE A 73 12.52 -9.35 1.86
C ILE A 73 13.19 -8.00 1.99
N ALA A 74 12.39 -6.98 2.31
CA ALA A 74 12.92 -5.63 2.45
C ALA A 74 11.87 -4.70 3.03
N GLU A 75 12.27 -3.46 3.28
CA GLU A 75 11.37 -2.46 3.84
C GLU A 75 11.84 -1.06 3.45
N VAL A 76 10.88 -0.16 3.23
CA VAL A 76 11.22 1.21 2.86
C VAL A 76 11.82 1.96 4.03
N PRO A 77 12.88 2.74 3.77
CA PRO A 77 13.58 3.52 4.79
C PRO A 77 12.68 4.55 5.47
N TYR A 78 12.08 5.40 4.65
CA TYR A 78 11.20 6.46 5.14
C TYR A 78 9.74 6.09 4.95
N TRP A 79 8.87 7.01 5.35
CA TRP A 79 7.43 6.82 5.22
C TRP A 79 6.93 7.44 3.91
N LEU A 80 5.64 7.75 3.85
CA LEU A 80 5.03 8.35 2.66
C LEU A 80 3.72 8.99 3.06
N THR A 81 3.73 10.30 3.22
CA THR A 81 2.54 11.03 3.65
C THR A 81 1.92 11.82 2.52
N TYR A 82 0.64 11.54 2.24
CA TYR A 82 -0.09 12.25 1.21
C TYR A 82 -0.53 13.62 1.72
N ASP A 83 -1.43 14.26 0.99
CA ASP A 83 -1.95 15.56 1.39
C ASP A 83 -3.03 16.03 0.43
N PHE A 84 -4.03 16.73 0.95
CA PHE A 84 -5.12 17.22 0.12
C PHE A 84 -4.90 18.65 -0.31
N PRO A 85 -5.68 19.14 -1.30
CA PRO A 85 -5.56 20.51 -1.80
C PRO A 85 -5.94 21.54 -0.74
N PRO A 86 -5.81 22.85 -1.06
CA PRO A 86 -6.15 23.92 -0.13
C PRO A 86 -7.65 24.03 0.12
N LYS A 87 -8.44 23.53 -0.82
CA LYS A 87 -9.89 23.58 -0.69
C LYS A 87 -10.41 22.40 0.12
N VAL A 88 -10.18 21.18 -0.37
CA VAL A 88 -10.64 19.98 0.32
C VAL A 88 -9.95 19.84 1.67
N ARG A 89 -8.90 20.62 1.90
CA ARG A 89 -8.16 20.58 3.16
C ARG A 89 -9.07 20.92 4.35
N GLU A 90 -10.34 21.23 4.08
CA GLU A 90 -11.29 21.56 5.14
C GLU A 90 -12.29 20.42 5.35
N LYS A 91 -12.45 19.58 4.33
CA LYS A 91 -13.38 18.45 4.40
C LYS A 91 -12.62 17.15 4.66
N LEU A 92 -11.30 17.19 4.47
CA LEU A 92 -10.46 16.01 4.68
C LEU A 92 -9.49 16.26 5.81
N ASN A 93 -8.69 17.32 5.70
CA ASN A 93 -7.71 17.67 6.72
C ASN A 93 -8.39 17.93 8.05
N ILE A 94 -9.37 18.84 8.04
CA ILE A 94 -10.11 19.18 9.24
C ILE A 94 -10.97 18.01 9.69
N GLN A 95 -11.12 17.02 8.81
CA GLN A 95 -11.91 15.83 9.12
C GLN A 95 -11.24 14.96 10.17
N TRP A 96 -9.96 15.22 10.42
CA TRP A 96 -9.21 14.45 11.39
C TRP A 96 -9.18 15.14 12.76
N GLY A 97 -10.11 16.05 12.99
CA GLY A 97 -10.16 16.75 14.26
C GLY A 97 -9.20 17.93 14.33
N SER A 98 -7.91 17.63 14.43
CA SER A 98 -6.89 18.67 14.51
C SER A 98 -5.50 18.05 14.54
N ASP A 99 -4.48 18.85 14.20
CA ASP A 99 -3.09 18.40 14.18
C ASP A 99 -2.76 17.63 12.90
N TRP A 100 -3.70 16.81 12.44
CA TRP A 100 -3.51 16.02 11.22
C TRP A 100 -3.21 16.91 10.02
N LYS A 101 -3.19 16.31 8.82
CA LYS A 101 -2.92 17.06 7.58
C LYS A 101 -2.63 16.14 6.40
N GLY A 102 -2.91 14.84 6.54
CA GLY A 102 -2.66 13.91 5.45
C GLY A 102 -2.61 12.48 5.94
N GLN A 103 -1.82 11.64 5.29
CA GLN A 103 -1.69 10.24 5.69
C GLN A 103 -0.29 9.70 5.44
N ALA A 104 0.40 9.30 6.51
CA ALA A 104 1.75 8.76 6.39
C ALA A 104 1.69 7.24 6.23
N GLN A 105 2.33 6.74 5.20
CA GLN A 105 2.31 5.32 4.92
C GLN A 105 3.68 4.76 4.54
N LYS A 106 4.14 3.75 5.27
CA LYS A 106 5.42 3.12 4.98
C LYS A 106 5.19 1.75 4.33
N TRP A 107 6.02 1.44 3.33
CA TRP A 107 5.89 0.18 2.61
C TRP A 107 7.03 -0.80 2.91
N PHE A 108 6.77 -2.08 2.62
CA PHE A 108 7.76 -3.13 2.81
C PHE A 108 7.72 -4.12 1.64
N LEU A 109 8.79 -4.88 1.46
CA LEU A 109 8.86 -5.87 0.38
C LEU A 109 8.53 -7.26 0.91
N PHE A 110 7.81 -8.05 0.11
CA PHE A 110 7.42 -9.40 0.53
C PHE A 110 7.62 -10.46 -0.54
N LYS A 111 7.97 -11.66 -0.08
CA LYS A 111 8.15 -12.81 -0.96
C LYS A 111 6.98 -13.76 -0.78
N PHE A 112 6.20 -13.97 -1.84
CA PHE A 112 5.06 -14.86 -1.75
C PHE A 112 5.51 -16.32 -1.82
N THR A 113 5.56 -16.96 -0.66
CA THR A 113 5.98 -18.36 -0.58
C THR A 113 4.75 -19.27 -0.52
N GLY A 114 3.75 -18.94 -1.32
CA GLY A 114 2.53 -19.73 -1.34
C GLY A 114 1.96 -19.89 -2.74
N GLN A 115 0.64 -19.98 -2.83
CA GLN A 115 -0.04 -20.13 -4.12
C GLN A 115 -1.07 -19.03 -4.33
N ASP A 116 -1.32 -18.69 -5.59
CA ASP A 116 -2.29 -17.65 -5.93
C ASP A 116 -3.66 -17.97 -5.39
N GLN A 117 -4.00 -19.23 -5.46
CA GLN A 117 -5.30 -19.71 -4.99
C GLN A 117 -5.53 -19.40 -3.51
N GLU A 118 -4.54 -18.81 -2.84
CA GLU A 118 -4.67 -18.47 -1.43
C GLU A 118 -5.23 -17.06 -1.28
N ILE A 119 -5.16 -16.29 -2.37
CA ILE A 119 -5.67 -14.93 -2.38
C ILE A 119 -7.14 -14.87 -2.77
N ASN A 120 -7.99 -14.61 -1.80
CA ASN A 120 -9.43 -14.52 -2.04
C ASN A 120 -9.89 -13.08 -2.17
N LEU A 121 -9.09 -12.16 -1.65
CA LEU A 121 -9.40 -10.73 -1.68
C LEU A 121 -10.48 -10.37 -0.65
N LEU A 122 -11.37 -11.33 -0.38
CA LEU A 122 -12.45 -11.12 0.58
C LEU A 122 -11.94 -11.22 2.02
N GLY A 123 -12.82 -10.99 2.97
CA GLY A 123 -12.44 -11.06 4.38
C GLY A 123 -12.62 -9.74 5.10
N ASP A 124 -13.37 -9.77 6.20
CA ASP A 124 -13.62 -8.59 7.01
C ASP A 124 -14.02 -7.39 6.15
N GLY A 125 -15.33 -7.19 6.01
CA GLY A 125 -15.83 -6.08 5.23
C GLY A 125 -17.16 -5.55 5.72
N SER A 126 -17.45 -4.30 5.42
CA SER A 126 -18.70 -3.68 5.84
C SER A 126 -19.78 -3.86 4.78
N GLU A 127 -19.36 -4.11 3.54
CA GLU A 127 -20.31 -4.29 2.45
C GLU A 127 -19.75 -5.23 1.38
N LYS A 128 -18.52 -4.98 0.95
CA LYS A 128 -17.89 -5.79 -0.09
C LYS A 128 -16.38 -5.67 -0.04
N PRO A 129 -15.67 -6.58 -0.74
CA PRO A 129 -14.21 -6.61 -0.77
C PRO A 129 -13.60 -5.27 -1.17
N GLU A 130 -12.29 -5.26 -1.35
CA GLU A 130 -11.56 -4.05 -1.72
C GLU A 130 -11.14 -4.12 -3.19
N PHE A 131 -10.53 -5.25 -3.55
CA PHE A 131 -10.08 -5.46 -4.93
C PHE A 131 -10.94 -6.51 -5.60
N GLY A 132 -11.24 -6.28 -6.88
CA GLY A 132 -12.07 -7.22 -7.62
C GLY A 132 -11.24 -8.28 -8.30
N GLU A 133 -10.04 -7.92 -8.71
CA GLU A 133 -9.14 -8.85 -9.38
C GLU A 133 -7.69 -8.48 -9.08
N TRP A 134 -6.81 -9.47 -9.12
CA TRP A 134 -5.41 -9.24 -8.85
C TRP A 134 -4.53 -10.02 -9.83
N SER A 135 -3.24 -9.69 -9.86
CA SER A 135 -2.31 -10.34 -10.78
C SER A 135 -0.86 -10.14 -10.36
N TRP A 136 0.03 -10.79 -11.10
CA TRP A 136 1.47 -10.69 -10.87
C TRP A 136 2.10 -9.94 -12.05
N VAL A 137 2.47 -8.69 -11.82
CA VAL A 137 3.08 -7.88 -12.87
C VAL A 137 4.47 -7.41 -12.44
N THR A 138 5.23 -6.83 -13.36
CA THR A 138 6.56 -6.34 -13.01
C THR A 138 6.45 -5.09 -12.17
N PRO A 139 7.56 -4.60 -11.62
CA PRO A 139 7.55 -3.39 -10.82
C PRO A 139 7.11 -2.21 -11.65
N GLU A 140 7.81 -1.99 -12.75
CA GLU A 140 7.50 -0.90 -13.66
C GLU A 140 6.12 -1.14 -14.29
N GLN A 141 5.70 -2.40 -14.35
CA GLN A 141 4.40 -2.75 -14.92
C GLN A 141 3.28 -2.34 -13.98
N LEU A 142 3.45 -2.69 -12.70
CA LEU A 142 2.43 -2.36 -11.71
C LEU A 142 2.21 -0.85 -11.67
N ILE A 143 3.30 -0.11 -11.79
CA ILE A 143 3.21 1.35 -11.80
C ILE A 143 2.39 1.83 -12.98
N ASP A 144 2.55 1.17 -14.12
CA ASP A 144 1.81 1.54 -15.32
C ASP A 144 0.33 1.20 -15.15
N LEU A 145 0.07 -0.02 -14.71
CA LEU A 145 -1.29 -0.51 -14.51
C LEU A 145 -1.96 0.06 -13.26
N THR A 146 -1.17 0.56 -12.32
CA THR A 146 -1.73 1.10 -11.08
C THR A 146 -2.39 2.46 -11.30
N VAL A 147 -2.95 3.02 -10.23
CA VAL A 147 -3.62 4.32 -10.30
C VAL A 147 -2.61 5.46 -10.18
N GLU A 148 -2.90 6.58 -10.84
CA GLU A 148 -2.03 7.74 -10.79
C GLU A 148 -1.74 8.18 -9.36
N PHE A 149 -2.79 8.38 -8.57
CA PHE A 149 -2.64 8.81 -7.18
C PHE A 149 -1.78 7.85 -6.35
N LYS A 150 -1.32 6.75 -6.94
CA LYS A 150 -0.50 5.79 -6.22
C LYS A 150 0.72 5.34 -7.03
N LYS A 151 0.77 5.75 -8.30
CA LYS A 151 1.89 5.39 -9.17
C LYS A 151 3.21 5.88 -8.60
N PRO A 152 3.36 7.20 -8.40
CA PRO A 152 4.58 7.79 -7.85
C PRO A 152 4.84 7.31 -6.44
N VAL A 153 3.78 6.95 -5.74
CA VAL A 153 3.91 6.44 -4.38
C VAL A 153 4.59 5.08 -4.43
N TYR A 154 4.04 4.22 -5.27
CA TYR A 154 4.58 2.88 -5.46
C TYR A 154 5.96 2.98 -6.09
N LYS A 155 6.09 3.95 -7.00
CA LYS A 155 7.35 4.17 -7.69
C LYS A 155 8.47 4.44 -6.71
N GLU A 156 8.17 5.22 -5.69
CA GLU A 156 9.17 5.53 -4.68
C GLU A 156 9.48 4.27 -3.90
N VAL A 157 8.47 3.43 -3.77
CA VAL A 157 8.62 2.17 -3.08
C VAL A 157 9.56 1.25 -3.87
N LEU A 158 9.37 1.23 -5.19
CA LEU A 158 10.20 0.41 -6.06
C LEU A 158 11.64 0.87 -6.02
N SER A 159 11.87 2.16 -6.14
CA SER A 159 13.21 2.72 -6.10
C SER A 159 13.94 2.17 -4.88
N VAL A 160 13.21 2.10 -3.78
CA VAL A 160 13.76 1.57 -2.54
C VAL A 160 14.01 0.08 -2.71
N PHE A 161 13.05 -0.58 -3.35
CA PHE A 161 13.12 -2.02 -3.59
C PHE A 161 14.00 -2.37 -4.79
N ALA A 162 14.65 -1.37 -5.40
CA ALA A 162 15.50 -1.63 -6.55
C ALA A 162 16.61 -2.60 -6.18
N PRO A 163 17.36 -2.35 -5.10
CA PRO A 163 18.43 -3.24 -4.66
C PRO A 163 17.91 -4.65 -4.37
N HIS A 164 16.58 -4.78 -4.30
CA HIS A 164 15.96 -6.08 -4.03
C HIS A 164 15.27 -6.63 -5.27
N LEU A 165 15.00 -5.76 -6.24
CA LEU A 165 14.33 -6.17 -7.47
C LEU A 165 15.36 -6.47 -8.56
N GLY A 1 1.55 19.79 -2.25
CA GLY A 1 1.26 18.97 -3.46
C GLY A 1 1.77 17.55 -3.35
N PRO A 2 2.89 17.21 -4.03
CA PRO A 2 3.46 15.86 -3.99
C PRO A 2 3.73 15.37 -2.57
N LEU A 3 3.98 14.07 -2.44
CA LEU A 3 4.25 13.47 -1.13
C LEU A 3 5.70 13.71 -0.71
N GLY A 4 5.88 14.10 0.55
CA GLY A 4 7.21 14.35 1.08
C GLY A 4 7.81 13.15 1.78
N SER A 5 6.94 12.19 2.10
CA SER A 5 7.34 10.96 2.79
C SER A 5 8.01 11.24 4.13
N MET A 6 9.32 11.46 4.11
CA MET A 6 10.08 11.73 5.33
C MET A 6 10.11 10.51 6.24
N ASP A 7 11.28 10.24 6.82
CA ASP A 7 11.45 9.10 7.72
C ASP A 7 10.66 9.26 9.01
N SER A 8 10.63 10.48 9.53
CA SER A 8 9.88 10.74 10.76
C SER A 8 8.52 11.36 10.41
N PRO A 9 7.45 10.94 11.11
CA PRO A 9 6.10 11.46 10.87
C PRO A 9 5.92 12.86 11.43
N PRO A 10 5.86 13.86 10.55
CA PRO A 10 5.68 15.26 10.94
C PRO A 10 4.55 15.46 11.93
N GLU A 11 4.54 16.64 12.55
CA GLU A 11 3.51 16.98 13.53
C GLU A 11 2.10 16.73 12.99
N GLY A 12 1.29 16.02 13.76
CA GLY A 12 -0.07 15.73 13.34
C GLY A 12 -0.14 15.06 11.98
N TYR A 13 -0.01 13.74 11.95
CA TYR A 13 -0.05 13.00 10.69
C TYR A 13 -0.56 11.57 10.91
N ARG A 14 -1.17 11.00 9.86
CA ARG A 14 -1.72 9.65 9.90
C ARG A 14 -0.59 8.62 10.11
N ARG A 15 -0.83 7.40 9.66
CA ARG A 15 0.12 6.32 9.79
C ARG A 15 -0.48 5.03 9.26
N ASN A 16 -0.18 4.71 8.00
CA ASN A 16 -0.67 3.49 7.39
C ASN A 16 0.49 2.75 6.75
N VAL A 17 0.22 1.55 6.26
CA VAL A 17 1.25 0.77 5.62
C VAL A 17 0.78 0.17 4.32
N GLY A 18 1.73 -0.29 3.55
CA GLY A 18 1.42 -0.93 2.30
C GLY A 18 2.17 -2.22 2.17
N ILE A 19 1.69 -3.11 1.33
CA ILE A 19 2.32 -4.40 1.18
C ILE A 19 2.73 -4.67 -0.25
N CYS A 20 4.03 -4.83 -0.44
CA CYS A 20 4.59 -5.12 -1.74
C CYS A 20 4.96 -6.59 -1.78
N LEU A 21 4.15 -7.38 -2.45
CA LEU A 21 4.38 -8.81 -2.51
C LEU A 21 4.94 -9.24 -3.86
N MET A 22 6.10 -9.88 -3.83
CA MET A 22 6.75 -10.35 -5.05
C MET A 22 6.79 -11.86 -5.10
N ASN A 23 6.50 -12.42 -6.26
CA ASN A 23 6.50 -13.86 -6.44
C ASN A 23 7.80 -14.35 -7.06
N ASN A 24 7.83 -15.63 -7.41
CA ASN A 24 8.99 -16.26 -8.02
C ASN A 24 9.52 -15.51 -9.24
N ASP A 25 8.80 -14.49 -9.70
CA ASP A 25 9.23 -13.74 -10.87
C ASP A 25 9.90 -12.44 -10.46
N LYS A 26 9.85 -12.14 -9.17
CA LYS A 26 10.43 -10.94 -8.65
C LYS A 26 9.57 -9.75 -9.04
N LYS A 27 8.32 -10.05 -9.38
CA LYS A 27 7.35 -9.02 -9.76
C LYS A 27 6.60 -8.57 -8.51
N ILE A 28 5.45 -7.96 -8.67
CA ILE A 28 4.70 -7.52 -7.51
C ILE A 28 3.23 -7.85 -7.65
N PHE A 29 2.61 -8.17 -6.53
CA PHE A 29 1.20 -8.50 -6.49
C PHE A 29 0.36 -7.30 -6.86
N ALA A 30 -0.27 -7.35 -8.03
CA ALA A 30 -1.11 -6.25 -8.48
C ALA A 30 -2.58 -6.55 -8.23
N ALA A 31 -3.30 -5.54 -7.76
CA ALA A 31 -4.73 -5.70 -7.49
C ALA A 31 -5.52 -4.51 -8.01
N SER A 32 -6.61 -4.79 -8.71
CA SER A 32 -7.44 -3.74 -9.27
C SER A 32 -8.65 -3.45 -8.39
N ARG A 33 -9.01 -2.17 -8.27
CA ARG A 33 -10.15 -1.76 -7.47
C ARG A 33 -11.44 -2.23 -8.12
N LEU A 34 -12.27 -2.94 -7.35
CA LEU A 34 -13.54 -3.44 -7.86
C LEU A 34 -14.28 -2.36 -8.65
N ASP A 35 -14.11 -1.13 -8.19
CA ASP A 35 -14.73 0.02 -8.84
C ASP A 35 -14.04 0.32 -10.16
N ILE A 36 -12.71 0.20 -10.18
CA ILE A 36 -11.95 0.45 -11.38
C ILE A 36 -11.09 -0.76 -11.75
N PRO A 37 -11.48 -1.50 -12.81
CA PRO A 37 -10.75 -2.68 -13.27
C PRO A 37 -9.38 -2.34 -13.86
N ASP A 38 -9.20 -1.08 -14.26
CA ASP A 38 -7.94 -0.64 -14.83
C ASP A 38 -6.99 -0.08 -13.77
N ALA A 39 -7.50 0.05 -12.55
CA ALA A 39 -6.70 0.56 -11.43
C ALA A 39 -6.01 -0.57 -10.70
N TRP A 40 -4.74 -0.81 -11.04
CA TRP A 40 -3.95 -1.86 -10.40
C TRP A 40 -3.13 -1.31 -9.25
N GLN A 41 -2.93 -2.11 -8.22
CA GLN A 41 -2.16 -1.67 -7.07
C GLN A 41 -1.60 -2.85 -6.27
N MET A 42 -1.89 -2.91 -4.97
CA MET A 42 -1.41 -3.99 -4.12
C MET A 42 -1.91 -3.78 -2.69
N PRO A 43 -1.85 -4.83 -1.86
CA PRO A 43 -2.31 -4.76 -0.48
C PRO A 43 -1.72 -3.58 0.28
N GLN A 44 -2.51 -3.05 1.21
CA GLN A 44 -2.09 -1.91 2.02
C GLN A 44 -3.14 -1.62 3.08
N GLY A 45 -2.71 -1.16 4.25
CA GLY A 45 -3.65 -0.86 5.31
C GLY A 45 -3.08 0.08 6.36
N GLY A 46 -3.95 0.80 7.05
CA GLY A 46 -3.50 1.73 8.06
C GLY A 46 -3.13 1.08 9.36
N ILE A 47 -2.01 1.53 9.93
CA ILE A 47 -1.53 1.03 11.19
C ILE A 47 -2.44 1.46 12.32
N ASP A 48 -2.64 0.58 13.28
CA ASP A 48 -3.48 0.88 14.42
C ASP A 48 -2.83 1.94 15.30
N GLU A 49 -3.44 2.19 16.46
CA GLU A 49 -2.93 3.16 17.40
C GLU A 49 -1.44 2.97 17.66
N GLY A 50 -1.10 1.92 18.40
CA GLY A 50 0.28 1.63 18.70
C GLY A 50 0.73 0.28 18.15
N GLU A 51 0.58 0.10 16.84
CA GLU A 51 0.99 -1.14 16.19
C GLU A 51 2.14 -0.90 15.24
N ASP A 52 3.01 -1.90 15.10
CA ASP A 52 4.16 -1.78 14.22
C ASP A 52 3.70 -1.80 12.76
N PRO A 53 4.30 -0.96 11.90
CA PRO A 53 3.93 -0.89 10.48
C PRO A 53 4.11 -2.23 9.79
N ARG A 54 5.25 -2.86 10.02
CA ARG A 54 5.56 -4.15 9.42
C ARG A 54 4.45 -5.16 9.72
N ASN A 55 4.02 -5.20 10.97
CA ASN A 55 2.96 -6.11 11.39
C ASN A 55 1.64 -5.70 10.75
N ALA A 56 1.39 -4.39 10.72
CA ALA A 56 0.17 -3.88 10.12
C ALA A 56 0.11 -4.25 8.66
N ALA A 57 1.25 -4.08 7.96
CA ALA A 57 1.32 -4.43 6.55
C ALA A 57 0.95 -5.89 6.36
N ILE A 58 1.63 -6.77 7.09
CA ILE A 58 1.38 -8.19 7.03
C ILE A 58 -0.09 -8.50 7.33
N ARG A 59 -0.57 -8.03 8.48
CA ARG A 59 -1.94 -8.28 8.87
C ARG A 59 -2.91 -7.69 7.86
N GLU A 60 -2.86 -6.37 7.69
CA GLU A 60 -3.73 -5.70 6.73
C GLU A 60 -3.71 -6.46 5.41
N LEU A 61 -2.50 -6.85 4.98
CA LEU A 61 -2.34 -7.60 3.75
C LEU A 61 -3.28 -8.80 3.75
N ARG A 62 -3.29 -9.54 4.85
CA ARG A 62 -4.14 -10.71 5.00
C ARG A 62 -5.62 -10.31 4.97
N GLU A 63 -6.02 -9.54 5.97
CA GLU A 63 -7.40 -9.09 6.09
C GLU A 63 -7.94 -8.50 4.79
N GLU A 64 -7.04 -8.05 3.92
CA GLU A 64 -7.43 -7.43 2.66
C GLU A 64 -7.40 -8.42 1.49
N THR A 65 -6.41 -9.32 1.48
CA THR A 65 -6.30 -10.29 0.39
C THR A 65 -6.27 -11.73 0.90
N GLY A 66 -5.65 -11.93 2.05
CA GLY A 66 -5.54 -13.27 2.60
C GLY A 66 -4.13 -13.80 2.48
N VAL A 67 -3.33 -13.11 1.66
CA VAL A 67 -1.93 -13.49 1.44
C VAL A 67 -1.19 -13.55 2.75
N THR A 68 -0.84 -14.76 3.16
CA THR A 68 -0.10 -14.97 4.39
C THR A 68 1.21 -15.68 4.07
N SER A 69 1.12 -16.65 3.17
CA SER A 69 2.30 -17.41 2.75
C SER A 69 3.35 -16.51 2.12
N ALA A 70 4.00 -15.71 2.94
CA ALA A 70 5.02 -14.79 2.43
C ALA A 70 5.96 -14.32 3.54
N GLU A 71 7.16 -13.87 3.13
CA GLU A 71 8.16 -13.37 4.06
C GLU A 71 8.67 -12.01 3.61
N VAL A 72 9.06 -11.18 4.56
CA VAL A 72 9.56 -9.84 4.26
C VAL A 72 10.96 -9.89 3.67
N ILE A 73 11.12 -9.23 2.53
CA ILE A 73 12.41 -9.16 1.86
C ILE A 73 12.98 -7.75 1.98
N ALA A 74 12.12 -6.80 2.29
CA ALA A 74 12.54 -5.41 2.41
C ALA A 74 11.47 -4.53 3.03
N GLU A 75 11.80 -3.26 3.16
CA GLU A 75 10.89 -2.27 3.74
C GLU A 75 11.29 -0.86 3.34
N VAL A 76 10.32 0.03 3.19
CA VAL A 76 10.58 1.40 2.79
C VAL A 76 11.24 2.20 3.93
N PRO A 77 12.22 3.06 3.59
CA PRO A 77 12.94 3.87 4.57
C PRO A 77 12.06 4.89 5.26
N TYR A 78 11.62 5.90 4.51
CA TYR A 78 10.78 6.96 5.04
C TYR A 78 9.31 6.59 4.98
N TRP A 79 8.48 7.44 5.60
CA TRP A 79 7.04 7.24 5.62
C TRP A 79 6.38 7.97 4.47
N LEU A 80 5.99 7.25 3.43
CA LEU A 80 5.34 7.84 2.28
C LEU A 80 4.00 8.46 2.67
N THR A 81 3.96 9.80 2.65
CA THR A 81 2.75 10.52 3.01
C THR A 81 2.00 10.98 1.77
N TYR A 82 1.12 11.97 1.93
CA TYR A 82 0.34 12.50 0.83
C TYR A 82 -0.49 13.71 1.29
N ASP A 83 0.20 14.73 1.78
CA ASP A 83 -0.47 15.93 2.25
C ASP A 83 -1.05 16.73 1.09
N PHE A 84 -2.15 17.41 1.33
CA PHE A 84 -2.78 18.21 0.29
C PHE A 84 -2.42 19.68 0.41
N PRO A 85 -2.61 20.45 -0.67
CA PRO A 85 -2.30 21.89 -0.71
C PRO A 85 -3.06 22.66 0.38
N PRO A 86 -2.90 23.99 0.44
CA PRO A 86 -3.57 24.83 1.46
C PRO A 86 -5.08 24.82 1.30
N LYS A 87 -5.55 24.50 0.11
CA LYS A 87 -6.98 24.45 -0.16
C LYS A 87 -7.60 23.19 0.42
N VAL A 88 -7.14 22.04 -0.09
CA VAL A 88 -7.64 20.75 0.37
C VAL A 88 -7.26 20.52 1.83
N ARG A 89 -6.29 21.29 2.33
CA ARG A 89 -5.85 21.17 3.70
C ARG A 89 -7.03 21.31 4.66
N GLU A 90 -7.65 22.48 4.64
CA GLU A 90 -8.80 22.74 5.50
C GLU A 90 -9.97 21.82 5.20
N LYS A 91 -9.91 21.13 4.06
CA LYS A 91 -10.99 20.22 3.66
C LYS A 91 -10.75 18.80 4.16
N LEU A 92 -9.49 18.40 4.22
CA LEU A 92 -9.12 17.06 4.66
C LEU A 92 -8.22 17.09 5.89
N ASN A 93 -7.12 17.83 5.75
CA ASN A 93 -6.12 17.97 6.81
C ASN A 93 -6.71 18.39 8.15
N ILE A 94 -7.38 19.52 8.17
CA ILE A 94 -7.99 19.99 9.40
C ILE A 94 -9.25 19.17 9.71
N GLN A 95 -9.63 18.30 8.76
CA GLN A 95 -10.80 17.44 8.91
C GLN A 95 -10.52 16.27 9.85
N TRP A 96 -9.30 16.17 10.37
CA TRP A 96 -8.95 15.09 11.28
C TRP A 96 -9.17 15.49 12.73
N GLY A 97 -10.13 16.38 12.95
CA GLY A 97 -10.42 16.84 14.29
C GLY A 97 -9.30 17.69 14.86
N SER A 98 -8.45 18.23 13.99
CA SER A 98 -7.31 19.08 14.41
C SER A 98 -6.13 18.23 14.84
N ASP A 99 -4.94 18.84 14.86
CA ASP A 99 -3.72 18.14 15.25
C ASP A 99 -3.22 17.24 14.13
N TRP A 100 -3.57 17.60 12.90
CA TRP A 100 -3.19 16.82 11.73
C TRP A 100 -2.78 17.72 10.58
N LYS A 101 -2.71 17.15 9.37
CA LYS A 101 -2.34 17.90 8.17
C LYS A 101 -1.94 16.96 7.02
N GLY A 102 -2.23 15.67 7.15
CA GLY A 102 -1.87 14.73 6.09
C GLY A 102 -1.86 13.29 6.58
N GLN A 103 -1.23 12.40 5.83
CA GLN A 103 -1.16 10.99 6.21
C GLN A 103 0.16 10.36 5.80
N ALA A 104 0.87 9.80 6.77
CA ALA A 104 2.15 9.15 6.51
C ALA A 104 1.99 7.64 6.45
N GLN A 105 2.43 7.04 5.34
CA GLN A 105 2.30 5.61 5.15
C GLN A 105 3.59 4.96 4.69
N LYS A 106 4.01 3.93 5.43
CA LYS A 106 5.25 3.20 5.13
C LYS A 106 4.93 1.85 4.49
N TRP A 107 5.65 1.51 3.43
CA TRP A 107 5.42 0.25 2.73
C TRP A 107 6.47 -0.80 3.10
N PHE A 108 6.19 -2.05 2.76
CA PHE A 108 7.08 -3.16 3.04
C PHE A 108 7.11 -4.15 1.88
N LEU A 109 8.23 -4.86 1.74
CA LEU A 109 8.38 -5.85 0.67
C LEU A 109 8.19 -7.26 1.21
N PHE A 110 7.51 -8.10 0.43
CA PHE A 110 7.24 -9.47 0.87
C PHE A 110 7.36 -10.48 -0.26
N LYS A 111 7.87 -11.65 0.08
CA LYS A 111 8.00 -12.73 -0.89
C LYS A 111 6.87 -13.72 -0.69
N PHE A 112 6.11 -14.00 -1.73
CA PHE A 112 5.01 -14.96 -1.64
C PHE A 112 5.53 -16.38 -1.69
N THR A 113 5.61 -17.02 -0.52
CA THR A 113 6.09 -18.39 -0.42
C THR A 113 4.92 -19.37 -0.34
N GLY A 114 3.89 -19.10 -1.14
CA GLY A 114 2.71 -19.95 -1.16
C GLY A 114 2.09 -20.07 -2.54
N GLN A 115 0.76 -20.16 -2.58
CA GLN A 115 0.04 -20.28 -3.85
C GLN A 115 -0.97 -19.15 -4.03
N ASP A 116 -1.20 -18.77 -5.29
CA ASP A 116 -2.14 -17.70 -5.62
C ASP A 116 -3.54 -18.02 -5.14
N GLN A 117 -3.87 -19.29 -5.23
CA GLN A 117 -5.19 -19.80 -4.84
C GLN A 117 -5.52 -19.48 -3.37
N GLU A 118 -4.59 -18.85 -2.66
CA GLU A 118 -4.80 -18.48 -1.27
C GLU A 118 -5.42 -17.09 -1.18
N ILE A 119 -5.30 -16.34 -2.27
CA ILE A 119 -5.82 -14.99 -2.36
C ILE A 119 -7.31 -14.98 -2.73
N ASN A 120 -8.16 -14.80 -1.73
CA ASN A 120 -9.60 -14.79 -1.95
C ASN A 120 -10.15 -13.38 -2.14
N LEU A 121 -9.27 -12.38 -2.07
CA LEU A 121 -9.66 -10.97 -2.23
C LEU A 121 -10.98 -10.67 -1.53
N LEU A 122 -11.29 -11.42 -0.48
CA LEU A 122 -12.54 -11.21 0.25
C LEU A 122 -12.57 -12.04 1.53
N GLY A 123 -13.72 -12.02 2.20
CA GLY A 123 -13.88 -12.78 3.42
C GLY A 123 -14.03 -11.89 4.64
N ASP A 124 -15.07 -12.15 5.42
CA ASP A 124 -15.33 -11.37 6.62
C ASP A 124 -15.52 -9.89 6.29
N GLY A 125 -16.68 -9.57 5.73
CA GLY A 125 -16.96 -8.19 5.38
C GLY A 125 -18.34 -8.03 4.79
N SER A 126 -19.32 -7.77 5.64
CA SER A 126 -20.70 -7.58 5.20
C SER A 126 -20.85 -6.29 4.40
N GLU A 127 -19.78 -5.51 4.33
CA GLU A 127 -19.80 -4.25 3.61
C GLU A 127 -19.43 -4.47 2.15
N LYS A 128 -18.15 -4.69 1.88
CA LYS A 128 -17.68 -4.93 0.52
C LYS A 128 -16.19 -5.26 0.50
N PRO A 129 -15.75 -5.81 -0.63
CA PRO A 129 -14.34 -6.21 -0.84
C PRO A 129 -13.40 -5.02 -1.03
N GLU A 130 -12.15 -5.32 -1.36
CA GLU A 130 -11.14 -4.28 -1.57
C GLU A 130 -10.67 -4.25 -3.03
N PHE A 131 -10.38 -5.43 -3.57
CA PHE A 131 -9.95 -5.54 -4.96
C PHE A 131 -10.81 -6.55 -5.71
N GLY A 132 -11.14 -6.22 -6.95
CA GLY A 132 -11.97 -7.08 -7.77
C GLY A 132 -11.17 -8.16 -8.46
N GLU A 133 -9.94 -7.82 -8.81
CA GLU A 133 -9.06 -8.76 -9.49
C GLU A 133 -7.60 -8.39 -9.23
N TRP A 134 -6.74 -9.38 -9.26
CA TRP A 134 -5.32 -9.16 -9.04
C TRP A 134 -4.49 -9.98 -10.00
N SER A 135 -3.20 -9.70 -10.04
CA SER A 135 -2.29 -10.40 -10.95
C SER A 135 -0.84 -10.24 -10.52
N TRP A 136 0.05 -10.89 -11.26
CA TRP A 136 1.48 -10.80 -10.98
C TRP A 136 2.17 -10.00 -12.08
N VAL A 137 2.37 -8.71 -11.82
CA VAL A 137 3.02 -7.83 -12.78
C VAL A 137 4.31 -7.30 -12.19
N THR A 138 5.20 -6.78 -13.04
CA THR A 138 6.47 -6.24 -12.56
C THR A 138 6.25 -4.93 -11.83
N PRO A 139 7.32 -4.38 -11.22
CA PRO A 139 7.21 -3.12 -10.51
C PRO A 139 6.83 -1.99 -11.47
N GLU A 140 7.65 -1.83 -12.49
CA GLU A 140 7.40 -0.81 -13.52
C GLU A 140 6.08 -1.04 -14.22
N GLN A 141 5.69 -2.31 -14.36
CA GLN A 141 4.43 -2.66 -15.02
C GLN A 141 3.25 -2.27 -14.16
N LEU A 142 3.32 -2.63 -12.88
CA LEU A 142 2.24 -2.29 -11.95
C LEU A 142 2.04 -0.78 -11.94
N ILE A 143 3.16 -0.04 -12.02
CA ILE A 143 3.10 1.41 -12.03
C ILE A 143 2.30 1.90 -13.25
N ASP A 144 2.44 1.19 -14.36
CA ASP A 144 1.71 1.56 -15.57
C ASP A 144 0.23 1.26 -15.42
N LEU A 145 -0.06 0.05 -14.99
CA LEU A 145 -1.44 -0.40 -14.80
C LEU A 145 -2.09 0.22 -13.57
N THR A 146 -1.27 0.69 -12.63
CA THR A 146 -1.80 1.29 -11.41
C THR A 146 -2.36 2.68 -11.67
N VAL A 147 -3.02 3.23 -10.66
CA VAL A 147 -3.62 4.55 -10.75
C VAL A 147 -2.55 5.65 -10.70
N GLU A 148 -2.89 6.81 -11.23
CA GLU A 148 -1.97 7.95 -11.24
C GLU A 148 -1.61 8.37 -9.81
N PHE A 149 -2.64 8.63 -9.02
CA PHE A 149 -2.47 9.06 -7.64
C PHE A 149 -1.68 8.05 -6.78
N LYS A 150 -1.26 6.92 -7.37
CA LYS A 150 -0.50 5.92 -6.61
C LYS A 150 0.74 5.45 -7.38
N LYS A 151 0.86 5.86 -8.64
CA LYS A 151 2.01 5.50 -9.47
C LYS A 151 3.30 6.03 -8.87
N PRO A 152 3.39 7.36 -8.63
CA PRO A 152 4.59 7.96 -8.06
C PRO A 152 4.84 7.46 -6.65
N VAL A 153 3.77 7.08 -5.96
CA VAL A 153 3.88 6.56 -4.62
C VAL A 153 4.56 5.20 -4.68
N TYR A 154 4.02 4.33 -5.51
CA TYR A 154 4.58 3.00 -5.69
C TYR A 154 5.99 3.11 -6.28
N LYS A 155 6.14 4.04 -7.22
CA LYS A 155 7.41 4.27 -7.87
C LYS A 155 8.53 4.50 -6.87
N GLU A 156 8.24 5.34 -5.87
CA GLU A 156 9.22 5.62 -4.86
C GLU A 156 9.44 4.37 -4.03
N VAL A 157 8.36 3.60 -3.88
CA VAL A 157 8.43 2.37 -3.14
C VAL A 157 9.34 1.40 -3.88
N LEU A 158 9.20 1.35 -5.20
CA LEU A 158 10.01 0.47 -6.02
C LEU A 158 11.48 0.85 -5.94
N SER A 159 11.75 2.16 -6.02
CA SER A 159 13.11 2.65 -5.91
C SER A 159 13.75 2.07 -4.65
N VAL A 160 12.95 2.02 -3.59
CA VAL A 160 13.42 1.45 -2.34
C VAL A 160 13.65 -0.04 -2.53
N PHE A 161 12.72 -0.67 -3.25
CA PHE A 161 12.79 -2.09 -3.52
C PHE A 161 13.75 -2.41 -4.66
N ALA A 162 14.47 -1.41 -5.14
CA ALA A 162 15.42 -1.61 -6.23
C ALA A 162 16.53 -2.57 -5.81
N PRO A 163 17.17 -2.29 -4.66
CA PRO A 163 18.24 -3.17 -4.15
C PRO A 163 17.73 -4.60 -3.95
N HIS A 164 16.41 -4.76 -3.94
CA HIS A 164 15.78 -6.06 -3.77
C HIS A 164 15.19 -6.56 -5.07
N LEU A 165 14.84 -5.62 -5.96
CA LEU A 165 14.25 -5.97 -7.25
C LEU A 165 15.32 -5.97 -8.33
N GLY A 1 -0.80 16.20 -3.40
CA GLY A 1 -0.11 15.40 -4.44
C GLY A 1 1.32 15.07 -4.07
N PRO A 2 2.19 16.09 -3.93
CA PRO A 2 3.59 15.88 -3.57
C PRO A 2 3.74 15.09 -2.27
N LEU A 3 4.66 14.12 -2.27
CA LEU A 3 4.90 13.29 -1.10
C LEU A 3 6.33 13.47 -0.59
N GLY A 4 6.46 13.89 0.67
CA GLY A 4 7.76 14.09 1.26
C GLY A 4 8.30 12.85 1.94
N SER A 5 7.40 11.92 2.26
CA SER A 5 7.78 10.68 2.92
C SER A 5 8.33 10.94 4.32
N MET A 6 9.57 11.37 4.39
CA MET A 6 10.22 11.65 5.66
C MET A 6 10.46 10.36 6.44
N ASP A 7 11.69 10.18 6.92
CA ASP A 7 12.03 8.99 7.69
C ASP A 7 11.29 8.94 9.01
N SER A 8 11.09 10.10 9.61
CA SER A 8 10.37 10.19 10.88
C SER A 8 8.89 10.47 10.63
N PRO A 9 8.00 9.84 11.41
CA PRO A 9 6.55 10.02 11.25
C PRO A 9 6.07 11.36 11.79
N PRO A 10 5.73 12.30 10.89
CA PRO A 10 5.25 13.64 11.25
C PRO A 10 4.05 13.58 12.18
N GLU A 11 3.41 14.73 12.33
CA GLU A 11 2.23 14.88 13.19
C GLU A 11 1.18 13.80 12.86
N GLY A 12 -0.04 14.00 13.36
CA GLY A 12 -1.12 13.04 13.13
C GLY A 12 -0.92 12.21 11.87
N TYR A 13 -1.33 12.75 10.73
CA TYR A 13 -1.19 12.06 9.45
C TYR A 13 -1.92 10.72 9.48
N ARG A 14 -2.62 10.40 8.39
CA ARG A 14 -3.36 9.15 8.32
C ARG A 14 -2.40 7.96 8.30
N ARG A 15 -1.83 7.67 9.47
CA ARG A 15 -0.88 6.57 9.64
C ARG A 15 -1.38 5.28 9.01
N ASN A 16 -0.88 4.97 7.83
CA ASN A 16 -1.23 3.74 7.13
C ASN A 16 0.04 3.07 6.63
N VAL A 17 -0.08 1.86 6.10
CA VAL A 17 1.09 1.16 5.58
C VAL A 17 0.79 0.49 4.26
N GLY A 18 1.83 -0.01 3.61
CA GLY A 18 1.68 -0.69 2.35
C GLY A 18 2.51 -1.96 2.27
N ILE A 19 2.13 -2.86 1.39
CA ILE A 19 2.84 -4.12 1.24
C ILE A 19 3.16 -4.44 -0.21
N CYS A 20 4.45 -4.62 -0.51
CA CYS A 20 4.89 -4.97 -1.85
C CYS A 20 5.23 -6.44 -1.87
N LEU A 21 4.26 -7.25 -2.25
CA LEU A 21 4.44 -8.70 -2.28
C LEU A 21 4.73 -9.19 -3.69
N MET A 22 5.87 -9.85 -3.85
CA MET A 22 6.27 -10.37 -5.15
C MET A 22 6.50 -11.88 -5.11
N ASN A 23 6.48 -12.50 -6.28
CA ASN A 23 6.70 -13.94 -6.40
C ASN A 23 8.13 -14.24 -6.77
N ASN A 24 8.40 -15.53 -6.93
CA ASN A 24 9.72 -16.02 -7.33
C ASN A 24 10.13 -15.46 -8.70
N ASP A 25 9.21 -14.78 -9.38
CA ASP A 25 9.48 -14.24 -10.71
C ASP A 25 9.83 -12.76 -10.67
N LYS A 26 9.88 -12.21 -9.48
CA LYS A 26 10.16 -10.79 -9.31
C LYS A 26 8.94 -9.98 -9.73
N LYS A 27 7.78 -10.64 -9.71
CA LYS A 27 6.54 -10.00 -10.07
C LYS A 27 5.83 -9.54 -8.81
N ILE A 28 5.22 -8.37 -8.87
CA ILE A 28 4.54 -7.82 -7.71
C ILE A 28 3.06 -8.09 -7.74
N PHE A 29 2.52 -8.33 -6.57
CA PHE A 29 1.11 -8.61 -6.38
C PHE A 29 0.26 -7.37 -6.62
N ALA A 30 -0.44 -7.35 -7.76
CA ALA A 30 -1.30 -6.21 -8.11
C ALA A 30 -2.76 -6.57 -7.89
N ALA A 31 -3.52 -5.60 -7.42
CA ALA A 31 -4.94 -5.80 -7.17
C ALA A 31 -5.75 -4.56 -7.57
N SER A 32 -6.89 -4.76 -8.22
CA SER A 32 -7.72 -3.66 -8.67
C SER A 32 -8.93 -3.44 -7.76
N ARG A 33 -9.39 -2.19 -7.69
CA ARG A 33 -10.54 -1.82 -6.87
C ARG A 33 -11.84 -2.32 -7.48
N LEU A 34 -12.66 -3.02 -6.67
CA LEU A 34 -13.95 -3.55 -7.13
C LEU A 34 -14.86 -2.47 -7.70
N ASP A 35 -14.35 -1.72 -8.66
CA ASP A 35 -15.12 -0.65 -9.28
C ASP A 35 -14.33 -0.04 -10.43
N ILE A 36 -13.01 0.03 -10.26
CA ILE A 36 -12.13 0.59 -11.25
C ILE A 36 -11.22 -0.50 -11.85
N PRO A 37 -11.50 -0.92 -13.10
CA PRO A 37 -10.73 -1.98 -13.78
C PRO A 37 -9.26 -1.66 -13.95
N ASP A 38 -8.96 -0.60 -14.70
CA ASP A 38 -7.56 -0.21 -14.96
C ASP A 38 -6.84 0.27 -13.71
N ALA A 39 -7.51 0.25 -12.56
CA ALA A 39 -6.88 0.69 -11.31
C ALA A 39 -6.28 -0.49 -10.57
N TRP A 40 -4.99 -0.69 -10.75
CA TRP A 40 -4.26 -1.77 -10.09
C TRP A 40 -3.49 -1.21 -8.90
N GLN A 41 -3.32 -2.02 -7.86
CA GLN A 41 -2.61 -1.55 -6.67
C GLN A 41 -2.01 -2.69 -5.86
N MET A 42 -1.09 -2.33 -4.99
CA MET A 42 -0.43 -3.28 -4.11
C MET A 42 -1.10 -3.27 -2.74
N PRO A 43 -1.08 -4.40 -2.02
CA PRO A 43 -1.70 -4.48 -0.70
C PRO A 43 -1.27 -3.34 0.22
N GLN A 44 -2.16 -2.90 1.07
CA GLN A 44 -1.88 -1.81 2.01
C GLN A 44 -3.02 -1.61 3.00
N GLY A 45 -2.69 -1.13 4.19
CA GLY A 45 -3.71 -0.91 5.20
C GLY A 45 -3.26 0.06 6.27
N GLY A 46 -4.21 0.63 7.00
CA GLY A 46 -3.87 1.58 8.04
C GLY A 46 -3.44 0.93 9.34
N ILE A 47 -2.41 1.52 9.97
CA ILE A 47 -1.88 1.02 11.23
C ILE A 47 -2.87 1.24 12.37
N ASP A 48 -2.99 0.25 13.25
CA ASP A 48 -3.89 0.36 14.39
C ASP A 48 -3.38 1.38 15.40
N GLU A 49 -4.05 1.45 16.54
CA GLU A 49 -3.67 2.38 17.60
C GLU A 49 -2.15 2.34 17.86
N GLY A 50 -1.71 1.38 18.65
CA GLY A 50 -0.29 1.24 18.94
C GLY A 50 0.30 -0.01 18.34
N GLU A 51 0.15 -0.15 17.02
CA GLU A 51 0.67 -1.30 16.30
C GLU A 51 1.81 -0.89 15.37
N ASP A 52 2.76 -1.80 15.18
CA ASP A 52 3.89 -1.54 14.32
C ASP A 52 3.44 -1.48 12.86
N PRO A 53 4.27 -0.94 11.96
CA PRO A 53 3.95 -0.83 10.55
C PRO A 53 4.14 -2.14 9.83
N ARG A 54 5.31 -2.71 10.01
CA ARG A 54 5.65 -3.99 9.40
C ARG A 54 4.57 -5.02 9.71
N ASN A 55 4.16 -5.08 10.97
CA ASN A 55 3.12 -6.02 11.38
C ASN A 55 1.80 -5.63 10.75
N ALA A 56 1.51 -4.33 10.73
CA ALA A 56 0.28 -3.84 10.14
C ALA A 56 0.24 -4.21 8.68
N ALA A 57 1.36 -4.01 8.00
CA ALA A 57 1.46 -4.35 6.59
C ALA A 57 1.11 -5.83 6.39
N ILE A 58 1.79 -6.68 7.16
CA ILE A 58 1.55 -8.12 7.09
C ILE A 58 0.09 -8.45 7.35
N ARG A 59 -0.44 -8.00 8.49
CA ARG A 59 -1.82 -8.27 8.85
C ARG A 59 -2.77 -7.67 7.82
N GLU A 60 -2.77 -6.35 7.70
CA GLU A 60 -3.64 -5.67 6.73
C GLU A 60 -3.62 -6.41 5.41
N LEU A 61 -2.41 -6.76 4.96
CA LEU A 61 -2.23 -7.51 3.72
C LEU A 61 -3.09 -8.77 3.74
N ARG A 62 -3.04 -9.50 4.85
CA ARG A 62 -3.82 -10.72 5.01
C ARG A 62 -5.32 -10.43 5.00
N GLU A 63 -5.77 -9.70 6.01
CA GLU A 63 -7.18 -9.36 6.15
C GLU A 63 -7.76 -8.80 4.86
N GLU A 64 -6.92 -8.28 3.98
CA GLU A 64 -7.38 -7.68 2.74
C GLU A 64 -7.32 -8.64 1.55
N THR A 65 -6.32 -9.52 1.50
CA THR A 65 -6.20 -10.44 0.37
C THR A 65 -6.01 -11.90 0.80
N GLY A 66 -5.88 -12.12 2.10
CA GLY A 66 -5.69 -13.48 2.60
C GLY A 66 -4.25 -13.94 2.46
N VAL A 67 -3.44 -13.18 1.73
CA VAL A 67 -2.04 -13.51 1.54
C VAL A 67 -1.30 -13.61 2.86
N THR A 68 -0.89 -14.82 3.18
CA THR A 68 -0.12 -15.06 4.40
C THR A 68 1.19 -15.73 4.04
N SER A 69 1.14 -16.66 3.09
CA SER A 69 2.33 -17.37 2.64
C SER A 69 3.35 -16.40 2.03
N ALA A 70 4.04 -15.65 2.87
CA ALA A 70 5.01 -14.68 2.40
C ALA A 70 5.99 -14.26 3.48
N GLU A 71 7.16 -13.77 3.05
CA GLU A 71 8.19 -13.31 3.99
C GLU A 71 8.70 -11.94 3.58
N VAL A 72 9.13 -11.15 4.56
CA VAL A 72 9.66 -9.82 4.30
C VAL A 72 11.06 -9.88 3.71
N ILE A 73 11.23 -9.21 2.58
CA ILE A 73 12.52 -9.18 1.91
C ILE A 73 13.14 -7.79 2.02
N ALA A 74 12.30 -6.81 2.32
CA ALA A 74 12.77 -5.43 2.45
C ALA A 74 11.70 -4.52 3.04
N GLU A 75 12.07 -3.26 3.25
CA GLU A 75 11.15 -2.27 3.81
C GLU A 75 11.59 -0.86 3.43
N VAL A 76 10.62 0.05 3.28
CA VAL A 76 10.93 1.42 2.91
C VAL A 76 11.58 2.16 4.08
N PRO A 77 12.60 2.98 3.80
CA PRO A 77 13.32 3.74 4.82
C PRO A 77 12.45 4.81 5.48
N TYR A 78 11.84 5.65 4.66
CA TYR A 78 11.00 6.72 5.18
C TYR A 78 9.52 6.39 5.10
N TRP A 79 8.70 7.28 5.66
CA TRP A 79 7.26 7.12 5.68
C TRP A 79 6.60 7.81 4.49
N LEU A 80 6.35 7.05 3.44
CA LEU A 80 5.71 7.62 2.25
C LEU A 80 4.37 8.24 2.59
N THR A 81 4.30 9.57 2.52
CA THR A 81 3.08 10.30 2.84
C THR A 81 2.42 10.85 1.58
N TYR A 82 1.58 11.86 1.74
CA TYR A 82 0.88 12.47 0.61
C TYR A 82 0.19 13.77 1.00
N ASP A 83 0.86 14.56 1.83
CA ASP A 83 0.32 15.84 2.28
C ASP A 83 0.34 16.87 1.15
N PHE A 84 -0.43 17.95 1.32
CA PHE A 84 -0.48 19.02 0.32
C PHE A 84 0.39 20.20 0.75
N PRO A 85 0.78 21.09 -0.20
CA PRO A 85 1.61 22.26 0.11
C PRO A 85 0.93 23.17 1.15
N PRO A 86 1.53 24.34 1.45
CA PRO A 86 0.97 25.27 2.43
C PRO A 86 -0.31 25.95 1.97
N LYS A 87 -0.66 25.79 0.69
CA LYS A 87 -1.87 26.41 0.15
C LYS A 87 -3.02 25.41 0.09
N VAL A 88 -2.77 24.26 -0.55
CA VAL A 88 -3.80 23.23 -0.65
C VAL A 88 -4.04 22.54 0.69
N ARG A 89 -3.19 22.84 1.66
CA ARG A 89 -3.30 22.25 2.99
C ARG A 89 -4.55 22.75 3.72
N GLU A 90 -5.31 23.65 3.10
CA GLU A 90 -6.53 24.17 3.71
C GLU A 90 -7.76 23.73 2.94
N LYS A 91 -7.57 23.38 1.66
CA LYS A 91 -8.68 22.94 0.82
C LYS A 91 -8.83 21.42 0.86
N LEU A 92 -7.75 20.72 1.20
CA LEU A 92 -7.77 19.27 1.26
C LEU A 92 -7.41 18.77 2.66
N ASN A 93 -6.26 19.18 3.15
CA ASN A 93 -5.79 18.76 4.47
C ASN A 93 -6.86 19.00 5.55
N ILE A 94 -7.29 20.25 5.68
CA ILE A 94 -8.31 20.59 6.66
C ILE A 94 -9.65 19.95 6.28
N GLN A 95 -9.73 19.45 5.05
CA GLN A 95 -10.96 18.82 4.56
C GLN A 95 -11.13 17.41 5.13
N TRP A 96 -10.13 16.93 5.86
CA TRP A 96 -10.20 15.60 6.45
C TRP A 96 -10.86 15.65 7.84
N GLY A 97 -11.56 16.74 8.12
CA GLY A 97 -12.20 16.86 9.42
C GLY A 97 -11.24 17.28 10.52
N SER A 98 -9.97 17.48 10.16
CA SER A 98 -8.92 17.88 11.10
C SER A 98 -8.25 16.67 11.74
N ASP A 99 -7.06 16.90 12.30
CA ASP A 99 -6.30 15.85 12.96
C ASP A 99 -5.84 14.76 11.98
N TRP A 100 -5.82 15.08 10.70
CA TRP A 100 -5.40 14.09 9.69
C TRP A 100 -4.13 14.54 8.96
N LYS A 101 -3.97 15.87 8.83
CA LYS A 101 -2.82 16.47 8.14
C LYS A 101 -2.04 15.53 7.22
N GLY A 102 -2.75 14.90 6.29
CA GLY A 102 -2.10 14.03 5.33
C GLY A 102 -2.21 12.56 5.66
N GLN A 103 -1.37 11.76 5.01
CA GLN A 103 -1.36 10.32 5.20
C GLN A 103 0.06 9.78 5.11
N ALA A 104 0.66 9.50 6.27
CA ALA A 104 2.02 8.97 6.31
C ALA A 104 2.00 7.46 6.29
N GLN A 105 2.49 6.89 5.20
CA GLN A 105 2.49 5.44 5.04
C GLN A 105 3.86 4.87 4.71
N LYS A 106 4.22 3.81 5.42
CA LYS A 106 5.48 3.13 5.19
C LYS A 106 5.21 1.81 4.48
N TRP A 107 5.95 1.55 3.40
CA TRP A 107 5.76 0.34 2.62
C TRP A 107 6.79 -0.73 2.97
N PHE A 108 6.48 -1.98 2.62
CA PHE A 108 7.36 -3.09 2.90
C PHE A 108 7.41 -4.08 1.73
N LEU A 109 8.52 -4.78 1.60
CA LEU A 109 8.70 -5.76 0.53
C LEU A 109 8.44 -7.17 1.06
N PHE A 110 7.70 -7.96 0.31
CA PHE A 110 7.36 -9.32 0.74
C PHE A 110 7.48 -10.34 -0.39
N LYS A 111 7.92 -11.54 -0.01
CA LYS A 111 8.04 -12.64 -0.96
C LYS A 111 6.88 -13.62 -0.75
N PHE A 112 6.07 -13.83 -1.78
CA PHE A 112 4.94 -14.75 -1.68
C PHE A 112 5.41 -16.19 -1.78
N THR A 113 5.53 -16.87 -0.65
CA THR A 113 5.98 -18.26 -0.62
C THR A 113 4.78 -19.21 -0.54
N GLY A 114 3.77 -18.94 -1.36
CA GLY A 114 2.59 -19.77 -1.38
C GLY A 114 2.00 -19.90 -2.77
N GLN A 115 0.68 -20.03 -2.85
CA GLN A 115 0.00 -20.15 -4.13
C GLN A 115 -0.99 -19.01 -4.34
N ASP A 116 -1.20 -18.64 -5.60
CA ASP A 116 -2.10 -17.54 -5.95
C ASP A 116 -3.52 -17.84 -5.49
N GLN A 117 -3.90 -19.09 -5.63
CA GLN A 117 -5.23 -19.56 -5.26
C GLN A 117 -5.57 -19.25 -3.80
N GLU A 118 -4.63 -18.67 -3.05
CA GLU A 118 -4.89 -18.33 -1.66
C GLU A 118 -5.45 -16.92 -1.54
N ILE A 119 -5.26 -16.13 -2.59
CA ILE A 119 -5.76 -14.77 -2.64
C ILE A 119 -7.21 -14.74 -3.10
N ASN A 120 -8.12 -14.48 -2.16
CA ASN A 120 -9.54 -14.44 -2.49
C ASN A 120 -10.03 -13.00 -2.63
N LEU A 121 -9.34 -12.07 -1.97
CA LEU A 121 -9.71 -10.65 -2.00
C LEU A 121 -10.89 -10.36 -1.07
N LEU A 122 -11.80 -11.31 -0.96
CA LEU A 122 -12.98 -11.15 -0.10
C LEU A 122 -12.57 -11.00 1.36
N GLY A 123 -13.53 -10.59 2.19
CA GLY A 123 -13.26 -10.42 3.61
C GLY A 123 -14.49 -10.61 4.47
N ASP A 124 -15.59 -10.97 3.84
CA ASP A 124 -16.86 -11.18 4.55
C ASP A 124 -17.18 -10.02 5.47
N GLY A 125 -16.91 -8.81 5.00
CA GLY A 125 -17.16 -7.61 5.79
C GLY A 125 -18.64 -7.26 5.88
N SER A 126 -19.50 -8.09 5.28
CA SER A 126 -20.93 -7.85 5.30
C SER A 126 -21.28 -6.57 4.55
N GLU A 127 -20.42 -6.18 3.60
CA GLU A 127 -20.63 -4.98 2.81
C GLU A 127 -20.08 -5.16 1.40
N LYS A 128 -18.78 -5.44 1.31
CA LYS A 128 -18.14 -5.65 0.03
C LYS A 128 -16.66 -5.98 0.21
N PRO A 129 -16.07 -6.68 -0.76
CA PRO A 129 -14.66 -7.06 -0.72
C PRO A 129 -13.74 -5.86 -0.96
N GLU A 130 -12.44 -6.13 -1.03
CA GLU A 130 -11.44 -5.08 -1.25
C GLU A 130 -11.14 -4.91 -2.72
N PHE A 131 -10.44 -5.89 -3.29
CA PHE A 131 -10.07 -5.83 -4.70
C PHE A 131 -10.94 -6.77 -5.51
N GLY A 132 -11.28 -6.34 -6.71
CA GLY A 132 -12.12 -7.14 -7.58
C GLY A 132 -11.32 -8.14 -8.38
N GLU A 133 -10.13 -7.72 -8.80
CA GLU A 133 -9.25 -8.58 -9.58
C GLU A 133 -7.80 -8.29 -9.24
N TRP A 134 -6.98 -9.33 -9.25
CA TRP A 134 -5.56 -9.17 -8.96
C TRP A 134 -4.70 -9.94 -9.95
N SER A 135 -3.38 -9.72 -9.88
CA SER A 135 -2.46 -10.38 -10.81
C SER A 135 -1.00 -10.24 -10.39
N TRP A 136 -0.12 -10.84 -11.18
CA TRP A 136 1.33 -10.78 -10.96
C TRP A 136 1.98 -10.01 -12.10
N VAL A 137 2.34 -8.76 -11.82
CA VAL A 137 2.97 -7.93 -12.83
C VAL A 137 4.35 -7.48 -12.33
N THR A 138 5.14 -6.87 -13.21
CA THR A 138 6.45 -6.39 -12.81
C THR A 138 6.31 -5.12 -11.98
N PRO A 139 7.41 -4.64 -11.41
CA PRO A 139 7.39 -3.42 -10.62
C PRO A 139 6.97 -2.23 -11.48
N GLU A 140 7.67 -2.04 -12.57
CA GLU A 140 7.38 -0.97 -13.51
C GLU A 140 6.00 -1.15 -14.15
N GLN A 141 5.57 -2.39 -14.31
CA GLN A 141 4.27 -2.68 -14.89
C GLN A 141 3.15 -2.32 -13.92
N LEU A 142 3.33 -2.67 -12.65
CA LEU A 142 2.34 -2.35 -11.64
C LEU A 142 2.15 -0.85 -11.56
N ILE A 143 3.25 -0.12 -11.68
CA ILE A 143 3.20 1.33 -11.64
C ILE A 143 2.38 1.86 -12.81
N ASP A 144 2.52 1.21 -13.96
CA ASP A 144 1.78 1.61 -15.15
C ASP A 144 0.30 1.31 -14.99
N LEU A 145 0.01 0.07 -14.61
CA LEU A 145 -1.35 -0.38 -14.43
C LEU A 145 -2.00 0.19 -13.16
N THR A 146 -1.19 0.65 -12.22
CA THR A 146 -1.75 1.20 -10.98
C THR A 146 -2.33 2.59 -11.21
N VAL A 147 -3.00 3.11 -10.18
CA VAL A 147 -3.61 4.42 -10.27
C VAL A 147 -2.60 5.53 -9.99
N GLU A 148 -2.76 6.67 -10.67
CA GLU A 148 -1.87 7.81 -10.51
C GLU A 148 -1.63 8.13 -9.03
N PHE A 149 -2.72 8.25 -8.29
CA PHE A 149 -2.65 8.57 -6.85
C PHE A 149 -1.68 7.67 -6.10
N LYS A 150 -1.21 6.59 -6.72
CA LYS A 150 -0.29 5.67 -6.04
C LYS A 150 0.87 5.25 -6.93
N LYS A 151 0.88 5.69 -8.18
CA LYS A 151 1.96 5.35 -9.10
C LYS A 151 3.32 5.82 -8.57
N PRO A 152 3.48 7.14 -8.35
CA PRO A 152 4.74 7.71 -7.83
C PRO A 152 5.02 7.23 -6.42
N VAL A 153 3.97 6.90 -5.68
CA VAL A 153 4.13 6.40 -4.33
C VAL A 153 4.77 5.04 -4.40
N TYR A 154 4.20 4.18 -5.24
CA TYR A 154 4.71 2.84 -5.44
C TYR A 154 6.07 2.90 -6.12
N LYS A 155 6.20 3.83 -7.06
CA LYS A 155 7.44 4.03 -7.79
C LYS A 155 8.60 4.28 -6.85
N GLU A 156 8.35 5.09 -5.82
CA GLU A 156 9.36 5.40 -4.85
C GLU A 156 9.64 4.16 -4.02
N VAL A 157 8.59 3.36 -3.84
CA VAL A 157 8.70 2.12 -3.09
C VAL A 157 9.59 1.15 -3.85
N LEU A 158 9.41 1.08 -5.17
CA LEU A 158 10.20 0.19 -6.00
C LEU A 158 11.67 0.60 -5.97
N SER A 159 11.91 1.91 -5.99
CA SER A 159 13.26 2.44 -5.95
C SER A 159 13.96 1.91 -4.71
N VAL A 160 13.22 1.89 -3.61
CA VAL A 160 13.75 1.38 -2.36
C VAL A 160 13.97 -0.12 -2.50
N PHE A 161 12.99 -0.77 -3.10
CA PHE A 161 13.02 -2.21 -3.32
C PHE A 161 13.85 -2.61 -4.54
N ALA A 162 14.55 -1.65 -5.14
CA ALA A 162 15.37 -1.95 -6.31
C ALA A 162 16.43 -2.99 -5.96
N PRO A 163 17.18 -2.78 -4.87
CA PRO A 163 18.20 -3.73 -4.45
C PRO A 163 17.61 -5.11 -4.14
N HIS A 164 16.28 -5.16 -4.05
CA HIS A 164 15.58 -6.41 -3.76
C HIS A 164 14.83 -6.92 -4.98
N LEU A 165 14.56 -6.03 -5.93
CA LEU A 165 13.85 -6.39 -7.14
C LEU A 165 14.83 -6.63 -8.29
N GLY A 1 -1.79 15.36 -3.25
CA GLY A 1 -0.68 15.92 -4.05
C GLY A 1 0.60 15.12 -3.88
N PRO A 2 1.71 15.57 -4.50
CA PRO A 2 3.00 14.88 -4.41
C PRO A 2 3.40 14.64 -2.95
N LEU A 3 3.84 13.43 -2.65
CA LEU A 3 4.25 13.11 -1.28
C LEU A 3 5.75 13.31 -1.11
N GLY A 4 6.12 13.83 0.06
CA GLY A 4 7.52 14.08 0.37
C GLY A 4 8.15 12.96 1.17
N SER A 5 7.46 11.83 1.26
CA SER A 5 7.96 10.67 2.00
C SER A 5 8.29 11.02 3.45
N MET A 6 9.53 11.44 3.67
CA MET A 6 10.00 11.80 5.02
C MET A 6 10.06 10.58 5.91
N ASP A 7 11.23 10.30 6.46
CA ASP A 7 11.41 9.15 7.34
C ASP A 7 10.68 9.37 8.66
N SER A 8 10.63 10.63 9.10
CA SER A 8 9.95 10.97 10.34
C SER A 8 8.58 11.59 10.05
N PRO A 9 7.53 11.15 10.75
CA PRO A 9 6.18 11.68 10.55
C PRO A 9 6.00 13.08 11.13
N PRO A 10 5.99 14.09 10.26
CA PRO A 10 5.82 15.49 10.68
C PRO A 10 4.65 15.70 11.62
N GLU A 11 4.64 16.84 12.29
CA GLU A 11 3.58 17.18 13.24
C GLU A 11 2.20 17.01 12.62
N GLY A 12 1.32 16.31 13.34
CA GLY A 12 -0.03 16.08 12.84
C GLY A 12 -0.05 15.52 11.43
N TYR A 13 0.01 14.20 11.34
CA TYR A 13 0.00 13.50 10.06
C TYR A 13 -0.55 12.10 10.23
N ARG A 14 -1.12 11.55 9.17
CA ARG A 14 -1.68 10.20 9.25
C ARG A 14 -0.59 9.18 9.50
N ARG A 15 -0.87 7.94 9.15
CA ARG A 15 0.07 6.86 9.37
C ARG A 15 -0.52 5.54 8.87
N ASN A 16 -0.09 5.14 7.69
CA ASN A 16 -0.56 3.91 7.06
C ASN A 16 0.62 3.08 6.58
N VAL A 17 0.36 1.86 6.15
CA VAL A 17 1.42 1.00 5.63
C VAL A 17 1.01 0.33 4.34
N GLY A 18 2.00 -0.17 3.62
CA GLY A 18 1.73 -0.85 2.37
C GLY A 18 2.58 -2.08 2.24
N ILE A 19 2.14 -3.02 1.41
CA ILE A 19 2.89 -4.25 1.22
C ILE A 19 3.15 -4.56 -0.25
N CYS A 20 4.43 -4.61 -0.60
CA CYS A 20 4.82 -4.95 -1.95
C CYS A 20 5.16 -6.43 -1.99
N LEU A 21 4.20 -7.21 -2.44
CA LEU A 21 4.36 -8.65 -2.48
C LEU A 21 4.74 -9.15 -3.87
N MET A 22 5.92 -9.73 -3.96
CA MET A 22 6.40 -10.26 -5.23
C MET A 22 6.66 -11.76 -5.14
N ASN A 23 6.74 -12.41 -6.29
CA ASN A 23 6.99 -13.85 -6.33
C ASN A 23 8.47 -14.11 -6.51
N ASN A 24 8.85 -15.37 -6.38
CA ASN A 24 10.23 -15.77 -6.59
C ASN A 24 10.72 -15.38 -7.99
N ASP A 25 9.80 -14.86 -8.81
CA ASP A 25 10.11 -14.46 -10.18
C ASP A 25 10.34 -12.96 -10.29
N LYS A 26 10.30 -12.27 -9.16
CA LYS A 26 10.47 -10.82 -9.13
C LYS A 26 9.23 -10.14 -9.67
N LYS A 27 8.11 -10.85 -9.65
CA LYS A 27 6.86 -10.31 -10.12
C LYS A 27 6.12 -9.70 -8.94
N ILE A 28 5.44 -8.59 -9.18
CA ILE A 28 4.72 -7.89 -8.12
C ILE A 28 3.24 -8.22 -8.12
N PHE A 29 2.69 -8.42 -6.92
CA PHE A 29 1.28 -8.70 -6.76
C PHE A 29 0.49 -7.41 -6.96
N ALA A 30 -0.63 -7.50 -7.69
CA ALA A 30 -1.45 -6.32 -7.94
C ALA A 30 -2.92 -6.66 -7.88
N ALA A 31 -3.74 -5.68 -7.51
CA ALA A 31 -5.18 -5.87 -7.41
C ALA A 31 -5.93 -4.64 -7.91
N SER A 32 -7.00 -4.89 -8.65
CA SER A 32 -7.81 -3.80 -9.19
C SER A 32 -9.01 -3.51 -8.27
N ARG A 33 -9.38 -2.24 -8.17
CA ARG A 33 -10.49 -1.85 -7.32
C ARG A 33 -11.81 -2.33 -7.88
N LEU A 34 -12.65 -2.86 -7.00
CA LEU A 34 -13.96 -3.39 -7.37
C LEU A 34 -14.64 -2.47 -8.37
N ASP A 35 -14.66 -1.19 -8.05
CA ASP A 35 -15.28 -0.17 -8.90
C ASP A 35 -14.47 0.09 -10.17
N ILE A 36 -13.15 -0.02 -10.07
CA ILE A 36 -12.29 0.23 -11.22
C ILE A 36 -11.42 -0.98 -11.54
N PRO A 37 -11.70 -1.67 -12.67
CA PRO A 37 -10.93 -2.85 -13.08
C PRO A 37 -9.58 -2.48 -13.68
N ASP A 38 -9.44 -1.22 -14.10
CA ASP A 38 -8.19 -0.75 -14.69
C ASP A 38 -7.27 -0.15 -13.63
N ALA A 39 -7.80 0.05 -12.42
CA ALA A 39 -7.01 0.60 -11.33
C ALA A 39 -6.35 -0.51 -10.52
N TRP A 40 -5.09 -0.79 -10.83
CA TRP A 40 -4.33 -1.83 -10.15
C TRP A 40 -3.59 -1.26 -8.96
N GLN A 41 -3.43 -2.05 -7.91
CA GLN A 41 -2.74 -1.59 -6.72
C GLN A 41 -2.13 -2.73 -5.93
N MET A 42 -1.31 -2.38 -4.97
CA MET A 42 -0.65 -3.35 -4.10
C MET A 42 -1.27 -3.32 -2.71
N PRO A 43 -1.32 -4.47 -2.02
CA PRO A 43 -1.89 -4.56 -0.68
C PRO A 43 -1.33 -3.47 0.23
N GLN A 44 -2.21 -2.86 1.01
CA GLN A 44 -1.80 -1.79 1.92
C GLN A 44 -2.95 -1.37 2.83
N GLY A 45 -2.60 -0.82 3.99
CA GLY A 45 -3.61 -0.38 4.93
C GLY A 45 -3.06 0.69 5.85
N GLY A 46 -3.77 0.96 6.93
CA GLY A 46 -3.32 1.98 7.87
C GLY A 46 -2.53 1.42 9.03
N ILE A 47 -2.64 2.08 10.17
CA ILE A 47 -1.93 1.69 11.39
C ILE A 47 -2.55 2.35 12.61
N ASP A 48 -2.92 1.56 13.60
CA ASP A 48 -3.52 2.09 14.83
C ASP A 48 -2.48 2.78 15.69
N GLU A 49 -2.95 3.48 16.71
CA GLU A 49 -2.07 4.21 17.63
C GLU A 49 -0.88 3.34 18.08
N GLY A 50 -1.18 2.24 18.76
CA GLY A 50 -0.14 1.35 19.24
C GLY A 50 0.07 0.13 18.36
N GLU A 51 0.06 0.34 17.05
CA GLU A 51 0.25 -0.74 16.10
C GLU A 51 1.48 -0.48 15.23
N ASP A 52 2.37 -1.46 15.16
CA ASP A 52 3.57 -1.32 14.35
C ASP A 52 3.20 -1.31 12.88
N PRO A 53 4.11 -0.87 12.00
CA PRO A 53 3.86 -0.81 10.56
C PRO A 53 3.93 -2.17 9.90
N ARG A 54 5.00 -2.89 10.22
CA ARG A 54 5.22 -4.22 9.69
C ARG A 54 4.05 -5.13 9.97
N ASN A 55 3.55 -5.07 11.19
CA ASN A 55 2.42 -5.89 11.59
C ASN A 55 1.17 -5.48 10.82
N ALA A 56 0.93 -4.17 10.74
CA ALA A 56 -0.22 -3.66 10.03
C ALA A 56 -0.09 -4.04 8.56
N ALA A 57 1.10 -3.88 8.02
CA ALA A 57 1.37 -4.24 6.64
C ALA A 57 1.04 -5.71 6.41
N ILE A 58 1.74 -6.57 7.14
CA ILE A 58 1.53 -8.00 7.05
C ILE A 58 0.07 -8.37 7.28
N ARG A 59 -0.51 -7.84 8.35
CA ARG A 59 -1.91 -8.12 8.67
C ARG A 59 -2.84 -7.59 7.60
N GLU A 60 -2.85 -6.27 7.42
CA GLU A 60 -3.69 -5.63 6.41
C GLU A 60 -3.66 -6.44 5.12
N LEU A 61 -2.45 -6.77 4.68
CA LEU A 61 -2.27 -7.57 3.48
C LEU A 61 -3.13 -8.83 3.55
N ARG A 62 -3.06 -9.53 4.68
CA ARG A 62 -3.85 -10.74 4.87
C ARG A 62 -5.33 -10.44 4.84
N GLU A 63 -5.80 -9.68 5.84
CA GLU A 63 -7.20 -9.33 5.94
C GLU A 63 -7.80 -8.80 4.64
N GLU A 64 -6.95 -8.35 3.72
CA GLU A 64 -7.42 -7.79 2.47
C GLU A 64 -7.36 -8.79 1.30
N THR A 65 -6.35 -9.64 1.27
CA THR A 65 -6.22 -10.60 0.16
C THR A 65 -6.15 -12.04 0.65
N GLY A 66 -6.05 -12.23 1.95
CA GLY A 66 -5.92 -13.57 2.49
C GLY A 66 -4.51 -14.08 2.38
N VAL A 67 -3.69 -13.39 1.60
CA VAL A 67 -2.30 -13.76 1.40
C VAL A 67 -1.55 -13.82 2.72
N THR A 68 -0.99 -14.98 3.00
CA THR A 68 -0.22 -15.18 4.20
C THR A 68 1.10 -15.85 3.87
N SER A 69 1.05 -16.79 2.93
CA SER A 69 2.25 -17.51 2.49
C SER A 69 3.27 -16.55 1.90
N ALA A 70 3.89 -15.76 2.74
CA ALA A 70 4.88 -14.80 2.29
C ALA A 70 5.82 -14.35 3.41
N GLU A 71 7.02 -13.94 3.02
CA GLU A 71 8.03 -13.46 3.98
C GLU A 71 8.55 -12.10 3.53
N VAL A 72 8.99 -11.29 4.48
CA VAL A 72 9.53 -9.97 4.16
C VAL A 72 10.93 -10.07 3.58
N ILE A 73 11.14 -9.36 2.49
CA ILE A 73 12.43 -9.33 1.83
C ILE A 73 13.09 -7.97 2.02
N ALA A 74 12.27 -6.99 2.35
CA ALA A 74 12.74 -5.63 2.55
C ALA A 74 11.68 -4.73 3.15
N GLU A 75 12.05 -3.49 3.45
CA GLU A 75 11.13 -2.53 4.04
C GLU A 75 11.55 -1.11 3.66
N VAL A 76 10.57 -0.22 3.47
CA VAL A 76 10.87 1.16 3.12
C VAL A 76 11.45 1.92 4.30
N PRO A 77 12.54 2.68 4.05
CA PRO A 77 13.21 3.46 5.09
C PRO A 77 12.36 4.61 5.62
N TYR A 78 11.93 5.48 4.73
CA TYR A 78 11.13 6.64 5.10
C TYR A 78 9.64 6.38 4.90
N TRP A 79 8.83 7.38 5.25
CA TRP A 79 7.39 7.28 5.11
C TRP A 79 6.93 7.90 3.79
N LEU A 80 5.66 8.29 3.70
CA LEU A 80 5.12 8.89 2.47
C LEU A 80 3.85 9.67 2.79
N THR A 81 3.98 10.99 2.83
CA THR A 81 2.86 11.89 3.14
C THR A 81 2.48 12.78 1.96
N TYR A 82 1.42 12.41 1.24
CA TYR A 82 0.98 13.24 0.12
C TYR A 82 0.10 14.39 0.58
N ASP A 83 0.71 15.54 0.87
CA ASP A 83 -0.04 16.70 1.31
C ASP A 83 -0.90 17.25 0.15
N PHE A 84 -0.94 18.57 -0.03
CA PHE A 84 -1.73 19.19 -1.10
C PHE A 84 -1.50 20.70 -1.09
N PRO A 85 -1.72 21.40 -2.23
CA PRO A 85 -1.55 22.85 -2.32
C PRO A 85 -2.47 23.56 -1.33
N PRO A 86 -2.48 24.91 -1.33
CA PRO A 86 -3.32 25.68 -0.41
C PRO A 86 -4.82 25.51 -0.67
N LYS A 87 -5.16 24.90 -1.79
CA LYS A 87 -6.57 24.69 -2.14
C LYS A 87 -7.10 23.40 -1.52
N VAL A 88 -6.52 22.27 -1.92
CA VAL A 88 -6.96 20.97 -1.39
C VAL A 88 -6.55 20.81 0.07
N ARG A 89 -5.57 21.58 0.51
CA ARG A 89 -5.09 21.52 1.89
C ARG A 89 -6.27 21.58 2.86
N GLU A 90 -7.36 22.20 2.41
CA GLU A 90 -8.56 22.34 3.23
C GLU A 90 -9.22 20.98 3.45
N LYS A 91 -9.70 20.38 2.36
CA LYS A 91 -10.36 19.08 2.46
C LYS A 91 -9.36 18.00 2.88
N LEU A 92 -8.07 18.37 2.97
CA LEU A 92 -7.02 17.45 3.37
C LEU A 92 -6.68 17.66 4.85
N ASN A 93 -6.17 18.85 5.17
CA ASN A 93 -5.78 19.16 6.55
C ASN A 93 -6.98 19.57 7.41
N ILE A 94 -7.75 20.52 6.91
CA ILE A 94 -8.90 21.04 7.63
C ILE A 94 -10.01 19.99 7.76
N GLN A 95 -9.85 18.86 7.07
CA GLN A 95 -10.83 17.78 7.14
C GLN A 95 -10.62 16.93 8.40
N TRP A 96 -9.58 17.25 9.17
CA TRP A 96 -9.27 16.50 10.39
C TRP A 96 -9.60 17.32 11.63
N GLY A 97 -9.01 18.51 11.72
CA GLY A 97 -9.23 19.36 12.87
C GLY A 97 -8.32 20.58 12.87
N SER A 98 -7.07 20.38 13.33
CA SER A 98 -6.11 21.47 13.39
C SER A 98 -4.71 20.96 13.71
N ASP A 99 -4.47 19.72 13.37
CA ASP A 99 -3.18 19.08 13.59
C ASP A 99 -2.73 18.38 12.32
N TRP A 100 -3.59 17.52 11.81
CA TRP A 100 -3.32 16.77 10.59
C TRP A 100 -2.94 17.70 9.44
N LYS A 101 -2.76 17.13 8.25
CA LYS A 101 -2.39 17.90 7.06
C LYS A 101 -1.88 17.01 5.92
N GLY A 102 -2.00 15.70 6.07
CA GLY A 102 -1.55 14.79 5.04
C GLY A 102 -1.69 13.34 5.48
N GLN A 103 -0.99 12.43 4.83
CA GLN A 103 -1.07 11.02 5.19
C GLN A 103 0.27 10.31 4.98
N ALA A 104 0.85 9.80 6.06
CA ALA A 104 2.13 9.11 5.98
C ALA A 104 1.95 7.60 5.83
N GLN A 105 2.52 7.05 4.75
CA GLN A 105 2.41 5.62 4.48
C GLN A 105 3.78 5.00 4.22
N LYS A 106 4.15 4.05 5.07
CA LYS A 106 5.42 3.33 4.94
C LYS A 106 5.15 1.96 4.36
N TRP A 107 5.87 1.60 3.30
CA TRP A 107 5.65 0.32 2.64
C TRP A 107 6.69 -0.73 3.01
N PHE A 108 6.37 -1.98 2.68
CA PHE A 108 7.25 -3.11 2.97
C PHE A 108 7.30 -4.07 1.79
N LEU A 109 8.39 -4.81 1.65
CA LEU A 109 8.55 -5.78 0.57
C LEU A 109 8.27 -7.19 1.07
N PHE A 110 7.58 -7.99 0.27
CA PHE A 110 7.25 -9.35 0.70
C PHE A 110 7.35 -10.37 -0.43
N LYS A 111 7.76 -11.57 -0.08
CA LYS A 111 7.87 -12.66 -1.03
C LYS A 111 6.73 -13.64 -0.84
N PHE A 112 5.96 -13.88 -1.89
CA PHE A 112 4.84 -14.82 -1.83
C PHE A 112 5.35 -16.26 -1.90
N THR A 113 5.53 -16.88 -0.73
CA THR A 113 6.02 -18.24 -0.66
C THR A 113 4.85 -19.23 -0.56
N GLY A 114 3.89 -19.08 -1.47
CA GLY A 114 2.74 -19.96 -1.50
C GLY A 114 2.15 -20.12 -2.88
N GLN A 115 0.84 -20.20 -2.97
CA GLN A 115 0.15 -20.33 -4.26
C GLN A 115 -0.90 -19.23 -4.46
N ASP A 116 -1.12 -18.86 -5.70
CA ASP A 116 -2.09 -17.81 -6.05
C ASP A 116 -3.47 -18.16 -5.52
N GLN A 117 -3.80 -19.43 -5.62
CA GLN A 117 -5.10 -19.94 -5.16
C GLN A 117 -5.34 -19.65 -3.68
N GLU A 118 -4.34 -19.09 -2.99
CA GLU A 118 -4.48 -18.76 -1.58
C GLU A 118 -5.03 -17.35 -1.43
N ILE A 119 -4.96 -16.57 -2.49
CA ILE A 119 -5.45 -15.21 -2.49
C ILE A 119 -6.97 -15.16 -2.64
N ASN A 120 -7.66 -14.99 -1.52
CA ASN A 120 -9.11 -14.92 -1.53
C ASN A 120 -9.58 -13.49 -1.26
N LEU A 121 -9.77 -12.72 -2.32
CA LEU A 121 -10.21 -11.34 -2.17
C LEU A 121 -11.67 -11.29 -1.70
N LEU A 122 -12.35 -12.43 -1.79
CA LEU A 122 -13.76 -12.51 -1.39
C LEU A 122 -13.92 -13.27 -0.07
N GLY A 123 -15.17 -13.66 0.22
CA GLY A 123 -15.45 -14.39 1.44
C GLY A 123 -16.46 -13.67 2.32
N ASP A 124 -17.51 -14.37 2.72
CA ASP A 124 -18.54 -13.80 3.57
C ASP A 124 -19.17 -12.57 2.91
N GLY A 125 -20.13 -11.96 3.60
CA GLY A 125 -20.78 -10.78 3.07
C GLY A 125 -19.83 -9.61 2.93
N SER A 126 -19.64 -8.88 4.02
CA SER A 126 -18.75 -7.73 4.02
C SER A 126 -19.20 -6.69 3.00
N GLU A 127 -20.44 -6.81 2.50
CA GLU A 127 -20.96 -5.87 1.52
C GLU A 127 -20.28 -6.04 0.16
N LYS A 128 -18.96 -6.22 0.18
CA LYS A 128 -18.19 -6.40 -1.04
C LYS A 128 -16.73 -6.64 -0.72
N PRO A 129 -15.99 -7.26 -1.65
CA PRO A 129 -14.57 -7.54 -1.45
C PRO A 129 -13.76 -6.24 -1.39
N GLU A 130 -12.44 -6.38 -1.35
CA GLU A 130 -11.56 -5.22 -1.30
C GLU A 130 -11.00 -4.94 -2.68
N PHE A 131 -10.76 -6.01 -3.42
CA PHE A 131 -10.26 -5.93 -4.79
C PHE A 131 -11.08 -6.87 -5.66
N GLY A 132 -11.40 -6.40 -6.84
CA GLY A 132 -12.19 -7.22 -7.74
C GLY A 132 -11.37 -8.30 -8.41
N GLU A 133 -10.11 -7.97 -8.70
CA GLU A 133 -9.20 -8.91 -9.35
C GLU A 133 -7.76 -8.56 -9.06
N TRP A 134 -6.89 -9.56 -9.07
CA TRP A 134 -5.47 -9.34 -8.82
C TRP A 134 -4.60 -10.06 -9.84
N SER A 135 -3.34 -9.67 -9.93
CA SER A 135 -2.40 -10.27 -10.88
C SER A 135 -0.95 -10.06 -10.47
N TRP A 136 -0.07 -10.80 -11.14
CA TRP A 136 1.37 -10.67 -10.88
C TRP A 136 2.02 -9.87 -12.00
N VAL A 137 2.31 -8.60 -11.73
CA VAL A 137 2.94 -7.74 -12.72
C VAL A 137 4.29 -7.28 -12.22
N THR A 138 5.12 -6.75 -13.11
CA THR A 138 6.44 -6.28 -12.71
C THR A 138 6.33 -5.01 -11.89
N PRO A 139 7.42 -4.58 -11.26
CA PRO A 139 7.41 -3.36 -10.44
C PRO A 139 7.01 -2.16 -11.28
N GLU A 140 7.77 -1.90 -12.32
CA GLU A 140 7.48 -0.79 -13.22
C GLU A 140 6.12 -1.00 -13.90
N GLN A 141 5.71 -2.25 -14.04
CA GLN A 141 4.43 -2.57 -14.68
C GLN A 141 3.28 -2.20 -13.75
N LEU A 142 3.40 -2.60 -12.48
CA LEU A 142 2.37 -2.29 -11.51
C LEU A 142 2.15 -0.79 -11.47
N ILE A 143 3.25 -0.04 -11.51
CA ILE A 143 3.15 1.41 -11.49
C ILE A 143 2.37 1.91 -12.70
N ASP A 144 2.52 1.22 -13.82
CA ASP A 144 1.82 1.59 -15.04
C ASP A 144 0.33 1.26 -14.93
N LEU A 145 0.06 0.03 -14.55
CA LEU A 145 -1.32 -0.46 -14.41
C LEU A 145 -2.01 0.11 -13.19
N THR A 146 -1.24 0.57 -12.20
CA THR A 146 -1.83 1.12 -10.99
C THR A 146 -2.42 2.50 -11.26
N VAL A 147 -3.08 3.05 -10.24
CA VAL A 147 -3.70 4.36 -10.37
C VAL A 147 -2.65 5.47 -10.21
N GLU A 148 -2.98 6.66 -10.70
CA GLU A 148 -2.08 7.79 -10.60
C GLU A 148 -1.76 8.12 -9.15
N PHE A 149 -2.82 8.29 -8.35
CA PHE A 149 -2.69 8.62 -6.93
C PHE A 149 -1.79 7.64 -6.17
N LYS A 150 -1.35 6.55 -6.81
CA LYS A 150 -0.51 5.57 -6.12
C LYS A 150 0.71 5.18 -6.95
N LYS A 151 0.79 5.65 -8.18
CA LYS A 151 1.93 5.34 -9.05
C LYS A 151 3.23 5.89 -8.45
N PRO A 152 3.26 7.20 -8.11
CA PRO A 152 4.45 7.81 -7.51
C PRO A 152 4.71 7.28 -6.11
N VAL A 153 3.64 6.88 -5.43
CA VAL A 153 3.75 6.33 -4.10
C VAL A 153 4.45 4.98 -4.19
N TYR A 154 3.90 4.13 -5.06
CA TYR A 154 4.46 2.80 -5.28
C TYR A 154 5.83 2.92 -5.93
N LYS A 155 5.96 3.92 -6.82
CA LYS A 155 7.21 4.18 -7.51
C LYS A 155 8.33 4.42 -6.53
N GLU A 156 8.03 5.18 -5.48
CA GLU A 156 9.01 5.48 -4.46
C GLU A 156 9.33 4.22 -3.70
N VAL A 157 8.31 3.38 -3.54
CA VAL A 157 8.48 2.11 -2.86
C VAL A 157 9.42 1.24 -3.66
N LEU A 158 9.25 1.25 -4.98
CA LEU A 158 10.09 0.45 -5.87
C LEU A 158 11.55 0.90 -5.78
N SER A 159 11.79 2.21 -5.88
CA SER A 159 13.14 2.74 -5.79
C SER A 159 13.83 2.16 -4.57
N VAL A 160 13.08 2.05 -3.48
CA VAL A 160 13.61 1.48 -2.26
C VAL A 160 13.87 0.00 -2.47
N PHE A 161 12.93 -0.66 -3.13
CA PHE A 161 13.00 -2.08 -3.40
C PHE A 161 13.89 -2.38 -4.62
N ALA A 162 14.54 -1.37 -5.18
CA ALA A 162 15.40 -1.58 -6.32
C ALA A 162 16.51 -2.57 -5.98
N PRO A 163 17.27 -2.32 -4.89
CA PRO A 163 18.34 -3.22 -4.46
C PRO A 163 17.82 -4.63 -4.18
N HIS A 164 16.49 -4.75 -4.08
CA HIS A 164 15.87 -6.05 -3.80
C HIS A 164 15.18 -6.61 -5.05
N LEU A 165 14.91 -5.73 -6.02
CA LEU A 165 14.26 -6.15 -7.26
C LEU A 165 15.28 -6.44 -8.35
N GLY A 1 1.54 19.16 -5.02
CA GLY A 1 0.62 18.07 -5.44
C GLY A 1 1.07 16.70 -4.96
N PRO A 2 2.02 16.06 -5.68
CA PRO A 2 2.54 14.74 -5.30
C PRO A 2 3.01 14.71 -3.85
N LEU A 3 3.50 13.56 -3.40
CA LEU A 3 3.97 13.44 -2.02
C LEU A 3 5.46 13.75 -1.92
N GLY A 4 5.92 13.97 -0.70
CA GLY A 4 7.32 14.26 -0.47
C GLY A 4 8.00 13.17 0.33
N SER A 5 7.22 12.50 1.18
CA SER A 5 7.72 11.42 2.01
C SER A 5 8.78 11.90 2.99
N MET A 6 8.70 11.40 4.21
CA MET A 6 9.64 11.77 5.27
C MET A 6 9.92 10.57 6.17
N ASP A 7 11.07 10.58 6.84
CA ASP A 7 11.44 9.49 7.72
C ASP A 7 10.48 9.40 8.90
N SER A 8 10.20 10.53 9.53
CA SER A 8 9.27 10.59 10.66
C SER A 8 7.91 11.09 10.19
N PRO A 9 6.81 10.63 10.84
CA PRO A 9 5.46 11.05 10.47
C PRO A 9 5.17 12.49 10.87
N PRO A 10 5.16 13.40 9.89
CA PRO A 10 4.91 14.83 10.11
C PRO A 10 3.68 15.09 10.97
N GLU A 11 3.56 16.33 11.44
CA GLU A 11 2.43 16.73 12.26
C GLU A 11 1.10 16.41 11.58
N GLY A 12 0.19 15.77 12.30
CA GLY A 12 -1.10 15.43 11.76
C GLY A 12 -1.01 14.59 10.50
N TYR A 13 -0.83 13.29 10.68
CA TYR A 13 -0.73 12.37 9.56
C TYR A 13 -1.16 10.97 9.99
N ARG A 14 -2.20 10.44 9.35
CA ARG A 14 -2.73 9.11 9.68
C ARG A 14 -1.74 8.02 9.34
N ARG A 15 -0.90 7.67 10.31
CA ARG A 15 0.11 6.62 10.13
C ARG A 15 -0.51 5.37 9.51
N ASN A 16 -0.10 5.08 8.29
CA ASN A 16 -0.58 3.90 7.56
C ASN A 16 0.60 3.14 6.98
N VAL A 17 0.35 1.99 6.40
CA VAL A 17 1.42 1.20 5.80
C VAL A 17 1.00 0.57 4.48
N GLY A 18 1.99 0.11 3.74
CA GLY A 18 1.72 -0.55 2.48
C GLY A 18 2.55 -1.81 2.34
N ILE A 19 2.07 -2.74 1.53
CA ILE A 19 2.79 -3.99 1.35
C ILE A 19 3.00 -4.34 -0.11
N CYS A 20 4.25 -4.55 -0.48
CA CYS A 20 4.61 -4.94 -1.83
C CYS A 20 5.00 -6.41 -1.83
N LEU A 21 4.14 -7.22 -2.41
CA LEU A 21 4.38 -8.65 -2.46
C LEU A 21 4.83 -9.10 -3.84
N MET A 22 5.99 -9.75 -3.89
CA MET A 22 6.51 -10.24 -5.16
C MET A 22 6.78 -11.75 -5.10
N ASN A 23 6.76 -12.39 -6.26
CA ASN A 23 7.01 -13.83 -6.32
C ASN A 23 8.48 -14.09 -6.57
N ASN A 24 8.85 -15.37 -6.56
CA ASN A 24 10.22 -15.77 -6.84
C ASN A 24 10.67 -15.27 -8.22
N ASP A 25 9.75 -14.69 -8.98
CA ASP A 25 10.05 -14.19 -10.32
C ASP A 25 10.25 -12.68 -10.33
N LYS A 26 10.12 -12.06 -9.17
CA LYS A 26 10.27 -10.61 -9.03
C LYS A 26 9.02 -9.91 -9.52
N LYS A 27 7.91 -10.66 -9.59
CA LYS A 27 6.65 -10.11 -10.01
C LYS A 27 5.88 -9.68 -8.76
N ILE A 28 5.19 -8.56 -8.85
CA ILE A 28 4.46 -8.05 -7.70
C ILE A 28 2.97 -8.35 -7.78
N PHE A 29 2.41 -8.62 -6.62
CA PHE A 29 0.99 -8.92 -6.49
C PHE A 29 0.18 -7.67 -6.74
N ALA A 30 -0.50 -7.62 -7.88
CA ALA A 30 -1.32 -6.48 -8.22
C ALA A 30 -2.80 -6.82 -8.09
N ALA A 31 -3.59 -5.83 -7.68
CA ALA A 31 -5.01 -6.00 -7.52
C ALA A 31 -5.76 -4.76 -8.02
N SER A 32 -6.85 -4.98 -8.74
CA SER A 32 -7.63 -3.87 -9.28
C SER A 32 -8.84 -3.57 -8.40
N ARG A 33 -9.15 -2.28 -8.24
CA ARG A 33 -10.29 -1.88 -7.43
C ARG A 33 -11.59 -2.26 -8.11
N LEU A 34 -12.46 -2.96 -7.39
CA LEU A 34 -13.74 -3.39 -7.94
C LEU A 34 -14.42 -2.26 -8.70
N ASP A 35 -14.26 -1.06 -8.18
CA ASP A 35 -14.83 0.14 -8.78
C ASP A 35 -14.12 0.47 -10.10
N ILE A 36 -12.82 0.20 -10.14
CA ILE A 36 -12.03 0.48 -11.33
C ILE A 36 -11.19 -0.74 -11.71
N PRO A 37 -11.60 -1.47 -12.77
CA PRO A 37 -10.88 -2.65 -13.23
C PRO A 37 -9.49 -2.34 -13.78
N ASP A 38 -9.27 -1.08 -14.14
CA ASP A 38 -7.97 -0.65 -14.67
C ASP A 38 -7.07 -0.12 -13.56
N ALA A 39 -7.60 -0.03 -12.34
CA ALA A 39 -6.85 0.46 -11.20
C ALA A 39 -6.16 -0.67 -10.46
N TRP A 40 -4.92 -0.94 -10.84
CA TRP A 40 -4.15 -2.01 -10.20
C TRP A 40 -3.33 -1.47 -9.03
N GLN A 41 -2.84 -2.38 -8.19
CA GLN A 41 -2.03 -1.99 -7.04
C GLN A 41 -1.71 -3.17 -6.15
N MET A 42 -0.90 -2.89 -5.14
CA MET A 42 -0.52 -3.89 -4.15
C MET A 42 -1.22 -3.59 -2.83
N PRO A 43 -1.39 -4.59 -1.96
CA PRO A 43 -2.06 -4.41 -0.66
C PRO A 43 -1.48 -3.24 0.13
N GLN A 44 -2.28 -2.71 1.06
CA GLN A 44 -1.86 -1.60 1.90
C GLN A 44 -2.99 -1.17 2.83
N GLY A 45 -2.64 -0.64 3.99
CA GLY A 45 -3.65 -0.19 4.94
C GLY A 45 -3.09 0.77 5.96
N GLY A 46 -3.76 0.87 7.11
CA GLY A 46 -3.33 1.76 8.15
C GLY A 46 -3.05 1.06 9.45
N ILE A 47 -2.02 1.51 10.15
CA ILE A 47 -1.62 0.95 11.43
C ILE A 47 -2.64 1.26 12.52
N ASP A 48 -2.80 0.33 13.46
CA ASP A 48 -3.73 0.50 14.56
C ASP A 48 -3.24 1.57 15.52
N GLU A 49 -3.96 1.75 16.62
CA GLU A 49 -3.59 2.74 17.63
C GLU A 49 -2.11 2.64 18.01
N GLY A 50 -1.72 1.48 18.53
CA GLY A 50 -0.33 1.27 18.93
C GLY A 50 0.24 -0.02 18.39
N GLU A 51 0.21 -0.18 17.08
CA GLU A 51 0.73 -1.38 16.44
C GLU A 51 1.91 -1.02 15.53
N ASP A 52 2.77 -1.98 15.28
CA ASP A 52 3.92 -1.76 14.41
C ASP A 52 3.47 -1.65 12.96
N PRO A 53 4.31 -1.08 12.08
CA PRO A 53 3.98 -0.91 10.66
C PRO A 53 4.15 -2.21 9.89
N ARG A 54 5.31 -2.82 10.09
CA ARG A 54 5.63 -4.08 9.43
C ARG A 54 4.52 -5.10 9.65
N ASN A 55 4.08 -5.22 10.90
CA ASN A 55 3.02 -6.15 11.24
C ASN A 55 1.70 -5.70 10.62
N ALA A 56 1.44 -4.40 10.68
CA ALA A 56 0.23 -3.85 10.11
C ALA A 56 0.22 -4.13 8.62
N ALA A 57 1.37 -3.95 7.98
CA ALA A 57 1.50 -4.20 6.56
C ALA A 57 1.11 -5.64 6.26
N ILE A 58 1.76 -6.58 6.96
CA ILE A 58 1.48 -8.00 6.78
C ILE A 58 0.01 -8.29 7.02
N ARG A 59 -0.50 -7.86 8.18
CA ARG A 59 -1.89 -8.10 8.54
C ARG A 59 -2.85 -7.45 7.54
N GLU A 60 -2.74 -6.13 7.36
CA GLU A 60 -3.61 -5.43 6.42
C GLU A 60 -3.67 -6.18 5.11
N LEU A 61 -2.50 -6.60 4.65
CA LEU A 61 -2.37 -7.35 3.42
C LEU A 61 -3.28 -8.58 3.43
N ARG A 62 -3.25 -9.30 4.54
CA ARG A 62 -4.06 -10.49 4.72
C ARG A 62 -5.55 -10.16 4.65
N GLU A 63 -5.99 -9.36 5.61
CA GLU A 63 -7.39 -8.96 5.70
C GLU A 63 -7.92 -8.41 4.38
N GLU A 64 -7.01 -7.93 3.52
CA GLU A 64 -7.42 -7.34 2.24
C GLU A 64 -7.36 -8.31 1.06
N THR A 65 -6.39 -9.23 1.04
CA THR A 65 -6.28 -10.16 -0.09
C THR A 65 -6.16 -11.62 0.34
N GLY A 66 -5.86 -11.86 1.60
CA GLY A 66 -5.73 -13.21 2.08
C GLY A 66 -4.30 -13.72 2.02
N VAL A 67 -3.46 -13.03 1.27
CA VAL A 67 -2.06 -13.42 1.12
C VAL A 67 -1.34 -13.46 2.46
N THR A 68 -0.95 -14.66 2.86
CA THR A 68 -0.21 -14.85 4.10
C THR A 68 1.09 -15.60 3.82
N SER A 69 1.02 -16.55 2.88
CA SER A 69 2.19 -17.32 2.47
C SER A 69 3.25 -16.42 1.86
N ALA A 70 3.92 -15.65 2.69
CA ALA A 70 4.95 -14.73 2.22
C ALA A 70 5.91 -14.32 3.32
N GLU A 71 7.11 -13.90 2.92
CA GLU A 71 8.12 -13.46 3.88
C GLU A 71 8.64 -12.08 3.48
N VAL A 72 9.04 -11.30 4.48
CA VAL A 72 9.56 -9.97 4.23
C VAL A 72 10.97 -10.02 3.66
N ILE A 73 11.17 -9.36 2.54
CA ILE A 73 12.47 -9.33 1.89
C ILE A 73 13.11 -7.96 2.09
N ALA A 74 12.29 -6.98 2.46
CA ALA A 74 12.77 -5.63 2.69
C ALA A 74 11.69 -4.75 3.30
N GLU A 75 12.07 -3.52 3.63
CA GLU A 75 11.16 -2.56 4.22
C GLU A 75 11.60 -1.14 3.90
N VAL A 76 10.66 -0.27 3.58
CA VAL A 76 10.99 1.11 3.25
C VAL A 76 11.42 1.88 4.49
N PRO A 77 12.51 2.65 4.38
CA PRO A 77 13.05 3.45 5.48
C PRO A 77 12.10 4.56 5.89
N TYR A 78 11.95 5.55 5.03
CA TYR A 78 11.09 6.69 5.28
C TYR A 78 9.63 6.33 5.03
N TRP A 79 8.74 7.24 5.41
CA TRP A 79 7.31 7.04 5.22
C TRP A 79 6.85 7.67 3.91
N LEU A 80 5.59 8.03 3.83
CA LEU A 80 5.04 8.65 2.63
C LEU A 80 3.73 9.35 2.96
N THR A 81 3.77 10.67 3.01
CA THR A 81 2.60 11.46 3.35
C THR A 81 1.92 12.03 2.11
N TYR A 82 0.85 11.39 1.67
CA TYR A 82 0.11 11.87 0.50
C TYR A 82 -0.76 13.06 0.86
N ASP A 83 -0.13 14.12 1.36
CA ASP A 83 -0.85 15.33 1.74
C ASP A 83 -1.40 16.02 0.50
N PHE A 84 -2.26 17.02 0.73
CA PHE A 84 -2.87 17.77 -0.36
C PHE A 84 -2.23 19.15 -0.50
N PRO A 85 -2.58 19.91 -1.56
CA PRO A 85 -2.01 21.25 -1.79
C PRO A 85 -2.24 22.18 -0.60
N PRO A 86 -1.60 23.37 -0.63
CA PRO A 86 -1.73 24.35 0.46
C PRO A 86 -3.16 24.84 0.65
N LYS A 87 -4.01 24.61 -0.35
CA LYS A 87 -5.41 25.02 -0.28
C LYS A 87 -6.28 23.90 0.29
N VAL A 88 -6.23 22.75 -0.37
CA VAL A 88 -7.01 21.59 0.07
C VAL A 88 -6.46 21.03 1.39
N ARG A 89 -5.25 21.44 1.76
CA ARG A 89 -4.62 20.98 2.99
C ARG A 89 -5.34 21.52 4.23
N GLU A 90 -6.36 22.36 4.03
CA GLU A 90 -7.11 22.92 5.14
C GLU A 90 -8.53 22.38 5.21
N LYS A 91 -9.22 22.41 4.08
CA LYS A 91 -10.59 21.92 4.02
C LYS A 91 -10.68 20.42 4.27
N LEU A 92 -9.58 19.71 4.04
CA LEU A 92 -9.55 18.27 4.24
C LEU A 92 -8.50 17.84 5.26
N ASN A 93 -7.25 18.16 4.98
CA ASN A 93 -6.13 17.77 5.85
C ASN A 93 -6.28 18.27 7.28
N ILE A 94 -6.53 19.55 7.46
CA ILE A 94 -6.69 20.10 8.78
C ILE A 94 -7.94 19.53 9.47
N GLN A 95 -8.70 18.71 8.74
CA GLN A 95 -9.91 18.12 9.28
C GLN A 95 -9.69 16.67 9.75
N TRP A 96 -10.14 15.69 8.95
CA TRP A 96 -10.00 14.26 9.29
C TRP A 96 -10.65 13.95 10.64
N GLY A 97 -10.15 14.60 11.68
CA GLY A 97 -10.64 14.41 13.02
C GLY A 97 -9.73 15.04 14.04
N SER A 98 -8.84 14.23 14.59
CA SER A 98 -7.86 14.73 15.55
C SER A 98 -6.90 15.69 14.86
N ASP A 99 -5.79 16.02 15.52
CA ASP A 99 -4.81 16.92 14.94
C ASP A 99 -4.13 16.28 13.73
N TRP A 100 -4.82 16.28 12.59
CA TRP A 100 -4.28 15.67 11.37
C TRP A 100 -3.80 16.72 10.36
N LYS A 101 -3.53 16.28 9.12
CA LYS A 101 -3.05 17.15 8.03
C LYS A 101 -2.55 16.34 6.83
N GLY A 102 -2.90 15.06 6.77
CA GLY A 102 -2.48 14.21 5.67
C GLY A 102 -2.43 12.75 6.06
N GLN A 103 -1.67 11.95 5.34
CA GLN A 103 -1.56 10.53 5.65
C GLN A 103 -0.17 10.00 5.37
N ALA A 104 0.54 9.61 6.43
CA ALA A 104 1.88 9.07 6.28
C ALA A 104 1.83 7.55 6.18
N GLN A 105 2.36 7.02 5.09
CA GLN A 105 2.33 5.58 4.87
C GLN A 105 3.72 5.01 4.53
N LYS A 106 4.11 3.99 5.27
CA LYS A 106 5.39 3.31 5.03
C LYS A 106 5.14 1.97 4.37
N TRP A 107 6.00 1.60 3.43
CA TRP A 107 5.83 0.33 2.71
C TRP A 107 6.84 -0.73 3.14
N PHE A 108 6.52 -1.96 2.79
CA PHE A 108 7.36 -3.11 3.10
C PHE A 108 7.39 -4.08 1.93
N LEU A 109 8.46 -4.83 1.79
CA LEU A 109 8.60 -5.80 0.71
C LEU A 109 8.32 -7.22 1.20
N PHE A 110 7.69 -8.02 0.35
CA PHE A 110 7.36 -9.39 0.73
C PHE A 110 7.46 -10.37 -0.43
N LYS A 111 7.89 -11.57 -0.10
CA LYS A 111 8.01 -12.66 -1.07
C LYS A 111 6.87 -13.64 -0.89
N PHE A 112 6.14 -13.93 -1.96
CA PHE A 112 5.02 -14.88 -1.88
C PHE A 112 5.53 -16.31 -1.91
N THR A 113 5.61 -16.94 -0.75
CA THR A 113 6.08 -18.32 -0.64
C THR A 113 4.91 -19.29 -0.50
N GLY A 114 3.94 -19.16 -1.40
CA GLY A 114 2.77 -20.02 -1.38
C GLY A 114 2.12 -20.16 -2.73
N GLN A 115 0.81 -20.28 -2.74
CA GLN A 115 0.06 -20.42 -4.00
C GLN A 115 -0.95 -19.31 -4.15
N ASP A 116 -1.25 -18.96 -5.40
CA ASP A 116 -2.19 -17.89 -5.71
C ASP A 116 -3.57 -18.17 -5.14
N GLN A 117 -3.95 -19.43 -5.13
CA GLN A 117 -5.25 -19.85 -4.62
C GLN A 117 -5.46 -19.44 -3.16
N GLU A 118 -4.45 -18.83 -2.55
CA GLU A 118 -4.55 -18.39 -1.16
C GLU A 118 -5.10 -16.96 -1.07
N ILE A 119 -5.08 -16.26 -2.20
CA ILE A 119 -5.57 -14.90 -2.26
C ILE A 119 -7.09 -14.83 -2.30
N ASN A 120 -7.71 -14.57 -1.16
CA ASN A 120 -9.16 -14.47 -1.07
C ASN A 120 -9.61 -13.01 -1.02
N LEU A 121 -9.90 -12.43 -2.18
CA LEU A 121 -10.35 -11.05 -2.24
C LEU A 121 -11.73 -10.93 -1.60
N LEU A 122 -12.68 -11.70 -2.14
CA LEU A 122 -14.05 -11.70 -1.64
C LEU A 122 -14.15 -12.38 -0.28
N GLY A 123 -15.37 -12.51 0.23
CA GLY A 123 -15.59 -13.14 1.51
C GLY A 123 -16.07 -12.18 2.57
N ASP A 124 -16.15 -10.92 2.20
CA ASP A 124 -16.59 -9.87 3.12
C ASP A 124 -18.08 -9.58 2.94
N GLY A 125 -18.92 -10.41 3.54
CA GLY A 125 -20.36 -10.22 3.43
C GLY A 125 -20.86 -9.10 4.33
N SER A 126 -20.34 -7.90 4.12
CA SER A 126 -20.73 -6.73 4.91
C SER A 126 -21.31 -5.65 4.02
N GLU A 127 -20.55 -5.26 3.01
CA GLU A 127 -20.96 -4.23 2.06
C GLU A 127 -20.40 -4.51 0.67
N LYS A 128 -19.11 -4.83 0.61
CA LYS A 128 -18.46 -5.15 -0.65
C LYS A 128 -16.99 -5.53 -0.44
N PRO A 129 -16.43 -6.28 -1.39
CA PRO A 129 -15.03 -6.73 -1.34
C PRO A 129 -14.03 -5.58 -1.53
N GLU A 130 -12.75 -5.92 -1.50
CA GLU A 130 -11.69 -4.93 -1.68
C GLU A 130 -11.33 -4.80 -3.15
N PHE A 131 -10.69 -5.83 -3.69
CA PHE A 131 -10.27 -5.83 -5.09
C PHE A 131 -11.15 -6.77 -5.90
N GLY A 132 -11.46 -6.37 -7.13
CA GLY A 132 -12.30 -7.16 -7.99
C GLY A 132 -11.51 -8.28 -8.63
N GLU A 133 -10.26 -7.97 -8.97
CA GLU A 133 -9.38 -8.93 -9.61
C GLU A 133 -7.93 -8.60 -9.30
N TRP A 134 -7.06 -9.60 -9.36
CA TRP A 134 -5.66 -9.39 -9.09
C TRP A 134 -4.79 -10.20 -10.04
N SER A 135 -3.49 -9.89 -10.05
CA SER A 135 -2.54 -10.57 -10.93
C SER A 135 -1.10 -10.35 -10.48
N TRP A 136 -0.19 -10.99 -11.19
CA TRP A 136 1.23 -10.86 -10.91
C TRP A 136 1.91 -10.13 -12.05
N VAL A 137 2.21 -8.87 -11.81
CA VAL A 137 2.86 -8.03 -12.80
C VAL A 137 4.17 -7.51 -12.24
N THR A 138 4.97 -6.87 -13.07
CA THR A 138 6.22 -6.31 -12.59
C THR A 138 5.92 -5.07 -11.78
N PRO A 139 6.93 -4.44 -11.19
CA PRO A 139 6.72 -3.23 -10.42
C PRO A 139 6.45 -2.06 -11.36
N GLU A 140 7.27 -1.93 -12.39
CA GLU A 140 7.09 -0.89 -13.38
C GLU A 140 5.75 -1.07 -14.10
N GLN A 141 5.35 -2.34 -14.25
CA GLN A 141 4.09 -2.68 -14.90
C GLN A 141 2.93 -2.29 -14.01
N LEU A 142 3.01 -2.67 -12.74
CA LEU A 142 1.96 -2.34 -11.79
C LEU A 142 1.82 -0.83 -11.67
N ILE A 143 2.96 -0.14 -11.73
CA ILE A 143 2.96 1.31 -11.66
C ILE A 143 2.13 1.89 -12.80
N ASP A 144 2.27 1.27 -13.97
CA ASP A 144 1.53 1.70 -15.14
C ASP A 144 0.05 1.37 -15.01
N LEU A 145 -0.24 0.13 -14.68
CA LEU A 145 -1.63 -0.33 -14.53
C LEU A 145 -2.30 0.20 -13.26
N THR A 146 -1.51 0.68 -12.30
CA THR A 146 -2.08 1.20 -11.06
C THR A 146 -2.71 2.57 -11.27
N VAL A 147 -3.19 3.18 -10.18
CA VAL A 147 -3.81 4.50 -10.26
C VAL A 147 -2.78 5.61 -10.15
N GLU A 148 -3.06 6.75 -10.76
CA GLU A 148 -2.14 7.88 -10.72
C GLU A 148 -1.87 8.32 -9.28
N PHE A 149 -2.93 8.58 -8.55
CA PHE A 149 -2.83 9.02 -7.16
C PHE A 149 -2.03 8.05 -6.28
N LYS A 150 -1.59 6.93 -6.84
CA LYS A 150 -0.82 5.96 -6.06
C LYS A 150 0.42 5.48 -6.81
N LYS A 151 0.59 5.91 -8.05
CA LYS A 151 1.74 5.52 -8.86
C LYS A 151 3.04 6.00 -8.24
N PRO A 152 3.21 7.33 -8.07
CA PRO A 152 4.43 7.90 -7.49
C PRO A 152 4.71 7.32 -6.11
N VAL A 153 3.66 6.88 -5.43
CA VAL A 153 3.82 6.26 -4.12
C VAL A 153 4.53 4.94 -4.28
N TYR A 154 3.97 4.10 -5.14
CA TYR A 154 4.53 2.79 -5.44
C TYR A 154 5.89 2.96 -6.12
N LYS A 155 5.98 3.97 -6.97
CA LYS A 155 7.21 4.25 -7.69
C LYS A 155 8.36 4.48 -6.72
N GLU A 156 8.06 5.18 -5.63
CA GLU A 156 9.06 5.45 -4.61
C GLU A 156 9.44 4.13 -3.94
N VAL A 157 8.48 3.21 -3.91
CA VAL A 157 8.71 1.91 -3.33
C VAL A 157 9.77 1.15 -4.13
N LEU A 158 9.72 1.27 -5.46
CA LEU A 158 10.67 0.59 -6.32
C LEU A 158 12.09 1.05 -6.03
N SER A 159 12.30 2.36 -6.00
CA SER A 159 13.62 2.91 -5.72
C SER A 159 14.18 2.30 -4.46
N VAL A 160 13.33 2.18 -3.44
CA VAL A 160 13.74 1.58 -2.19
C VAL A 160 14.00 0.10 -2.39
N PHE A 161 13.10 -0.53 -3.16
CA PHE A 161 13.19 -1.95 -3.45
C PHE A 161 14.17 -2.26 -4.58
N ALA A 162 14.88 -1.26 -5.08
CA ALA A 162 15.84 -1.49 -6.15
C ALA A 162 16.89 -2.50 -5.72
N PRO A 163 17.55 -2.27 -4.57
CA PRO A 163 18.57 -3.20 -4.05
C PRO A 163 18.01 -4.60 -3.82
N HIS A 164 16.69 -4.71 -3.86
CA HIS A 164 16.02 -5.99 -3.64
C HIS A 164 15.41 -6.53 -4.93
N LEU A 165 15.18 -5.64 -5.89
CA LEU A 165 14.61 -6.03 -7.18
C LEU A 165 15.69 -6.25 -8.22
N GLY A 1 8.07 15.99 -8.53
CA GLY A 1 8.33 15.21 -7.29
C GLY A 1 7.06 14.92 -6.52
N PRO A 2 6.22 13.98 -7.00
CA PRO A 2 4.97 13.63 -6.35
C PRO A 2 5.16 13.30 -4.88
N LEU A 3 4.14 13.57 -4.06
CA LEU A 3 4.19 13.31 -2.63
C LEU A 3 5.49 13.84 -2.02
N GLY A 4 5.68 13.58 -0.73
CA GLY A 4 6.87 14.03 -0.04
C GLY A 4 7.62 12.89 0.61
N SER A 5 6.92 12.11 1.43
CA SER A 5 7.52 10.97 2.11
C SER A 5 8.58 11.41 3.10
N MET A 6 8.48 10.91 4.34
CA MET A 6 9.43 11.25 5.40
C MET A 6 9.63 10.05 6.32
N ASP A 7 10.84 9.94 6.88
CA ASP A 7 11.15 8.84 7.79
C ASP A 7 10.31 8.92 9.07
N SER A 8 9.55 10.00 9.21
CA SER A 8 8.70 10.20 10.38
C SER A 8 7.42 10.93 9.97
N PRO A 9 6.24 10.39 10.33
CA PRO A 9 4.95 11.01 9.98
C PRO A 9 4.70 12.31 10.72
N PRO A 10 4.85 13.45 10.03
CA PRO A 10 4.64 14.78 10.60
C PRO A 10 3.32 14.91 11.35
N GLU A 11 3.20 15.97 12.13
CA GLU A 11 1.98 16.22 12.90
C GLU A 11 0.75 16.17 12.01
N GLY A 12 -0.27 15.46 12.47
CA GLY A 12 -1.49 15.36 11.71
C GLY A 12 -1.33 14.50 10.47
N TYR A 13 -1.12 13.22 10.66
CA TYR A 13 -0.95 12.30 9.55
C TYR A 13 -1.36 10.87 9.95
N ARG A 14 -2.37 10.33 9.26
CA ARG A 14 -2.86 8.99 9.56
C ARG A 14 -1.82 7.92 9.26
N ARG A 15 -1.09 7.56 10.30
CA ARG A 15 -0.07 6.53 10.20
C ARG A 15 -0.65 5.26 9.60
N ASN A 16 -0.20 4.92 8.41
CA ASN A 16 -0.68 3.76 7.69
C ASN A 16 0.48 3.01 7.08
N VAL A 17 0.23 1.83 6.52
CA VAL A 17 1.31 1.04 5.92
C VAL A 17 0.93 0.43 4.58
N GLY A 18 1.94 -0.08 3.90
CA GLY A 18 1.74 -0.73 2.64
C GLY A 18 2.61 -1.96 2.50
N ILE A 19 2.18 -2.89 1.67
CA ILE A 19 2.91 -4.13 1.46
C ILE A 19 3.15 -4.43 -0.01
N CYS A 20 4.41 -4.63 -0.35
CA CYS A 20 4.78 -4.95 -1.72
C CYS A 20 5.12 -6.43 -1.77
N LEU A 21 4.20 -7.21 -2.29
CA LEU A 21 4.38 -8.64 -2.37
C LEU A 21 4.72 -9.09 -3.78
N MET A 22 5.89 -9.69 -3.90
CA MET A 22 6.34 -10.17 -5.20
C MET A 22 6.57 -11.67 -5.16
N ASN A 23 6.57 -12.30 -6.34
CA ASN A 23 6.76 -13.74 -6.42
C ASN A 23 8.20 -14.08 -6.76
N ASN A 24 8.44 -15.39 -6.84
CA ASN A 24 9.76 -15.92 -7.19
C ASN A 24 10.21 -15.42 -8.57
N ASP A 25 9.33 -14.71 -9.28
CA ASP A 25 9.65 -14.20 -10.62
C ASP A 25 10.01 -12.73 -10.60
N LYS A 26 10.06 -12.16 -9.41
CA LYS A 26 10.36 -10.74 -9.27
C LYS A 26 9.17 -9.91 -9.74
N LYS A 27 7.99 -10.53 -9.74
CA LYS A 27 6.77 -9.86 -10.16
C LYS A 27 6.07 -9.31 -8.93
N ILE A 28 5.35 -8.21 -9.10
CA ILE A 28 4.64 -7.60 -7.99
C ILE A 28 3.18 -7.94 -8.01
N PHE A 29 2.65 -8.23 -6.82
CA PHE A 29 1.25 -8.55 -6.69
C PHE A 29 0.42 -7.27 -6.85
N ALA A 30 -0.64 -7.34 -7.66
CA ALA A 30 -1.49 -6.19 -7.89
C ALA A 30 -2.96 -6.56 -7.77
N ALA A 31 -3.76 -5.58 -7.41
CA ALA A 31 -5.20 -5.78 -7.25
C ALA A 31 -5.98 -4.54 -7.68
N SER A 32 -7.07 -4.75 -8.42
CA SER A 32 -7.89 -3.65 -8.91
C SER A 32 -9.13 -3.43 -8.04
N ARG A 33 -9.56 -2.17 -7.94
CA ARG A 33 -10.73 -1.81 -7.15
C ARG A 33 -12.00 -2.32 -7.81
N LEU A 34 -12.85 -2.97 -7.02
CA LEU A 34 -14.13 -3.51 -7.50
C LEU A 34 -15.02 -2.45 -8.13
N ASP A 35 -14.47 -1.71 -9.07
CA ASP A 35 -15.21 -0.66 -9.75
C ASP A 35 -14.37 -0.04 -10.86
N ILE A 36 -13.04 -0.09 -10.72
CA ILE A 36 -12.14 0.45 -11.72
C ILE A 36 -11.22 -0.64 -12.28
N PRO A 37 -11.48 -1.08 -13.53
CA PRO A 37 -10.71 -2.14 -14.19
C PRO A 37 -9.22 -1.81 -14.36
N ASP A 38 -8.93 -0.78 -15.15
CA ASP A 38 -7.54 -0.39 -15.41
C ASP A 38 -6.82 0.11 -14.14
N ALA A 39 -7.53 0.09 -13.02
CA ALA A 39 -6.96 0.53 -11.76
C ALA A 39 -6.32 -0.63 -11.02
N TRP A 40 -5.00 -0.63 -10.93
CA TRP A 40 -4.30 -1.69 -10.23
C TRP A 40 -3.51 -1.12 -9.05
N GLN A 41 -3.33 -1.93 -8.01
CA GLN A 41 -2.59 -1.46 -6.85
C GLN A 41 -2.03 -2.62 -6.04
N MET A 42 -1.24 -2.28 -5.05
CA MET A 42 -0.63 -3.24 -4.14
C MET A 42 -1.32 -3.20 -2.79
N PRO A 43 -1.31 -4.32 -2.05
CA PRO A 43 -1.93 -4.38 -0.72
C PRO A 43 -1.36 -3.30 0.20
N GLN A 44 -2.21 -2.76 1.07
CA GLN A 44 -1.80 -1.72 2.00
C GLN A 44 -2.93 -1.33 2.93
N GLY A 45 -2.59 -0.78 4.08
CA GLY A 45 -3.61 -0.38 5.05
C GLY A 45 -3.08 0.60 6.07
N GLY A 46 -3.76 0.71 7.21
CA GLY A 46 -3.33 1.63 8.23
C GLY A 46 -2.55 0.97 9.35
N ILE A 47 -2.69 1.54 10.55
CA ILE A 47 -1.99 1.04 11.74
C ILE A 47 -2.71 1.50 12.99
N ASP A 48 -2.78 0.63 13.98
CA ASP A 48 -3.43 0.95 15.23
C ASP A 48 -2.66 2.01 16.01
N GLU A 49 -3.11 2.27 17.23
CA GLU A 49 -2.47 3.26 18.10
C GLU A 49 -0.97 3.05 18.17
N GLY A 50 -0.54 2.11 19.01
CA GLY A 50 0.88 1.83 19.17
C GLY A 50 1.26 0.51 18.53
N GLU A 51 0.94 0.36 17.25
CA GLU A 51 1.26 -0.87 16.53
C GLU A 51 2.32 -0.63 15.47
N ASP A 52 3.29 -1.54 15.37
CA ASP A 52 4.35 -1.39 14.38
C ASP A 52 3.78 -1.53 12.97
N PRO A 53 4.37 -0.81 12.01
CA PRO A 53 3.92 -0.81 10.62
C PRO A 53 4.07 -2.17 9.95
N ARG A 54 5.24 -2.75 10.09
CA ARG A 54 5.56 -4.05 9.49
C ARG A 54 4.42 -5.06 9.71
N ASN A 55 3.98 -5.21 10.96
CA ASN A 55 2.89 -6.15 11.26
C ASN A 55 1.60 -5.71 10.61
N ALA A 56 1.32 -4.41 10.67
CA ALA A 56 0.11 -3.87 10.07
C ALA A 56 0.14 -4.16 8.58
N ALA A 57 1.31 -3.99 7.99
CA ALA A 57 1.51 -4.26 6.58
C ALA A 57 1.15 -5.69 6.27
N ILE A 58 1.77 -6.62 7.02
CA ILE A 58 1.53 -8.04 6.85
C ILE A 58 0.06 -8.37 7.09
N ARG A 59 -0.45 -7.94 8.23
CA ARG A 59 -1.83 -8.21 8.59
C ARG A 59 -2.80 -7.58 7.59
N GLU A 60 -2.69 -6.27 7.39
CA GLU A 60 -3.57 -5.58 6.44
C GLU A 60 -3.59 -6.36 5.14
N LEU A 61 -2.40 -6.72 4.68
CA LEU A 61 -2.26 -7.50 3.46
C LEU A 61 -3.15 -8.73 3.49
N ARG A 62 -3.07 -9.48 4.58
CA ARG A 62 -3.85 -10.68 4.75
C ARG A 62 -5.35 -10.38 4.74
N GLU A 63 -5.79 -9.61 5.72
CA GLU A 63 -7.20 -9.26 5.84
C GLU A 63 -7.79 -8.74 4.53
N GLU A 64 -6.92 -8.29 3.63
CA GLU A 64 -7.38 -7.74 2.35
C GLU A 64 -7.25 -8.73 1.18
N THR A 65 -6.21 -9.56 1.18
CA THR A 65 -6.04 -10.50 0.07
C THR A 65 -5.90 -11.95 0.53
N GLY A 66 -5.93 -12.18 1.84
CA GLY A 66 -5.77 -13.54 2.36
C GLY A 66 -4.33 -14.02 2.24
N VAL A 67 -3.51 -13.30 1.48
CA VAL A 67 -2.12 -13.63 1.29
C VAL A 67 -1.37 -13.68 2.61
N THR A 68 -0.97 -14.87 3.01
CA THR A 68 -0.23 -15.06 4.24
C THR A 68 1.11 -15.71 3.95
N SER A 69 1.08 -16.68 3.06
CA SER A 69 2.27 -17.42 2.66
C SER A 69 3.32 -16.48 2.06
N ALA A 70 3.97 -15.70 2.91
CA ALA A 70 4.98 -14.76 2.45
C ALA A 70 5.89 -14.29 3.57
N GLU A 71 7.10 -13.84 3.19
CA GLU A 71 8.08 -13.34 4.14
C GLU A 71 8.62 -11.99 3.68
N VAL A 72 9.04 -11.18 4.63
CA VAL A 72 9.59 -9.87 4.34
C VAL A 72 11.01 -9.96 3.83
N ILE A 73 11.24 -9.34 2.68
CA ILE A 73 12.55 -9.33 2.07
C ILE A 73 13.19 -7.96 2.24
N ALA A 74 12.35 -6.97 2.50
CA ALA A 74 12.84 -5.61 2.68
C ALA A 74 11.75 -4.69 3.20
N GLU A 75 12.14 -3.44 3.45
CA GLU A 75 11.23 -2.43 3.94
C GLU A 75 11.72 -1.03 3.57
N VAL A 76 10.78 -0.12 3.31
CA VAL A 76 11.10 1.24 2.91
C VAL A 76 11.69 2.04 4.07
N PRO A 77 12.76 2.82 3.81
CA PRO A 77 13.42 3.64 4.84
C PRO A 77 12.46 4.58 5.55
N TYR A 78 11.89 5.50 4.77
CA TYR A 78 10.95 6.48 5.30
C TYR A 78 9.51 6.08 5.02
N TRP A 79 8.59 6.96 5.40
CA TRP A 79 7.17 6.72 5.18
C TRP A 79 6.75 7.27 3.82
N LEU A 80 5.45 7.51 3.62
CA LEU A 80 4.93 8.04 2.36
C LEU A 80 3.53 8.60 2.58
N THR A 81 3.43 9.93 2.56
CA THR A 81 2.14 10.59 2.78
C THR A 81 1.55 11.11 1.48
N TYR A 82 0.43 11.82 1.59
CA TYR A 82 -0.24 12.38 0.44
C TYR A 82 -1.37 13.33 0.86
N ASP A 83 -0.99 14.47 1.42
CA ASP A 83 -1.96 15.46 1.86
C ASP A 83 -2.60 16.15 0.66
N PHE A 84 -3.75 16.75 0.89
CA PHE A 84 -4.48 17.45 -0.16
C PHE A 84 -4.19 18.95 -0.13
N PRO A 85 -4.66 19.69 -1.15
CA PRO A 85 -4.46 21.15 -1.24
C PRO A 85 -5.01 21.88 -0.01
N PRO A 86 -4.92 23.23 0.02
CA PRO A 86 -5.42 24.02 1.15
C PRO A 86 -6.93 23.92 1.32
N LYS A 87 -7.63 23.61 0.23
CA LYS A 87 -9.07 23.48 0.27
C LYS A 87 -9.47 22.17 0.94
N VAL A 88 -9.06 21.06 0.32
CA VAL A 88 -9.35 19.74 0.86
C VAL A 88 -8.62 19.54 2.18
N ARG A 89 -7.59 20.36 2.42
CA ARG A 89 -6.82 20.24 3.66
C ARG A 89 -7.71 20.39 4.87
N GLU A 90 -8.84 21.05 4.70
CA GLU A 90 -9.76 21.26 5.81
C GLU A 90 -10.98 20.35 5.70
N LYS A 91 -11.13 19.70 4.55
CA LYS A 91 -12.26 18.81 4.33
C LYS A 91 -11.98 17.39 4.81
N LEU A 92 -10.82 16.86 4.45
CA LEU A 92 -10.44 15.50 4.85
C LEU A 92 -9.44 15.52 5.99
N ASN A 93 -8.34 16.21 5.76
CA ASN A 93 -7.25 16.29 6.74
C ASN A 93 -7.74 16.72 8.12
N ILE A 94 -8.74 17.58 8.19
CA ILE A 94 -9.28 17.99 9.47
C ILE A 94 -10.46 17.08 9.83
N GLN A 95 -10.93 16.33 8.82
CA GLN A 95 -12.05 15.40 8.98
C GLN A 95 -11.71 14.26 9.95
N TRP A 96 -10.47 14.21 10.42
CA TRP A 96 -10.04 13.16 11.34
C TRP A 96 -10.38 13.51 12.79
N GLY A 97 -11.17 14.56 12.99
CA GLY A 97 -11.56 14.95 14.33
C GLY A 97 -10.38 15.20 15.25
N SER A 98 -9.35 15.85 14.73
CA SER A 98 -8.16 16.16 15.52
C SER A 98 -7.17 17.02 14.74
N ASP A 99 -7.72 17.80 13.83
CA ASP A 99 -6.93 18.70 12.99
C ASP A 99 -6.17 17.93 11.90
N TRP A 100 -5.18 17.16 12.31
CA TRP A 100 -4.40 16.36 11.38
C TRP A 100 -3.88 17.23 10.21
N LYS A 101 -3.68 16.62 9.02
CA LYS A 101 -3.19 17.33 7.83
C LYS A 101 -2.84 16.37 6.69
N GLY A 102 -3.23 15.10 6.80
CA GLY A 102 -2.91 14.13 5.75
C GLY A 102 -2.74 12.74 6.32
N GLN A 103 -2.11 11.84 5.57
CA GLN A 103 -1.89 10.47 6.04
C GLN A 103 -0.53 9.95 5.62
N ALA A 104 0.25 9.47 6.60
CA ALA A 104 1.59 8.94 6.34
C ALA A 104 1.55 7.42 6.23
N GLN A 105 2.10 6.90 5.14
CA GLN A 105 2.09 5.46 4.92
C GLN A 105 3.47 4.90 4.56
N LYS A 106 3.92 3.91 5.33
CA LYS A 106 5.20 3.26 5.07
C LYS A 106 4.97 1.91 4.42
N TRP A 107 5.77 1.58 3.43
CA TRP A 107 5.62 0.32 2.73
C TRP A 107 6.70 -0.69 3.12
N PHE A 108 6.43 -1.95 2.76
CA PHE A 108 7.35 -3.05 3.05
C PHE A 108 7.37 -4.03 1.88
N LEU A 109 8.49 -4.72 1.72
CA LEU A 109 8.63 -5.71 0.65
C LEU A 109 8.39 -7.13 1.18
N PHE A 110 7.65 -7.94 0.40
CA PHE A 110 7.34 -9.30 0.83
C PHE A 110 7.43 -10.31 -0.30
N LYS A 111 7.87 -11.52 0.07
CA LYS A 111 7.98 -12.63 -0.87
C LYS A 111 6.84 -13.59 -0.66
N PHE A 112 6.08 -13.87 -1.70
CA PHE A 112 4.97 -14.81 -1.62
C PHE A 112 5.48 -16.24 -1.65
N THR A 113 5.65 -16.83 -0.48
CA THR A 113 6.13 -18.19 -0.37
C THR A 113 4.96 -19.17 -0.24
N GLY A 114 4.07 -19.13 -1.24
CA GLY A 114 2.92 -20.01 -1.23
C GLY A 114 2.27 -20.11 -2.59
N GLN A 115 0.94 -20.21 -2.62
CA GLN A 115 0.20 -20.32 -3.87
C GLN A 115 -0.85 -19.21 -3.99
N ASP A 116 -1.08 -18.77 -5.22
CA ASP A 116 -2.04 -17.70 -5.50
C ASP A 116 -3.46 -18.10 -5.11
N GLN A 117 -3.70 -19.39 -5.04
CA GLN A 117 -5.01 -19.92 -4.68
C GLN A 117 -5.45 -19.46 -3.29
N GLU A 118 -4.58 -18.73 -2.59
CA GLU A 118 -4.90 -18.23 -1.25
C GLU A 118 -5.55 -16.85 -1.33
N ILE A 119 -5.37 -16.21 -2.47
CA ILE A 119 -5.91 -14.87 -2.68
C ILE A 119 -7.38 -14.93 -3.10
N ASN A 120 -8.26 -14.61 -2.18
CA ASN A 120 -9.69 -14.62 -2.46
C ASN A 120 -10.22 -13.21 -2.67
N LEU A 121 -9.55 -12.21 -2.07
CA LEU A 121 -9.95 -10.81 -2.20
C LEU A 121 -11.27 -10.53 -1.48
N LEU A 122 -12.15 -11.53 -1.41
CA LEU A 122 -13.44 -11.36 -0.76
C LEU A 122 -13.32 -11.43 0.76
N GLY A 123 -12.07 -11.49 1.24
CA GLY A 123 -11.84 -11.54 2.68
C GLY A 123 -12.22 -10.27 3.38
N ASP A 124 -13.51 -10.09 3.54
CA ASP A 124 -14.05 -8.90 4.21
C ASP A 124 -15.22 -9.26 5.12
N GLY A 125 -16.44 -8.94 4.71
CA GLY A 125 -17.60 -9.23 5.53
C GLY A 125 -18.91 -9.01 4.80
N SER A 126 -19.95 -8.67 5.55
CA SER A 126 -21.27 -8.42 4.97
C SER A 126 -21.29 -7.12 4.18
N GLU A 127 -20.20 -6.37 4.24
CA GLU A 127 -20.13 -5.10 3.53
C GLU A 127 -19.69 -5.29 2.09
N LYS A 128 -18.40 -5.51 1.88
CA LYS A 128 -17.85 -5.71 0.53
C LYS A 128 -16.36 -6.02 0.60
N PRO A 129 -15.81 -6.56 -0.50
CA PRO A 129 -14.39 -6.89 -0.61
C PRO A 129 -13.50 -5.67 -0.77
N GLU A 130 -12.21 -5.90 -1.04
CA GLU A 130 -11.26 -4.81 -1.23
C GLU A 130 -10.85 -4.66 -2.69
N PHE A 131 -10.61 -5.78 -3.35
CA PHE A 131 -10.20 -5.77 -4.76
C PHE A 131 -11.05 -6.74 -5.58
N GLY A 132 -11.39 -6.32 -6.78
CA GLY A 132 -12.19 -7.14 -7.66
C GLY A 132 -11.38 -8.22 -8.32
N GLU A 133 -10.14 -7.88 -8.64
CA GLU A 133 -9.23 -8.82 -9.29
C GLU A 133 -7.79 -8.44 -9.02
N TRP A 134 -6.92 -9.44 -9.04
CA TRP A 134 -5.50 -9.20 -8.79
C TRP A 134 -4.64 -9.90 -9.85
N SER A 135 -3.37 -9.50 -9.92
CA SER A 135 -2.45 -10.09 -10.91
C SER A 135 -0.99 -9.90 -10.51
N TRP A 136 -0.12 -10.64 -11.18
CA TRP A 136 1.32 -10.54 -10.94
C TRP A 136 2.00 -9.86 -12.11
N VAL A 137 2.32 -8.59 -11.94
CA VAL A 137 2.99 -7.83 -12.97
C VAL A 137 4.35 -7.38 -12.49
N THR A 138 5.17 -6.82 -13.36
CA THR A 138 6.49 -6.36 -12.96
C THR A 138 6.36 -5.11 -12.10
N PRO A 139 7.43 -4.71 -11.44
CA PRO A 139 7.42 -3.52 -10.61
C PRO A 139 7.02 -2.32 -11.46
N GLU A 140 7.82 -2.06 -12.49
CA GLU A 140 7.55 -0.96 -13.41
C GLU A 140 6.20 -1.14 -14.11
N GLN A 141 5.77 -2.39 -14.25
CA GLN A 141 4.49 -2.70 -14.89
C GLN A 141 3.34 -2.29 -13.99
N LEU A 142 3.44 -2.70 -12.73
CA LEU A 142 2.41 -2.38 -11.75
C LEU A 142 2.21 -0.88 -11.71
N ILE A 143 3.31 -0.15 -11.77
CA ILE A 143 3.25 1.30 -11.75
C ILE A 143 2.47 1.81 -12.94
N ASP A 144 2.56 1.09 -14.05
CA ASP A 144 1.84 1.46 -15.26
C ASP A 144 0.36 1.17 -15.10
N LEU A 145 0.06 -0.07 -14.74
CA LEU A 145 -1.31 -0.53 -14.57
C LEU A 145 -1.97 0.04 -13.31
N THR A 146 -1.18 0.53 -12.37
CA THR A 146 -1.73 1.08 -11.13
C THR A 146 -2.38 2.43 -11.37
N VAL A 147 -3.02 2.96 -10.33
CA VAL A 147 -3.68 4.25 -10.41
C VAL A 147 -2.70 5.38 -10.10
N GLU A 148 -2.93 6.53 -10.72
CA GLU A 148 -2.07 7.69 -10.52
C GLU A 148 -1.77 7.93 -9.05
N PHE A 149 -2.83 7.99 -8.24
CA PHE A 149 -2.69 8.20 -6.80
C PHE A 149 -1.78 7.17 -6.13
N LYS A 150 -1.29 6.18 -6.88
CA LYS A 150 -0.43 5.15 -6.30
C LYS A 150 0.79 4.82 -7.16
N LYS A 151 0.84 5.36 -8.37
CA LYS A 151 1.96 5.11 -9.26
C LYS A 151 3.25 5.69 -8.68
N PRO A 152 3.28 7.01 -8.42
CA PRO A 152 4.46 7.67 -7.84
C PRO A 152 4.74 7.19 -6.43
N VAL A 153 3.69 6.81 -5.72
CA VAL A 153 3.83 6.30 -4.38
C VAL A 153 4.53 4.95 -4.44
N TYR A 154 3.99 4.07 -5.27
CA TYR A 154 4.58 2.75 -5.46
C TYR A 154 5.94 2.89 -6.10
N LYS A 155 6.03 3.81 -7.04
CA LYS A 155 7.27 4.06 -7.75
C LYS A 155 8.40 4.33 -6.79
N GLU A 156 8.13 5.17 -5.79
CA GLU A 156 9.13 5.49 -4.80
C GLU A 156 9.43 4.25 -3.98
N VAL A 157 8.39 3.46 -3.75
CA VAL A 157 8.55 2.25 -3.01
C VAL A 157 9.43 1.27 -3.78
N LEU A 158 9.22 1.21 -5.09
CA LEU A 158 9.99 0.32 -5.95
C LEU A 158 11.46 0.70 -5.95
N SER A 159 11.75 2.01 -6.03
CA SER A 159 13.12 2.47 -6.03
C SER A 159 13.81 1.96 -4.79
N VAL A 160 13.07 1.94 -3.69
CA VAL A 160 13.59 1.41 -2.44
C VAL A 160 13.76 -0.09 -2.57
N PHE A 161 12.76 -0.73 -3.18
CA PHE A 161 12.77 -2.16 -3.38
C PHE A 161 13.61 -2.56 -4.60
N ALA A 162 14.28 -1.60 -5.21
CA ALA A 162 15.11 -1.88 -6.38
C ALA A 162 16.20 -2.89 -6.05
N PRO A 163 16.99 -2.64 -4.99
CA PRO A 163 18.05 -3.55 -4.58
C PRO A 163 17.50 -4.95 -4.27
N HIS A 164 16.18 -5.05 -4.14
CA HIS A 164 15.52 -6.32 -3.84
C HIS A 164 14.77 -6.85 -5.06
N LEU A 165 14.43 -5.95 -5.98
CA LEU A 165 13.72 -6.35 -7.19
C LEU A 165 14.69 -6.58 -8.33
N GLY A 1 7.99 16.30 -6.07
CA GLY A 1 6.53 16.55 -6.25
C GLY A 1 5.73 16.29 -4.99
N PRO A 2 4.54 15.68 -5.12
CA PRO A 2 3.68 15.38 -3.96
C PRO A 2 4.31 14.35 -3.03
N LEU A 3 3.55 13.94 -2.01
CA LEU A 3 4.00 12.96 -1.02
C LEU A 3 5.48 13.12 -0.67
N GLY A 4 5.75 13.79 0.45
CA GLY A 4 7.12 13.99 0.89
C GLY A 4 7.66 12.79 1.65
N SER A 5 6.76 11.89 2.05
CA SER A 5 7.13 10.69 2.78
C SER A 5 7.75 11.02 4.13
N MET A 6 9.03 11.35 4.13
CA MET A 6 9.74 11.69 5.36
C MET A 6 9.83 10.47 6.27
N ASP A 7 10.98 10.28 6.90
CA ASP A 7 11.19 9.15 7.80
C ASP A 7 10.33 9.25 9.05
N SER A 8 9.62 10.36 9.20
CA SER A 8 8.75 10.56 10.35
C SER A 8 7.46 11.24 9.92
N PRO A 9 6.30 10.70 10.34
CA PRO A 9 5.00 11.27 9.97
C PRO A 9 4.77 12.64 10.60
N PRO A 10 4.81 13.70 9.77
CA PRO A 10 4.62 15.07 10.23
C PRO A 10 3.46 15.22 11.20
N GLU A 11 3.38 16.38 11.83
CA GLU A 11 2.32 16.68 12.79
C GLU A 11 0.95 16.37 12.20
N GLY A 12 0.15 15.59 12.93
CA GLY A 12 -1.16 15.25 12.46
C GLY A 12 -1.13 14.46 11.16
N TYR A 13 -0.79 13.18 11.26
CA TYR A 13 -0.71 12.31 10.09
C TYR A 13 -0.99 10.87 10.51
N ARG A 14 -2.15 10.34 10.11
CA ARG A 14 -2.51 8.97 10.47
C ARG A 14 -1.65 7.96 9.72
N ARG A 15 -0.59 7.51 10.38
CA ARG A 15 0.33 6.55 9.78
C ARG A 15 -0.40 5.33 9.24
N ASN A 16 -0.07 4.97 8.00
CA ASN A 16 -0.65 3.81 7.34
C ASN A 16 0.47 2.99 6.75
N VAL A 17 0.15 1.83 6.18
CA VAL A 17 1.17 0.98 5.60
C VAL A 17 0.67 0.27 4.35
N GLY A 18 1.61 -0.14 3.51
CA GLY A 18 1.28 -0.85 2.29
C GLY A 18 2.07 -2.14 2.19
N ILE A 19 1.68 -3.01 1.27
CA ILE A 19 2.37 -4.28 1.12
C ILE A 19 2.81 -4.53 -0.32
N CYS A 20 4.12 -4.74 -0.48
CA CYS A 20 4.69 -5.03 -1.78
C CYS A 20 5.07 -6.49 -1.84
N LEU A 21 4.19 -7.30 -2.40
CA LEU A 21 4.42 -8.74 -2.49
C LEU A 21 4.91 -9.14 -3.87
N MET A 22 6.07 -9.78 -3.89
CA MET A 22 6.66 -10.23 -5.15
C MET A 22 6.83 -11.74 -5.18
N ASN A 23 6.79 -12.31 -6.38
CA ASN A 23 6.95 -13.73 -6.56
C ASN A 23 8.39 -14.07 -6.90
N ASN A 24 8.68 -15.36 -6.99
CA ASN A 24 10.00 -15.84 -7.36
C ASN A 24 10.43 -15.30 -8.74
N ASP A 25 9.53 -14.57 -9.41
CA ASP A 25 9.81 -14.03 -10.73
C ASP A 25 10.22 -12.57 -10.65
N LYS A 26 10.23 -12.03 -9.44
CA LYS A 26 10.57 -10.63 -9.22
C LYS A 26 9.41 -9.74 -9.65
N LYS A 27 8.21 -10.33 -9.71
CA LYS A 27 7.02 -9.58 -10.09
C LYS A 27 6.36 -9.09 -8.81
N ILE A 28 5.23 -8.40 -8.92
CA ILE A 28 4.56 -7.90 -7.73
C ILE A 28 3.06 -8.14 -7.79
N PHE A 29 2.51 -8.41 -6.62
CA PHE A 29 1.08 -8.66 -6.46
C PHE A 29 0.27 -7.42 -6.77
N ALA A 30 -0.43 -7.43 -7.91
CA ALA A 30 -1.25 -6.30 -8.31
C ALA A 30 -2.73 -6.58 -8.06
N ALA A 31 -3.44 -5.56 -7.60
CA ALA A 31 -4.86 -5.69 -7.31
C ALA A 31 -5.61 -4.45 -7.77
N SER A 32 -6.74 -4.65 -8.45
CA SER A 32 -7.54 -3.54 -8.95
C SER A 32 -8.74 -3.25 -8.05
N ARG A 33 -9.13 -1.98 -8.00
CA ARG A 33 -10.27 -1.55 -7.19
C ARG A 33 -11.59 -2.00 -7.78
N LEU A 34 -12.44 -2.62 -6.95
CA LEU A 34 -13.75 -3.11 -7.36
C LEU A 34 -14.62 -2.03 -7.99
N ASP A 35 -14.11 -1.38 -9.02
CA ASP A 35 -14.82 -0.32 -9.72
C ASP A 35 -14.00 0.17 -10.91
N ILE A 36 -12.68 0.12 -10.74
CA ILE A 36 -11.77 0.54 -11.79
C ILE A 36 -10.91 -0.64 -12.26
N PRO A 37 -11.20 -1.17 -13.46
CA PRO A 37 -10.45 -2.31 -14.00
C PRO A 37 -9.06 -1.93 -14.49
N ASP A 38 -8.85 -0.64 -14.73
CA ASP A 38 -7.56 -0.15 -15.21
C ASP A 38 -6.66 0.27 -14.05
N ALA A 39 -7.23 0.34 -12.84
CA ALA A 39 -6.45 0.73 -11.67
C ALA A 39 -5.91 -0.48 -10.93
N TRP A 40 -4.60 -0.69 -11.06
CA TRP A 40 -3.93 -1.80 -10.40
C TRP A 40 -3.11 -1.29 -9.23
N GLN A 41 -3.03 -2.05 -8.15
CA GLN A 41 -2.27 -1.61 -6.99
C GLN A 41 -1.78 -2.81 -6.18
N MET A 42 -2.09 -2.84 -4.88
CA MET A 42 -1.66 -3.93 -4.01
C MET A 42 -2.11 -3.65 -2.57
N PRO A 43 -2.17 -4.69 -1.74
CA PRO A 43 -2.58 -4.58 -0.34
C PRO A 43 -2.04 -3.33 0.35
N GLN A 44 -2.86 -2.73 1.22
CA GLN A 44 -2.47 -1.53 1.95
C GLN A 44 -3.52 -1.15 2.99
N GLY A 45 -3.07 -0.60 4.11
CA GLY A 45 -3.99 -0.21 5.17
C GLY A 45 -3.37 0.80 6.12
N GLY A 46 -3.98 0.94 7.29
CA GLY A 46 -3.47 1.89 8.27
C GLY A 46 -3.09 1.23 9.58
N ILE A 47 -1.98 1.67 10.14
CA ILE A 47 -1.47 1.13 11.40
C ILE A 47 -2.38 1.51 12.57
N ASP A 48 -2.56 0.58 13.50
CA ASP A 48 -3.40 0.83 14.66
C ASP A 48 -2.76 1.85 15.59
N GLU A 49 -3.38 2.06 16.74
CA GLU A 49 -2.88 3.01 17.73
C GLU A 49 -1.39 2.77 18.00
N GLY A 50 -1.09 1.76 18.83
CA GLY A 50 0.29 1.46 19.14
C GLY A 50 0.75 0.16 18.53
N GLU A 51 0.51 0.01 17.23
CA GLU A 51 0.90 -1.19 16.51
C GLU A 51 2.03 -0.88 15.53
N ASP A 52 2.87 -1.87 15.28
CA ASP A 52 3.99 -1.71 14.35
C ASP A 52 3.47 -1.61 12.92
N PRO A 53 4.29 -1.11 11.99
CA PRO A 53 3.91 -0.96 10.58
C PRO A 53 4.11 -2.26 9.81
N ARG A 54 5.30 -2.83 9.93
CA ARG A 54 5.63 -4.08 9.25
C ARG A 54 4.56 -5.13 9.51
N ASN A 55 4.18 -5.26 10.77
CA ASN A 55 3.16 -6.24 11.13
C ASN A 55 1.81 -5.80 10.59
N ALA A 56 1.55 -4.50 10.64
CA ALA A 56 0.30 -3.96 10.13
C ALA A 56 0.20 -4.25 8.65
N ALA A 57 1.29 -4.02 7.93
CA ALA A 57 1.33 -4.28 6.50
C ALA A 57 1.01 -5.75 6.22
N ILE A 58 1.77 -6.63 6.85
CA ILE A 58 1.58 -8.05 6.68
C ILE A 58 0.16 -8.46 7.07
N ARG A 59 -0.32 -7.98 8.21
CA ARG A 59 -1.66 -8.31 8.68
C ARG A 59 -2.71 -7.80 7.71
N GLU A 60 -2.83 -6.48 7.59
CA GLU A 60 -3.82 -5.88 6.69
C GLU A 60 -3.83 -6.62 5.36
N LEU A 61 -2.64 -6.99 4.88
CA LEU A 61 -2.49 -7.72 3.64
C LEU A 61 -3.38 -8.97 3.65
N ARG A 62 -3.32 -9.71 4.76
CA ARG A 62 -4.12 -10.93 4.90
C ARG A 62 -5.61 -10.60 4.90
N GLU A 63 -6.04 -9.85 5.90
CA GLU A 63 -7.44 -9.47 6.04
C GLU A 63 -8.00 -8.86 4.74
N GLU A 64 -7.11 -8.36 3.88
CA GLU A 64 -7.54 -7.73 2.64
C GLU A 64 -7.46 -8.67 1.44
N THR A 65 -6.43 -9.52 1.38
CA THR A 65 -6.30 -10.44 0.24
C THR A 65 -6.09 -11.89 0.67
N GLY A 66 -5.75 -12.11 1.93
CA GLY A 66 -5.54 -13.47 2.41
C GLY A 66 -4.10 -13.91 2.29
N VAL A 67 -3.31 -13.16 1.53
CA VAL A 67 -1.90 -13.49 1.34
C VAL A 67 -1.18 -13.58 2.68
N THR A 68 -0.81 -14.80 3.04
CA THR A 68 -0.07 -15.03 4.27
C THR A 68 1.26 -15.71 3.96
N SER A 69 1.21 -16.65 3.00
CA SER A 69 2.39 -17.37 2.57
C SER A 69 3.43 -16.44 1.96
N ALA A 70 4.11 -15.69 2.80
CA ALA A 70 5.12 -14.75 2.33
C ALA A 70 6.05 -14.30 3.45
N GLU A 71 7.27 -13.90 3.08
CA GLU A 71 8.26 -13.43 4.05
C GLU A 71 8.78 -12.07 3.64
N VAL A 72 9.09 -11.24 4.63
CA VAL A 72 9.62 -9.90 4.37
C VAL A 72 11.07 -9.92 3.96
N ILE A 73 11.36 -9.23 2.86
CA ILE A 73 12.71 -9.14 2.35
C ILE A 73 13.25 -7.72 2.45
N ALA A 74 12.34 -6.77 2.62
CA ALA A 74 12.73 -5.37 2.73
C ALA A 74 11.58 -4.48 3.18
N GLU A 75 11.87 -3.19 3.34
CA GLU A 75 10.87 -2.22 3.77
C GLU A 75 11.27 -0.81 3.33
N VAL A 76 10.27 0.05 3.15
CA VAL A 76 10.52 1.43 2.73
C VAL A 76 11.10 2.26 3.88
N PRO A 77 12.13 3.08 3.60
CA PRO A 77 12.79 3.92 4.60
C PRO A 77 11.82 4.90 5.27
N TYR A 78 11.48 5.96 4.55
CA TYR A 78 10.58 6.98 5.06
C TYR A 78 9.12 6.56 4.94
N TRP A 79 8.24 7.35 5.54
CA TRP A 79 6.80 7.07 5.51
C TRP A 79 6.13 7.82 4.37
N LEU A 80 5.93 7.14 3.24
CA LEU A 80 5.30 7.76 2.08
C LEU A 80 3.91 8.29 2.42
N THR A 81 3.78 9.61 2.47
CA THR A 81 2.50 10.23 2.80
C THR A 81 1.78 10.71 1.54
N TYR A 82 0.74 11.51 1.73
CA TYR A 82 -0.04 12.05 0.62
C TYR A 82 -1.01 13.12 1.11
N ASP A 83 -0.51 14.32 1.32
CA ASP A 83 -1.35 15.43 1.79
C ASP A 83 -2.32 15.87 0.70
N PHE A 84 -3.40 16.52 1.09
CA PHE A 84 -4.41 16.96 0.14
C PHE A 84 -4.30 18.46 -0.14
N PRO A 85 -4.98 18.93 -1.21
CA PRO A 85 -4.97 20.34 -1.61
C PRO A 85 -6.12 21.12 -0.99
N PRO A 86 -6.19 22.45 -1.23
CA PRO A 86 -7.26 23.30 -0.70
C PRO A 86 -8.64 22.76 -1.02
N LYS A 87 -9.63 23.19 -0.24
CA LYS A 87 -11.02 22.74 -0.43
C LYS A 87 -11.19 21.29 -0.01
N VAL A 88 -10.42 20.40 -0.64
CA VAL A 88 -10.50 18.98 -0.30
C VAL A 88 -10.03 18.73 1.12
N ARG A 89 -9.01 19.48 1.53
CA ARG A 89 -8.46 19.34 2.87
C ARG A 89 -9.57 19.37 3.93
N GLU A 90 -10.57 20.21 3.71
CA GLU A 90 -11.69 20.30 4.65
C GLU A 90 -12.55 19.05 4.59
N LYS A 91 -12.51 18.36 3.46
CA LYS A 91 -13.28 17.13 3.28
C LYS A 91 -12.41 15.90 3.52
N LEU A 92 -11.10 16.12 3.68
CA LEU A 92 -10.16 15.03 3.90
C LEU A 92 -9.39 15.22 5.22
N ASN A 93 -8.67 16.33 5.34
CA ASN A 93 -7.89 16.62 6.55
C ASN A 93 -8.78 16.75 7.78
N ILE A 94 -9.63 17.75 7.78
CA ILE A 94 -10.52 18.02 8.90
C ILE A 94 -11.50 16.85 9.12
N GLN A 95 -11.53 15.91 8.18
CA GLN A 95 -12.40 14.74 8.28
C GLN A 95 -11.81 13.71 9.24
N TRP A 96 -10.62 13.99 9.78
CA TRP A 96 -9.96 13.05 10.69
C TRP A 96 -10.33 13.35 12.14
N GLY A 97 -11.11 14.40 12.37
CA GLY A 97 -11.52 14.75 13.71
C GLY A 97 -10.39 15.31 14.56
N SER A 98 -9.52 14.44 15.05
CA SER A 98 -8.41 14.85 15.89
C SER A 98 -7.41 15.70 15.12
N ASP A 99 -6.25 15.92 15.72
CA ASP A 99 -5.20 16.72 15.08
C ASP A 99 -4.53 15.96 13.96
N TRP A 100 -4.87 16.32 12.73
CA TRP A 100 -4.30 15.66 11.56
C TRP A 100 -4.02 16.67 10.45
N LYS A 101 -3.81 16.16 9.23
CA LYS A 101 -3.52 17.02 8.07
C LYS A 101 -2.94 16.22 6.90
N GLY A 102 -3.23 14.92 6.88
CA GLY A 102 -2.73 14.09 5.80
C GLY A 102 -2.62 12.65 6.25
N GLN A 103 -1.82 11.86 5.53
CA GLN A 103 -1.64 10.46 5.87
C GLN A 103 -0.25 9.96 5.49
N ALA A 104 0.48 9.45 6.47
CA ALA A 104 1.83 8.93 6.23
C ALA A 104 1.76 7.42 6.08
N GLN A 105 2.20 6.91 4.94
CA GLN A 105 2.15 5.47 4.69
C GLN A 105 3.52 4.88 4.36
N LYS A 106 3.91 3.88 5.14
CA LYS A 106 5.16 3.18 4.94
C LYS A 106 4.89 1.82 4.30
N TRP A 107 5.65 1.49 3.26
CA TRP A 107 5.45 0.23 2.56
C TRP A 107 6.48 -0.83 2.94
N PHE A 108 6.20 -2.07 2.56
CA PHE A 108 7.09 -3.18 2.86
C PHE A 108 7.15 -4.17 1.69
N LEU A 109 8.28 -4.85 1.56
CA LEU A 109 8.47 -5.82 0.50
C LEU A 109 8.44 -7.25 1.06
N PHE A 110 7.59 -8.09 0.47
CA PHE A 110 7.48 -9.49 0.93
C PHE A 110 7.50 -10.47 -0.24
N LYS A 111 8.10 -11.63 0.01
CA LYS A 111 8.17 -12.69 -1.00
C LYS A 111 7.03 -13.67 -0.80
N PHE A 112 6.27 -13.94 -1.87
CA PHE A 112 5.15 -14.87 -1.79
C PHE A 112 5.64 -16.31 -1.82
N THR A 113 5.69 -16.94 -0.65
CA THR A 113 6.14 -18.31 -0.54
C THR A 113 4.95 -19.26 -0.42
N GLY A 114 4.01 -19.15 -1.35
CA GLY A 114 2.83 -20.00 -1.34
C GLY A 114 2.18 -20.11 -2.69
N GLN A 115 0.86 -20.22 -2.71
CA GLN A 115 0.12 -20.34 -3.96
C GLN A 115 -0.92 -19.22 -4.10
N ASP A 116 -1.23 -18.87 -5.34
CA ASP A 116 -2.18 -17.80 -5.63
C ASP A 116 -3.56 -18.11 -5.06
N GLN A 117 -3.92 -19.38 -5.07
CA GLN A 117 -5.22 -19.83 -4.57
C GLN A 117 -5.42 -19.44 -3.11
N GLU A 118 -4.42 -18.82 -2.49
CA GLU A 118 -4.51 -18.40 -1.09
C GLU A 118 -5.07 -16.99 -0.99
N ILE A 119 -5.06 -16.26 -2.11
CA ILE A 119 -5.55 -14.90 -2.15
C ILE A 119 -7.07 -14.83 -2.27
N ASN A 120 -7.72 -14.58 -1.14
CA ASN A 120 -9.18 -14.46 -1.11
C ASN A 120 -9.59 -12.99 -1.01
N LEU A 121 -9.84 -12.37 -2.15
CA LEU A 121 -10.24 -10.96 -2.16
C LEU A 121 -11.61 -10.80 -1.50
N LEU A 122 -12.55 -11.63 -1.93
CA LEU A 122 -13.90 -11.61 -1.39
C LEU A 122 -13.95 -12.27 -0.02
N GLY A 123 -15.04 -12.04 0.70
CA GLY A 123 -15.21 -12.61 2.02
C GLY A 123 -15.86 -11.64 2.99
N ASP A 124 -15.99 -10.40 2.55
CA ASP A 124 -16.60 -9.36 3.37
C ASP A 124 -18.08 -9.22 3.01
N GLY A 125 -18.90 -10.11 3.55
CA GLY A 125 -20.32 -10.06 3.28
C GLY A 125 -21.06 -9.08 4.17
N SER A 126 -20.39 -7.99 4.53
CA SER A 126 -20.99 -6.97 5.39
C SER A 126 -21.33 -5.73 4.59
N GLU A 127 -20.47 -5.40 3.62
CA GLU A 127 -20.67 -4.22 2.78
C GLU A 127 -20.14 -4.46 1.36
N LYS A 128 -18.84 -4.75 1.27
CA LYS A 128 -18.23 -5.01 -0.03
C LYS A 128 -16.74 -5.37 0.13
N PRO A 129 -16.20 -6.08 -0.86
CA PRO A 129 -14.79 -6.48 -0.85
C PRO A 129 -13.84 -5.31 -1.11
N GLU A 130 -12.55 -5.60 -1.17
CA GLU A 130 -11.54 -4.56 -1.40
C GLU A 130 -11.15 -4.48 -2.87
N PHE A 131 -10.45 -5.51 -3.36
CA PHE A 131 -10.02 -5.54 -4.75
C PHE A 131 -10.92 -6.47 -5.56
N GLY A 132 -11.22 -6.04 -6.77
CA GLY A 132 -12.08 -6.82 -7.64
C GLY A 132 -11.32 -7.91 -8.35
N GLU A 133 -10.09 -7.60 -8.75
CA GLU A 133 -9.24 -8.55 -9.44
C GLU A 133 -7.78 -8.26 -9.16
N TRP A 134 -6.96 -9.31 -9.17
CA TRP A 134 -5.55 -9.14 -8.92
C TRP A 134 -4.72 -9.97 -9.89
N SER A 135 -3.41 -9.68 -9.93
CA SER A 135 -2.50 -10.38 -10.83
C SER A 135 -1.05 -10.19 -10.41
N TRP A 136 -0.15 -10.82 -11.15
CA TRP A 136 1.28 -10.70 -10.88
C TRP A 136 1.96 -9.98 -12.04
N VAL A 137 2.21 -8.70 -11.85
CA VAL A 137 2.86 -7.90 -12.86
C VAL A 137 4.22 -7.46 -12.36
N THR A 138 5.05 -6.91 -13.23
CA THR A 138 6.36 -6.44 -12.80
C THR A 138 6.23 -5.15 -12.02
N PRO A 139 7.33 -4.68 -11.42
CA PRO A 139 7.31 -3.43 -10.66
C PRO A 139 6.95 -2.27 -11.57
N GLU A 140 7.71 -2.13 -12.65
CA GLU A 140 7.47 -1.08 -13.61
C GLU A 140 6.12 -1.24 -14.29
N GLN A 141 5.66 -2.49 -14.40
CA GLN A 141 4.37 -2.79 -15.02
C GLN A 141 3.24 -2.33 -14.11
N LEU A 142 3.32 -2.68 -12.83
CA LEU A 142 2.29 -2.29 -11.89
C LEU A 142 2.16 -0.78 -11.86
N ILE A 143 3.30 -0.09 -11.96
CA ILE A 143 3.29 1.36 -11.98
C ILE A 143 2.50 1.87 -13.17
N ASP A 144 2.65 1.21 -14.31
CA ASP A 144 1.94 1.62 -15.51
C ASP A 144 0.45 1.37 -15.36
N LEU A 145 0.12 0.15 -14.96
CA LEU A 145 -1.27 -0.26 -14.79
C LEU A 145 -1.91 0.34 -13.53
N THR A 146 -1.09 0.79 -12.58
CA THR A 146 -1.64 1.37 -11.36
C THR A 146 -2.21 2.76 -11.59
N VAL A 147 -2.83 3.31 -10.56
CA VAL A 147 -3.43 4.64 -10.64
C VAL A 147 -2.39 5.74 -10.53
N GLU A 148 -2.70 6.90 -11.09
CA GLU A 148 -1.78 8.04 -11.05
C GLU A 148 -1.51 8.47 -9.60
N PHE A 149 -2.57 8.74 -8.85
CA PHE A 149 -2.43 9.16 -7.46
C PHE A 149 -1.61 8.18 -6.60
N LYS A 150 -1.17 7.06 -7.20
CA LYS A 150 -0.38 6.07 -6.46
C LYS A 150 0.84 5.59 -7.26
N LYS A 151 0.93 6.00 -8.52
CA LYS A 151 2.05 5.60 -9.37
C LYS A 151 3.39 6.06 -8.79
N PRO A 152 3.60 7.39 -8.66
CA PRO A 152 4.84 7.93 -8.10
C PRO A 152 5.06 7.45 -6.68
N VAL A 153 3.98 7.13 -5.99
CA VAL A 153 4.06 6.63 -4.64
C VAL A 153 4.67 5.24 -4.67
N TYR A 154 4.11 4.38 -5.52
CA TYR A 154 4.62 3.03 -5.68
C TYR A 154 6.01 3.07 -6.29
N LYS A 155 6.19 3.98 -7.23
CA LYS A 155 7.46 4.16 -7.92
C LYS A 155 8.58 4.42 -6.93
N GLU A 156 8.31 5.22 -5.93
CA GLU A 156 9.30 5.53 -4.91
C GLU A 156 9.53 4.30 -4.07
N VAL A 157 8.48 3.50 -3.91
CA VAL A 157 8.57 2.27 -3.16
C VAL A 157 9.49 1.30 -3.87
N LEU A 158 9.36 1.24 -5.20
CA LEU A 158 10.20 0.34 -6.01
C LEU A 158 11.66 0.75 -5.90
N SER A 159 11.91 2.05 -5.95
CA SER A 159 13.28 2.55 -5.84
C SER A 159 13.91 2.01 -4.58
N VAL A 160 13.12 1.99 -3.50
CA VAL A 160 13.58 1.44 -2.24
C VAL A 160 13.81 -0.05 -2.38
N PHE A 161 12.86 -0.71 -3.03
CA PHE A 161 12.90 -2.15 -3.24
C PHE A 161 13.79 -2.54 -4.41
N ALA A 162 14.48 -1.58 -5.00
CA ALA A 162 15.35 -1.86 -6.14
C ALA A 162 16.43 -2.88 -5.75
N PRO A 163 17.15 -2.62 -4.65
CA PRO A 163 18.20 -3.52 -4.16
C PRO A 163 17.65 -4.92 -3.85
N HIS A 164 16.33 -5.05 -3.82
CA HIS A 164 15.69 -6.33 -3.54
C HIS A 164 14.95 -6.86 -4.77
N LEU A 165 14.68 -5.99 -5.73
CA LEU A 165 13.97 -6.39 -6.94
C LEU A 165 14.95 -6.70 -8.06
N GLY A 1 10.70 17.12 -6.54
CA GLY A 1 10.88 16.10 -5.46
C GLY A 1 9.56 15.64 -4.86
N PRO A 2 8.67 15.06 -5.68
CA PRO A 2 7.36 14.58 -5.22
C PRO A 2 7.49 13.63 -4.04
N LEU A 3 6.43 13.53 -3.25
CA LEU A 3 6.41 12.64 -2.09
C LEU A 3 7.51 13.01 -1.10
N GLY A 4 7.10 13.56 0.04
CA GLY A 4 8.07 13.94 1.06
C GLY A 4 8.59 12.73 1.80
N SER A 5 7.66 11.87 2.22
CA SER A 5 8.01 10.66 2.95
C SER A 5 8.49 10.94 4.36
N MET A 6 9.72 11.42 4.47
CA MET A 6 10.32 11.72 5.77
C MET A 6 10.56 10.43 6.54
N ASP A 7 11.76 10.28 7.08
CA ASP A 7 12.11 9.08 7.82
C ASP A 7 11.30 8.99 9.11
N SER A 8 11.04 10.14 9.71
CA SER A 8 10.25 10.19 10.95
C SER A 8 8.79 10.44 10.63
N PRO A 9 7.87 9.96 11.50
CA PRO A 9 6.44 10.14 11.29
C PRO A 9 5.99 11.58 11.53
N PRO A 10 5.66 12.30 10.44
CA PRO A 10 5.22 13.69 10.50
C PRO A 10 4.03 13.89 11.44
N GLU A 11 3.51 15.12 11.44
CA GLU A 11 2.36 15.47 12.27
C GLU A 11 1.19 14.50 12.09
N GLY A 12 -0.01 14.97 12.43
CA GLY A 12 -1.20 14.16 12.32
C GLY A 12 -1.48 13.64 10.93
N TYR A 13 -0.60 12.78 10.44
CA TYR A 13 -0.75 12.18 9.12
C TYR A 13 -1.49 10.84 9.24
N ARG A 14 -2.26 10.48 8.22
CA ARG A 14 -3.00 9.22 8.22
C ARG A 14 -2.04 8.03 8.22
N ARG A 15 -1.55 7.68 9.40
CA ARG A 15 -0.62 6.56 9.55
C ARG A 15 -1.16 5.30 8.89
N ASN A 16 -0.62 4.99 7.71
CA ASN A 16 -1.01 3.81 6.97
C ASN A 16 0.23 3.10 6.46
N VAL A 17 0.06 1.87 5.98
CA VAL A 17 1.20 1.11 5.47
C VAL A 17 0.85 0.42 4.16
N GLY A 18 1.88 -0.06 3.48
CA GLY A 18 1.67 -0.76 2.23
C GLY A 18 2.48 -2.03 2.16
N ILE A 19 2.02 -2.99 1.36
CA ILE A 19 2.73 -4.26 1.24
C ILE A 19 3.06 -4.59 -0.22
N CYS A 20 4.35 -4.76 -0.48
CA CYS A 20 4.81 -5.09 -1.82
C CYS A 20 5.11 -6.58 -1.88
N LEU A 21 4.12 -7.36 -2.27
CA LEU A 21 4.27 -8.80 -2.34
C LEU A 21 4.63 -9.26 -3.75
N MET A 22 5.84 -9.78 -3.90
CA MET A 22 6.29 -10.26 -5.19
C MET A 22 6.55 -11.76 -5.14
N ASN A 23 6.73 -12.37 -6.30
CA ASN A 23 6.97 -13.80 -6.39
C ASN A 23 8.45 -14.07 -6.65
N ASN A 24 8.84 -15.33 -6.53
CA ASN A 24 10.22 -15.72 -6.79
C ASN A 24 10.66 -15.34 -8.20
N ASP A 25 9.74 -14.78 -8.99
CA ASP A 25 10.04 -14.38 -10.36
C ASP A 25 10.32 -12.89 -10.48
N LYS A 26 10.32 -12.21 -9.35
CA LYS A 26 10.54 -10.77 -9.30
C LYS A 26 9.30 -10.04 -9.80
N LYS A 27 8.16 -10.72 -9.78
CA LYS A 27 6.92 -10.11 -10.21
C LYS A 27 6.21 -9.55 -8.99
N ILE A 28 5.52 -8.44 -9.17
CA ILE A 28 4.83 -7.79 -8.06
C ILE A 28 3.34 -8.11 -8.04
N PHE A 29 2.82 -8.30 -6.84
CA PHE A 29 1.41 -8.58 -6.69
C PHE A 29 0.62 -7.29 -6.81
N ALA A 30 -0.48 -7.34 -7.56
CA ALA A 30 -1.31 -6.16 -7.76
C ALA A 30 -2.78 -6.53 -7.76
N ALA A 31 -3.62 -5.58 -7.40
CA ALA A 31 -5.05 -5.79 -7.36
C ALA A 31 -5.80 -4.55 -7.83
N SER A 32 -6.92 -4.75 -8.50
CA SER A 32 -7.71 -3.64 -9.01
C SER A 32 -8.82 -3.28 -8.01
N ARG A 33 -9.17 -2.00 -7.97
CA ARG A 33 -10.20 -1.54 -7.04
C ARG A 33 -11.58 -2.05 -7.46
N LEU A 34 -12.31 -2.57 -6.48
CA LEU A 34 -13.63 -3.14 -6.70
C LEU A 34 -14.41 -2.31 -7.72
N ASP A 35 -14.40 -1.01 -7.51
CA ASP A 35 -15.10 -0.07 -8.38
C ASP A 35 -14.36 0.15 -9.70
N ILE A 36 -13.02 0.13 -9.66
CA ILE A 36 -12.23 0.35 -10.85
C ILE A 36 -11.28 -0.81 -11.13
N PRO A 37 -11.61 -1.65 -12.13
CA PRO A 37 -10.76 -2.80 -12.50
C PRO A 37 -9.45 -2.38 -13.13
N ASP A 38 -9.37 -1.13 -13.56
CA ASP A 38 -8.16 -0.59 -14.18
C ASP A 38 -7.22 0.02 -13.14
N ALA A 39 -7.71 0.17 -11.91
CA ALA A 39 -6.89 0.74 -10.84
C ALA A 39 -6.18 -0.37 -10.08
N TRP A 40 -4.99 -0.71 -10.56
CA TRP A 40 -4.19 -1.77 -9.94
C TRP A 40 -3.34 -1.21 -8.80
N GLN A 41 -3.14 -2.03 -7.78
CA GLN A 41 -2.35 -1.63 -6.62
C GLN A 41 -1.98 -2.82 -5.77
N MET A 42 -0.97 -2.65 -4.93
CA MET A 42 -0.52 -3.71 -4.05
C MET A 42 -1.13 -3.54 -2.66
N PRO A 43 -1.23 -4.63 -1.88
CA PRO A 43 -1.81 -4.60 -0.54
C PRO A 43 -1.34 -3.41 0.30
N GLN A 44 -2.16 -3.03 1.27
CA GLN A 44 -1.87 -1.90 2.14
C GLN A 44 -2.94 -1.77 3.21
N GLY A 45 -2.71 -0.90 4.18
CA GLY A 45 -3.69 -0.69 5.25
C GLY A 45 -3.21 0.28 6.30
N GLY A 46 -4.15 0.95 6.96
CA GLY A 46 -3.80 1.91 7.98
C GLY A 46 -3.39 1.29 9.30
N ILE A 47 -2.33 1.80 9.89
CA ILE A 47 -1.83 1.29 11.16
C ILE A 47 -2.79 1.64 12.30
N ASP A 48 -2.88 0.76 13.28
CA ASP A 48 -3.77 0.97 14.42
C ASP A 48 -3.24 2.09 15.32
N GLU A 49 -3.93 2.31 16.44
CA GLU A 49 -3.55 3.34 17.40
C GLU A 49 -2.08 3.23 17.80
N GLY A 50 -1.65 2.01 18.14
CA GLY A 50 -0.27 1.81 18.55
C GLY A 50 0.27 0.49 18.05
N GLU A 51 0.15 0.25 16.76
CA GLU A 51 0.64 -0.98 16.16
C GLU A 51 1.81 -0.70 15.22
N ASP A 52 2.71 -1.67 15.09
CA ASP A 52 3.87 -1.50 14.22
C ASP A 52 3.42 -1.46 12.77
N PRO A 53 4.22 -0.85 11.88
CA PRO A 53 3.89 -0.75 10.47
C PRO A 53 4.08 -2.09 9.77
N ARG A 54 5.23 -2.69 10.00
CA ARG A 54 5.55 -3.98 9.42
C ARG A 54 4.46 -4.99 9.73
N ASN A 55 4.03 -5.02 10.99
CA ASN A 55 2.98 -5.94 11.40
C ASN A 55 1.66 -5.54 10.77
N ALA A 56 1.41 -4.24 10.71
CA ALA A 56 0.19 -3.73 10.10
C ALA A 56 0.15 -4.12 8.65
N ALA A 57 1.27 -3.95 7.96
CA ALA A 57 1.37 -4.31 6.56
C ALA A 57 1.00 -5.78 6.38
N ILE A 58 1.64 -6.64 7.16
CA ILE A 58 1.39 -8.07 7.12
C ILE A 58 -0.08 -8.38 7.36
N ARG A 59 -0.60 -7.94 8.51
CA ARG A 59 -2.00 -8.18 8.85
C ARG A 59 -2.92 -7.59 7.80
N GLU A 60 -2.85 -6.27 7.62
CA GLU A 60 -3.68 -5.59 6.63
C GLU A 60 -3.64 -6.37 5.32
N LEU A 61 -2.44 -6.74 4.89
CA LEU A 61 -2.26 -7.51 3.66
C LEU A 61 -3.18 -8.72 3.67
N ARG A 62 -3.20 -9.44 4.79
CA ARG A 62 -4.05 -10.63 4.93
C ARG A 62 -5.53 -10.26 4.88
N GLU A 63 -5.98 -9.48 5.84
CA GLU A 63 -7.38 -9.07 5.92
C GLU A 63 -7.90 -8.51 4.60
N GLU A 64 -6.99 -8.04 3.75
CA GLU A 64 -7.39 -7.45 2.47
C GLU A 64 -7.31 -8.44 1.30
N THR A 65 -6.32 -9.31 1.29
CA THR A 65 -6.18 -10.26 0.17
C THR A 65 -6.15 -11.72 0.65
N GLY A 66 -5.97 -11.93 1.94
CA GLY A 66 -5.91 -13.27 2.49
C GLY A 66 -4.51 -13.86 2.40
N VAL A 67 -3.66 -13.24 1.59
CA VAL A 67 -2.29 -13.69 1.42
C VAL A 67 -1.55 -13.70 2.75
N THR A 68 -1.12 -14.90 3.14
CA THR A 68 -0.38 -15.07 4.37
C THR A 68 0.96 -15.73 4.06
N SER A 69 0.94 -16.68 3.12
CA SER A 69 2.14 -17.39 2.71
C SER A 69 3.16 -16.44 2.08
N ALA A 70 3.81 -15.65 2.92
CA ALA A 70 4.81 -14.71 2.44
C ALA A 70 5.75 -14.24 3.54
N GLU A 71 6.93 -13.77 3.13
CA GLU A 71 7.94 -13.29 4.08
C GLU A 71 8.48 -11.94 3.65
N VAL A 72 8.93 -11.16 4.63
CA VAL A 72 9.47 -9.83 4.35
C VAL A 72 10.88 -9.93 3.76
N ILE A 73 11.07 -9.28 2.63
CA ILE A 73 12.35 -9.27 1.96
C ILE A 73 13.01 -7.90 2.09
N ALA A 74 12.21 -6.90 2.39
CA ALA A 74 12.73 -5.53 2.53
C ALA A 74 11.69 -4.58 3.12
N GLU A 75 12.10 -3.35 3.34
CA GLU A 75 11.23 -2.32 3.90
C GLU A 75 11.70 -0.93 3.49
N VAL A 76 10.75 -0.01 3.30
CA VAL A 76 11.09 1.35 2.91
C VAL A 76 11.70 2.12 4.07
N PRO A 77 12.72 2.95 3.76
CA PRO A 77 13.43 3.76 4.77
C PRO A 77 12.54 4.77 5.48
N TYR A 78 11.99 5.71 4.70
CA TYR A 78 11.14 6.74 5.26
C TYR A 78 9.66 6.40 5.12
N TRP A 79 8.82 7.28 5.67
CA TRP A 79 7.37 7.09 5.64
C TRP A 79 6.75 7.78 4.43
N LEU A 80 6.51 7.03 3.36
CA LEU A 80 5.93 7.61 2.15
C LEU A 80 4.58 8.27 2.46
N THR A 81 4.56 9.59 2.37
CA THR A 81 3.34 10.34 2.64
C THR A 81 2.82 11.00 1.37
N TYR A 82 1.91 11.95 1.52
CA TYR A 82 1.34 12.66 0.39
C TYR A 82 0.49 13.85 0.87
N ASP A 83 1.16 14.89 1.35
CA ASP A 83 0.48 16.08 1.83
C ASP A 83 -0.12 16.86 0.67
N PHE A 84 -1.02 17.79 0.97
CA PHE A 84 -1.67 18.59 -0.04
C PHE A 84 -1.10 20.01 -0.07
N PRO A 85 -1.29 20.74 -1.19
CA PRO A 85 -0.80 22.11 -1.34
C PRO A 85 -1.43 23.03 -0.29
N PRO A 86 -1.05 24.33 -0.27
CA PRO A 86 -1.59 25.29 0.70
C PRO A 86 -3.10 25.44 0.61
N LYS A 87 -3.69 24.98 -0.50
CA LYS A 87 -5.13 25.08 -0.69
C LYS A 87 -5.85 23.85 -0.15
N VAL A 88 -5.53 22.70 -0.74
CA VAL A 88 -6.15 21.44 -0.33
C VAL A 88 -5.75 21.05 1.10
N ARG A 89 -4.82 21.81 1.68
CA ARG A 89 -4.36 21.53 3.03
C ARG A 89 -5.45 21.79 4.07
N GLU A 90 -6.64 22.21 3.64
CA GLU A 90 -7.73 22.47 4.57
C GLU A 90 -8.94 21.60 4.26
N LYS A 91 -9.06 21.11 3.03
CA LYS A 91 -10.18 20.25 2.65
C LYS A 91 -9.85 18.78 2.88
N LEU A 92 -8.57 18.48 3.09
CA LEU A 92 -8.13 17.11 3.34
C LEU A 92 -7.42 17.01 4.68
N ASN A 93 -6.30 17.70 4.79
CA ASN A 93 -5.51 17.69 6.01
C ASN A 93 -6.36 18.04 7.23
N ILE A 94 -7.48 18.73 7.00
CA ILE A 94 -8.38 19.12 8.08
C ILE A 94 -9.72 18.38 8.00
N GLN A 95 -9.92 17.64 6.90
CA GLN A 95 -11.15 16.89 6.71
C GLN A 95 -11.37 15.84 7.81
N TRP A 96 -10.33 15.61 8.61
CA TRP A 96 -10.40 14.63 9.68
C TRP A 96 -10.81 15.28 11.00
N GLY A 97 -11.69 16.27 10.92
CA GLY A 97 -12.16 16.95 12.12
C GLY A 97 -11.02 17.50 12.97
N SER A 98 -10.55 18.69 12.63
CA SER A 98 -9.46 19.33 13.37
C SER A 98 -8.21 18.44 13.37
N ASP A 99 -7.07 19.05 13.70
CA ASP A 99 -5.80 18.32 13.74
C ASP A 99 -5.53 17.64 12.40
N TRP A 100 -4.65 16.64 12.42
CA TRP A 100 -4.31 15.89 11.20
C TRP A 100 -3.59 16.77 10.20
N LYS A 101 -3.11 16.17 9.11
CA LYS A 101 -2.41 16.91 8.05
C LYS A 101 -1.67 15.97 7.08
N GLY A 102 -2.43 15.20 6.28
CA GLY A 102 -1.80 14.34 5.30
C GLY A 102 -1.89 12.86 5.65
N GLN A 103 -1.09 12.05 4.95
CA GLN A 103 -1.06 10.62 5.18
C GLN A 103 0.37 10.08 5.08
N ALA A 104 0.86 9.54 6.19
CA ALA A 104 2.21 8.98 6.23
C ALA A 104 2.14 7.47 6.12
N GLN A 105 2.63 6.94 5.02
CA GLN A 105 2.58 5.51 4.79
C GLN A 105 3.95 4.88 4.57
N LYS A 106 4.25 3.86 5.35
CA LYS A 106 5.51 3.15 5.24
C LYS A 106 5.27 1.82 4.51
N TRP A 107 6.11 1.54 3.52
CA TRP A 107 5.95 0.33 2.72
C TRP A 107 6.93 -0.78 3.12
N PHE A 108 6.58 -1.99 2.72
CA PHE A 108 7.40 -3.15 3.00
C PHE A 108 7.40 -4.13 1.83
N LEU A 109 8.49 -4.87 1.67
CA LEU A 109 8.61 -5.84 0.61
C LEU A 109 8.30 -7.25 1.13
N PHE A 110 7.59 -8.04 0.34
CA PHE A 110 7.21 -9.38 0.77
C PHE A 110 7.34 -10.42 -0.34
N LYS A 111 7.77 -11.61 0.06
CA LYS A 111 7.90 -12.73 -0.86
C LYS A 111 6.74 -13.69 -0.69
N PHE A 112 5.95 -13.91 -1.74
CA PHE A 112 4.82 -14.83 -1.67
C PHE A 112 5.29 -16.27 -1.75
N THR A 113 5.40 -16.92 -0.59
CA THR A 113 5.84 -18.31 -0.54
C THR A 113 4.64 -19.25 -0.50
N GLY A 114 3.61 -18.91 -1.27
CA GLY A 114 2.42 -19.74 -1.31
C GLY A 114 1.92 -19.94 -2.73
N GLN A 115 0.61 -20.07 -2.88
CA GLN A 115 0.00 -20.28 -4.20
C GLN A 115 -1.06 -19.22 -4.48
N ASP A 116 -1.25 -18.90 -5.74
CA ASP A 116 -2.24 -17.90 -6.16
C ASP A 116 -3.63 -18.31 -5.71
N GLN A 117 -3.89 -19.60 -5.81
CA GLN A 117 -5.19 -20.17 -5.43
C GLN A 117 -5.50 -19.90 -3.95
N GLU A 118 -4.57 -19.28 -3.23
CA GLU A 118 -4.78 -18.96 -1.82
C GLU A 118 -5.44 -17.61 -1.67
N ILE A 119 -5.29 -16.79 -2.70
CA ILE A 119 -5.84 -15.45 -2.73
C ILE A 119 -7.32 -15.48 -3.16
N ASN A 120 -8.21 -15.40 -2.18
CA ASN A 120 -9.65 -15.43 -2.46
C ASN A 120 -10.25 -14.01 -2.50
N LEU A 121 -9.39 -12.99 -2.48
CA LEU A 121 -9.83 -11.59 -2.50
C LEU A 121 -11.18 -11.42 -1.80
N LEU A 122 -11.23 -11.84 -0.55
CA LEU A 122 -12.44 -11.73 0.25
C LEU A 122 -13.60 -12.48 -0.41
N GLY A 123 -14.65 -12.71 0.37
CA GLY A 123 -15.82 -13.39 -0.13
C GLY A 123 -17.02 -13.15 0.76
N ASP A 124 -17.71 -14.22 1.11
CA ASP A 124 -18.88 -14.12 1.98
C ASP A 124 -19.86 -13.07 1.47
N GLY A 125 -20.77 -12.63 2.34
CA GLY A 125 -21.74 -11.63 1.96
C GLY A 125 -22.00 -10.64 3.09
N SER A 126 -20.95 -9.93 3.51
CA SER A 126 -21.07 -8.95 4.59
C SER A 126 -21.24 -7.54 4.04
N GLU A 127 -20.22 -7.06 3.32
CA GLU A 127 -20.26 -5.72 2.75
C GLU A 127 -19.52 -5.68 1.40
N LYS A 128 -18.20 -5.72 1.44
CA LYS A 128 -17.41 -5.71 0.22
C LYS A 128 -15.90 -5.77 0.51
N PRO A 129 -15.14 -6.39 -0.40
CA PRO A 129 -13.70 -6.53 -0.27
C PRO A 129 -12.96 -5.21 -0.43
N GLU A 130 -11.65 -5.31 -0.63
CA GLU A 130 -10.81 -4.14 -0.83
C GLU A 130 -10.33 -4.09 -2.28
N PHE A 131 -10.13 -5.27 -2.86
CA PHE A 131 -9.71 -5.39 -4.26
C PHE A 131 -10.60 -6.42 -4.95
N GLY A 132 -10.98 -6.11 -6.18
CA GLY A 132 -11.86 -6.99 -6.92
C GLY A 132 -11.11 -8.08 -7.66
N GLU A 133 -9.90 -7.75 -8.12
CA GLU A 133 -9.07 -8.71 -8.84
C GLU A 133 -7.60 -8.41 -8.64
N TRP A 134 -6.75 -9.43 -8.78
CA TRP A 134 -5.31 -9.25 -8.60
C TRP A 134 -4.52 -9.97 -9.70
N SER A 135 -3.23 -9.66 -9.77
CA SER A 135 -2.36 -10.26 -10.77
C SER A 135 -0.88 -10.08 -10.40
N TRP A 136 -0.02 -10.82 -11.11
CA TRP A 136 1.43 -10.73 -10.89
C TRP A 136 2.05 -9.91 -12.02
N VAL A 137 2.38 -8.66 -11.74
CA VAL A 137 2.97 -7.80 -12.73
C VAL A 137 4.34 -7.34 -12.27
N THR A 138 5.14 -6.79 -13.17
CA THR A 138 6.47 -6.31 -12.79
C THR A 138 6.35 -5.04 -11.96
N PRO A 139 7.46 -4.59 -11.38
CA PRO A 139 7.46 -3.37 -10.57
C PRO A 139 7.08 -2.17 -11.42
N GLU A 140 7.81 -1.98 -12.51
CA GLU A 140 7.53 -0.89 -13.44
C GLU A 140 6.17 -1.07 -14.11
N GLN A 141 5.73 -2.33 -14.21
CA GLN A 141 4.44 -2.65 -14.81
C GLN A 141 3.30 -2.22 -13.89
N LEU A 142 3.42 -2.56 -12.61
CA LEU A 142 2.41 -2.21 -11.64
C LEU A 142 2.21 -0.70 -11.62
N ILE A 143 3.31 0.03 -11.76
CA ILE A 143 3.24 1.49 -11.78
C ILE A 143 2.38 1.96 -12.96
N ASP A 144 2.47 1.24 -14.06
CA ASP A 144 1.70 1.59 -15.26
C ASP A 144 0.22 1.28 -15.04
N LEU A 145 -0.05 0.07 -14.61
CA LEU A 145 -1.41 -0.39 -14.38
C LEU A 145 -2.03 0.22 -13.12
N THR A 146 -1.20 0.71 -12.20
CA THR A 146 -1.72 1.29 -10.97
C THR A 146 -2.34 2.65 -11.21
N VAL A 147 -2.88 3.24 -10.14
CA VAL A 147 -3.52 4.55 -10.23
C VAL A 147 -2.50 5.68 -10.18
N GLU A 148 -2.81 6.79 -10.83
CA GLU A 148 -1.91 7.94 -10.84
C GLU A 148 -1.67 8.47 -9.43
N PHE A 149 -2.75 8.79 -8.73
CA PHE A 149 -2.66 9.31 -7.36
C PHE A 149 -1.85 8.39 -6.44
N LYS A 150 -1.40 7.23 -6.94
CA LYS A 150 -0.64 6.30 -6.12
C LYS A 150 0.60 5.79 -6.86
N LYS A 151 0.75 6.14 -8.12
CA LYS A 151 1.89 5.71 -8.91
C LYS A 151 3.21 6.20 -8.32
N PRO A 152 3.39 7.53 -8.18
CA PRO A 152 4.61 8.10 -7.61
C PRO A 152 4.91 7.53 -6.23
N VAL A 153 3.85 7.13 -5.52
CA VAL A 153 4.02 6.55 -4.21
C VAL A 153 4.69 5.19 -4.35
N TYR A 154 4.08 4.34 -5.18
CA TYR A 154 4.62 3.01 -5.44
C TYR A 154 5.98 3.12 -6.12
N LYS A 155 6.11 4.13 -6.98
CA LYS A 155 7.35 4.38 -7.70
C LYS A 155 8.50 4.59 -6.74
N GLU A 156 8.26 5.37 -5.70
CA GLU A 156 9.28 5.63 -4.71
C GLU A 156 9.56 4.36 -3.93
N VAL A 157 8.53 3.52 -3.84
CA VAL A 157 8.65 2.26 -3.15
C VAL A 157 9.57 1.33 -3.93
N LEU A 158 9.40 1.33 -5.26
CA LEU A 158 10.21 0.47 -6.14
C LEU A 158 11.68 0.88 -6.06
N SER A 159 11.93 2.20 -6.08
CA SER A 159 13.30 2.70 -6.01
C SER A 159 13.97 2.12 -4.78
N VAL A 160 13.23 2.07 -3.68
CA VAL A 160 13.74 1.50 -2.46
C VAL A 160 13.97 0.01 -2.64
N PHE A 161 13.01 -0.64 -3.30
CA PHE A 161 13.06 -2.07 -3.55
C PHE A 161 13.95 -2.42 -4.74
N ALA A 162 14.62 -1.44 -5.32
CA ALA A 162 15.49 -1.69 -6.45
C ALA A 162 16.58 -2.70 -6.06
N PRO A 163 17.32 -2.43 -4.97
CA PRO A 163 18.37 -3.34 -4.50
C PRO A 163 17.82 -4.73 -4.18
N HIS A 164 16.49 -4.84 -4.11
CA HIS A 164 15.84 -6.11 -3.81
C HIS A 164 15.14 -6.69 -5.04
N LEU A 165 14.90 -5.83 -6.04
CA LEU A 165 14.24 -6.27 -7.27
C LEU A 165 15.27 -6.61 -8.34
N GLY A 1 9.17 16.87 -6.04
CA GLY A 1 7.98 16.58 -6.88
C GLY A 1 6.86 15.94 -6.09
N PRO A 2 6.07 15.05 -6.72
CA PRO A 2 4.96 14.36 -6.05
C PRO A 2 5.39 13.69 -4.75
N LEU A 3 4.50 13.66 -3.77
CA LEU A 3 4.80 13.04 -2.48
C LEU A 3 5.96 13.76 -1.79
N GLY A 4 6.39 13.20 -0.67
CA GLY A 4 7.50 13.77 0.09
C GLY A 4 8.18 12.72 0.93
N SER A 5 7.37 11.89 1.57
CA SER A 5 7.86 10.81 2.42
C SER A 5 8.86 11.30 3.45
N MET A 6 8.41 11.38 4.70
CA MET A 6 9.27 11.80 5.79
C MET A 6 9.70 10.60 6.63
N ASP A 7 10.95 10.60 7.07
CA ASP A 7 11.47 9.49 7.87
C ASP A 7 10.80 9.44 9.24
N SER A 8 10.00 10.45 9.57
CA SER A 8 9.30 10.51 10.83
C SER A 8 7.89 11.07 10.64
N PRO A 9 6.84 10.26 10.86
CA PRO A 9 5.46 10.70 10.69
C PRO A 9 5.09 11.85 11.64
N PRO A 10 4.72 13.01 11.06
CA PRO A 10 4.36 14.20 11.83
C PRO A 10 2.91 14.15 12.33
N GLU A 11 2.61 15.07 13.24
CA GLU A 11 1.26 15.16 13.81
C GLU A 11 0.20 15.32 12.72
N GLY A 12 -1.02 14.89 13.01
CA GLY A 12 -2.11 15.02 12.06
C GLY A 12 -1.99 14.13 10.84
N TYR A 13 -0.93 13.32 10.78
CA TYR A 13 -0.73 12.43 9.64
C TYR A 13 -1.36 11.06 9.92
N ARG A 14 -2.24 10.62 9.02
CA ARG A 14 -2.89 9.33 9.19
C ARG A 14 -1.89 8.19 8.98
N ARG A 15 -1.14 7.87 10.04
CA ARG A 15 -0.14 6.81 9.99
C ARG A 15 -0.72 5.52 9.42
N ASN A 16 -0.25 5.14 8.23
CA ASN A 16 -0.69 3.92 7.56
C ASN A 16 0.51 3.17 6.99
N VAL A 17 0.26 2.05 6.32
CA VAL A 17 1.35 1.28 5.74
C VAL A 17 0.95 0.67 4.40
N GLY A 18 1.95 0.17 3.69
CA GLY A 18 1.73 -0.47 2.40
C GLY A 18 2.59 -1.72 2.27
N ILE A 19 2.16 -2.65 1.44
CA ILE A 19 2.91 -3.89 1.26
C ILE A 19 3.12 -4.23 -0.21
N CYS A 20 4.37 -4.51 -0.54
CA CYS A 20 4.74 -4.89 -1.90
C CYS A 20 5.10 -6.38 -1.91
N LEU A 21 4.20 -7.18 -2.46
CA LEU A 21 4.41 -8.62 -2.51
C LEU A 21 4.77 -9.09 -3.91
N MET A 22 5.92 -9.76 -4.02
CA MET A 22 6.37 -10.28 -5.31
C MET A 22 6.62 -11.78 -5.24
N ASN A 23 6.76 -12.41 -6.40
CA ASN A 23 7.00 -13.85 -6.46
C ASN A 23 8.49 -14.12 -6.63
N ASN A 24 8.85 -15.39 -6.53
CA ASN A 24 10.23 -15.80 -6.74
C ASN A 24 10.72 -15.41 -8.14
N ASP A 25 9.81 -14.87 -8.96
CA ASP A 25 10.12 -14.46 -10.32
C ASP A 25 10.37 -12.96 -10.42
N LYS A 26 10.30 -12.29 -9.29
CA LYS A 26 10.47 -10.85 -9.23
C LYS A 26 9.24 -10.15 -9.80
N LYS A 27 8.11 -10.86 -9.78
CA LYS A 27 6.86 -10.31 -10.27
C LYS A 27 6.12 -9.71 -9.09
N ILE A 28 5.43 -8.60 -9.33
CA ILE A 28 4.71 -7.91 -8.27
C ILE A 28 3.23 -8.26 -8.25
N PHE A 29 2.71 -8.45 -7.04
CA PHE A 29 1.30 -8.77 -6.84
C PHE A 29 0.48 -7.48 -6.92
N ALA A 30 -0.63 -7.53 -7.63
CA ALA A 30 -1.50 -6.36 -7.78
C ALA A 30 -2.97 -6.75 -7.78
N ALA A 31 -3.80 -5.82 -7.33
CA ALA A 31 -5.23 -6.04 -7.28
C ALA A 31 -5.99 -4.76 -7.62
N SER A 32 -7.03 -4.88 -8.43
CA SER A 32 -7.81 -3.71 -8.83
C SER A 32 -9.05 -3.54 -7.98
N ARG A 33 -9.51 -2.29 -7.85
CA ARG A 33 -10.68 -1.97 -7.05
C ARG A 33 -11.96 -2.52 -7.67
N LEU A 34 -12.77 -3.20 -6.85
CA LEU A 34 -14.04 -3.79 -7.31
C LEU A 34 -14.96 -2.78 -7.99
N ASP A 35 -14.44 -2.08 -8.99
CA ASP A 35 -15.22 -1.09 -9.72
C ASP A 35 -14.37 -0.49 -10.83
N ILE A 36 -13.08 -0.31 -10.57
CA ILE A 36 -12.17 0.25 -11.55
C ILE A 36 -11.16 -0.80 -12.01
N PRO A 37 -11.37 -1.35 -13.22
CA PRO A 37 -10.49 -2.40 -13.78
C PRO A 37 -9.06 -1.93 -14.01
N ASP A 38 -8.91 -0.75 -14.61
CA ASP A 38 -7.59 -0.21 -14.91
C ASP A 38 -6.86 0.26 -13.64
N ALA A 39 -7.54 0.20 -12.51
CA ALA A 39 -6.92 0.62 -11.25
C ALA A 39 -6.32 -0.57 -10.51
N TRP A 40 -5.04 -0.82 -10.75
CA TRP A 40 -4.33 -1.92 -10.11
C TRP A 40 -3.50 -1.40 -8.93
N GLN A 41 -3.38 -2.20 -7.89
CA GLN A 41 -2.60 -1.78 -6.72
C GLN A 41 -2.23 -2.97 -5.85
N MET A 42 -1.19 -2.78 -5.06
CA MET A 42 -0.75 -3.80 -4.13
C MET A 42 -1.38 -3.57 -2.76
N PRO A 43 -1.46 -4.59 -1.91
CA PRO A 43 -2.06 -4.46 -0.58
C PRO A 43 -1.50 -3.25 0.18
N GLN A 44 -2.29 -2.74 1.12
CA GLN A 44 -1.89 -1.59 1.92
C GLN A 44 -2.98 -1.24 2.93
N GLY A 45 -2.58 -0.87 4.14
CA GLY A 45 -3.56 -0.53 5.16
C GLY A 45 -2.99 0.36 6.25
N GLY A 46 -3.88 0.97 7.04
CA GLY A 46 -3.44 1.85 8.10
C GLY A 46 -3.17 1.14 9.41
N ILE A 47 -2.13 1.59 10.10
CA ILE A 47 -1.74 1.02 11.38
C ILE A 47 -2.75 1.37 12.47
N ASP A 48 -2.93 0.46 13.43
CA ASP A 48 -3.86 0.68 14.52
C ASP A 48 -3.35 1.79 15.43
N GLU A 49 -4.05 2.02 16.54
CA GLU A 49 -3.66 3.05 17.49
C GLU A 49 -2.17 2.95 17.84
N GLY A 50 -1.78 1.80 18.41
CA GLY A 50 -0.39 1.61 18.78
C GLY A 50 0.16 0.28 18.28
N GLU A 51 0.17 0.11 16.97
CA GLU A 51 0.68 -1.11 16.35
C GLU A 51 1.86 -0.82 15.44
N ASP A 52 2.69 -1.83 15.22
CA ASP A 52 3.86 -1.66 14.36
C ASP A 52 3.44 -1.57 12.89
N PRO A 53 4.28 -1.01 12.02
CA PRO A 53 3.97 -0.88 10.59
C PRO A 53 4.13 -2.19 9.86
N ARG A 54 5.27 -2.83 10.06
CA ARG A 54 5.57 -4.11 9.43
C ARG A 54 4.45 -5.11 9.70
N ASN A 55 4.00 -5.16 10.95
CA ASN A 55 2.92 -6.06 11.33
C ASN A 55 1.62 -5.63 10.68
N ALA A 56 1.38 -4.31 10.68
CA ALA A 56 0.18 -3.76 10.07
C ALA A 56 0.19 -4.08 8.58
N ALA A 57 1.37 -3.92 7.98
CA ALA A 57 1.53 -4.21 6.57
C ALA A 57 1.12 -5.65 6.28
N ILE A 58 1.73 -6.58 7.03
CA ILE A 58 1.43 -7.99 6.90
C ILE A 58 -0.05 -8.28 7.12
N ARG A 59 -0.57 -7.82 8.25
CA ARG A 59 -1.99 -8.03 8.57
C ARG A 59 -2.88 -7.41 7.50
N GLU A 60 -2.75 -6.09 7.31
CA GLU A 60 -3.55 -5.40 6.30
C GLU A 60 -3.50 -6.17 4.99
N LEU A 61 -2.31 -6.59 4.61
CA LEU A 61 -2.11 -7.38 3.41
C LEU A 61 -3.05 -8.57 3.39
N ARG A 62 -3.05 -9.31 4.51
CA ARG A 62 -3.91 -10.48 4.65
C ARG A 62 -5.38 -10.11 4.57
N GLU A 63 -5.81 -9.30 5.54
CA GLU A 63 -7.20 -8.87 5.60
C GLU A 63 -7.70 -8.28 4.28
N GLU A 64 -6.77 -7.89 3.41
CA GLU A 64 -7.15 -7.28 2.14
C GLU A 64 -7.11 -8.26 0.96
N THR A 65 -6.20 -9.23 0.98
CA THR A 65 -6.11 -10.18 -0.14
C THR A 65 -6.05 -11.63 0.33
N GLY A 66 -5.85 -11.85 1.62
CA GLY A 66 -5.77 -13.20 2.14
C GLY A 66 -4.36 -13.75 2.07
N VAL A 67 -3.52 -13.08 1.29
CA VAL A 67 -2.13 -13.49 1.14
C VAL A 67 -1.41 -13.52 2.47
N THR A 68 -1.03 -14.71 2.89
CA THR A 68 -0.31 -14.91 4.13
C THR A 68 1.02 -15.58 3.86
N SER A 69 0.99 -16.55 2.94
CA SER A 69 2.18 -17.27 2.54
C SER A 69 3.22 -16.35 1.92
N ALA A 70 3.87 -15.55 2.74
CA ALA A 70 4.86 -14.61 2.25
C ALA A 70 5.83 -14.19 3.36
N GLU A 71 7.03 -13.79 2.96
CA GLU A 71 8.06 -13.36 3.91
C GLU A 71 8.60 -11.99 3.50
N VAL A 72 9.05 -11.23 4.48
CA VAL A 72 9.60 -9.89 4.24
C VAL A 72 10.99 -9.97 3.63
N ILE A 73 11.16 -9.28 2.53
CA ILE A 73 12.46 -9.23 1.85
C ILE A 73 13.09 -7.86 2.00
N ALA A 74 12.27 -6.88 2.36
CA ALA A 74 12.75 -5.51 2.54
C ALA A 74 11.70 -4.62 3.21
N GLU A 75 12.09 -3.40 3.54
CA GLU A 75 11.20 -2.44 4.18
C GLU A 75 11.61 -1.01 3.85
N VAL A 76 10.64 -0.16 3.52
CA VAL A 76 10.93 1.22 3.19
C VAL A 76 11.30 2.02 4.44
N PRO A 77 12.33 2.88 4.33
CA PRO A 77 12.79 3.71 5.45
C PRO A 77 11.82 4.84 5.77
N TYR A 78 11.79 5.84 4.92
CA TYR A 78 10.93 7.00 5.11
C TYR A 78 9.46 6.62 4.96
N TRP A 79 8.59 7.44 5.55
CA TRP A 79 7.15 7.22 5.50
C TRP A 79 6.51 8.01 4.35
N LEU A 80 6.07 7.31 3.30
CA LEU A 80 5.44 7.97 2.17
C LEU A 80 4.17 8.67 2.63
N THR A 81 4.15 10.00 2.53
CA THR A 81 2.99 10.78 2.97
C THR A 81 2.35 11.54 1.83
N TYR A 82 1.04 11.34 1.66
CA TYR A 82 0.27 12.01 0.62
C TYR A 82 -0.09 13.44 1.04
N ASP A 83 0.84 14.13 1.70
CA ASP A 83 0.60 15.50 2.16
C ASP A 83 0.61 16.48 0.99
N PHE A 84 -0.38 17.37 0.97
CA PHE A 84 -0.48 18.37 -0.09
C PHE A 84 -0.03 19.74 0.41
N PRO A 85 0.38 20.63 -0.52
CA PRO A 85 0.83 21.98 -0.18
C PRO A 85 -0.32 22.85 0.32
N PRO A 86 -0.03 24.10 0.73
CA PRO A 86 -1.05 25.02 1.22
C PRO A 86 -2.26 25.07 0.27
N LYS A 87 -3.40 25.52 0.80
CA LYS A 87 -4.63 25.62 0.00
C LYS A 87 -5.30 24.25 -0.10
N VAL A 88 -4.54 23.25 -0.56
CA VAL A 88 -5.07 21.90 -0.70
C VAL A 88 -5.46 21.34 0.66
N ARG A 89 -4.73 21.75 1.69
CA ARG A 89 -4.98 21.29 3.05
C ARG A 89 -6.40 21.65 3.49
N GLU A 90 -6.77 22.91 3.35
CA GLU A 90 -8.10 23.37 3.74
C GLU A 90 -9.19 22.56 3.03
N LYS A 91 -8.83 21.99 1.88
CA LYS A 91 -9.78 21.19 1.10
C LYS A 91 -9.60 19.70 1.36
N LEU A 92 -8.42 19.33 1.86
CA LEU A 92 -8.12 17.93 2.15
C LEU A 92 -7.81 17.74 3.63
N ASN A 93 -6.75 18.40 4.09
CA ASN A 93 -6.30 18.33 5.49
C ASN A 93 -7.48 18.52 6.45
N ILE A 94 -8.13 19.67 6.36
CA ILE A 94 -9.25 19.99 7.23
C ILE A 94 -10.51 19.22 6.82
N GLN A 95 -10.42 18.52 5.69
CA GLN A 95 -11.54 17.74 5.19
C GLN A 95 -11.69 16.43 5.95
N TRP A 96 -10.81 16.19 6.92
CA TRP A 96 -10.85 14.96 7.70
C TRP A 96 -11.64 15.14 8.99
N GLY A 97 -12.59 16.07 8.97
CA GLY A 97 -13.41 16.33 10.14
C GLY A 97 -12.60 16.58 11.40
N SER A 98 -11.36 17.02 11.23
CA SER A 98 -10.48 17.31 12.37
C SER A 98 -9.17 17.93 11.91
N ASP A 99 -8.25 18.12 12.84
CA ASP A 99 -6.94 18.71 12.52
C ASP A 99 -6.30 17.97 11.33
N TRP A 100 -5.55 16.92 11.61
CA TRP A 100 -4.91 16.14 10.55
C TRP A 100 -4.01 17.01 9.68
N LYS A 101 -3.45 16.40 8.65
CA LYS A 101 -2.56 17.09 7.71
C LYS A 101 -1.75 16.09 6.89
N GLY A 102 -2.45 15.14 6.27
CA GLY A 102 -1.79 14.16 5.45
C GLY A 102 -1.85 12.77 6.05
N GLN A 103 -1.09 11.85 5.46
CA GLN A 103 -1.04 10.48 5.93
C GLN A 103 0.33 9.89 5.71
N ALA A 104 0.98 9.47 6.79
CA ALA A 104 2.30 8.88 6.70
C ALA A 104 2.19 7.37 6.53
N GLN A 105 2.66 6.89 5.40
CA GLN A 105 2.57 5.47 5.11
C GLN A 105 3.93 4.85 4.78
N LYS A 106 4.30 3.82 5.54
CA LYS A 106 5.56 3.12 5.32
C LYS A 106 5.28 1.81 4.59
N TRP A 107 6.09 1.53 3.58
CA TRP A 107 5.90 0.32 2.78
C TRP A 107 6.88 -0.79 3.15
N PHE A 108 6.54 -2.00 2.72
CA PHE A 108 7.37 -3.18 2.99
C PHE A 108 7.38 -4.13 1.81
N LEU A 109 8.48 -4.86 1.66
CA LEU A 109 8.61 -5.83 0.57
C LEU A 109 8.32 -7.24 1.07
N PHE A 110 7.60 -8.02 0.28
CA PHE A 110 7.25 -9.37 0.68
C PHE A 110 7.35 -10.39 -0.45
N LYS A 111 7.85 -11.57 -0.10
CA LYS A 111 7.99 -12.66 -1.06
C LYS A 111 6.86 -13.66 -0.87
N PHE A 112 6.10 -13.94 -1.93
CA PHE A 112 4.99 -14.89 -1.84
C PHE A 112 5.50 -16.33 -1.88
N THR A 113 5.67 -16.93 -0.71
CA THR A 113 6.14 -18.30 -0.62
C THR A 113 4.96 -19.26 -0.45
N GLY A 114 3.96 -19.11 -1.31
CA GLY A 114 2.79 -19.97 -1.25
C GLY A 114 2.15 -20.17 -2.62
N GLN A 115 0.83 -20.34 -2.63
CA GLN A 115 0.11 -20.53 -3.88
C GLN A 115 -0.96 -19.46 -4.07
N ASP A 116 -1.28 -19.16 -5.32
CA ASP A 116 -2.26 -18.14 -5.65
C ASP A 116 -3.64 -18.49 -5.10
N GLN A 117 -3.90 -19.78 -4.97
CA GLN A 117 -5.18 -20.27 -4.47
C GLN A 117 -5.48 -19.76 -3.06
N GLU A 118 -4.55 -19.02 -2.46
CA GLU A 118 -4.73 -18.47 -1.12
C GLU A 118 -5.37 -17.09 -1.18
N ILE A 119 -5.30 -16.47 -2.35
CA ILE A 119 -5.87 -15.13 -2.56
C ILE A 119 -7.37 -15.19 -2.81
N ASN A 120 -8.15 -15.00 -1.75
CA ASN A 120 -9.60 -15.03 -1.84
C ASN A 120 -10.20 -13.63 -1.99
N LEU A 121 -9.34 -12.61 -2.08
CA LEU A 121 -9.79 -11.22 -2.20
C LEU A 121 -11.02 -10.95 -1.34
N LEU A 122 -10.85 -11.08 -0.03
CA LEU A 122 -11.94 -10.84 0.91
C LEU A 122 -13.07 -11.85 0.72
N GLY A 123 -14.18 -11.63 1.42
CA GLY A 123 -15.32 -12.52 1.33
C GLY A 123 -16.56 -11.99 2.04
N ASP A 124 -16.43 -10.82 2.65
CA ASP A 124 -17.53 -10.20 3.37
C ASP A 124 -17.50 -8.68 3.22
N GLY A 125 -18.25 -7.98 4.05
CA GLY A 125 -18.28 -6.53 4.00
C GLY A 125 -19.68 -5.98 3.83
N SER A 126 -19.84 -4.68 4.02
CA SER A 126 -21.14 -4.03 3.89
C SER A 126 -21.50 -3.80 2.43
N GLU A 127 -20.54 -4.01 1.53
CA GLU A 127 -20.77 -3.83 0.11
C GLU A 127 -19.94 -4.82 -0.70
N LYS A 128 -18.63 -4.66 -0.67
CA LYS A 128 -17.74 -5.53 -1.42
C LYS A 128 -16.29 -5.32 -1.02
N PRO A 129 -15.43 -6.31 -1.30
CA PRO A 129 -14.00 -6.28 -0.96
C PRO A 129 -13.31 -4.98 -1.36
N GLU A 130 -11.98 -5.01 -1.30
CA GLU A 130 -11.18 -3.85 -1.67
C GLU A 130 -10.72 -3.98 -3.11
N PHE A 131 -10.47 -5.22 -3.55
CA PHE A 131 -10.04 -5.48 -4.90
C PHE A 131 -10.93 -6.53 -5.55
N GLY A 132 -11.25 -6.34 -6.82
CA GLY A 132 -12.09 -7.28 -7.53
C GLY A 132 -11.29 -8.30 -8.32
N GLU A 133 -10.12 -7.90 -8.76
CA GLU A 133 -9.23 -8.78 -9.54
C GLU A 133 -7.79 -8.49 -9.20
N TRP A 134 -6.96 -9.53 -9.24
CA TRP A 134 -5.55 -9.38 -8.93
C TRP A 134 -4.67 -10.13 -9.93
N SER A 135 -3.38 -9.83 -9.93
CA SER A 135 -2.44 -10.45 -10.86
C SER A 135 -0.99 -10.24 -10.43
N TRP A 136 -0.08 -10.84 -11.20
CA TRP A 136 1.35 -10.71 -10.95
C TRP A 136 1.99 -9.92 -12.11
N VAL A 137 2.32 -8.67 -11.85
CA VAL A 137 2.93 -7.81 -12.87
C VAL A 137 4.29 -7.33 -12.40
N THR A 138 5.07 -6.74 -13.30
CA THR A 138 6.40 -6.24 -12.93
C THR A 138 6.26 -4.99 -12.09
N PRO A 139 7.36 -4.54 -11.47
CA PRO A 139 7.35 -3.33 -10.65
C PRO A 139 6.98 -2.12 -11.49
N GLU A 140 7.69 -1.93 -12.59
CA GLU A 140 7.42 -0.84 -13.51
C GLU A 140 6.06 -1.01 -14.18
N GLN A 141 5.62 -2.27 -14.31
CA GLN A 141 4.33 -2.57 -14.92
C GLN A 141 3.20 -2.19 -13.98
N LEU A 142 3.35 -2.57 -12.71
CA LEU A 142 2.34 -2.25 -11.71
C LEU A 142 2.10 -0.75 -11.66
N ILE A 143 3.19 0.02 -11.75
CA ILE A 143 3.08 1.47 -11.74
C ILE A 143 2.26 1.95 -12.93
N ASP A 144 2.38 1.25 -14.04
CA ASP A 144 1.63 1.60 -15.25
C ASP A 144 0.16 1.28 -15.08
N LEU A 145 -0.12 0.06 -14.66
CA LEU A 145 -1.49 -0.41 -14.45
C LEU A 145 -2.14 0.17 -13.21
N THR A 146 -1.33 0.64 -12.26
CA THR A 146 -1.88 1.19 -11.02
C THR A 146 -2.50 2.56 -11.25
N VAL A 147 -3.11 3.10 -10.20
CA VAL A 147 -3.75 4.41 -10.28
C VAL A 147 -2.75 5.53 -10.02
N GLU A 148 -2.99 6.68 -10.63
CA GLU A 148 -2.10 7.84 -10.47
C GLU A 148 -1.84 8.15 -9.00
N PHE A 149 -2.91 8.24 -8.23
CA PHE A 149 -2.80 8.55 -6.79
C PHE A 149 -1.82 7.63 -6.06
N LYS A 150 -1.35 6.55 -6.71
CA LYS A 150 -0.44 5.63 -6.05
C LYS A 150 0.78 5.28 -6.90
N LYS A 151 0.84 5.79 -8.13
CA LYS A 151 1.97 5.52 -9.02
C LYS A 151 3.28 6.02 -8.41
N PRO A 152 3.41 7.34 -8.20
CA PRO A 152 4.62 7.93 -7.63
C PRO A 152 4.94 7.36 -6.25
N VAL A 153 3.90 6.98 -5.52
CA VAL A 153 4.08 6.40 -4.20
C VAL A 153 4.74 5.03 -4.35
N TYR A 154 4.14 4.20 -5.20
CA TYR A 154 4.67 2.87 -5.45
C TYR A 154 6.05 2.97 -6.08
N LYS A 155 6.22 3.99 -6.94
CA LYS A 155 7.48 4.22 -7.62
C LYS A 155 8.61 4.42 -6.63
N GLU A 156 8.36 5.23 -5.62
CA GLU A 156 9.36 5.49 -4.59
C GLU A 156 9.59 4.22 -3.81
N VAL A 157 8.53 3.43 -3.68
CA VAL A 157 8.63 2.17 -2.99
C VAL A 157 9.52 1.22 -3.77
N LEU A 158 9.37 1.23 -5.09
CA LEU A 158 10.17 0.38 -5.96
C LEU A 158 11.64 0.76 -5.88
N SER A 159 11.91 2.06 -5.91
CA SER A 159 13.27 2.56 -5.83
C SER A 159 13.94 1.99 -4.58
N VAL A 160 13.20 1.98 -3.49
CA VAL A 160 13.70 1.42 -2.25
C VAL A 160 13.89 -0.08 -2.41
N PHE A 161 12.91 -0.71 -3.07
CA PHE A 161 12.93 -2.14 -3.30
C PHE A 161 13.79 -2.54 -4.50
N ALA A 162 14.49 -1.58 -5.09
CA ALA A 162 15.33 -1.87 -6.24
C ALA A 162 16.38 -2.93 -5.90
N PRO A 163 17.13 -2.72 -4.81
CA PRO A 163 18.16 -3.68 -4.37
C PRO A 163 17.57 -5.05 -4.07
N HIS A 164 16.24 -5.13 -4.02
CA HIS A 164 15.56 -6.40 -3.72
C HIS A 164 14.81 -6.92 -4.95
N LEU A 165 14.56 -6.04 -5.91
CA LEU A 165 13.85 -6.42 -7.13
C LEU A 165 14.83 -6.75 -8.25
N GLY A 1 9.04 16.77 -6.87
CA GLY A 1 7.74 17.49 -6.73
C GLY A 1 6.69 16.64 -6.04
N PRO A 2 6.07 15.69 -6.76
CA PRO A 2 5.04 14.81 -6.19
C PRO A 2 5.52 14.07 -4.94
N LEU A 3 4.66 14.01 -3.94
CA LEU A 3 5.00 13.33 -2.68
C LEU A 3 6.19 14.00 -2.00
N GLY A 4 6.65 13.40 -0.91
CA GLY A 4 7.78 13.94 -0.17
C GLY A 4 8.47 12.87 0.65
N SER A 5 7.68 12.10 1.39
CA SER A 5 8.22 11.03 2.22
C SER A 5 9.14 11.57 3.32
N MET A 6 8.99 11.01 4.52
CA MET A 6 9.79 11.41 5.67
C MET A 6 10.10 10.20 6.55
N ASP A 7 11.34 10.11 7.03
CA ASP A 7 11.74 8.99 7.87
C ASP A 7 10.93 8.97 9.18
N SER A 8 10.18 10.04 9.42
CA SER A 8 9.35 10.14 10.61
C SER A 8 8.08 10.93 10.30
N PRO A 9 6.92 10.50 10.85
CA PRO A 9 5.64 11.16 10.60
C PRO A 9 5.59 12.56 11.21
N PRO A 10 5.63 13.60 10.36
CA PRO A 10 5.60 15.00 10.80
C PRO A 10 4.49 15.29 11.79
N GLU A 11 4.59 16.44 12.44
CA GLU A 11 3.60 16.88 13.42
C GLU A 11 2.18 16.81 12.84
N GLY A 12 1.28 16.15 13.57
CA GLY A 12 -0.09 16.03 13.12
C GLY A 12 -0.20 15.48 11.71
N TYR A 13 -0.07 14.16 11.59
CA TYR A 13 -0.15 13.49 10.29
C TYR A 13 -0.64 12.06 10.45
N ARG A 14 -1.23 11.50 9.40
CA ARG A 14 -1.75 10.14 9.47
C ARG A 14 -0.63 9.13 9.63
N ARG A 15 -0.90 7.88 9.29
CA ARG A 15 0.08 6.81 9.44
C ARG A 15 -0.52 5.49 8.98
N ASN A 16 -0.14 5.08 7.78
CA ASN A 16 -0.62 3.84 7.18
C ASN A 16 0.55 3.02 6.69
N VAL A 17 0.28 1.81 6.21
CA VAL A 17 1.33 0.96 5.68
C VAL A 17 0.91 0.33 4.37
N GLY A 18 1.90 -0.10 3.60
CA GLY A 18 1.63 -0.73 2.34
C GLY A 18 2.41 -2.02 2.21
N ILE A 19 1.93 -2.93 1.38
CA ILE A 19 2.60 -4.21 1.22
C ILE A 19 2.92 -4.51 -0.24
N CYS A 20 4.21 -4.62 -0.53
CA CYS A 20 4.67 -4.94 -1.87
C CYS A 20 5.05 -6.41 -1.90
N LEU A 21 4.15 -7.24 -2.39
CA LEU A 21 4.36 -8.67 -2.45
C LEU A 21 4.78 -9.12 -3.84
N MET A 22 5.97 -9.71 -3.92
CA MET A 22 6.49 -10.18 -5.19
C MET A 22 6.75 -11.69 -5.13
N ASN A 23 6.81 -12.32 -6.31
CA ASN A 23 7.06 -13.74 -6.38
C ASN A 23 8.53 -14.01 -6.56
N ASN A 24 8.91 -15.28 -6.48
CA ASN A 24 10.28 -15.69 -6.71
C ASN A 24 10.74 -15.28 -8.12
N ASP A 25 9.81 -14.73 -8.92
CA ASP A 25 10.12 -14.31 -10.28
C ASP A 25 10.33 -12.80 -10.38
N LYS A 26 10.27 -12.14 -9.24
CA LYS A 26 10.43 -10.69 -9.20
C LYS A 26 9.17 -10.00 -9.70
N LYS A 27 8.05 -10.73 -9.68
CA LYS A 27 6.78 -10.18 -10.11
C LYS A 27 6.06 -9.59 -8.93
N ILE A 28 5.36 -8.49 -9.15
CA ILE A 28 4.65 -7.82 -8.06
C ILE A 28 3.18 -8.21 -8.02
N PHE A 29 2.69 -8.45 -6.83
CA PHE A 29 1.30 -8.80 -6.62
C PHE A 29 0.43 -7.55 -6.80
N ALA A 30 -0.27 -7.49 -7.93
CA ALA A 30 -1.13 -6.34 -8.22
C ALA A 30 -2.59 -6.71 -8.01
N ALA A 31 -3.36 -5.76 -7.52
CA ALA A 31 -4.77 -5.96 -7.27
C ALA A 31 -5.56 -4.71 -7.62
N SER A 32 -6.65 -4.87 -8.38
CA SER A 32 -7.46 -3.75 -8.79
C SER A 32 -8.68 -3.57 -7.89
N ARG A 33 -9.08 -2.32 -7.70
CA ARG A 33 -10.23 -2.00 -6.87
C ARG A 33 -11.51 -2.48 -7.53
N LEU A 34 -12.34 -3.23 -6.79
CA LEU A 34 -13.59 -3.75 -7.31
C LEU A 34 -14.34 -2.67 -8.08
N ASP A 35 -14.24 -1.46 -7.59
CA ASP A 35 -14.89 -0.31 -8.22
C ASP A 35 -14.20 0.07 -9.52
N ILE A 36 -12.87 -0.02 -9.54
CA ILE A 36 -12.09 0.33 -10.72
C ILE A 36 -11.24 -0.85 -11.18
N PRO A 37 -11.63 -1.51 -12.28
CA PRO A 37 -10.90 -2.66 -12.82
C PRO A 37 -9.55 -2.28 -13.42
N ASP A 38 -9.39 -1.01 -13.78
CA ASP A 38 -8.13 -0.53 -14.36
C ASP A 38 -7.18 0.00 -13.30
N ALA A 39 -7.65 0.08 -12.06
CA ALA A 39 -6.84 0.57 -10.96
C ALA A 39 -6.13 -0.58 -10.27
N TRP A 40 -4.89 -0.83 -10.67
CA TRP A 40 -4.10 -1.91 -10.08
C TRP A 40 -3.24 -1.40 -8.93
N GLN A 41 -3.20 -2.15 -7.85
CA GLN A 41 -2.41 -1.75 -6.69
C GLN A 41 -2.16 -2.94 -5.79
N MET A 42 -1.11 -2.84 -4.98
CA MET A 42 -0.77 -3.89 -4.05
C MET A 42 -1.40 -3.59 -2.69
N PRO A 43 -1.60 -4.62 -1.85
CA PRO A 43 -2.22 -4.47 -0.53
C PRO A 43 -1.69 -3.27 0.25
N GLN A 44 -2.52 -2.71 1.12
CA GLN A 44 -2.14 -1.55 1.92
C GLN A 44 -3.19 -1.24 3.00
N GLY A 45 -2.73 -0.81 4.17
CA GLY A 45 -3.63 -0.50 5.27
C GLY A 45 -3.17 0.74 6.02
N GLY A 46 -3.90 1.12 7.08
CA GLY A 46 -3.53 2.31 7.83
C GLY A 46 -3.03 2.05 9.23
N ILE A 47 -2.52 0.84 9.49
CA ILE A 47 -2.01 0.51 10.82
C ILE A 47 -3.10 0.64 11.87
N ASP A 48 -3.24 -0.39 12.71
CA ASP A 48 -4.26 -0.37 13.76
C ASP A 48 -3.91 0.66 14.82
N GLU A 49 -4.72 0.71 15.88
CA GLU A 49 -4.50 1.66 16.97
C GLU A 49 -3.04 1.64 17.43
N GLY A 50 -2.69 0.66 18.26
CA GLY A 50 -1.34 0.55 18.76
C GLY A 50 -0.60 -0.63 18.17
N GLU A 51 -0.55 -0.68 16.84
CA GLU A 51 0.14 -1.77 16.15
C GLU A 51 1.33 -1.24 15.36
N ASP A 52 2.33 -2.11 15.16
CA ASP A 52 3.52 -1.73 14.40
C ASP A 52 3.14 -1.56 12.93
N PRO A 53 4.07 -1.09 12.09
CA PRO A 53 3.81 -0.90 10.66
C PRO A 53 4.04 -2.17 9.87
N ARG A 54 5.23 -2.74 10.03
CA ARG A 54 5.58 -3.97 9.35
C ARG A 54 4.55 -5.05 9.64
N ASN A 55 4.16 -5.14 10.91
CA ASN A 55 3.16 -6.11 11.32
C ASN A 55 1.80 -5.76 10.75
N ALA A 56 1.47 -4.47 10.76
CA ALA A 56 0.20 -4.02 10.22
C ALA A 56 0.13 -4.39 8.75
N ALA A 57 1.21 -4.11 8.03
CA ALA A 57 1.28 -4.45 6.63
C ALA A 57 0.97 -5.92 6.42
N ILE A 58 1.64 -6.78 7.20
CA ILE A 58 1.43 -8.21 7.13
C ILE A 58 -0.03 -8.57 7.41
N ARG A 59 -0.53 -8.14 8.56
CA ARG A 59 -1.90 -8.45 8.95
C ARG A 59 -2.89 -7.87 7.94
N GLU A 60 -2.93 -6.55 7.82
CA GLU A 60 -3.84 -5.92 6.86
C GLU A 60 -3.74 -6.63 5.51
N LEU A 61 -2.53 -7.03 5.15
CA LEU A 61 -2.30 -7.77 3.90
C LEU A 61 -3.22 -8.98 3.84
N ARG A 62 -3.26 -9.73 4.92
CA ARG A 62 -4.09 -10.92 5.01
C ARG A 62 -5.57 -10.57 4.93
N GLU A 63 -6.05 -9.84 5.92
CA GLU A 63 -7.46 -9.44 5.99
C GLU A 63 -7.95 -8.85 4.67
N GLU A 64 -7.02 -8.35 3.85
CA GLU A 64 -7.39 -7.73 2.58
C GLU A 64 -7.28 -8.68 1.39
N THR A 65 -6.26 -9.55 1.37
CA THR A 65 -6.09 -10.46 0.24
C THR A 65 -5.97 -11.93 0.66
N GLY A 66 -5.93 -12.17 1.96
CA GLY A 66 -5.79 -13.53 2.44
C GLY A 66 -4.36 -14.02 2.34
N VAL A 67 -3.53 -13.29 1.59
CA VAL A 67 -2.13 -13.63 1.41
C VAL A 67 -1.40 -13.69 2.75
N THR A 68 -1.00 -14.89 3.11
CA THR A 68 -0.26 -15.10 4.35
C THR A 68 1.08 -15.74 4.03
N SER A 69 1.05 -16.68 3.09
CA SER A 69 2.26 -17.37 2.66
C SER A 69 3.28 -16.40 2.05
N ALA A 70 3.92 -15.62 2.90
CA ALA A 70 4.90 -14.65 2.42
C ALA A 70 5.83 -14.18 3.54
N GLU A 71 7.02 -13.71 3.15
CA GLU A 71 8.02 -13.22 4.09
C GLU A 71 8.54 -11.85 3.66
N VAL A 72 8.97 -11.05 4.64
CA VAL A 72 9.52 -9.72 4.35
C VAL A 72 10.91 -9.81 3.77
N ILE A 73 11.11 -9.18 2.63
CA ILE A 73 12.41 -9.18 1.97
C ILE A 73 13.05 -7.80 2.11
N ALA A 74 12.23 -6.80 2.40
CA ALA A 74 12.72 -5.43 2.54
C ALA A 74 11.64 -4.51 3.08
N GLU A 75 12.02 -3.26 3.33
CA GLU A 75 11.08 -2.25 3.84
C GLU A 75 11.55 -0.86 3.45
N VAL A 76 10.59 0.05 3.25
CA VAL A 76 10.91 1.41 2.86
C VAL A 76 11.56 2.17 4.01
N PRO A 77 12.58 2.98 3.71
CA PRO A 77 13.31 3.77 4.71
C PRO A 77 12.40 4.73 5.47
N TYR A 78 11.83 5.67 4.73
CA TYR A 78 10.96 6.67 5.29
C TYR A 78 9.50 6.36 5.02
N TRP A 79 8.65 7.31 5.37
CA TRP A 79 7.22 7.18 5.15
C TRP A 79 6.84 7.79 3.79
N LEU A 80 5.57 8.15 3.62
CA LEU A 80 5.10 8.74 2.37
C LEU A 80 3.74 9.40 2.58
N THR A 81 3.73 10.72 2.63
CA THR A 81 2.49 11.46 2.84
C THR A 81 2.00 12.09 1.55
N TYR A 82 0.95 12.90 1.66
CA TYR A 82 0.38 13.57 0.51
C TYR A 82 -0.63 14.63 0.94
N ASP A 83 -0.14 15.71 1.52
CA ASP A 83 -1.00 16.79 1.98
C ASP A 83 -1.58 17.54 0.79
N PHE A 84 -2.64 18.30 1.03
CA PHE A 84 -3.30 19.06 -0.03
C PHE A 84 -2.83 20.51 -0.05
N PRO A 85 -3.18 21.24 -1.12
CA PRO A 85 -2.79 22.65 -1.26
C PRO A 85 -3.49 23.52 -0.22
N PRO A 86 -3.18 24.82 -0.19
CA PRO A 86 -3.79 25.75 0.77
C PRO A 86 -5.28 26.02 0.50
N LYS A 87 -5.87 25.28 -0.45
CA LYS A 87 -7.27 25.46 -0.78
C LYS A 87 -8.11 24.27 -0.31
N VAL A 88 -7.62 23.06 -0.56
CA VAL A 88 -8.33 21.85 -0.15
C VAL A 88 -7.91 21.47 1.27
N ARG A 89 -6.75 21.96 1.71
CA ARG A 89 -6.22 21.68 3.04
C ARG A 89 -7.34 21.64 4.09
N GLU A 90 -7.90 22.80 4.39
CA GLU A 90 -8.98 22.91 5.37
C GLU A 90 -10.22 22.14 4.93
N LYS A 91 -10.25 21.73 3.66
CA LYS A 91 -11.39 21.01 3.12
C LYS A 91 -11.25 19.50 3.31
N LEU A 92 -10.02 18.99 3.35
CA LEU A 92 -9.81 17.55 3.53
C LEU A 92 -8.95 17.21 4.73
N ASN A 93 -7.96 18.05 5.00
CA ASN A 93 -7.02 17.80 6.10
C ASN A 93 -7.64 18.06 7.47
N ILE A 94 -8.14 19.26 7.69
CA ILE A 94 -8.76 19.60 8.96
C ILE A 94 -10.14 18.95 9.07
N GLN A 95 -10.56 18.29 7.98
CA GLN A 95 -11.84 17.60 7.92
C GLN A 95 -11.79 16.24 8.63
N TRP A 96 -10.61 15.88 9.14
CA TRP A 96 -10.45 14.61 9.84
C TRP A 96 -10.90 14.74 11.29
N GLY A 97 -10.06 15.34 12.12
CA GLY A 97 -10.41 15.51 13.53
C GLY A 97 -9.23 15.84 14.42
N SER A 98 -8.62 17.00 14.19
CA SER A 98 -7.47 17.45 14.99
C SER A 98 -6.26 16.53 14.80
N ASP A 99 -5.07 17.13 14.85
CA ASP A 99 -3.82 16.38 14.69
C ASP A 99 -3.69 15.81 13.28
N TRP A 100 -4.67 16.09 12.43
CA TRP A 100 -4.66 15.60 11.06
C TRP A 100 -4.26 16.71 10.08
N LYS A 101 -3.89 16.31 8.86
CA LYS A 101 -3.48 17.26 7.82
C LYS A 101 -2.83 16.53 6.63
N GLY A 102 -3.24 15.30 6.39
CA GLY A 102 -2.68 14.53 5.29
C GLY A 102 -2.69 13.04 5.57
N GLN A 103 -1.87 12.28 4.86
CA GLN A 103 -1.82 10.84 5.06
C GLN A 103 -0.42 10.27 4.84
N ALA A 104 0.18 9.78 5.91
CA ALA A 104 1.52 9.19 5.83
C ALA A 104 1.43 7.68 5.72
N GLN A 105 1.96 7.15 4.62
CA GLN A 105 1.91 5.71 4.36
C GLN A 105 3.29 5.12 4.08
N LYS A 106 3.67 4.12 4.86
CA LYS A 106 4.95 3.44 4.71
C LYS A 106 4.75 2.08 4.05
N TRP A 107 5.64 1.72 3.13
CA TRP A 107 5.52 0.45 2.43
C TRP A 107 6.54 -0.58 2.89
N PHE A 108 6.27 -1.84 2.56
CA PHE A 108 7.15 -2.95 2.92
C PHE A 108 7.24 -3.94 1.78
N LEU A 109 8.36 -4.66 1.71
CA LEU A 109 8.56 -5.65 0.68
C LEU A 109 8.27 -7.05 1.20
N PHE A 110 7.57 -7.85 0.40
CA PHE A 110 7.21 -9.19 0.83
C PHE A 110 7.34 -10.21 -0.29
N LYS A 111 7.75 -11.41 0.08
CA LYS A 111 7.89 -12.51 -0.86
C LYS A 111 6.74 -13.50 -0.70
N PHE A 112 5.99 -13.74 -1.76
CA PHE A 112 4.88 -14.70 -1.69
C PHE A 112 5.40 -16.12 -1.77
N THR A 113 5.50 -16.77 -0.61
CA THR A 113 5.97 -18.14 -0.54
C THR A 113 4.79 -19.10 -0.51
N GLY A 114 3.78 -18.81 -1.33
CA GLY A 114 2.60 -19.66 -1.38
C GLY A 114 2.05 -19.83 -2.78
N GLN A 115 0.74 -19.98 -2.89
CA GLN A 115 0.09 -20.15 -4.18
C GLN A 115 -0.98 -19.08 -4.42
N ASP A 116 -1.18 -18.73 -5.68
CA ASP A 116 -2.15 -17.72 -6.06
C ASP A 116 -3.55 -18.09 -5.60
N GLN A 117 -3.83 -19.38 -5.67
CA GLN A 117 -5.13 -19.93 -5.29
C GLN A 117 -5.50 -19.60 -3.84
N GLU A 118 -4.58 -18.93 -3.11
CA GLU A 118 -4.84 -18.57 -1.73
C GLU A 118 -5.46 -17.18 -1.66
N ILE A 119 -5.28 -16.42 -2.73
CA ILE A 119 -5.82 -15.07 -2.83
C ILE A 119 -7.23 -15.08 -3.40
N ASN A 120 -8.22 -14.83 -2.55
CA ASN A 120 -9.61 -14.81 -2.99
C ASN A 120 -10.12 -13.39 -3.17
N LEU A 121 -9.52 -12.45 -2.43
CA LEU A 121 -9.91 -11.05 -2.48
C LEU A 121 -11.28 -10.82 -1.83
N LEU A 122 -12.18 -11.79 -2.02
CA LEU A 122 -13.54 -11.70 -1.46
C LEU A 122 -13.63 -12.34 -0.08
N GLY A 123 -12.48 -12.69 0.49
CA GLY A 123 -12.47 -13.30 1.80
C GLY A 123 -12.95 -12.34 2.87
N ASP A 124 -12.11 -12.16 3.88
CA ASP A 124 -12.44 -11.26 4.99
C ASP A 124 -13.76 -11.68 5.66
N GLY A 125 -14.82 -10.91 5.44
CA GLY A 125 -16.11 -11.23 6.03
C GLY A 125 -16.59 -10.16 6.99
N SER A 126 -16.47 -8.91 6.58
CA SER A 126 -16.89 -7.79 7.42
C SER A 126 -17.97 -6.96 6.73
N GLU A 127 -17.67 -6.52 5.51
CA GLU A 127 -18.61 -5.71 4.74
C GLU A 127 -18.47 -5.99 3.24
N LYS A 128 -17.23 -6.11 2.78
CA LYS A 128 -16.97 -6.37 1.37
C LYS A 128 -15.47 -6.51 1.09
N PRO A 129 -15.13 -7.11 -0.05
CA PRO A 129 -13.74 -7.32 -0.47
C PRO A 129 -12.97 -6.01 -0.61
N GLU A 130 -11.69 -6.13 -0.97
CA GLU A 130 -10.83 -4.97 -1.15
C GLU A 130 -10.47 -4.81 -2.63
N PHE A 131 -10.32 -5.93 -3.32
CA PHE A 131 -9.96 -5.93 -4.74
C PHE A 131 -10.85 -6.90 -5.51
N GLY A 132 -11.21 -6.54 -6.72
CA GLY A 132 -12.06 -7.39 -7.52
C GLY A 132 -11.26 -8.36 -8.36
N GLU A 133 -10.09 -7.92 -8.79
CA GLU A 133 -9.21 -8.74 -9.61
C GLU A 133 -7.76 -8.44 -9.29
N TRP A 134 -6.93 -9.47 -9.31
CA TRP A 134 -5.52 -9.30 -9.03
C TRP A 134 -4.67 -10.08 -10.02
N SER A 135 -3.36 -9.84 -9.98
CA SER A 135 -2.42 -10.50 -10.90
C SER A 135 -0.98 -10.29 -10.48
N TRP A 136 -0.08 -10.92 -11.21
CA TRP A 136 1.35 -10.79 -10.96
C TRP A 136 1.99 -10.01 -12.11
N VAL A 137 2.29 -8.75 -11.87
CA VAL A 137 2.90 -7.90 -12.88
C VAL A 137 4.26 -7.43 -12.40
N THR A 138 5.07 -6.86 -13.29
CA THR A 138 6.38 -6.38 -12.89
C THR A 138 6.25 -5.12 -12.06
N PRO A 139 7.35 -4.68 -11.43
CA PRO A 139 7.34 -3.46 -10.63
C PRO A 139 6.93 -2.27 -11.48
N GLU A 140 7.68 -2.05 -12.55
CA GLU A 140 7.39 -0.96 -13.47
C GLU A 140 6.03 -1.14 -14.13
N GLN A 141 5.60 -2.41 -14.25
CA GLN A 141 4.32 -2.72 -14.86
C GLN A 141 3.17 -2.31 -13.94
N LEU A 142 3.27 -2.71 -12.68
CA LEU A 142 2.24 -2.36 -11.71
C LEU A 142 2.08 -0.85 -11.64
N ILE A 143 3.21 -0.14 -11.73
CA ILE A 143 3.19 1.31 -11.71
C ILE A 143 2.36 1.86 -12.86
N ASP A 144 2.45 1.19 -14.01
CA ASP A 144 1.69 1.60 -15.19
C ASP A 144 0.21 1.32 -15.03
N LEU A 145 -0.09 0.07 -14.70
CA LEU A 145 -1.46 -0.36 -14.51
C LEU A 145 -2.09 0.21 -13.25
N THR A 146 -1.27 0.66 -12.30
CA THR A 146 -1.79 1.20 -11.05
C THR A 146 -2.40 2.58 -11.27
N VAL A 147 -2.95 3.12 -10.19
CA VAL A 147 -3.57 4.43 -10.23
C VAL A 147 -2.53 5.54 -10.14
N GLU A 148 -2.80 6.68 -10.76
CA GLU A 148 -1.87 7.80 -10.73
C GLU A 148 -1.57 8.24 -9.30
N PHE A 149 -2.63 8.50 -8.52
CA PHE A 149 -2.47 8.93 -7.14
C PHE A 149 -1.68 7.94 -6.27
N LYS A 150 -1.18 6.86 -6.86
CA LYS A 150 -0.40 5.87 -6.10
C LYS A 150 0.80 5.36 -6.87
N LYS A 151 0.93 5.77 -8.12
CA LYS A 151 2.05 5.35 -8.95
C LYS A 151 3.36 5.86 -8.38
N PRO A 152 3.47 7.18 -8.10
CA PRO A 152 4.68 7.78 -7.54
C PRO A 152 4.96 7.26 -6.14
N VAL A 153 3.89 6.90 -5.43
CA VAL A 153 4.03 6.35 -4.09
C VAL A 153 4.69 4.99 -4.20
N TYR A 154 4.09 4.14 -5.03
CA TYR A 154 4.60 2.80 -5.26
C TYR A 154 5.98 2.90 -5.91
N LYS A 155 6.12 3.85 -6.82
CA LYS A 155 7.38 4.08 -7.52
C LYS A 155 8.49 4.33 -6.52
N GLU A 156 8.16 5.05 -5.45
CA GLU A 156 9.13 5.33 -4.41
C GLU A 156 9.45 4.04 -3.70
N VAL A 157 8.43 3.21 -3.55
CA VAL A 157 8.60 1.94 -2.90
C VAL A 157 9.53 1.05 -3.73
N LEU A 158 9.36 1.10 -5.04
CA LEU A 158 10.19 0.30 -5.94
C LEU A 158 11.64 0.74 -5.90
N SER A 159 11.86 2.06 -5.97
CA SER A 159 13.22 2.60 -5.91
C SER A 159 13.93 2.04 -4.69
N VAL A 160 13.20 1.96 -3.59
CA VAL A 160 13.75 1.41 -2.36
C VAL A 160 14.01 -0.08 -2.56
N PHE A 161 13.05 -0.74 -3.20
CA PHE A 161 13.13 -2.16 -3.45
C PHE A 161 14.02 -2.48 -4.65
N ALA A 162 14.68 -1.46 -5.22
CA ALA A 162 15.55 -1.67 -6.36
C ALA A 162 16.65 -2.68 -6.01
N PRO A 163 17.40 -2.42 -4.92
CA PRO A 163 18.45 -3.34 -4.48
C PRO A 163 17.91 -4.74 -4.20
N HIS A 164 16.59 -4.85 -4.13
CA HIS A 164 15.95 -6.14 -3.87
C HIS A 164 15.26 -6.67 -5.13
N LEU A 165 15.03 -5.79 -6.09
CA LEU A 165 14.40 -6.17 -7.35
C LEU A 165 15.45 -6.47 -8.41
N GLY A 1 10.33 19.09 -3.92
CA GLY A 1 10.60 17.64 -3.75
C GLY A 1 9.32 16.83 -3.56
N PRO A 2 8.77 16.26 -4.64
CA PRO A 2 7.54 15.46 -4.57
C PRO A 2 7.63 14.36 -3.52
N LEU A 3 6.57 14.22 -2.73
CA LEU A 3 6.52 13.21 -1.69
C LEU A 3 7.61 13.45 -0.64
N GLY A 4 7.20 13.75 0.58
CA GLY A 4 8.15 14.01 1.65
C GLY A 4 8.78 12.73 2.17
N SER A 5 7.95 11.72 2.41
CA SER A 5 8.42 10.43 2.92
C SER A 5 8.84 10.53 4.37
N MET A 6 9.87 11.31 4.63
CA MET A 6 10.38 11.49 5.98
C MET A 6 10.90 10.18 6.55
N ASP A 7 12.15 10.18 7.00
CA ASP A 7 12.75 8.98 7.56
C ASP A 7 12.04 8.59 8.85
N SER A 8 11.84 9.57 9.71
CA SER A 8 11.14 9.34 10.97
C SER A 8 9.65 9.63 10.82
N PRO A 9 8.80 8.98 11.63
CA PRO A 9 7.35 9.18 11.56
C PRO A 9 6.90 10.51 12.16
N PRO A 10 6.53 11.46 11.30
CA PRO A 10 6.07 12.79 11.72
C PRO A 10 4.91 12.72 12.70
N GLU A 11 4.33 13.89 12.98
CA GLU A 11 3.20 14.01 13.91
C GLU A 11 2.08 13.04 13.57
N GLY A 12 0.90 13.27 14.16
CA GLY A 12 -0.26 12.41 13.92
C GLY A 12 -0.24 11.74 12.57
N TYR A 13 -0.77 12.42 11.56
CA TYR A 13 -0.79 11.90 10.21
C TYR A 13 -1.57 10.59 10.12
N ARG A 14 -2.12 10.31 8.94
CA ARG A 14 -2.88 9.08 8.73
C ARG A 14 -1.94 7.89 8.77
N ARG A 15 -1.38 7.60 9.94
CA ARG A 15 -0.45 6.49 10.10
C ARG A 15 -1.01 5.23 9.43
N ASN A 16 -0.54 4.98 8.22
CA ASN A 16 -0.94 3.82 7.45
C ASN A 16 0.28 3.12 6.89
N VAL A 17 0.10 1.97 6.26
CA VAL A 17 1.22 1.24 5.68
C VAL A 17 0.82 0.62 4.35
N GLY A 18 1.83 0.13 3.64
CA GLY A 18 1.59 -0.51 2.37
C GLY A 18 2.40 -1.79 2.24
N ILE A 19 1.92 -2.71 1.43
CA ILE A 19 2.62 -3.98 1.26
C ILE A 19 2.92 -4.31 -0.19
N CYS A 20 4.20 -4.50 -0.48
CA CYS A 20 4.64 -4.87 -1.81
C CYS A 20 5.03 -6.34 -1.82
N LEU A 21 4.19 -7.15 -2.45
CA LEU A 21 4.42 -8.57 -2.51
C LEU A 21 4.90 -9.02 -3.88
N MET A 22 6.02 -9.72 -3.90
CA MET A 22 6.59 -10.21 -5.15
C MET A 22 6.66 -11.72 -5.17
N ASN A 23 6.38 -12.30 -6.32
CA ASN A 23 6.40 -13.74 -6.47
C ASN A 23 7.74 -14.21 -7.03
N ASN A 24 7.83 -15.51 -7.28
CA ASN A 24 9.04 -16.12 -7.81
C ASN A 24 9.49 -15.48 -9.12
N ASP A 25 8.69 -14.56 -9.66
CA ASP A 25 9.02 -13.91 -10.92
C ASP A 25 9.60 -12.52 -10.70
N LYS A 26 9.72 -12.13 -9.44
CA LYS A 26 10.21 -10.81 -9.10
C LYS A 26 9.20 -9.76 -9.53
N LYS A 27 7.95 -10.20 -9.65
CA LYS A 27 6.86 -9.33 -10.03
C LYS A 27 6.16 -8.82 -8.77
N ILE A 28 5.18 -7.96 -8.93
CA ILE A 28 4.47 -7.43 -7.77
C ILE A 28 3.02 -7.82 -7.79
N PHE A 29 2.49 -8.12 -6.61
CA PHE A 29 1.11 -8.49 -6.46
C PHE A 29 0.20 -7.31 -6.79
N ALA A 30 -0.40 -7.34 -7.97
CA ALA A 30 -1.28 -6.25 -8.38
C ALA A 30 -2.74 -6.60 -8.12
N ALA A 31 -3.48 -5.63 -7.61
CA ALA A 31 -4.89 -5.82 -7.32
C ALA A 31 -5.69 -4.58 -7.72
N SER A 32 -6.80 -4.79 -8.43
CA SER A 32 -7.63 -3.67 -8.87
C SER A 32 -8.86 -3.49 -7.98
N ARG A 33 -9.29 -2.25 -7.81
CA ARG A 33 -10.44 -1.93 -7.00
C ARG A 33 -11.72 -2.44 -7.68
N LEU A 34 -12.54 -3.18 -6.95
CA LEU A 34 -13.78 -3.71 -7.49
C LEU A 34 -14.53 -2.66 -8.28
N ASP A 35 -14.47 -1.43 -7.80
CA ASP A 35 -15.12 -0.29 -8.44
C ASP A 35 -14.40 0.08 -9.72
N ILE A 36 -13.07 -0.03 -9.70
CA ILE A 36 -12.25 0.30 -10.87
C ILE A 36 -11.40 -0.89 -11.30
N PRO A 37 -11.70 -1.49 -12.46
CA PRO A 37 -10.95 -2.64 -12.97
C PRO A 37 -9.62 -2.24 -13.59
N ASP A 38 -9.50 -0.97 -13.95
CA ASP A 38 -8.27 -0.46 -14.57
C ASP A 38 -7.31 0.08 -13.51
N ALA A 39 -7.78 0.21 -12.27
CA ALA A 39 -6.95 0.71 -11.19
C ALA A 39 -6.27 -0.43 -10.45
N TRP A 40 -5.04 -0.72 -10.83
CA TRP A 40 -4.27 -1.78 -10.19
C TRP A 40 -3.50 -1.22 -8.99
N GLN A 41 -3.13 -2.09 -8.07
CA GLN A 41 -2.42 -1.67 -6.87
C GLN A 41 -1.82 -2.88 -6.14
N MET A 42 -1.92 -2.90 -4.81
CA MET A 42 -1.38 -4.00 -4.03
C MET A 42 -1.73 -3.79 -2.55
N PRO A 43 -1.65 -4.84 -1.73
CA PRO A 43 -1.97 -4.78 -0.31
C PRO A 43 -1.45 -3.50 0.36
N GLN A 44 -2.32 -2.89 1.15
CA GLN A 44 -1.99 -1.66 1.87
C GLN A 44 -3.13 -1.28 2.81
N GLY A 45 -2.78 -0.75 3.99
CA GLY A 45 -3.82 -0.37 4.93
C GLY A 45 -3.33 0.64 5.95
N GLY A 46 -4.01 0.72 7.10
CA GLY A 46 -3.62 1.67 8.12
C GLY A 46 -3.20 1.03 9.43
N ILE A 47 -2.18 1.60 10.05
CA ILE A 47 -1.66 1.11 11.31
C ILE A 47 -2.63 1.40 12.45
N ASP A 48 -2.73 0.48 13.39
CA ASP A 48 -3.62 0.65 14.53
C ASP A 48 -3.11 1.75 15.46
N GLU A 49 -3.80 1.95 16.58
CA GLU A 49 -3.41 2.96 17.55
C GLU A 49 -1.93 2.86 17.88
N GLY A 50 -1.59 1.93 18.78
CA GLY A 50 -0.21 1.75 19.17
C GLY A 50 0.38 0.46 18.62
N GLU A 51 0.27 0.29 17.31
CA GLU A 51 0.79 -0.89 16.65
C GLU A 51 1.88 -0.53 15.64
N ASP A 52 2.78 -1.47 15.38
CA ASP A 52 3.86 -1.26 14.43
C ASP A 52 3.31 -1.21 13.00
N PRO A 53 4.10 -0.68 12.05
CA PRO A 53 3.69 -0.56 10.64
C PRO A 53 3.80 -1.87 9.90
N ARG A 54 4.98 -2.47 9.98
CA ARG A 54 5.21 -3.74 9.31
C ARG A 54 4.09 -4.71 9.64
N ASN A 55 3.81 -4.87 10.92
CA ASN A 55 2.75 -5.77 11.36
C ASN A 55 1.43 -5.37 10.72
N ALA A 56 1.16 -4.08 10.69
CA ALA A 56 -0.06 -3.61 10.06
C ALA A 56 -0.02 -3.99 8.60
N ALA A 57 1.16 -3.80 7.99
CA ALA A 57 1.37 -4.17 6.61
C ALA A 57 1.09 -5.65 6.40
N ILE A 58 1.81 -6.48 7.16
CA ILE A 58 1.65 -7.93 7.07
C ILE A 58 0.18 -8.32 7.30
N ARG A 59 -0.41 -7.79 8.38
CA ARG A 59 -1.80 -8.11 8.69
C ARG A 59 -2.74 -7.57 7.61
N GLU A 60 -2.77 -6.25 7.43
CA GLU A 60 -3.63 -5.64 6.41
C GLU A 60 -3.59 -6.46 5.13
N LEU A 61 -2.37 -6.79 4.71
CA LEU A 61 -2.17 -7.60 3.50
C LEU A 61 -3.04 -8.85 3.56
N ARG A 62 -2.98 -9.56 4.68
CA ARG A 62 -3.76 -10.77 4.87
C ARG A 62 -5.25 -10.49 4.86
N GLU A 63 -5.71 -9.73 5.85
CA GLU A 63 -7.12 -9.40 5.97
C GLU A 63 -7.72 -8.88 4.66
N GLU A 64 -6.86 -8.40 3.77
CA GLU A 64 -7.33 -7.84 2.50
C GLU A 64 -7.25 -8.83 1.34
N THR A 65 -6.23 -9.69 1.32
CA THR A 65 -6.09 -10.63 0.20
C THR A 65 -5.80 -12.06 0.66
N GLY A 66 -5.87 -12.31 1.97
CA GLY A 66 -5.60 -13.64 2.47
C GLY A 66 -4.13 -14.03 2.35
N VAL A 67 -3.35 -13.22 1.64
CA VAL A 67 -1.93 -13.48 1.45
C VAL A 67 -1.20 -13.61 2.79
N THR A 68 -0.80 -14.82 3.10
CA THR A 68 -0.08 -15.09 4.32
C THR A 68 1.23 -15.79 3.98
N SER A 69 1.17 -16.71 3.02
CA SER A 69 2.36 -17.45 2.58
C SER A 69 3.38 -16.51 1.96
N ALA A 70 4.01 -15.70 2.79
CA ALA A 70 5.00 -14.74 2.31
C ALA A 70 5.98 -14.32 3.41
N GLU A 71 7.16 -13.86 2.99
CA GLU A 71 8.17 -13.41 3.94
C GLU A 71 8.68 -12.02 3.54
N VAL A 72 9.08 -11.24 4.53
CA VAL A 72 9.61 -9.91 4.28
C VAL A 72 11.01 -9.98 3.72
N ILE A 73 11.21 -9.34 2.58
CA ILE A 73 12.52 -9.31 1.93
C ILE A 73 13.14 -7.94 2.10
N ALA A 74 12.31 -6.95 2.36
CA ALA A 74 12.78 -5.59 2.54
C ALA A 74 11.67 -4.68 3.06
N GLU A 75 12.04 -3.42 3.31
CA GLU A 75 11.10 -2.43 3.80
C GLU A 75 11.59 -1.04 3.42
N VAL A 76 10.66 -0.10 3.26
CA VAL A 76 11.03 1.25 2.90
C VAL A 76 11.74 1.96 4.06
N PRO A 77 12.87 2.61 3.76
CA PRO A 77 13.67 3.32 4.77
C PRO A 77 12.88 4.40 5.50
N TYR A 78 12.30 5.31 4.72
CA TYR A 78 11.52 6.40 5.27
C TYR A 78 10.04 6.12 5.14
N TRP A 79 9.22 7.10 5.49
CA TRP A 79 7.77 6.96 5.39
C TRP A 79 7.29 7.54 4.07
N LEU A 80 6.03 7.98 4.01
CA LEU A 80 5.47 8.56 2.80
C LEU A 80 4.20 9.30 3.15
N THR A 81 4.29 10.63 3.15
CA THR A 81 3.15 11.46 3.50
C THR A 81 2.83 12.47 2.41
N TYR A 82 1.83 12.17 1.60
CA TYR A 82 1.40 13.09 0.56
C TYR A 82 0.54 14.18 1.19
N ASP A 83 1.10 14.79 2.22
CA ASP A 83 0.44 15.83 3.00
C ASP A 83 0.31 17.13 2.21
N PHE A 84 0.18 18.23 2.94
CA PHE A 84 0.03 19.54 2.35
C PHE A 84 1.34 20.33 2.39
N PRO A 85 1.60 21.16 1.37
CA PRO A 85 2.81 22.00 1.31
C PRO A 85 2.95 22.83 2.59
N PRO A 86 3.88 23.81 2.64
CA PRO A 86 4.08 24.61 3.85
C PRO A 86 2.84 25.40 4.27
N LYS A 87 2.54 26.50 3.58
CA LYS A 87 1.40 27.35 3.92
C LYS A 87 0.06 26.75 3.47
N VAL A 88 -0.12 25.45 3.70
CA VAL A 88 -1.37 24.78 3.33
C VAL A 88 -2.05 24.14 4.53
N ARG A 89 -1.44 24.27 5.71
CA ARG A 89 -1.99 23.71 6.95
C ARG A 89 -3.51 23.90 7.02
N GLU A 90 -3.94 25.16 7.11
CA GLU A 90 -5.36 25.49 7.20
C GLU A 90 -6.10 25.12 5.93
N LYS A 91 -5.37 24.86 4.85
CA LYS A 91 -6.00 24.51 3.59
C LYS A 91 -6.26 23.01 3.49
N LEU A 92 -5.36 22.21 4.05
CA LEU A 92 -5.48 20.76 3.99
C LEU A 92 -5.49 20.12 5.39
N ASN A 93 -4.56 20.53 6.25
CA ASN A 93 -4.46 19.97 7.60
C ASN A 93 -5.80 20.02 8.34
N ILE A 94 -6.29 21.23 8.55
CA ILE A 94 -7.55 21.43 9.26
C ILE A 94 -8.72 20.81 8.49
N GLN A 95 -8.47 20.37 7.25
CA GLN A 95 -9.51 19.75 6.45
C GLN A 95 -9.79 18.32 6.90
N TRP A 96 -8.99 17.82 7.83
CA TRP A 96 -9.16 16.47 8.34
C TRP A 96 -9.95 16.48 9.66
N GLY A 97 -10.75 17.51 9.86
CA GLY A 97 -11.53 17.63 11.08
C GLY A 97 -10.82 18.44 12.14
N SER A 98 -9.83 19.25 11.71
CA SER A 98 -9.06 20.10 12.61
C SER A 98 -7.85 19.34 13.16
N ASP A 99 -6.67 19.92 12.99
CA ASP A 99 -5.43 19.31 13.47
C ASP A 99 -5.25 17.91 12.90
N TRP A 100 -4.24 17.75 12.06
CA TRP A 100 -3.93 16.47 11.45
C TRP A 100 -2.52 16.46 10.89
N LYS A 101 -2.35 17.01 9.67
CA LYS A 101 -1.04 17.12 8.99
C LYS A 101 -1.10 16.55 7.56
N GLY A 102 -1.72 15.38 7.40
CA GLY A 102 -1.80 14.75 6.08
C GLY A 102 -2.07 13.26 6.17
N GLN A 103 -1.24 12.47 5.47
CA GLN A 103 -1.37 11.01 5.49
C GLN A 103 -0.01 10.33 5.40
N ALA A 104 0.46 9.75 6.50
CA ALA A 104 1.76 9.09 6.50
C ALA A 104 1.61 7.58 6.32
N GLN A 105 2.18 7.08 5.24
CA GLN A 105 2.09 5.65 4.93
C GLN A 105 3.45 5.06 4.57
N LYS A 106 3.86 4.03 5.31
CA LYS A 106 5.13 3.36 5.05
C LYS A 106 4.89 2.00 4.37
N TRP A 107 5.70 1.68 3.38
CA TRP A 107 5.55 0.43 2.65
C TRP A 107 6.60 -0.62 3.05
N PHE A 108 6.32 -1.87 2.70
CA PHE A 108 7.20 -2.99 3.01
C PHE A 108 7.26 -3.97 1.83
N LEU A 109 8.36 -4.70 1.73
CA LEU A 109 8.53 -5.69 0.66
C LEU A 109 8.33 -7.10 1.17
N PHE A 110 7.68 -7.95 0.37
CA PHE A 110 7.43 -9.33 0.78
C PHE A 110 7.52 -10.32 -0.38
N LYS A 111 7.92 -11.54 -0.03
CA LYS A 111 8.04 -12.63 -1.00
C LYS A 111 6.91 -13.61 -0.80
N PHE A 112 6.12 -13.87 -1.84
CA PHE A 112 5.03 -14.83 -1.74
C PHE A 112 5.57 -16.26 -1.81
N THR A 113 5.69 -16.90 -0.66
CA THR A 113 6.21 -18.26 -0.59
C THR A 113 5.07 -19.27 -0.55
N GLY A 114 4.04 -19.00 -1.35
CA GLY A 114 2.89 -19.87 -1.41
C GLY A 114 2.29 -19.93 -2.80
N GLN A 115 0.97 -20.03 -2.87
CA GLN A 115 0.28 -20.08 -4.16
C GLN A 115 -0.76 -18.96 -4.26
N ASP A 116 -1.17 -18.65 -5.48
CA ASP A 116 -2.15 -17.60 -5.73
C ASP A 116 -3.47 -17.91 -5.04
N GLN A 117 -3.71 -19.19 -4.86
CA GLN A 117 -4.94 -19.70 -4.26
C GLN A 117 -5.26 -19.08 -2.89
N GLU A 118 -4.37 -18.25 -2.35
CA GLU A 118 -4.65 -17.61 -1.06
C GLU A 118 -5.33 -16.28 -1.27
N ILE A 119 -5.11 -15.70 -2.45
CA ILE A 119 -5.69 -14.41 -2.79
C ILE A 119 -7.10 -14.53 -3.33
N ASN A 120 -8.08 -14.24 -2.48
CA ASN A 120 -9.47 -14.30 -2.89
C ASN A 120 -10.05 -12.89 -3.04
N LEU A 121 -9.55 -11.96 -2.22
CA LEU A 121 -10.01 -10.57 -2.25
C LEU A 121 -11.40 -10.45 -1.63
N LEU A 122 -12.25 -11.43 -1.92
CA LEU A 122 -13.61 -11.45 -1.41
C LEU A 122 -13.68 -11.92 0.03
N GLY A 123 -14.88 -11.87 0.58
CA GLY A 123 -15.09 -12.29 1.96
C GLY A 123 -16.30 -11.63 2.58
N ASP A 124 -17.22 -12.45 3.06
CA ASP A 124 -18.45 -11.95 3.68
C ASP A 124 -18.31 -11.90 5.19
N GLY A 125 -18.65 -10.76 5.77
CA GLY A 125 -18.55 -10.61 7.22
C GLY A 125 -18.45 -9.17 7.66
N SER A 126 -18.02 -8.28 6.77
CA SER A 126 -17.87 -6.87 7.10
C SER A 126 -18.83 -6.01 6.28
N GLU A 127 -18.45 -5.72 5.04
CA GLU A 127 -19.28 -4.91 4.16
C GLU A 127 -19.07 -5.29 2.70
N LYS A 128 -17.81 -5.53 2.32
CA LYS A 128 -17.49 -5.91 0.96
C LYS A 128 -16.00 -6.18 0.80
N PRO A 129 -15.64 -6.86 -0.31
CA PRO A 129 -14.25 -7.19 -0.61
C PRO A 129 -13.35 -5.95 -0.71
N GLU A 130 -12.10 -6.17 -1.06
CA GLU A 130 -11.13 -5.07 -1.19
C GLU A 130 -10.75 -4.87 -2.65
N PHE A 131 -10.53 -5.97 -3.35
CA PHE A 131 -10.15 -5.93 -4.76
C PHE A 131 -11.04 -6.89 -5.55
N GLY A 132 -11.37 -6.49 -6.76
CA GLY A 132 -12.22 -7.32 -7.61
C GLY A 132 -11.41 -8.30 -8.42
N GLU A 133 -10.23 -7.86 -8.84
CA GLU A 133 -9.33 -8.71 -9.62
C GLU A 133 -7.88 -8.36 -9.34
N TRP A 134 -7.03 -9.37 -9.35
CA TRP A 134 -5.62 -9.17 -9.10
C TRP A 134 -4.77 -9.96 -10.10
N SER A 135 -3.47 -9.68 -10.11
CA SER A 135 -2.56 -10.36 -11.03
C SER A 135 -1.11 -10.21 -10.61
N TRP A 136 -0.23 -10.87 -11.37
CA TRP A 136 1.20 -10.81 -11.13
C TRP A 136 1.87 -10.03 -12.26
N VAL A 137 2.24 -8.79 -11.98
CA VAL A 137 2.88 -7.94 -12.97
C VAL A 137 4.24 -7.50 -12.46
N THR A 138 5.06 -6.93 -13.33
CA THR A 138 6.38 -6.48 -12.91
C THR A 138 6.25 -5.23 -12.04
N PRO A 139 7.32 -4.84 -11.37
CA PRO A 139 7.31 -3.65 -10.52
C PRO A 139 6.96 -2.43 -11.35
N GLU A 140 7.74 -2.20 -12.39
CA GLU A 140 7.50 -1.07 -13.28
C GLU A 140 6.14 -1.22 -13.96
N GLN A 141 5.69 -2.47 -14.11
CA GLN A 141 4.41 -2.77 -14.74
C GLN A 141 3.26 -2.38 -13.82
N LEU A 142 3.37 -2.77 -12.56
CA LEU A 142 2.33 -2.46 -11.58
C LEU A 142 2.15 -0.96 -11.48
N ILE A 143 3.26 -0.23 -11.56
CA ILE A 143 3.20 1.23 -11.50
C ILE A 143 2.40 1.77 -12.68
N ASP A 144 2.57 1.17 -13.84
CA ASP A 144 1.86 1.60 -15.03
C ASP A 144 0.37 1.30 -14.90
N LEU A 145 0.07 0.08 -14.53
CA LEU A 145 -1.31 -0.38 -14.39
C LEU A 145 -1.98 0.16 -13.12
N THR A 146 -1.19 0.59 -12.14
CA THR A 146 -1.77 1.10 -10.89
C THR A 146 -2.35 2.49 -11.09
N VAL A 147 -2.96 3.03 -10.05
CA VAL A 147 -3.57 4.36 -10.11
C VAL A 147 -2.54 5.46 -9.91
N GLU A 148 -2.71 6.56 -10.65
CA GLU A 148 -1.79 7.71 -10.56
C GLU A 148 -1.58 8.13 -9.11
N PHE A 149 -2.68 8.32 -8.40
CA PHE A 149 -2.63 8.74 -6.98
C PHE A 149 -1.71 7.87 -6.13
N LYS A 150 -1.26 6.74 -6.68
CA LYS A 150 -0.40 5.83 -5.91
C LYS A 150 0.80 5.33 -6.73
N LYS A 151 0.86 5.70 -8.00
CA LYS A 151 1.96 5.28 -8.86
C LYS A 151 3.30 5.77 -8.31
N PRO A 152 3.46 7.09 -8.13
CA PRO A 152 4.71 7.67 -7.61
C PRO A 152 5.01 7.15 -6.22
N VAL A 153 3.97 6.78 -5.47
CA VAL A 153 4.15 6.24 -4.14
C VAL A 153 4.80 4.88 -4.25
N TYR A 154 4.19 4.03 -5.06
CA TYR A 154 4.70 2.69 -5.30
C TYR A 154 6.05 2.77 -5.99
N LYS A 155 6.14 3.70 -6.92
CA LYS A 155 7.37 3.92 -7.67
C LYS A 155 8.52 4.20 -6.73
N GLU A 156 8.25 4.99 -5.70
CA GLU A 156 9.24 5.32 -4.72
C GLU A 156 9.57 4.08 -3.92
N VAL A 157 8.57 3.25 -3.73
CA VAL A 157 8.75 2.02 -3.01
C VAL A 157 9.67 1.08 -3.79
N LEU A 158 9.47 1.04 -5.11
CA LEU A 158 10.29 0.18 -5.96
C LEU A 158 11.75 0.62 -5.93
N SER A 159 11.99 1.92 -6.03
CA SER A 159 13.34 2.45 -5.99
C SER A 159 14.05 1.89 -4.77
N VAL A 160 13.32 1.80 -3.67
CA VAL A 160 13.85 1.24 -2.45
C VAL A 160 14.10 -0.25 -2.66
N PHE A 161 13.14 -0.88 -3.31
CA PHE A 161 13.21 -2.31 -3.60
C PHE A 161 14.08 -2.64 -4.80
N ALA A 162 14.74 -1.63 -5.37
CA ALA A 162 15.60 -1.88 -6.53
C ALA A 162 16.67 -2.89 -6.18
N PRO A 163 17.42 -2.67 -5.08
CA PRO A 163 18.47 -3.61 -4.66
C PRO A 163 17.91 -5.00 -4.38
N HIS A 164 16.57 -5.10 -4.32
CA HIS A 164 15.91 -6.37 -4.07
C HIS A 164 15.23 -6.90 -5.32
N LEU A 165 14.96 -6.02 -6.28
CA LEU A 165 14.32 -6.42 -7.53
C LEU A 165 15.36 -6.70 -8.62
N GLY A 1 1.28 18.04 -7.09
CA GLY A 1 1.28 17.31 -5.79
C GLY A 1 2.29 16.19 -5.76
N PRO A 2 3.59 16.51 -5.62
CA PRO A 2 4.65 15.51 -5.57
C PRO A 2 4.42 14.49 -4.46
N LEU A 3 5.25 13.43 -4.45
CA LEU A 3 5.12 12.39 -3.43
C LEU A 3 6.19 12.53 -2.36
N GLY A 4 5.80 12.98 -1.19
CA GLY A 4 6.73 13.14 -0.10
C GLY A 4 6.84 11.89 0.74
N SER A 5 7.78 11.87 1.67
CA SER A 5 7.97 10.69 2.52
C SER A 5 8.55 11.07 3.88
N MET A 6 9.86 11.29 3.91
CA MET A 6 10.56 11.66 5.14
C MET A 6 10.58 10.47 6.10
N ASP A 7 11.75 10.19 6.67
CA ASP A 7 11.89 9.09 7.61
C ASP A 7 11.08 9.35 8.88
N SER A 8 10.97 10.62 9.25
CA SER A 8 10.20 11.01 10.42
C SER A 8 8.84 11.54 9.99
N PRO A 9 7.74 10.99 10.54
CA PRO A 9 6.39 11.42 10.20
C PRO A 9 6.04 12.76 10.84
N PRO A 10 6.03 13.84 10.04
CA PRO A 10 5.69 15.17 10.52
C PRO A 10 4.46 15.19 11.41
N GLU A 11 4.13 16.36 11.94
CA GLU A 11 2.98 16.52 12.84
C GLU A 11 1.79 15.69 12.37
N GLY A 12 1.42 14.73 13.18
CA GLY A 12 0.30 13.86 12.90
C GLY A 12 0.51 13.06 11.61
N TYR A 13 0.27 13.72 10.49
CA TYR A 13 0.42 13.09 9.18
C TYR A 13 -0.03 11.64 9.18
N ARG A 14 -1.29 11.42 9.57
CA ARG A 14 -1.89 10.07 9.61
C ARG A 14 -0.85 9.00 9.96
N ARG A 15 -1.08 7.78 9.51
CA ARG A 15 -0.18 6.66 9.78
C ARG A 15 -0.75 5.38 9.20
N ASN A 16 -0.29 5.02 8.01
CA ASN A 16 -0.72 3.81 7.34
C ASN A 16 0.46 3.05 6.80
N VAL A 17 0.22 1.85 6.29
CA VAL A 17 1.29 1.04 5.73
C VAL A 17 0.88 0.41 4.41
N GLY A 18 1.86 -0.08 3.68
CA GLY A 18 1.61 -0.73 2.42
C GLY A 18 2.47 -1.96 2.26
N ILE A 19 2.03 -2.90 1.43
CA ILE A 19 2.79 -4.13 1.24
C ILE A 19 2.98 -4.48 -0.23
N CYS A 20 4.25 -4.63 -0.62
CA CYS A 20 4.58 -5.00 -1.97
C CYS A 20 4.94 -6.47 -1.99
N LEU A 21 4.00 -7.28 -2.43
CA LEU A 21 4.20 -8.72 -2.47
C LEU A 21 4.57 -9.19 -3.86
N MET A 22 5.77 -9.75 -3.99
CA MET A 22 6.25 -10.25 -5.26
C MET A 22 6.49 -11.75 -5.20
N ASN A 23 6.67 -12.35 -6.36
CA ASN A 23 6.91 -13.79 -6.43
C ASN A 23 8.39 -14.06 -6.65
N ASN A 24 8.77 -15.32 -6.52
CA ASN A 24 10.15 -15.73 -6.74
C ASN A 24 10.64 -15.34 -8.14
N ASP A 25 9.74 -14.78 -8.96
CA ASP A 25 10.08 -14.38 -10.33
C ASP A 25 10.37 -12.89 -10.43
N LYS A 26 10.32 -12.22 -9.29
CA LYS A 26 10.55 -10.78 -9.24
C LYS A 26 9.32 -10.04 -9.78
N LYS A 27 8.18 -10.73 -9.80
CA LYS A 27 6.94 -10.13 -10.27
C LYS A 27 6.19 -9.57 -9.07
N ILE A 28 5.50 -8.46 -9.28
CA ILE A 28 4.78 -7.79 -8.21
C ILE A 28 3.30 -8.15 -8.19
N PHE A 29 2.78 -8.33 -6.99
CA PHE A 29 1.37 -8.64 -6.80
C PHE A 29 0.53 -7.39 -6.99
N ALA A 30 -0.42 -7.45 -7.92
CA ALA A 30 -1.27 -6.30 -8.20
C ALA A 30 -2.74 -6.66 -8.03
N ALA A 31 -3.51 -5.70 -7.57
CA ALA A 31 -4.94 -5.90 -7.37
C ALA A 31 -5.73 -4.68 -7.86
N SER A 32 -6.82 -4.93 -8.56
CA SER A 32 -7.64 -3.85 -9.09
C SER A 32 -8.86 -3.61 -8.22
N ARG A 33 -9.25 -2.34 -8.11
CA ARG A 33 -10.41 -1.97 -7.31
C ARG A 33 -11.69 -2.45 -7.97
N LEU A 34 -12.51 -3.18 -7.23
CA LEU A 34 -13.77 -3.70 -7.75
C LEU A 34 -14.52 -2.62 -8.52
N ASP A 35 -14.36 -1.39 -8.06
CA ASP A 35 -15.01 -0.24 -8.69
C ASP A 35 -14.32 0.12 -10.00
N ILE A 36 -13.00 0.00 -10.02
CA ILE A 36 -12.23 0.33 -11.21
C ILE A 36 -11.35 -0.85 -11.63
N PRO A 37 -11.74 -1.57 -12.69
CA PRO A 37 -10.99 -2.74 -13.19
C PRO A 37 -9.63 -2.35 -13.77
N ASP A 38 -9.47 -1.07 -14.10
CA ASP A 38 -8.22 -0.58 -14.68
C ASP A 38 -7.29 -0.02 -13.60
N ALA A 39 -7.81 0.15 -12.39
CA ALA A 39 -7.01 0.67 -11.29
C ALA A 39 -6.35 -0.45 -10.49
N TRP A 40 -5.10 -0.73 -10.82
CA TRP A 40 -4.33 -1.77 -10.14
C TRP A 40 -3.61 -1.19 -8.94
N GLN A 41 -3.20 -2.06 -8.03
CA GLN A 41 -2.49 -1.63 -6.83
C GLN A 41 -1.91 -2.85 -6.11
N MET A 42 -1.98 -2.88 -4.78
CA MET A 42 -1.43 -3.99 -4.02
C MET A 42 -1.75 -3.83 -2.54
N PRO A 43 -1.66 -4.92 -1.76
CA PRO A 43 -1.96 -4.90 -0.32
C PRO A 43 -1.42 -3.65 0.37
N GLN A 44 -2.28 -3.01 1.17
CA GLN A 44 -1.91 -1.80 1.91
C GLN A 44 -3.08 -1.32 2.76
N GLY A 45 -2.76 -0.77 3.93
CA GLY A 45 -3.79 -0.27 4.82
C GLY A 45 -3.24 0.69 5.85
N GLY A 46 -4.01 0.93 6.91
CA GLY A 46 -3.55 1.85 7.94
C GLY A 46 -3.20 1.18 9.25
N ILE A 47 -2.19 1.73 9.92
CA ILE A 47 -1.73 1.20 11.20
C ILE A 47 -2.73 1.49 12.31
N ASP A 48 -2.88 0.55 13.24
CA ASP A 48 -3.81 0.73 14.36
C ASP A 48 -3.28 1.80 15.31
N GLU A 49 -3.98 1.99 16.42
CA GLU A 49 -3.59 2.98 17.42
C GLU A 49 -2.10 2.86 17.75
N GLY A 50 -1.73 1.79 18.46
CA GLY A 50 -0.35 1.58 18.83
C GLY A 50 0.21 0.27 18.29
N GLU A 51 0.09 0.10 16.99
CA GLU A 51 0.58 -1.12 16.33
C GLU A 51 1.74 -0.80 15.40
N ASP A 52 2.63 -1.76 15.22
CA ASP A 52 3.78 -1.58 14.35
C ASP A 52 3.32 -1.53 12.89
N PRO A 53 4.14 -0.94 11.99
CA PRO A 53 3.80 -0.84 10.58
C PRO A 53 4.00 -2.15 9.87
N ARG A 54 5.16 -2.74 10.07
CA ARG A 54 5.51 -4.02 9.48
C ARG A 54 4.43 -5.05 9.77
N ASN A 55 4.02 -5.11 11.03
CA ASN A 55 2.98 -6.05 11.43
C ASN A 55 1.66 -5.68 10.78
N ALA A 56 1.37 -4.39 10.77
CA ALA A 56 0.13 -3.91 10.17
C ALA A 56 0.12 -4.27 8.70
N ALA A 57 1.25 -4.06 8.03
CA ALA A 57 1.37 -4.40 6.62
C ALA A 57 1.02 -5.86 6.41
N ILE A 58 1.70 -6.73 7.15
CA ILE A 58 1.46 -8.16 7.05
C ILE A 58 -0.01 -8.49 7.27
N ARG A 59 -0.56 -8.04 8.39
CA ARG A 59 -1.96 -8.30 8.70
C ARG A 59 -2.87 -7.69 7.64
N GLU A 60 -2.82 -6.36 7.49
CA GLU A 60 -3.65 -5.67 6.50
C GLU A 60 -3.61 -6.44 5.18
N LEU A 61 -2.42 -6.79 4.75
CA LEU A 61 -2.24 -7.54 3.52
C LEU A 61 -3.11 -8.79 3.52
N ARG A 62 -3.08 -9.52 4.63
CA ARG A 62 -3.88 -10.73 4.77
C ARG A 62 -5.37 -10.42 4.74
N GLU A 63 -5.82 -9.66 5.72
CA GLU A 63 -7.22 -9.28 5.82
C GLU A 63 -7.78 -8.73 4.51
N GLU A 64 -6.90 -8.25 3.64
CA GLU A 64 -7.33 -7.66 2.38
C GLU A 64 -7.27 -8.64 1.21
N THR A 65 -6.28 -9.53 1.17
CA THR A 65 -6.16 -10.48 0.06
C THR A 65 -6.06 -11.93 0.54
N GLY A 66 -5.97 -12.13 1.84
CA GLY A 66 -5.85 -13.48 2.38
C GLY A 66 -4.43 -13.99 2.31
N VAL A 67 -3.57 -13.29 1.56
CA VAL A 67 -2.18 -13.66 1.41
C VAL A 67 -1.46 -13.73 2.74
N THR A 68 -0.97 -14.92 3.07
CA THR A 68 -0.23 -15.13 4.29
C THR A 68 1.11 -15.77 3.97
N SER A 69 1.08 -16.71 3.01
CA SER A 69 2.28 -17.41 2.59
C SER A 69 3.30 -16.46 1.97
N ALA A 70 4.00 -15.69 2.81
CA ALA A 70 4.99 -14.75 2.31
C ALA A 70 5.95 -14.29 3.39
N GLU A 71 7.13 -13.83 2.97
CA GLU A 71 8.17 -13.35 3.88
C GLU A 71 8.68 -11.98 3.44
N VAL A 72 9.11 -11.18 4.41
CA VAL A 72 9.63 -9.85 4.13
C VAL A 72 11.02 -9.91 3.51
N ILE A 73 11.18 -9.21 2.40
CA ILE A 73 12.45 -9.15 1.71
C ILE A 73 13.06 -7.77 1.82
N ALA A 74 12.23 -6.79 2.17
CA ALA A 74 12.69 -5.42 2.32
C ALA A 74 11.60 -4.54 2.92
N GLU A 75 11.95 -3.28 3.17
CA GLU A 75 11.02 -2.32 3.75
C GLU A 75 11.40 -0.89 3.37
N VAL A 76 10.41 -0.02 3.26
CA VAL A 76 10.65 1.37 2.89
C VAL A 76 11.31 2.13 4.06
N PRO A 77 12.33 2.95 3.75
CA PRO A 77 13.06 3.73 4.77
C PRO A 77 12.22 4.81 5.42
N TYR A 78 11.74 5.73 4.61
CA TYR A 78 10.94 6.85 5.09
C TYR A 78 9.44 6.56 5.02
N TRP A 79 8.65 7.48 5.58
CA TRP A 79 7.20 7.34 5.57
C TRP A 79 6.61 8.04 4.35
N LEU A 80 6.27 7.27 3.33
CA LEU A 80 5.71 7.84 2.10
C LEU A 80 4.41 8.59 2.40
N THR A 81 4.46 9.91 2.24
CA THR A 81 3.30 10.75 2.50
C THR A 81 2.81 11.39 1.22
N TYR A 82 1.85 12.30 1.36
CA TYR A 82 1.28 13.01 0.23
C TYR A 82 0.37 14.12 0.72
N ASP A 83 0.96 15.13 1.35
CA ASP A 83 0.20 16.26 1.86
C ASP A 83 -0.39 17.06 0.71
N PHE A 84 -1.28 17.99 1.05
CA PHE A 84 -1.91 18.84 0.04
C PHE A 84 -1.20 20.18 -0.08
N PRO A 85 -1.60 21.04 -1.04
CA PRO A 85 -0.97 22.36 -1.22
C PRO A 85 -1.00 23.16 0.07
N PRO A 86 -0.47 24.41 0.06
CA PRO A 86 -0.44 25.26 1.24
C PRO A 86 -1.84 25.76 1.66
N LYS A 87 -2.86 25.39 0.89
CA LYS A 87 -4.23 25.80 1.19
C LYS A 87 -5.04 24.61 1.68
N VAL A 88 -5.19 23.61 0.82
CA VAL A 88 -5.96 22.42 1.18
C VAL A 88 -5.37 21.73 2.41
N ARG A 89 -4.04 21.66 2.46
CA ARG A 89 -3.39 21.02 3.59
C ARG A 89 -3.36 21.95 4.80
N GLU A 90 -3.89 23.16 4.66
CA GLU A 90 -3.92 24.10 5.76
C GLU A 90 -5.34 24.30 6.27
N LYS A 91 -6.30 23.89 5.48
CA LYS A 91 -7.71 24.01 5.84
C LYS A 91 -8.29 22.65 6.22
N LEU A 92 -7.65 21.58 5.74
CA LEU A 92 -8.09 20.22 6.02
C LEU A 92 -7.02 19.41 6.72
N ASN A 93 -5.79 19.46 6.19
CA ASN A 93 -4.67 18.71 6.75
C ASN A 93 -4.28 19.24 8.13
N ILE A 94 -4.48 20.54 8.32
CA ILE A 94 -4.14 21.19 9.57
C ILE A 94 -5.08 20.72 10.69
N GLN A 95 -6.14 19.99 10.32
CA GLN A 95 -7.10 19.50 11.30
C GLN A 95 -6.87 18.01 11.63
N TRP A 96 -7.71 17.14 11.07
CA TRP A 96 -7.62 15.70 11.30
C TRP A 96 -7.71 15.35 12.79
N GLY A 97 -6.71 15.79 13.54
CA GLY A 97 -6.68 15.53 14.96
C GLY A 97 -5.55 16.29 15.66
N SER A 98 -4.70 15.57 16.37
CA SER A 98 -3.59 16.18 17.07
C SER A 98 -2.58 16.78 16.09
N ASP A 99 -2.63 18.08 15.91
CA ASP A 99 -1.73 18.77 14.99
C ASP A 99 -2.02 18.34 13.55
N TRP A 100 -1.48 17.19 13.15
CA TRP A 100 -1.70 16.67 11.80
C TRP A 100 -1.31 17.67 10.72
N LYS A 101 -1.27 17.21 9.48
CA LYS A 101 -0.91 18.05 8.33
C LYS A 101 -0.64 17.21 7.07
N GLY A 102 -1.30 16.05 6.96
CA GLY A 102 -1.10 15.19 5.81
C GLY A 102 -1.28 13.73 6.14
N GLN A 103 -0.63 12.86 5.38
CA GLN A 103 -0.75 11.41 5.62
C GLN A 103 0.59 10.72 5.34
N ALA A 104 1.16 10.10 6.38
CA ALA A 104 2.43 9.39 6.23
C ALA A 104 2.22 7.89 6.21
N GLN A 105 2.56 7.27 5.09
CA GLN A 105 2.40 5.83 4.92
C GLN A 105 3.69 5.16 4.49
N LYS A 106 4.10 4.15 5.25
CA LYS A 106 5.33 3.42 4.95
C LYS A 106 5.00 2.04 4.37
N TRP A 107 5.72 1.64 3.32
CA TRP A 107 5.46 0.37 2.67
C TRP A 107 6.49 -0.69 3.05
N PHE A 108 6.21 -1.93 2.64
CA PHE A 108 7.09 -3.07 2.93
C PHE A 108 7.15 -4.03 1.75
N LEU A 109 8.24 -4.76 1.64
CA LEU A 109 8.42 -5.74 0.55
C LEU A 109 8.18 -7.15 1.06
N PHE A 110 7.48 -7.97 0.27
CA PHE A 110 7.18 -9.34 0.69
C PHE A 110 7.26 -10.35 -0.45
N LYS A 111 7.74 -11.54 -0.11
CA LYS A 111 7.86 -12.65 -1.07
C LYS A 111 6.72 -13.63 -0.87
N PHE A 112 5.97 -13.92 -1.93
CA PHE A 112 4.87 -14.87 -1.83
C PHE A 112 5.39 -16.29 -1.86
N THR A 113 5.49 -16.91 -0.69
CA THR A 113 5.97 -18.28 -0.59
C THR A 113 4.81 -19.25 -0.46
N GLY A 114 3.86 -19.13 -1.36
CA GLY A 114 2.69 -20.00 -1.34
C GLY A 114 2.06 -20.17 -2.71
N GLN A 115 0.75 -20.33 -2.74
CA GLN A 115 0.03 -20.49 -4.00
C GLN A 115 -1.00 -19.39 -4.18
N ASP A 116 -1.22 -18.99 -5.41
CA ASP A 116 -2.16 -17.94 -5.75
C ASP A 116 -3.57 -18.23 -5.24
N GLN A 117 -3.91 -19.52 -5.22
CA GLN A 117 -5.23 -19.95 -4.76
C GLN A 117 -5.50 -19.52 -3.32
N GLU A 118 -4.50 -18.93 -2.66
CA GLU A 118 -4.65 -18.47 -1.29
C GLU A 118 -5.12 -17.03 -1.24
N ILE A 119 -5.03 -16.33 -2.36
CA ILE A 119 -5.45 -14.94 -2.43
C ILE A 119 -6.96 -14.81 -2.54
N ASN A 120 -7.59 -14.50 -1.42
CA ASN A 120 -9.04 -14.33 -1.37
C ASN A 120 -9.40 -12.85 -1.25
N LEU A 121 -9.71 -12.21 -2.36
CA LEU A 121 -10.06 -10.80 -2.36
C LEU A 121 -11.43 -10.58 -1.70
N LEU A 122 -12.16 -11.67 -1.45
CA LEU A 122 -13.47 -11.58 -0.83
C LEU A 122 -13.36 -11.57 0.69
N GLY A 123 -14.49 -11.33 1.36
CA GLY A 123 -14.52 -11.29 2.81
C GLY A 123 -15.89 -11.61 3.36
N ASP A 124 -16.40 -10.72 4.19
CA ASP A 124 -17.71 -10.90 4.79
C ASP A 124 -18.78 -10.18 3.99
N GLY A 125 -19.79 -10.93 3.55
CA GLY A 125 -20.87 -10.34 2.76
C GLY A 125 -21.68 -9.33 3.55
N SER A 126 -21.11 -8.15 3.76
CA SER A 126 -21.79 -7.09 4.51
C SER A 126 -22.00 -5.85 3.64
N GLU A 127 -21.05 -5.58 2.75
CA GLU A 127 -21.14 -4.42 1.86
C GLU A 127 -20.52 -4.71 0.51
N LYS A 128 -19.23 -5.04 0.51
CA LYS A 128 -18.51 -5.35 -0.72
C LYS A 128 -17.06 -5.70 -0.42
N PRO A 129 -16.42 -6.46 -1.32
CA PRO A 129 -15.03 -6.86 -1.17
C PRO A 129 -14.07 -5.70 -1.40
N GLU A 130 -12.77 -6.00 -1.37
CA GLU A 130 -11.73 -4.99 -1.58
C GLU A 130 -11.34 -4.89 -3.04
N PHE A 131 -10.65 -5.91 -3.53
CA PHE A 131 -10.21 -5.95 -4.93
C PHE A 131 -11.08 -6.89 -5.73
N GLY A 132 -11.33 -6.53 -6.98
CA GLY A 132 -12.14 -7.36 -7.84
C GLY A 132 -11.31 -8.39 -8.57
N GLU A 133 -10.10 -8.00 -8.94
CA GLU A 133 -9.19 -8.89 -9.65
C GLU A 133 -7.74 -8.54 -9.34
N TRP A 134 -6.88 -9.55 -9.34
CA TRP A 134 -5.48 -9.33 -9.07
C TRP A 134 -4.59 -10.09 -10.05
N SER A 135 -3.31 -9.73 -10.09
CA SER A 135 -2.36 -10.35 -11.00
C SER A 135 -0.92 -10.15 -10.53
N TRP A 136 0.01 -10.74 -11.26
CA TRP A 136 1.43 -10.60 -10.97
C TRP A 136 2.11 -9.84 -12.10
N VAL A 137 2.43 -8.57 -11.85
CA VAL A 137 3.07 -7.75 -12.87
C VAL A 137 4.43 -7.27 -12.38
N THR A 138 5.21 -6.68 -13.26
CA THR A 138 6.53 -6.20 -12.87
C THR A 138 6.40 -4.95 -12.00
N PRO A 139 7.49 -4.51 -11.38
CA PRO A 139 7.48 -3.33 -10.53
C PRO A 139 7.07 -2.10 -11.34
N GLU A 140 7.75 -1.91 -12.45
CA GLU A 140 7.45 -0.80 -13.35
C GLU A 140 6.07 -0.98 -13.99
N GLN A 141 5.66 -2.23 -14.17
CA GLN A 141 4.37 -2.55 -14.78
C GLN A 141 3.23 -2.20 -13.82
N LEU A 142 3.38 -2.62 -12.57
CA LEU A 142 2.36 -2.33 -11.56
C LEU A 142 2.11 -0.83 -11.51
N ILE A 143 3.18 -0.06 -11.62
CA ILE A 143 3.07 1.39 -11.59
C ILE A 143 2.25 1.88 -12.78
N ASP A 144 2.43 1.25 -13.92
CA ASP A 144 1.70 1.63 -15.12
C ASP A 144 0.22 1.28 -14.97
N LEU A 145 -0.03 0.05 -14.58
CA LEU A 145 -1.39 -0.45 -14.41
C LEU A 145 -2.07 0.10 -13.15
N THR A 146 -1.29 0.55 -12.17
CA THR A 146 -1.87 1.05 -10.93
C THR A 146 -2.52 2.43 -11.13
N VAL A 147 -3.07 2.99 -10.04
CA VAL A 147 -3.71 4.29 -10.08
C VAL A 147 -2.69 5.41 -9.88
N GLU A 148 -2.97 6.57 -10.46
CA GLU A 148 -2.08 7.72 -10.35
C GLU A 148 -1.85 8.12 -8.89
N PHE A 149 -2.94 8.34 -8.17
CA PHE A 149 -2.85 8.74 -6.77
C PHE A 149 -2.04 7.76 -5.91
N LYS A 150 -1.57 6.66 -6.50
CA LYS A 150 -0.77 5.67 -5.75
C LYS A 150 0.49 5.25 -6.53
N LYS A 151 0.61 5.69 -7.78
CA LYS A 151 1.76 5.35 -8.60
C LYS A 151 3.06 5.86 -7.97
N PRO A 152 3.19 7.19 -7.80
CA PRO A 152 4.38 7.80 -7.21
C PRO A 152 4.72 7.19 -5.85
N VAL A 153 3.69 6.76 -5.13
CA VAL A 153 3.88 6.14 -3.82
C VAL A 153 4.59 4.81 -4.01
N TYR A 154 4.03 3.99 -4.88
CA TYR A 154 4.60 2.69 -5.18
C TYR A 154 5.97 2.87 -5.82
N LYS A 155 6.09 3.90 -6.66
CA LYS A 155 7.34 4.22 -7.34
C LYS A 155 8.46 4.41 -6.34
N GLU A 156 8.18 5.19 -5.30
CA GLU A 156 9.17 5.45 -4.27
C GLU A 156 9.44 4.16 -3.52
N VAL A 157 8.42 3.31 -3.47
CA VAL A 157 8.56 2.02 -2.82
C VAL A 157 9.50 1.13 -3.61
N LEU A 158 9.34 1.17 -4.94
CA LEU A 158 10.19 0.36 -5.82
C LEU A 158 11.64 0.80 -5.72
N SER A 159 11.87 2.11 -5.77
CA SER A 159 13.21 2.65 -5.67
C SER A 159 13.90 2.05 -4.45
N VAL A 160 13.15 1.96 -3.37
CA VAL A 160 13.65 1.36 -2.15
C VAL A 160 13.92 -0.12 -2.39
N PHE A 161 12.99 -0.74 -3.09
CA PHE A 161 13.06 -2.17 -3.39
C PHE A 161 13.97 -2.47 -4.58
N ALA A 162 14.63 -1.45 -5.11
CA ALA A 162 15.53 -1.66 -6.24
C ALA A 162 16.62 -2.66 -5.89
N PRO A 163 17.31 -2.46 -4.75
CA PRO A 163 18.35 -3.37 -4.29
C PRO A 163 17.81 -4.77 -4.03
N HIS A 164 16.48 -4.89 -4.01
CA HIS A 164 15.82 -6.16 -3.76
C HIS A 164 15.15 -6.71 -5.03
N LEU A 165 14.92 -5.82 -5.99
CA LEU A 165 14.28 -6.21 -7.25
C LEU A 165 15.33 -6.54 -8.30
N GLY A 1 -0.14 19.18 -2.15
CA GLY A 1 -0.29 18.51 -3.47
C GLY A 1 0.37 17.15 -3.52
N PRO A 2 1.68 17.10 -3.81
CA PRO A 2 2.43 15.84 -3.88
C PRO A 2 2.69 15.25 -2.49
N LEU A 3 3.38 14.12 -2.45
CA LEU A 3 3.70 13.47 -1.19
C LEU A 3 5.09 13.89 -0.73
N GLY A 4 5.29 13.94 0.59
CA GLY A 4 6.58 14.36 1.12
C GLY A 4 7.42 13.21 1.66
N SER A 5 6.78 12.07 1.91
CA SER A 5 7.47 10.90 2.45
C SER A 5 8.11 11.18 3.81
N MET A 6 9.42 11.33 3.84
CA MET A 6 10.14 11.59 5.09
C MET A 6 10.09 10.37 6.00
N ASP A 7 11.26 9.98 6.51
CA ASP A 7 11.33 8.81 7.40
C ASP A 7 10.67 9.07 8.74
N SER A 8 10.57 10.33 9.11
CA SER A 8 9.94 10.69 10.38
C SER A 8 8.54 11.26 10.15
N PRO A 9 7.50 10.64 10.76
CA PRO A 9 6.12 11.11 10.60
C PRO A 9 5.84 12.37 11.41
N PRO A 10 5.55 13.48 10.71
CA PRO A 10 5.28 14.77 11.35
C PRO A 10 3.85 14.87 11.89
N GLU A 11 3.56 15.98 12.55
CA GLU A 11 2.24 16.22 13.10
C GLU A 11 1.17 16.14 12.02
N GLY A 12 -0.04 15.78 12.43
CA GLY A 12 -1.15 15.68 11.49
C GLY A 12 -0.84 14.83 10.26
N TYR A 13 -0.70 13.53 10.48
CA TYR A 13 -0.42 12.61 9.39
C TYR A 13 -0.95 11.21 9.74
N ARG A 14 -1.95 10.76 8.98
CA ARG A 14 -2.55 9.44 9.24
C ARG A 14 -1.56 8.31 8.95
N ARG A 15 -0.81 7.94 9.97
CA ARG A 15 0.17 6.87 9.85
C ARG A 15 -0.46 5.58 9.31
N ASN A 16 -0.05 5.18 8.11
CA ASN A 16 -0.56 3.98 7.46
C ASN A 16 0.59 3.15 6.89
N VAL A 17 0.30 1.98 6.34
CA VAL A 17 1.36 1.15 5.75
C VAL A 17 0.93 0.52 4.44
N GLY A 18 1.90 -0.01 3.72
CA GLY A 18 1.64 -0.67 2.46
C GLY A 18 2.38 -1.99 2.37
N ILE A 19 1.95 -2.85 1.45
CA ILE A 19 2.59 -4.15 1.30
C ILE A 19 2.97 -4.45 -0.15
N CYS A 20 4.26 -4.61 -0.38
CA CYS A 20 4.76 -4.94 -1.72
C CYS A 20 5.13 -6.41 -1.76
N LEU A 21 4.24 -7.21 -2.30
CA LEU A 21 4.46 -8.65 -2.38
C LEU A 21 4.88 -9.09 -3.77
N MET A 22 5.99 -9.80 -3.85
CA MET A 22 6.51 -10.27 -5.13
C MET A 22 6.70 -11.79 -5.16
N ASN A 23 6.63 -12.35 -6.36
CA ASN A 23 6.80 -13.78 -6.55
C ASN A 23 8.21 -14.11 -7.02
N ASN A 24 8.44 -15.39 -7.24
CA ASN A 24 9.72 -15.90 -7.72
C ASN A 24 10.11 -15.28 -9.06
N ASP A 25 9.22 -14.50 -9.66
CA ASP A 25 9.49 -13.89 -10.95
C ASP A 25 9.92 -12.44 -10.82
N LYS A 26 10.00 -11.97 -9.59
CA LYS A 26 10.39 -10.60 -9.31
C LYS A 26 9.25 -9.65 -9.68
N LYS A 27 8.05 -10.19 -9.75
CA LYS A 27 6.87 -9.41 -10.08
C LYS A 27 6.20 -8.99 -8.78
N ILE A 28 5.23 -8.09 -8.87
CA ILE A 28 4.54 -7.63 -7.67
C ILE A 28 3.06 -7.96 -7.73
N PHE A 29 2.53 -8.31 -6.57
CA PHE A 29 1.13 -8.65 -6.43
C PHE A 29 0.24 -7.47 -6.73
N ALA A 30 -0.30 -7.44 -7.94
CA ALA A 30 -1.18 -6.34 -8.34
C ALA A 30 -2.64 -6.70 -8.16
N ALA A 31 -3.41 -5.75 -7.66
CA ALA A 31 -4.84 -5.96 -7.44
C ALA A 31 -5.65 -4.76 -7.91
N SER A 32 -6.75 -5.01 -8.60
CA SER A 32 -7.59 -3.93 -9.12
C SER A 32 -8.82 -3.74 -8.25
N ARG A 33 -9.22 -2.47 -8.08
CA ARG A 33 -10.39 -2.14 -7.28
C ARG A 33 -11.67 -2.55 -8.01
N LEU A 34 -12.53 -3.30 -7.33
CA LEU A 34 -13.78 -3.76 -7.93
C LEU A 34 -14.47 -2.63 -8.70
N ASP A 35 -14.38 -1.44 -8.14
CA ASP A 35 -14.98 -0.26 -8.76
C ASP A 35 -14.22 0.18 -10.01
N ILE A 36 -12.90 0.02 -9.99
CA ILE A 36 -12.08 0.40 -11.13
C ILE A 36 -11.20 -0.77 -11.59
N PRO A 37 -11.54 -1.39 -12.73
CA PRO A 37 -10.80 -2.52 -13.28
C PRO A 37 -9.36 -2.18 -13.68
N ASP A 38 -9.20 -1.04 -14.35
CA ASP A 38 -7.88 -0.61 -14.81
C ASP A 38 -7.03 -0.07 -13.65
N ALA A 39 -7.60 0.00 -12.46
CA ALA A 39 -6.89 0.50 -11.29
C ALA A 39 -6.23 -0.66 -10.54
N TRP A 40 -4.96 -0.88 -10.83
CA TRP A 40 -4.21 -1.95 -10.18
C TRP A 40 -3.45 -1.40 -8.97
N GLN A 41 -3.00 -2.29 -8.09
CA GLN A 41 -2.29 -1.88 -6.89
C GLN A 41 -1.76 -3.09 -6.11
N MET A 42 -1.93 -3.08 -4.78
CA MET A 42 -1.47 -4.17 -3.94
C MET A 42 -1.87 -3.88 -2.49
N PRO A 43 -1.80 -4.90 -1.62
CA PRO A 43 -2.18 -4.75 -0.21
C PRO A 43 -1.63 -3.49 0.44
N GLN A 44 -2.42 -2.91 1.34
CA GLN A 44 -2.05 -1.70 2.04
C GLN A 44 -3.08 -1.36 3.10
N GLY A 45 -2.63 -0.87 4.25
CA GLY A 45 -3.53 -0.50 5.32
C GLY A 45 -3.09 0.74 6.06
N GLY A 46 -3.78 1.08 7.15
CA GLY A 46 -3.41 2.27 7.89
C GLY A 46 -2.94 2.01 9.31
N ILE A 47 -2.49 0.79 9.58
CA ILE A 47 -2.01 0.45 10.91
C ILE A 47 -3.10 0.60 11.96
N ASP A 48 -3.26 -0.42 12.80
CA ASP A 48 -4.28 -0.39 13.84
C ASP A 48 -3.93 0.65 14.90
N GLU A 49 -4.75 0.72 15.95
CA GLU A 49 -4.52 1.68 17.04
C GLU A 49 -3.07 1.65 17.51
N GLY A 50 -2.67 0.56 18.16
CA GLY A 50 -1.31 0.45 18.64
C GLY A 50 -0.57 -0.72 18.03
N GLU A 51 -0.50 -0.74 16.70
CA GLU A 51 0.19 -1.80 15.99
C GLU A 51 1.38 -1.26 15.20
N ASP A 52 2.39 -2.09 15.01
CA ASP A 52 3.57 -1.70 14.26
C ASP A 52 3.22 -1.56 12.79
N PRO A 53 4.15 -1.06 11.96
CA PRO A 53 3.92 -0.88 10.53
C PRO A 53 4.11 -2.18 9.77
N ARG A 54 5.26 -2.80 9.99
CA ARG A 54 5.57 -4.08 9.34
C ARG A 54 4.48 -5.09 9.60
N ASN A 55 4.03 -5.14 10.84
CA ASN A 55 2.97 -6.08 11.24
C ASN A 55 1.65 -5.67 10.59
N ALA A 56 1.35 -4.38 10.64
CA ALA A 56 0.12 -3.87 10.07
C ALA A 56 0.10 -4.16 8.58
N ALA A 57 1.25 -3.96 7.92
CA ALA A 57 1.36 -4.23 6.51
C ALA A 57 1.00 -5.68 6.24
N ILE A 58 1.75 -6.59 6.85
CA ILE A 58 1.51 -8.01 6.69
C ILE A 58 0.07 -8.37 7.04
N ARG A 59 -0.40 -7.92 8.21
CA ARG A 59 -1.77 -8.22 8.62
C ARG A 59 -2.77 -7.64 7.64
N GLU A 60 -2.78 -6.31 7.52
CA GLU A 60 -3.68 -5.63 6.59
C GLU A 60 -3.71 -6.38 5.26
N LEU A 61 -2.54 -6.76 4.80
CA LEU A 61 -2.42 -7.50 3.55
C LEU A 61 -3.34 -8.72 3.59
N ARG A 62 -3.30 -9.46 4.68
CA ARG A 62 -4.13 -10.65 4.84
C ARG A 62 -5.61 -10.27 4.85
N GLU A 63 -6.02 -9.54 5.87
CA GLU A 63 -7.41 -9.12 6.02
C GLU A 63 -7.98 -8.54 4.73
N GLU A 64 -7.10 -8.01 3.88
CA GLU A 64 -7.54 -7.38 2.63
C GLU A 64 -7.52 -8.36 1.45
N THR A 65 -6.56 -9.27 1.41
CA THR A 65 -6.45 -10.23 0.31
C THR A 65 -6.37 -11.67 0.82
N GLY A 66 -5.68 -11.86 1.93
CA GLY A 66 -5.54 -13.20 2.48
C GLY A 66 -4.11 -13.72 2.37
N VAL A 67 -3.29 -13.00 1.62
CA VAL A 67 -1.89 -13.38 1.44
C VAL A 67 -1.16 -13.49 2.77
N THR A 68 -0.80 -14.71 3.12
CA THR A 68 -0.07 -14.98 4.35
C THR A 68 1.22 -15.70 4.03
N SER A 69 1.15 -16.63 3.06
CA SER A 69 2.32 -17.39 2.63
C SER A 69 3.37 -16.48 2.04
N ALA A 70 4.07 -15.74 2.90
CA ALA A 70 5.09 -14.81 2.43
C ALA A 70 6.07 -14.43 3.55
N GLU A 71 7.27 -14.00 3.15
CA GLU A 71 8.29 -13.58 4.10
C GLU A 71 8.82 -12.19 3.71
N VAL A 72 9.15 -11.39 4.72
CA VAL A 72 9.67 -10.05 4.47
C VAL A 72 11.11 -10.10 3.98
N ILE A 73 11.34 -9.47 2.84
CA ILE A 73 12.67 -9.42 2.24
C ILE A 73 13.28 -8.04 2.38
N ALA A 74 12.43 -7.05 2.62
CA ALA A 74 12.88 -5.67 2.77
C ALA A 74 11.77 -4.76 3.27
N GLU A 75 12.12 -3.50 3.48
CA GLU A 75 11.17 -2.50 3.95
C GLU A 75 11.64 -1.10 3.60
N VAL A 76 10.69 -0.18 3.40
CA VAL A 76 11.04 1.19 3.05
C VAL A 76 11.64 1.94 4.24
N PRO A 77 12.75 2.66 3.99
CA PRO A 77 13.45 3.42 5.02
C PRO A 77 12.60 4.55 5.61
N TYR A 78 12.09 5.39 4.73
CA TYR A 78 11.27 6.52 5.15
C TYR A 78 9.78 6.21 5.00
N TRP A 79 8.94 7.16 5.38
CA TRP A 79 7.49 6.98 5.28
C TRP A 79 6.96 7.57 3.97
N LEU A 80 5.67 7.89 3.92
CA LEU A 80 5.05 8.46 2.73
C LEU A 80 3.76 9.17 3.08
N THR A 81 3.81 10.49 3.15
CA THR A 81 2.65 11.29 3.52
C THR A 81 1.83 11.68 2.30
N TYR A 82 0.60 11.17 2.25
CA TYR A 82 -0.31 11.46 1.14
C TYR A 82 -0.94 12.84 1.28
N ASP A 83 -0.12 13.88 1.28
CA ASP A 83 -0.61 15.25 1.40
C ASP A 83 -1.30 15.69 0.11
N PHE A 84 -2.52 16.18 0.22
CA PHE A 84 -3.27 16.64 -0.95
C PHE A 84 -3.25 18.17 -1.03
N PRO A 85 -3.50 18.72 -2.23
CA PRO A 85 -3.54 20.17 -2.44
C PRO A 85 -4.54 20.86 -1.51
N PRO A 86 -4.64 22.20 -1.58
CA PRO A 86 -5.58 22.95 -0.73
C PRO A 86 -7.03 22.61 -1.02
N LYS A 87 -7.31 22.26 -2.28
CA LYS A 87 -8.66 21.90 -2.69
C LYS A 87 -9.07 20.55 -2.10
N VAL A 88 -8.21 19.56 -2.27
CA VAL A 88 -8.48 18.22 -1.75
C VAL A 88 -8.28 18.18 -0.24
N ARG A 89 -7.51 19.13 0.27
CA ARG A 89 -7.25 19.20 1.71
C ARG A 89 -8.56 19.31 2.50
N GLU A 90 -9.44 20.20 2.07
CA GLU A 90 -10.72 20.39 2.75
C GLU A 90 -11.66 19.21 2.53
N LYS A 91 -11.38 18.42 1.50
CA LYS A 91 -12.20 17.25 1.18
C LYS A 91 -11.63 15.99 1.82
N LEU A 92 -10.33 16.03 2.13
CA LEU A 92 -9.65 14.88 2.72
C LEU A 92 -9.03 15.23 4.08
N ASN A 93 -8.08 16.17 4.08
CA ASN A 93 -7.38 16.60 5.29
C ASN A 93 -8.36 16.89 6.43
N ILE A 94 -9.24 17.85 6.22
CA ILE A 94 -10.21 18.25 7.22
C ILE A 94 -11.25 17.14 7.43
N GLN A 95 -11.17 16.09 6.62
CA GLN A 95 -12.08 14.97 6.70
C GLN A 95 -11.67 13.95 7.77
N TRP A 96 -10.52 14.17 8.40
CA TRP A 96 -10.04 13.25 9.43
C TRP A 96 -10.41 13.72 10.84
N GLY A 97 -11.09 14.85 10.92
CA GLY A 97 -11.47 15.38 12.23
C GLY A 97 -10.27 15.79 13.05
N SER A 98 -10.23 17.08 13.42
CA SER A 98 -9.12 17.65 14.20
C SER A 98 -8.02 18.16 13.28
N ASP A 99 -6.86 18.44 13.87
CA ASP A 99 -5.71 18.96 13.11
C ASP A 99 -5.44 18.12 11.87
N TRP A 100 -4.66 17.05 12.02
CA TRP A 100 -4.32 16.17 10.90
C TRP A 100 -3.65 16.97 9.78
N LYS A 101 -3.26 16.27 8.70
CA LYS A 101 -2.62 16.90 7.54
C LYS A 101 -1.88 15.86 6.68
N GLY A 102 -2.64 14.92 6.10
CA GLY A 102 -2.03 13.92 5.26
C GLY A 102 -1.94 12.56 5.94
N GLN A 103 -1.25 11.62 5.31
CA GLN A 103 -1.10 10.29 5.88
C GLN A 103 0.28 9.72 5.56
N ALA A 104 1.06 9.44 6.60
CA ALA A 104 2.38 8.87 6.42
C ALA A 104 2.30 7.37 6.32
N GLN A 105 2.66 6.85 5.16
CA GLN A 105 2.59 5.42 4.91
C GLN A 105 3.94 4.83 4.54
N LYS A 106 4.36 3.82 5.29
CA LYS A 106 5.61 3.13 5.00
C LYS A 106 5.30 1.78 4.38
N TRP A 107 6.03 1.44 3.33
CA TRP A 107 5.80 0.17 2.63
C TRP A 107 6.82 -0.89 3.02
N PHE A 108 6.47 -2.14 2.71
CA PHE A 108 7.33 -3.27 3.01
C PHE A 108 7.36 -4.25 1.84
N LEU A 109 8.49 -4.92 1.69
CA LEU A 109 8.65 -5.91 0.63
C LEU A 109 8.52 -7.31 1.18
N PHE A 110 7.63 -8.10 0.59
CA PHE A 110 7.43 -9.47 1.06
C PHE A 110 7.50 -10.46 -0.09
N LYS A 111 8.04 -11.63 0.21
CA LYS A 111 8.17 -12.71 -0.76
C LYS A 111 7.00 -13.67 -0.61
N PHE A 112 6.20 -13.82 -1.66
CA PHE A 112 5.07 -14.73 -1.61
C PHE A 112 5.53 -16.17 -1.82
N THR A 113 5.79 -16.86 -0.71
CA THR A 113 6.24 -18.24 -0.78
C THR A 113 5.06 -19.20 -0.66
N GLY A 114 4.00 -18.89 -1.42
CA GLY A 114 2.81 -19.72 -1.41
C GLY A 114 2.17 -19.84 -2.78
N GLN A 115 0.85 -19.92 -2.83
CA GLN A 115 0.14 -20.05 -4.09
C GLN A 115 -0.86 -18.90 -4.28
N ASP A 116 -1.04 -18.49 -5.53
CA ASP A 116 -1.94 -17.39 -5.87
C ASP A 116 -3.35 -17.68 -5.41
N GLN A 117 -3.75 -18.93 -5.57
CA GLN A 117 -5.09 -19.38 -5.19
C GLN A 117 -5.38 -19.13 -3.71
N GLU A 118 -4.40 -18.63 -2.96
CA GLU A 118 -4.58 -18.34 -1.54
C GLU A 118 -5.10 -16.92 -1.35
N ILE A 119 -4.97 -16.12 -2.39
CA ILE A 119 -5.40 -14.73 -2.34
C ILE A 119 -6.90 -14.59 -2.61
N ASN A 120 -7.66 -14.38 -1.55
CA ASN A 120 -9.10 -14.22 -1.65
C ASN A 120 -9.47 -12.75 -1.57
N LEU A 121 -9.70 -12.12 -2.72
CA LEU A 121 -10.05 -10.70 -2.77
C LEU A 121 -11.44 -10.47 -2.20
N LEU A 122 -12.12 -11.53 -1.79
CA LEU A 122 -13.46 -11.41 -1.24
C LEU A 122 -13.42 -10.81 0.17
N GLY A 123 -14.36 -11.19 1.03
CA GLY A 123 -14.41 -10.67 2.37
C GLY A 123 -15.80 -10.76 2.95
N ASP A 124 -15.88 -11.17 4.21
CA ASP A 124 -17.17 -11.32 4.87
C ASP A 124 -17.57 -10.00 5.53
N GLY A 125 -18.23 -9.16 4.75
CA GLY A 125 -18.68 -7.87 5.24
C GLY A 125 -18.99 -6.91 4.11
N SER A 126 -20.12 -6.22 4.20
CA SER A 126 -20.55 -5.27 3.18
C SER A 126 -20.96 -5.98 1.89
N GLU A 127 -20.88 -7.31 1.90
CA GLU A 127 -21.24 -8.13 0.74
C GLU A 127 -20.21 -8.00 -0.38
N LYS A 128 -19.84 -6.76 -0.69
CA LYS A 128 -18.86 -6.50 -1.74
C LYS A 128 -17.43 -6.76 -1.24
N PRO A 129 -16.56 -7.26 -2.12
CA PRO A 129 -15.18 -7.55 -1.78
C PRO A 129 -14.28 -6.31 -1.86
N GLU A 130 -12.97 -6.55 -1.74
CA GLU A 130 -11.99 -5.48 -1.79
C GLU A 130 -11.59 -5.22 -3.25
N PHE A 131 -10.80 -6.14 -3.79
CA PHE A 131 -10.36 -6.05 -5.18
C PHE A 131 -11.18 -6.99 -6.04
N GLY A 132 -11.50 -6.56 -7.24
CA GLY A 132 -12.29 -7.39 -8.14
C GLY A 132 -11.44 -8.41 -8.87
N GLU A 133 -10.23 -8.01 -9.21
CA GLU A 133 -9.31 -8.88 -9.92
C GLU A 133 -7.87 -8.52 -9.59
N TRP A 134 -7.00 -9.52 -9.58
CA TRP A 134 -5.59 -9.29 -9.29
C TRP A 134 -4.71 -10.10 -10.24
N SER A 135 -3.40 -9.87 -10.17
CA SER A 135 -2.47 -10.54 -11.06
C SER A 135 -1.02 -10.33 -10.62
N TRP A 136 -0.11 -10.93 -11.38
CA TRP A 136 1.32 -10.82 -11.12
C TRP A 136 1.99 -10.03 -12.24
N VAL A 137 2.26 -8.76 -11.98
CA VAL A 137 2.90 -7.89 -12.96
C VAL A 137 4.24 -7.39 -12.43
N THR A 138 5.03 -6.77 -13.30
CA THR A 138 6.33 -6.24 -12.87
C THR A 138 6.13 -5.00 -12.02
N PRO A 139 7.22 -4.49 -11.43
CA PRO A 139 7.16 -3.28 -10.61
C PRO A 139 6.71 -2.10 -11.46
N GLU A 140 7.45 -1.85 -12.52
CA GLU A 140 7.13 -0.77 -13.44
C GLU A 140 5.77 -1.01 -14.09
N GLN A 141 5.41 -2.27 -14.22
CA GLN A 141 4.13 -2.64 -14.83
C GLN A 141 2.98 -2.28 -13.91
N LEU A 142 3.09 -2.67 -12.64
CA LEU A 142 2.05 -2.38 -11.67
C LEU A 142 1.83 -0.87 -11.59
N ILE A 143 2.92 -0.11 -11.69
CA ILE A 143 2.83 1.34 -11.65
C ILE A 143 2.00 1.86 -12.82
N ASP A 144 2.18 1.26 -13.98
CA ASP A 144 1.44 1.68 -15.15
C ASP A 144 -0.04 1.33 -15.01
N LEU A 145 -0.29 0.10 -14.61
CA LEU A 145 -1.65 -0.40 -14.43
C LEU A 145 -2.31 0.12 -13.16
N THR A 146 -1.51 0.60 -12.21
CA THR A 146 -2.06 1.11 -10.95
C THR A 146 -2.69 2.49 -11.13
N VAL A 147 -3.26 3.01 -10.05
CA VAL A 147 -3.89 4.32 -10.08
C VAL A 147 -2.87 5.43 -9.80
N GLU A 148 -3.07 6.59 -10.41
CA GLU A 148 -2.17 7.73 -10.23
C GLU A 148 -1.92 8.02 -8.75
N PHE A 149 -3.00 8.11 -7.99
CA PHE A 149 -2.91 8.40 -6.55
C PHE A 149 -1.95 7.46 -5.81
N LYS A 150 -1.44 6.43 -6.49
CA LYS A 150 -0.53 5.48 -5.83
C LYS A 150 0.67 5.12 -6.72
N LYS A 151 0.70 5.65 -7.93
CA LYS A 151 1.80 5.37 -8.85
C LYS A 151 3.13 5.89 -8.32
N PRO A 152 3.27 7.22 -8.14
CA PRO A 152 4.50 7.82 -7.62
C PRO A 152 4.84 7.29 -6.24
N VAL A 153 3.80 6.93 -5.49
CA VAL A 153 4.00 6.39 -4.15
C VAL A 153 4.66 5.03 -4.25
N TYR A 154 4.07 4.18 -5.08
CA TYR A 154 4.61 2.84 -5.30
C TYR A 154 5.98 2.93 -5.95
N LYS A 155 6.12 3.92 -6.84
CA LYS A 155 7.38 4.15 -7.54
C LYS A 155 8.49 4.42 -6.55
N GLU A 156 8.19 5.20 -5.53
CA GLU A 156 9.17 5.52 -4.51
C GLU A 156 9.45 4.27 -3.71
N VAL A 157 8.41 3.46 -3.53
CA VAL A 157 8.54 2.22 -2.83
C VAL A 157 9.42 1.26 -3.62
N LEU A 158 9.21 1.24 -4.94
CA LEU A 158 9.99 0.37 -5.82
C LEU A 158 11.46 0.79 -5.82
N SER A 159 11.72 2.09 -5.86
CA SER A 159 13.09 2.59 -5.84
C SER A 159 13.81 2.03 -4.62
N VAL A 160 13.08 1.97 -3.52
CA VAL A 160 13.62 1.42 -2.29
C VAL A 160 13.82 -0.08 -2.45
N PHE A 161 12.81 -0.72 -3.03
CA PHE A 161 12.83 -2.15 -3.26
C PHE A 161 13.65 -2.55 -4.50
N ALA A 162 14.30 -1.57 -5.12
CA ALA A 162 15.10 -1.86 -6.30
C ALA A 162 16.19 -2.87 -5.98
N PRO A 163 17.00 -2.62 -4.94
CA PRO A 163 18.07 -3.54 -4.53
C PRO A 163 17.52 -4.94 -4.21
N HIS A 164 16.20 -5.05 -4.09
CA HIS A 164 15.56 -6.32 -3.77
C HIS A 164 14.77 -6.85 -4.98
N LEU A 165 14.44 -5.97 -5.90
CA LEU A 165 13.69 -6.37 -7.09
C LEU A 165 14.63 -6.64 -8.26
N GLY A 1 2.21 12.67 -9.28
CA GLY A 1 2.88 13.99 -9.10
C GLY A 1 3.73 14.05 -7.84
N PRO A 2 3.95 15.26 -7.29
CA PRO A 2 4.75 15.44 -6.08
C PRO A 2 4.28 14.54 -4.93
N LEU A 3 5.20 14.14 -4.08
CA LEU A 3 4.88 13.28 -2.95
C LEU A 3 5.74 13.63 -1.74
N GLY A 4 5.71 12.75 -0.74
CA GLY A 4 6.49 12.95 0.47
C GLY A 4 6.71 11.66 1.23
N SER A 5 7.87 11.51 1.84
CA SER A 5 8.19 10.30 2.59
C SER A 5 8.49 10.59 4.05
N MET A 6 9.68 11.10 4.31
CA MET A 6 10.10 11.44 5.67
C MET A 6 10.23 10.16 6.51
N ASP A 7 11.35 10.04 7.22
CA ASP A 7 11.60 8.86 8.05
C ASP A 7 10.59 8.75 9.18
N SER A 8 10.33 9.86 9.85
CA SER A 8 9.37 9.88 10.96
C SER A 8 8.00 10.36 10.46
N PRO A 9 6.92 9.98 11.16
CA PRO A 9 5.56 10.39 10.78
C PRO A 9 5.33 11.88 11.07
N PRO A 10 5.30 12.71 10.01
CA PRO A 10 5.09 14.15 10.13
C PRO A 10 3.90 14.51 11.02
N GLU A 11 3.84 15.78 11.40
CA GLU A 11 2.78 16.29 12.26
C GLU A 11 1.39 15.94 11.72
N GLY A 12 0.58 15.34 12.60
CA GLY A 12 -0.78 14.98 12.24
C GLY A 12 -0.91 14.37 10.85
N TYR A 13 -0.88 13.05 10.78
CA TYR A 13 -1.01 12.36 9.51
C TYR A 13 -1.59 10.97 9.71
N ARG A 14 -2.37 10.49 8.74
CA ARG A 14 -2.98 9.18 8.83
C ARG A 14 -1.94 8.07 8.68
N ARG A 15 -1.29 7.74 9.78
CA ARG A 15 -0.28 6.69 9.77
C ARG A 15 -0.82 5.42 9.12
N ASN A 16 -0.28 5.09 7.96
CA ASN A 16 -0.69 3.90 7.22
C ASN A 16 0.54 3.14 6.75
N VAL A 17 0.32 1.97 6.16
CA VAL A 17 1.42 1.18 5.65
C VAL A 17 1.05 0.51 4.34
N GLY A 18 2.05 -0.02 3.65
CA GLY A 18 1.82 -0.70 2.41
C GLY A 18 2.60 -1.99 2.32
N ILE A 19 2.16 -2.89 1.45
CA ILE A 19 2.82 -4.17 1.31
C ILE A 19 3.12 -4.51 -0.15
N CYS A 20 4.40 -4.71 -0.43
CA CYS A 20 4.83 -5.07 -1.77
C CYS A 20 5.18 -6.55 -1.80
N LEU A 21 4.25 -7.34 -2.30
CA LEU A 21 4.44 -8.78 -2.36
C LEU A 21 4.87 -9.22 -3.76
N MET A 22 6.04 -9.83 -3.84
CA MET A 22 6.57 -10.30 -5.11
C MET A 22 6.82 -11.80 -5.06
N ASN A 23 6.85 -12.41 -6.23
CA ASN A 23 7.08 -13.85 -6.33
C ASN A 23 8.55 -14.13 -6.62
N ASN A 24 8.91 -15.41 -6.57
CA ASN A 24 10.27 -15.84 -6.88
C ASN A 24 10.70 -15.39 -8.29
N ASP A 25 9.78 -14.78 -9.04
CA ASP A 25 10.07 -14.33 -10.40
C ASP A 25 10.37 -12.85 -10.46
N LYS A 26 10.33 -12.20 -9.32
CA LYS A 26 10.57 -10.76 -9.23
C LYS A 26 9.33 -10.00 -9.69
N LYS A 27 8.19 -10.68 -9.71
CA LYS A 27 6.95 -10.04 -10.11
C LYS A 27 6.21 -9.58 -8.85
N ILE A 28 5.55 -8.45 -8.96
CA ILE A 28 4.84 -7.87 -7.82
C ILE A 28 3.34 -8.11 -7.90
N PHE A 29 2.75 -8.31 -6.74
CA PHE A 29 1.31 -8.52 -6.63
C PHE A 29 0.56 -7.22 -6.84
N ALA A 30 -0.55 -7.29 -7.56
CA ALA A 30 -1.38 -6.12 -7.82
C ALA A 30 -2.84 -6.48 -7.69
N ALA A 31 -3.64 -5.51 -7.26
CA ALA A 31 -5.06 -5.71 -7.09
C ALA A 31 -5.81 -4.47 -7.53
N SER A 32 -6.87 -4.65 -8.29
CA SER A 32 -7.65 -3.52 -8.78
C SER A 32 -8.84 -3.23 -7.86
N ARG A 33 -9.25 -1.96 -7.81
CA ARG A 33 -10.36 -1.55 -6.97
C ARG A 33 -11.69 -2.10 -7.50
N LEU A 34 -12.47 -2.66 -6.59
CA LEU A 34 -13.76 -3.26 -6.91
C LEU A 34 -14.51 -2.42 -7.95
N ASP A 35 -14.52 -1.13 -7.70
CA ASP A 35 -15.20 -0.17 -8.56
C ASP A 35 -14.47 0.03 -9.89
N ILE A 36 -13.14 -0.01 -9.86
CA ILE A 36 -12.35 0.18 -11.08
C ILE A 36 -11.51 -1.05 -11.39
N PRO A 37 -11.79 -1.74 -12.52
CA PRO A 37 -11.05 -2.93 -12.92
C PRO A 37 -9.70 -2.59 -13.55
N ASP A 38 -9.59 -1.35 -14.04
CA ASP A 38 -8.35 -0.89 -14.66
C ASP A 38 -7.43 -0.23 -13.63
N ALA A 39 -7.96 0.00 -12.44
CA ALA A 39 -7.18 0.62 -11.36
C ALA A 39 -6.48 -0.44 -10.54
N TRP A 40 -5.25 -0.74 -10.90
CA TRP A 40 -4.45 -1.74 -10.19
C TRP A 40 -3.69 -1.09 -9.04
N GLN A 41 -3.48 -1.85 -7.98
CA GLN A 41 -2.77 -1.32 -6.83
C GLN A 41 -2.20 -2.44 -5.97
N MET A 42 -1.19 -2.09 -5.19
CA MET A 42 -0.56 -3.04 -4.29
C MET A 42 -1.27 -3.00 -2.95
N PRO A 43 -1.32 -4.12 -2.23
CA PRO A 43 -1.98 -4.16 -0.91
C PRO A 43 -1.43 -3.09 0.01
N GLN A 44 -2.26 -2.63 0.93
CA GLN A 44 -1.86 -1.60 1.88
C GLN A 44 -2.95 -1.36 2.90
N GLY A 45 -2.58 -0.89 4.09
CA GLY A 45 -3.56 -0.63 5.12
C GLY A 45 -3.04 0.33 6.17
N GLY A 46 -3.95 0.95 6.91
CA GLY A 46 -3.55 1.88 7.94
C GLY A 46 -3.27 1.20 9.26
N ILE A 47 -2.19 1.63 9.91
CA ILE A 47 -1.80 1.07 11.19
C ILE A 47 -2.78 1.45 12.29
N ASP A 48 -2.96 0.54 13.26
CA ASP A 48 -3.88 0.79 14.37
C ASP A 48 -3.34 1.88 15.29
N GLU A 49 -4.03 2.10 16.40
CA GLU A 49 -3.63 3.11 17.38
C GLU A 49 -2.15 2.98 17.73
N GLY A 50 -1.78 1.83 18.30
CA GLY A 50 -0.39 1.61 18.68
C GLY A 50 0.15 0.29 18.19
N GLU A 51 0.12 0.10 16.87
CA GLU A 51 0.62 -1.13 16.26
C GLU A 51 1.80 -0.83 15.35
N ASP A 52 2.66 -1.82 15.15
CA ASP A 52 3.81 -1.67 14.29
C ASP A 52 3.38 -1.58 12.82
N PRO A 53 4.24 -1.02 11.95
CA PRO A 53 3.92 -0.88 10.53
C PRO A 53 4.11 -2.19 9.79
N ARG A 54 5.27 -2.80 10.00
CA ARG A 54 5.61 -4.07 9.37
C ARG A 54 4.49 -5.09 9.60
N ASN A 55 4.03 -5.18 10.84
CA ASN A 55 2.95 -6.10 11.18
C ASN A 55 1.65 -5.66 10.52
N ALA A 56 1.37 -4.37 10.59
CA ALA A 56 0.16 -3.83 9.98
C ALA A 56 0.18 -4.11 8.49
N ALA A 57 1.36 -3.95 7.89
CA ALA A 57 1.51 -4.20 6.47
C ALA A 57 1.13 -5.65 6.17
N ILE A 58 1.79 -6.57 6.85
CA ILE A 58 1.52 -7.99 6.69
C ILE A 58 0.04 -8.30 6.92
N ARG A 59 -0.47 -7.87 8.06
CA ARG A 59 -1.86 -8.11 8.42
C ARG A 59 -2.83 -7.46 7.44
N GLU A 60 -2.74 -6.14 7.27
CA GLU A 60 -3.61 -5.44 6.35
C GLU A 60 -3.68 -6.18 5.03
N LEU A 61 -2.51 -6.58 4.55
CA LEU A 61 -2.40 -7.33 3.31
C LEU A 61 -3.32 -8.55 3.32
N ARG A 62 -3.29 -9.27 4.44
CA ARG A 62 -4.11 -10.46 4.61
C ARG A 62 -5.60 -10.13 4.56
N GLU A 63 -6.05 -9.37 5.55
CA GLU A 63 -7.45 -8.99 5.64
C GLU A 63 -7.97 -8.40 4.33
N GLU A 64 -7.07 -7.88 3.51
CA GLU A 64 -7.45 -7.26 2.26
C GLU A 64 -7.45 -8.23 1.07
N THR A 65 -6.51 -9.19 1.04
CA THR A 65 -6.44 -10.13 -0.08
C THR A 65 -6.52 -11.58 0.39
N GLY A 66 -5.80 -11.90 1.45
CA GLY A 66 -5.78 -13.25 1.94
C GLY A 66 -4.38 -13.83 1.92
N VAL A 67 -3.51 -13.18 1.15
CA VAL A 67 -2.11 -13.60 1.03
C VAL A 67 -1.41 -13.60 2.38
N THR A 68 -1.01 -14.78 2.80
CA THR A 68 -0.29 -14.95 4.06
C THR A 68 1.02 -15.66 3.79
N SER A 69 0.97 -16.63 2.87
CA SER A 69 2.15 -17.40 2.49
C SER A 69 3.22 -16.50 1.89
N ALA A 70 3.88 -15.72 2.74
CA ALA A 70 4.91 -14.80 2.27
C ALA A 70 5.86 -14.39 3.39
N GLU A 71 7.07 -13.99 3.01
CA GLU A 71 8.08 -13.54 3.96
C GLU A 71 8.63 -12.18 3.56
N VAL A 72 9.02 -11.38 4.53
CA VAL A 72 9.57 -10.05 4.27
C VAL A 72 11.00 -10.14 3.76
N ILE A 73 11.25 -9.49 2.63
CA ILE A 73 12.58 -9.48 2.03
C ILE A 73 13.23 -8.11 2.20
N ALA A 74 12.39 -7.11 2.48
CA ALA A 74 12.88 -5.75 2.67
C ALA A 74 11.78 -4.85 3.20
N GLU A 75 12.13 -3.60 3.49
CA GLU A 75 11.18 -2.63 4.00
C GLU A 75 11.60 -1.22 3.60
N VAL A 76 10.61 -0.34 3.43
CA VAL A 76 10.89 1.03 3.04
C VAL A 76 11.48 1.82 4.20
N PRO A 77 12.55 2.59 3.93
CA PRO A 77 13.24 3.40 4.94
C PRO A 77 12.30 4.38 5.64
N TYR A 78 11.84 5.36 4.88
CA TYR A 78 10.96 6.41 5.38
C TYR A 78 9.49 6.08 5.12
N TRP A 79 8.62 7.02 5.45
CA TRP A 79 7.19 6.85 5.23
C TRP A 79 6.80 7.38 3.85
N LEU A 80 5.53 7.71 3.67
CA LEU A 80 5.06 8.22 2.38
C LEU A 80 3.71 8.92 2.55
N THR A 81 3.73 10.25 2.56
CA THR A 81 2.51 11.03 2.71
C THR A 81 1.90 11.34 1.34
N TYR A 82 0.84 12.13 1.35
CA TYR A 82 0.16 12.51 0.11
C TYR A 82 -0.85 13.62 0.39
N ASP A 83 -0.34 14.78 0.79
CA ASP A 83 -1.20 15.91 1.11
C ASP A 83 -1.74 16.55 -0.19
N PHE A 84 -2.65 17.50 -0.03
CA PHE A 84 -3.25 18.19 -1.18
C PHE A 84 -2.51 19.50 -1.47
N PRO A 85 -2.88 20.20 -2.57
CA PRO A 85 -2.23 21.47 -2.93
C PRO A 85 -2.28 22.49 -1.80
N PRO A 86 -1.50 23.58 -1.90
CA PRO A 86 -1.46 24.62 -0.87
C PRO A 86 -2.81 25.30 -0.62
N LYS A 87 -3.80 24.99 -1.45
CA LYS A 87 -5.12 25.59 -1.29
C LYS A 87 -6.16 24.56 -0.83
N VAL A 88 -6.03 23.33 -1.32
CA VAL A 88 -6.96 22.27 -0.94
C VAL A 88 -6.52 21.57 0.34
N ARG A 89 -5.22 21.56 0.60
CA ARG A 89 -4.67 20.92 1.79
C ARG A 89 -5.25 21.54 3.06
N GLU A 90 -5.79 22.74 2.95
CA GLU A 90 -6.35 23.42 4.10
C GLU A 90 -7.86 23.24 4.17
N LYS A 91 -8.48 22.93 3.05
CA LYS A 91 -9.92 22.73 3.00
C LYS A 91 -10.28 21.25 3.12
N LEU A 92 -9.31 20.38 2.89
CA LEU A 92 -9.55 18.94 2.96
C LEU A 92 -8.66 18.30 4.02
N ASN A 93 -7.34 18.47 3.86
CA ASN A 93 -6.36 17.90 4.78
C ASN A 93 -6.54 18.40 6.21
N ILE A 94 -6.70 19.69 6.38
CA ILE A 94 -6.88 20.26 7.71
C ILE A 94 -8.19 19.74 8.34
N GLN A 95 -9.01 19.04 7.54
CA GLN A 95 -10.28 18.52 8.03
C GLN A 95 -10.20 17.04 8.42
N TRP A 96 -10.72 16.16 7.56
CA TRP A 96 -10.73 14.72 7.81
C TRP A 96 -11.50 14.36 9.07
N GLY A 97 -10.97 14.81 10.21
CA GLY A 97 -11.61 14.55 11.48
C GLY A 97 -10.93 15.29 12.62
N SER A 98 -9.62 15.08 12.75
CA SER A 98 -8.85 15.72 13.81
C SER A 98 -7.37 15.42 13.68
N ASP A 99 -6.55 16.45 13.91
CA ASP A 99 -5.10 16.33 13.84
C ASP A 99 -4.63 15.70 12.52
N TRP A 100 -5.48 15.72 11.50
CA TRP A 100 -5.14 15.14 10.21
C TRP A 100 -4.63 16.21 9.23
N LYS A 101 -4.20 15.77 8.05
CA LYS A 101 -3.69 16.67 7.01
C LYS A 101 -3.00 15.90 5.89
N GLY A 102 -3.47 14.68 5.64
CA GLY A 102 -2.90 13.85 4.58
C GLY A 102 -2.86 12.39 4.99
N GLN A 103 -1.98 11.61 4.36
CA GLN A 103 -1.88 10.19 4.68
C GLN A 103 -0.43 9.70 4.56
N ALA A 104 0.21 9.43 5.69
CA ALA A 104 1.59 8.93 5.71
C ALA A 104 1.60 7.41 5.77
N GLN A 105 2.16 6.79 4.74
CA GLN A 105 2.20 5.33 4.68
C GLN A 105 3.59 4.78 4.37
N LYS A 106 4.02 3.81 5.18
CA LYS A 106 5.31 3.15 4.97
C LYS A 106 5.07 1.78 4.38
N TRP A 107 5.86 1.42 3.37
CA TRP A 107 5.69 0.14 2.70
C TRP A 107 6.74 -0.88 3.07
N PHE A 108 6.44 -2.15 2.75
CA PHE A 108 7.34 -3.27 3.04
C PHE A 108 7.36 -4.25 1.88
N LEU A 109 8.47 -4.99 1.73
CA LEU A 109 8.60 -5.97 0.65
C LEU A 109 8.36 -7.38 1.17
N PHE A 110 7.72 -8.21 0.35
CA PHE A 110 7.43 -9.58 0.76
C PHE A 110 7.51 -10.57 -0.40
N LYS A 111 7.96 -11.78 -0.06
CA LYS A 111 8.07 -12.87 -1.03
C LYS A 111 6.89 -13.82 -0.85
N PHE A 112 6.14 -14.06 -1.91
CA PHE A 112 5.00 -14.98 -1.83
C PHE A 112 5.47 -16.43 -1.86
N THR A 113 5.59 -17.03 -0.67
CA THR A 113 6.03 -18.40 -0.56
C THR A 113 4.84 -19.34 -0.44
N GLY A 114 3.93 -19.24 -1.40
CA GLY A 114 2.75 -20.08 -1.39
C GLY A 114 2.13 -20.22 -2.76
N GLN A 115 0.81 -20.35 -2.80
CA GLN A 115 0.08 -20.48 -4.06
C GLN A 115 -0.95 -19.38 -4.20
N ASP A 116 -1.21 -18.98 -5.43
CA ASP A 116 -2.17 -17.93 -5.73
C ASP A 116 -3.56 -18.27 -5.19
N GLN A 117 -3.87 -19.56 -5.19
CA GLN A 117 -5.16 -20.04 -4.71
C GLN A 117 -5.38 -19.65 -3.25
N GLU A 118 -4.38 -19.05 -2.61
CA GLU A 118 -4.50 -18.63 -1.22
C GLU A 118 -5.06 -17.22 -1.13
N ILE A 119 -5.02 -16.50 -2.24
CA ILE A 119 -5.53 -15.13 -2.28
C ILE A 119 -7.04 -15.09 -2.38
N ASN A 120 -7.69 -14.81 -1.26
CA ASN A 120 -9.14 -14.73 -1.22
C ASN A 120 -9.59 -13.27 -1.23
N LEU A 121 -9.87 -12.74 -2.42
CA LEU A 121 -10.33 -11.36 -2.55
C LEU A 121 -11.77 -11.23 -2.07
N LEU A 122 -12.07 -11.90 -0.97
CA LEU A 122 -13.41 -11.87 -0.38
C LEU A 122 -14.47 -12.34 -1.36
N GLY A 123 -15.56 -12.86 -0.81
CA GLY A 123 -16.68 -13.34 -1.63
C GLY A 123 -17.96 -13.49 -0.83
N ASP A 124 -17.86 -13.19 0.46
CA ASP A 124 -19.00 -13.29 1.36
C ASP A 124 -19.60 -11.89 1.61
N GLY A 125 -20.38 -11.76 2.68
CA GLY A 125 -20.97 -10.48 3.01
C GLY A 125 -19.96 -9.37 3.16
N SER A 126 -19.85 -8.83 4.37
CA SER A 126 -18.90 -7.75 4.64
C SER A 126 -19.19 -6.53 3.77
N GLU A 127 -20.38 -6.49 3.17
CA GLU A 127 -20.78 -5.39 2.29
C GLU A 127 -20.00 -5.42 0.98
N LYS A 128 -18.69 -5.54 1.07
CA LYS A 128 -17.84 -5.61 -0.11
C LYS A 128 -16.36 -5.76 0.25
N PRO A 129 -15.60 -6.46 -0.61
CA PRO A 129 -14.17 -6.68 -0.41
C PRO A 129 -13.37 -5.39 -0.46
N GLU A 130 -12.06 -5.54 -0.68
CA GLU A 130 -11.17 -4.40 -0.80
C GLU A 130 -10.67 -4.27 -2.23
N PHE A 131 -10.45 -5.43 -2.86
CA PHE A 131 -10.02 -5.47 -4.26
C PHE A 131 -10.88 -6.48 -5.00
N GLY A 132 -11.19 -6.17 -6.23
CA GLY A 132 -12.02 -7.05 -7.02
C GLY A 132 -11.22 -8.12 -7.74
N GLU A 133 -9.99 -7.79 -8.12
CA GLU A 133 -9.12 -8.74 -8.82
C GLU A 133 -7.65 -8.41 -8.60
N TRP A 134 -6.80 -9.42 -8.72
CA TRP A 134 -5.37 -9.22 -8.53
C TRP A 134 -4.55 -9.91 -9.62
N SER A 135 -3.28 -9.52 -9.70
CA SER A 135 -2.36 -10.08 -10.68
C SER A 135 -0.91 -9.89 -10.27
N TRP A 136 -0.01 -10.65 -10.90
CA TRP A 136 1.41 -10.53 -10.64
C TRP A 136 2.09 -9.86 -11.82
N VAL A 137 2.46 -8.61 -11.64
CA VAL A 137 3.10 -7.84 -12.69
C VAL A 137 4.46 -7.36 -12.22
N THR A 138 5.25 -6.80 -13.13
CA THR A 138 6.56 -6.30 -12.75
C THR A 138 6.40 -5.03 -11.93
N PRO A 139 7.49 -4.49 -11.38
CA PRO A 139 7.44 -3.27 -10.61
C PRO A 139 7.03 -2.12 -11.49
N GLU A 140 7.75 -1.97 -12.59
CA GLU A 140 7.46 -0.91 -13.56
C GLU A 140 6.09 -1.14 -14.20
N GLN A 141 5.71 -2.40 -14.33
CA GLN A 141 4.41 -2.75 -14.92
C GLN A 141 3.29 -2.36 -13.98
N LEU A 142 3.45 -2.69 -12.70
CA LEU A 142 2.44 -2.36 -11.70
C LEU A 142 2.21 -0.86 -11.70
N ILE A 143 3.28 -0.11 -11.85
CA ILE A 143 3.20 1.34 -11.89
C ILE A 143 2.36 1.79 -13.08
N ASP A 144 2.46 1.04 -14.17
CA ASP A 144 1.71 1.35 -15.38
C ASP A 144 0.23 1.04 -15.17
N LEU A 145 -0.05 -0.19 -14.74
CA LEU A 145 -1.41 -0.65 -14.51
C LEU A 145 -2.04 -0.01 -13.27
N THR A 146 -1.22 0.49 -12.35
CA THR A 146 -1.75 1.09 -11.13
C THR A 146 -2.35 2.46 -11.40
N VAL A 147 -3.05 2.99 -10.41
CA VAL A 147 -3.68 4.28 -10.51
C VAL A 147 -2.62 5.39 -10.45
N GLU A 148 -3.00 6.59 -10.87
CA GLU A 148 -2.07 7.71 -10.86
C GLU A 148 -1.76 8.14 -9.43
N PHE A 149 -2.81 8.33 -8.64
CA PHE A 149 -2.68 8.75 -7.25
C PHE A 149 -1.86 7.76 -6.41
N LYS A 150 -1.41 6.65 -7.00
CA LYS A 150 -0.62 5.67 -6.26
C LYS A 150 0.63 5.23 -7.01
N LYS A 151 0.76 5.66 -8.27
CA LYS A 151 1.93 5.31 -9.07
C LYS A 151 3.21 5.89 -8.44
N PRO A 152 3.25 7.23 -8.22
CA PRO A 152 4.42 7.88 -7.62
C PRO A 152 4.69 7.37 -6.21
N VAL A 153 3.63 6.93 -5.54
CA VAL A 153 3.76 6.40 -4.20
C VAL A 153 4.51 5.07 -4.26
N TYR A 154 4.06 4.22 -5.18
CA TYR A 154 4.66 2.92 -5.38
C TYR A 154 6.05 3.09 -5.99
N LYS A 155 6.15 4.07 -6.87
CA LYS A 155 7.42 4.36 -7.55
C LYS A 155 8.52 4.61 -6.53
N GLU A 156 8.20 5.40 -5.51
CA GLU A 156 9.16 5.70 -4.46
C GLU A 156 9.44 4.43 -3.69
N VAL A 157 8.40 3.62 -3.56
CA VAL A 157 8.54 2.36 -2.86
C VAL A 157 9.42 1.41 -3.66
N LEU A 158 9.24 1.41 -4.98
CA LEU A 158 10.03 0.56 -5.87
C LEU A 158 11.50 0.93 -5.79
N SER A 159 11.78 2.24 -5.83
CA SER A 159 13.14 2.73 -5.74
C SER A 159 13.83 2.10 -4.54
N VAL A 160 13.08 2.01 -3.46
CA VAL A 160 13.60 1.41 -2.24
C VAL A 160 13.81 -0.08 -2.47
N PHE A 161 12.86 -0.68 -3.16
CA PHE A 161 12.90 -2.10 -3.45
C PHE A 161 13.79 -2.42 -4.65
N ALA A 162 14.45 -1.41 -5.21
CA ALA A 162 15.33 -1.64 -6.35
C ALA A 162 16.44 -2.62 -5.99
N PRO A 163 17.18 -2.37 -4.90
CA PRO A 163 18.26 -3.26 -4.46
C PRO A 163 17.75 -4.68 -4.20
N HIS A 164 16.42 -4.85 -4.15
CA HIS A 164 15.83 -6.15 -3.89
C HIS A 164 15.12 -6.69 -5.13
N LEU A 165 14.87 -5.81 -6.10
CA LEU A 165 14.20 -6.21 -7.34
C LEU A 165 15.21 -6.53 -8.43
N GLY A 1 7.42 13.92 -7.31
CA GLY A 1 6.92 15.29 -7.03
C GLY A 1 6.17 15.38 -5.71
N PRO A 2 4.82 15.20 -5.74
CA PRO A 2 3.99 15.27 -4.52
C PRO A 2 4.33 14.21 -3.49
N LEU A 3 5.36 13.45 -3.77
CA LEU A 3 5.81 12.38 -2.89
C LEU A 3 6.92 12.86 -1.95
N GLY A 4 6.54 13.62 -0.93
CA GLY A 4 7.52 14.12 0.01
C GLY A 4 7.62 13.24 1.24
N SER A 5 8.08 12.01 1.04
CA SER A 5 8.22 11.06 2.13
C SER A 5 9.18 11.57 3.20
N MET A 6 9.00 11.06 4.42
CA MET A 6 9.84 11.44 5.56
C MET A 6 10.05 10.26 6.49
N ASP A 7 11.30 10.02 6.89
CA ASP A 7 11.59 8.90 7.78
C ASP A 7 10.86 9.07 9.09
N SER A 8 10.75 10.32 9.54
CA SER A 8 10.03 10.63 10.79
C SER A 8 8.64 11.14 10.46
N PRO A 9 7.59 10.46 10.95
CA PRO A 9 6.21 10.86 10.67
C PRO A 9 5.80 12.18 11.33
N PRO A 10 5.77 13.26 10.54
CA PRO A 10 5.39 14.60 11.02
C PRO A 10 4.07 14.57 11.78
N GLU A 11 3.74 15.70 12.43
CA GLU A 11 2.50 15.87 13.20
C GLU A 11 1.67 14.59 13.29
N GLY A 12 0.35 14.74 13.32
CA GLY A 12 -0.52 13.58 13.42
C GLY A 12 -0.27 12.61 12.28
N TYR A 13 -0.87 12.91 11.12
CA TYR A 13 -0.72 12.07 9.95
C TYR A 13 -1.28 10.67 10.21
N ARG A 14 -2.11 10.18 9.30
CA ARG A 14 -2.72 8.87 9.44
C ARG A 14 -1.70 7.76 9.22
N ARG A 15 -1.00 7.37 10.28
CA ARG A 15 -0.01 6.31 10.19
C ARG A 15 -0.62 5.10 9.51
N ASN A 16 -0.17 4.84 8.29
CA ASN A 16 -0.63 3.72 7.50
C ASN A 16 0.56 2.98 6.91
N VAL A 17 0.29 1.84 6.27
CA VAL A 17 1.36 1.06 5.68
C VAL A 17 0.95 0.41 4.38
N GLY A 18 1.95 -0.01 3.61
CA GLY A 18 1.70 -0.69 2.36
C GLY A 18 2.59 -1.90 2.24
N ILE A 19 2.20 -2.85 1.39
CA ILE A 19 2.99 -4.06 1.23
C ILE A 19 3.20 -4.44 -0.23
N CYS A 20 4.46 -4.62 -0.60
CA CYS A 20 4.81 -5.03 -1.96
C CYS A 20 5.15 -6.51 -1.97
N LEU A 21 4.20 -7.32 -2.41
CA LEU A 21 4.39 -8.76 -2.44
C LEU A 21 4.74 -9.24 -3.84
N MET A 22 5.92 -9.83 -3.97
CA MET A 22 6.37 -10.34 -5.26
C MET A 22 6.63 -11.84 -5.18
N ASN A 23 6.77 -12.46 -6.34
CA ASN A 23 7.01 -13.90 -6.40
C ASN A 23 8.49 -14.18 -6.65
N ASN A 24 8.86 -15.45 -6.55
CA ASN A 24 10.24 -15.87 -6.80
C ASN A 24 10.70 -15.46 -8.20
N ASP A 25 9.80 -14.89 -9.01
CA ASP A 25 10.14 -14.48 -10.38
C ASP A 25 10.44 -12.99 -10.44
N LYS A 26 10.39 -12.33 -9.30
CA LYS A 26 10.63 -10.89 -9.23
C LYS A 26 9.40 -10.14 -9.72
N LYS A 27 8.26 -10.83 -9.78
CA LYS A 27 7.03 -10.21 -10.22
C LYS A 27 6.27 -9.71 -9.00
N ILE A 28 5.62 -8.56 -9.12
CA ILE A 28 4.89 -7.98 -8.01
C ILE A 28 3.40 -8.25 -8.08
N PHE A 29 2.81 -8.40 -6.91
CA PHE A 29 1.39 -8.64 -6.78
C PHE A 29 0.62 -7.34 -6.97
N ALA A 30 -0.47 -7.40 -7.71
CA ALA A 30 -1.29 -6.22 -7.94
C ALA A 30 -2.75 -6.57 -7.84
N ALA A 31 -3.55 -5.63 -7.36
CA ALA A 31 -4.97 -5.83 -7.20
C ALA A 31 -5.72 -4.59 -7.63
N SER A 32 -6.76 -4.77 -8.44
CA SER A 32 -7.54 -3.66 -8.94
C SER A 32 -8.83 -3.49 -8.14
N ARG A 33 -9.28 -2.24 -8.01
CA ARG A 33 -10.49 -1.93 -7.28
C ARG A 33 -11.72 -2.46 -8.02
N LEU A 34 -12.56 -3.21 -7.31
CA LEU A 34 -13.77 -3.78 -7.91
C LEU A 34 -14.49 -2.75 -8.78
N ASP A 35 -14.47 -1.51 -8.31
CA ASP A 35 -15.12 -0.40 -9.01
C ASP A 35 -14.34 -0.04 -10.28
N ILE A 36 -13.01 -0.12 -10.20
CA ILE A 36 -12.16 0.20 -11.33
C ILE A 36 -11.29 -1.00 -11.72
N PRO A 37 -11.52 -1.60 -12.90
CA PRO A 37 -10.74 -2.74 -13.36
C PRO A 37 -9.38 -2.36 -13.93
N ASP A 38 -9.24 -1.09 -14.28
CA ASP A 38 -7.98 -0.58 -14.85
C ASP A 38 -7.07 -0.01 -13.76
N ALA A 39 -7.61 0.17 -12.56
CA ALA A 39 -6.84 0.70 -11.45
C ALA A 39 -6.22 -0.43 -10.64
N TRP A 40 -4.94 -0.68 -10.89
CA TRP A 40 -4.21 -1.72 -10.18
C TRP A 40 -3.48 -1.13 -8.99
N GLN A 41 -3.17 -1.96 -8.01
CA GLN A 41 -2.47 -1.50 -6.82
C GLN A 41 -1.80 -2.68 -6.10
N MET A 42 -1.99 -2.77 -4.79
CA MET A 42 -1.42 -3.84 -4.00
C MET A 42 -1.85 -3.67 -2.55
N PRO A 43 -1.75 -4.71 -1.70
CA PRO A 43 -2.18 -4.62 -0.31
C PRO A 43 -1.58 -3.41 0.40
N GLN A 44 -2.40 -2.79 1.25
CA GLN A 44 -1.98 -1.60 1.99
C GLN A 44 -3.13 -1.12 2.87
N GLY A 45 -2.80 -0.61 4.06
CA GLY A 45 -3.83 -0.12 4.95
C GLY A 45 -3.27 0.82 6.00
N GLY A 46 -3.97 0.95 7.12
CA GLY A 46 -3.52 1.84 8.17
C GLY A 46 -3.19 1.14 9.47
N ILE A 47 -2.10 1.55 10.09
CA ILE A 47 -1.66 0.98 11.37
C ILE A 47 -2.60 1.37 12.50
N ASP A 48 -2.74 0.48 13.48
CA ASP A 48 -3.60 0.75 14.62
C ASP A 48 -3.02 1.86 15.49
N GLU A 49 -3.66 2.10 16.63
CA GLU A 49 -3.22 3.13 17.56
C GLU A 49 -1.71 3.03 17.83
N GLY A 50 -1.30 1.90 18.40
CA GLY A 50 0.10 1.70 18.71
C GLY A 50 0.62 0.35 18.22
N GLU A 51 0.55 0.15 16.91
CA GLU A 51 1.02 -1.09 16.30
C GLU A 51 2.18 -0.82 15.35
N ASP A 52 3.04 -1.83 15.18
CA ASP A 52 4.18 -1.69 14.29
C ASP A 52 3.70 -1.64 12.83
N PRO A 53 4.40 -0.88 11.96
CA PRO A 53 4.02 -0.77 10.56
C PRO A 53 4.20 -2.08 9.82
N ARG A 54 5.34 -2.69 10.05
CA ARG A 54 5.67 -3.98 9.44
C ARG A 54 4.55 -4.97 9.69
N ASN A 55 4.12 -5.07 10.95
CA ASN A 55 3.05 -5.99 11.33
C ASN A 55 1.75 -5.59 10.65
N ALA A 56 1.46 -4.30 10.66
CA ALA A 56 0.25 -3.81 10.03
C ALA A 56 0.29 -4.14 8.55
N ALA A 57 1.46 -3.95 7.94
CA ALA A 57 1.63 -4.27 6.53
C ALA A 57 1.25 -5.71 6.26
N ILE A 58 1.86 -6.62 7.03
CA ILE A 58 1.59 -8.04 6.90
C ILE A 58 0.11 -8.34 7.11
N ARG A 59 -0.42 -7.88 8.24
CA ARG A 59 -1.83 -8.11 8.55
C ARG A 59 -2.75 -7.48 7.52
N GLU A 60 -2.66 -6.15 7.32
CA GLU A 60 -3.51 -5.47 6.33
C GLU A 60 -3.51 -6.26 5.04
N LEU A 61 -2.32 -6.69 4.64
CA LEU A 61 -2.15 -7.48 3.44
C LEU A 61 -3.08 -8.70 3.45
N ARG A 62 -3.02 -9.44 4.56
CA ARG A 62 -3.84 -10.63 4.74
C ARG A 62 -5.33 -10.28 4.72
N GLU A 63 -5.74 -9.49 5.69
CA GLU A 63 -7.13 -9.08 5.81
C GLU A 63 -7.70 -8.53 4.51
N GLU A 64 -6.83 -8.10 3.61
CA GLU A 64 -7.28 -7.51 2.35
C GLU A 64 -7.18 -8.48 1.17
N THR A 65 -6.17 -9.35 1.15
CA THR A 65 -6.03 -10.30 0.04
C THR A 65 -5.97 -11.75 0.51
N GLY A 66 -5.82 -11.95 1.81
CA GLY A 66 -5.74 -13.29 2.34
C GLY A 66 -4.32 -13.85 2.27
N VAL A 67 -3.48 -13.18 1.49
CA VAL A 67 -2.09 -13.57 1.33
C VAL A 67 -1.36 -13.60 2.66
N THR A 68 -0.94 -14.80 3.05
CA THR A 68 -0.22 -15.00 4.28
C THR A 68 1.11 -15.68 3.99
N SER A 69 1.09 -16.64 3.06
CA SER A 69 2.30 -17.36 2.66
C SER A 69 3.33 -16.43 2.03
N ALA A 70 3.99 -15.65 2.87
CA ALA A 70 4.99 -14.72 2.37
C ALA A 70 5.95 -14.27 3.47
N GLU A 71 7.15 -13.85 3.06
CA GLU A 71 8.16 -13.39 3.99
C GLU A 71 8.70 -12.02 3.57
N VAL A 72 9.13 -11.23 4.53
CA VAL A 72 9.67 -9.90 4.25
C VAL A 72 11.07 -9.97 3.67
N ILE A 73 11.25 -9.25 2.57
CA ILE A 73 12.54 -9.19 1.90
C ILE A 73 13.15 -7.80 2.05
N ALA A 74 12.30 -6.82 2.38
CA ALA A 74 12.75 -5.45 2.54
C ALA A 74 11.65 -4.57 3.12
N GLU A 75 12.00 -3.31 3.38
CA GLU A 75 11.05 -2.35 3.93
C GLU A 75 11.46 -0.92 3.62
N VAL A 76 10.47 -0.04 3.40
CA VAL A 76 10.76 1.35 3.10
C VAL A 76 11.26 2.09 4.34
N PRO A 77 12.29 2.93 4.17
CA PRO A 77 12.89 3.69 5.27
C PRO A 77 12.06 4.89 5.70
N TYR A 78 11.56 5.65 4.73
CA TYR A 78 10.78 6.84 5.02
C TYR A 78 9.27 6.59 4.89
N TRP A 79 8.49 7.48 5.48
CA TRP A 79 7.03 7.38 5.45
C TRP A 79 6.46 8.24 4.31
N LEU A 80 5.94 7.59 3.27
CA LEU A 80 5.36 8.32 2.15
C LEU A 80 4.09 9.04 2.57
N THR A 81 4.03 10.35 2.32
CA THR A 81 2.85 11.14 2.69
C THR A 81 2.50 12.16 1.63
N TYR A 82 1.62 11.77 0.71
CA TYR A 82 1.18 12.66 -0.36
C TYR A 82 0.11 13.64 0.13
N ASP A 83 0.26 14.13 1.38
CA ASP A 83 -0.70 15.07 1.96
C ASP A 83 -2.11 14.90 1.37
N PHE A 84 -2.75 16.00 0.98
CA PHE A 84 -4.09 15.94 0.39
C PHE A 84 -4.20 16.96 -0.73
N PRO A 85 -5.35 17.04 -1.42
CA PRO A 85 -5.54 18.01 -2.51
C PRO A 85 -5.19 19.43 -2.06
N PRO A 86 -4.84 20.31 -3.02
CA PRO A 86 -4.46 21.69 -2.71
C PRO A 86 -5.60 22.53 -2.14
N LYS A 87 -6.81 21.98 -2.18
CA LYS A 87 -7.97 22.71 -1.66
C LYS A 87 -8.56 22.02 -0.42
N VAL A 88 -8.25 20.74 -0.25
CA VAL A 88 -8.75 19.98 0.89
C VAL A 88 -7.80 20.03 2.08
N ARG A 89 -6.50 20.18 1.80
CA ARG A 89 -5.46 20.23 2.83
C ARG A 89 -5.98 20.83 4.15
N GLU A 90 -6.10 22.16 4.20
CA GLU A 90 -6.59 22.86 5.40
C GLU A 90 -8.03 22.44 5.73
N LYS A 91 -8.67 21.72 4.83
CA LYS A 91 -10.03 21.26 5.05
C LYS A 91 -10.02 19.96 5.83
N LEU A 92 -9.02 19.13 5.57
CA LEU A 92 -8.91 17.84 6.25
C LEU A 92 -7.57 17.68 7.01
N ASN A 93 -6.46 17.46 6.29
CA ASN A 93 -5.12 17.31 6.86
C ASN A 93 -4.98 17.98 8.22
N ILE A 94 -5.15 19.28 8.20
CA ILE A 94 -5.02 20.11 9.38
C ILE A 94 -5.92 19.65 10.54
N GLN A 95 -7.18 19.42 10.22
CA GLN A 95 -8.18 19.04 11.22
C GLN A 95 -7.88 17.69 11.92
N TRP A 96 -8.56 16.63 11.50
CA TRP A 96 -8.38 15.30 12.10
C TRP A 96 -8.43 15.36 13.63
N GLY A 97 -9.12 16.37 14.17
CA GLY A 97 -9.25 16.50 15.61
C GLY A 97 -7.93 16.84 16.29
N SER A 98 -7.14 17.70 15.65
CA SER A 98 -5.84 18.13 16.19
C SER A 98 -4.74 17.13 15.83
N ASP A 99 -3.50 17.61 15.79
CA ASP A 99 -2.37 16.76 15.46
C ASP A 99 -2.62 16.01 14.16
N TRP A 100 -2.23 16.61 13.03
CA TRP A 100 -2.43 15.99 11.72
C TRP A 100 -2.03 16.96 10.60
N LYS A 101 -2.04 16.46 9.36
CA LYS A 101 -1.68 17.28 8.20
C LYS A 101 -1.52 16.44 6.93
N GLY A 102 -2.09 15.24 6.91
CA GLY A 102 -1.97 14.40 5.74
C GLY A 102 -2.12 12.92 6.06
N GLN A 103 -1.36 12.10 5.35
CA GLN A 103 -1.41 10.65 5.56
C GLN A 103 -0.02 10.04 5.40
N ALA A 104 0.51 9.46 6.46
CA ALA A 104 1.82 8.83 6.41
C ALA A 104 1.70 7.34 6.22
N GLN A 105 2.28 6.85 5.14
CA GLN A 105 2.20 5.43 4.82
C GLN A 105 3.59 4.84 4.54
N LYS A 106 3.95 3.82 5.29
CA LYS A 106 5.22 3.14 5.10
C LYS A 106 5.01 1.82 4.37
N TRP A 107 5.84 1.55 3.38
CA TRP A 107 5.71 0.34 2.59
C TRP A 107 6.71 -0.73 2.99
N PHE A 108 6.39 -1.97 2.65
CA PHE A 108 7.24 -3.11 2.97
C PHE A 108 7.29 -4.09 1.78
N LEU A 109 8.40 -4.80 1.67
CA LEU A 109 8.57 -5.78 0.59
C LEU A 109 8.31 -7.20 1.10
N PHE A 110 7.63 -8.01 0.30
CA PHE A 110 7.31 -9.37 0.71
C PHE A 110 7.44 -10.39 -0.43
N LYS A 111 7.88 -11.58 -0.05
CA LYS A 111 8.02 -12.69 -0.99
C LYS A 111 6.87 -13.67 -0.81
N PHE A 112 6.12 -13.96 -1.88
CA PHE A 112 5.01 -14.90 -1.78
C PHE A 112 5.52 -16.34 -1.80
N THR A 113 5.57 -16.96 -0.63
CA THR A 113 6.03 -18.33 -0.51
C THR A 113 4.85 -19.28 -0.39
N GLY A 114 3.86 -19.10 -1.25
CA GLY A 114 2.68 -19.96 -1.22
C GLY A 114 2.02 -20.12 -2.57
N GLN A 115 0.70 -20.21 -2.56
CA GLN A 115 -0.07 -20.38 -3.78
C GLN A 115 -1.13 -19.30 -3.93
N ASP A 116 -1.43 -18.95 -5.17
CA ASP A 116 -2.40 -17.93 -5.49
C ASP A 116 -3.79 -18.27 -4.92
N GLN A 117 -4.03 -19.55 -4.77
CA GLN A 117 -5.32 -20.03 -4.24
C GLN A 117 -5.65 -19.45 -2.87
N GLU A 118 -4.71 -18.73 -2.27
CA GLU A 118 -4.92 -18.13 -0.96
C GLU A 118 -5.52 -16.73 -1.11
N ILE A 119 -5.41 -16.18 -2.31
CA ILE A 119 -5.92 -14.86 -2.61
C ILE A 119 -7.38 -14.90 -3.06
N ASN A 120 -8.27 -14.43 -2.20
CA ASN A 120 -9.69 -14.41 -2.52
C ASN A 120 -10.18 -12.99 -2.75
N LEU A 121 -9.57 -12.03 -2.05
CA LEU A 121 -9.96 -10.62 -2.16
C LEU A 121 -11.26 -10.36 -1.42
N LEU A 122 -12.19 -11.30 -1.53
CA LEU A 122 -13.50 -11.18 -0.87
C LEU A 122 -13.37 -11.25 0.65
N GLY A 123 -14.48 -10.97 1.33
CA GLY A 123 -14.49 -10.99 2.77
C GLY A 123 -13.77 -9.83 3.40
N ASP A 124 -14.54 -8.96 4.03
CA ASP A 124 -13.99 -7.78 4.69
C ASP A 124 -14.78 -7.45 5.96
N GLY A 125 -15.91 -8.11 6.16
CA GLY A 125 -16.73 -7.87 7.33
C GLY A 125 -18.20 -7.77 6.99
N SER A 126 -18.66 -8.65 6.09
CA SER A 126 -20.05 -8.66 5.67
C SER A 126 -20.40 -7.41 4.85
N GLU A 127 -19.38 -6.61 4.53
CA GLU A 127 -19.59 -5.40 3.75
C GLU A 127 -19.29 -5.64 2.27
N LYS A 128 -18.00 -5.78 1.96
CA LYS A 128 -17.58 -6.03 0.59
C LYS A 128 -16.06 -6.19 0.50
N PRO A 129 -15.58 -6.81 -0.59
CA PRO A 129 -14.15 -7.03 -0.82
C PRO A 129 -13.37 -5.73 -0.95
N GLU A 130 -12.07 -5.86 -1.21
CA GLU A 130 -11.21 -4.70 -1.37
C GLU A 130 -10.78 -4.57 -2.83
N PHE A 131 -10.58 -5.72 -3.47
CA PHE A 131 -10.17 -5.76 -4.86
C PHE A 131 -11.03 -6.76 -5.63
N GLY A 132 -11.29 -6.45 -6.89
CA GLY A 132 -12.10 -7.34 -7.71
C GLY A 132 -11.25 -8.34 -8.45
N GLU A 133 -10.05 -7.92 -8.83
CA GLU A 133 -9.13 -8.79 -9.55
C GLU A 133 -7.68 -8.43 -9.23
N TRP A 134 -6.82 -9.43 -9.21
CA TRP A 134 -5.41 -9.21 -8.91
C TRP A 134 -4.52 -9.97 -9.89
N SER A 135 -3.23 -9.64 -9.88
CA SER A 135 -2.28 -10.29 -10.79
C SER A 135 -0.84 -10.04 -10.36
N TRP A 136 0.06 -10.78 -11.00
CA TRP A 136 1.49 -10.64 -10.75
C TRP A 136 2.14 -9.93 -11.93
N VAL A 137 2.51 -8.67 -11.73
CA VAL A 137 3.13 -7.89 -12.78
C VAL A 137 4.49 -7.38 -12.33
N THR A 138 5.26 -6.81 -13.24
CA THR A 138 6.57 -6.28 -12.86
C THR A 138 6.39 -5.02 -12.04
N PRO A 139 7.48 -4.48 -11.50
CA PRO A 139 7.42 -3.27 -10.70
C PRO A 139 6.97 -2.09 -11.56
N GLU A 140 7.69 -1.90 -12.66
CA GLU A 140 7.37 -0.84 -13.61
C GLU A 140 6.00 -1.07 -14.24
N GLN A 141 5.58 -2.34 -14.29
CA GLN A 141 4.29 -2.69 -14.87
C GLN A 141 3.17 -2.28 -13.94
N LEU A 142 3.30 -2.64 -12.66
CA LEU A 142 2.28 -2.32 -11.68
C LEU A 142 2.04 -0.81 -11.66
N ILE A 143 3.12 -0.04 -11.80
CA ILE A 143 3.01 1.41 -11.81
C ILE A 143 2.17 1.88 -12.99
N ASP A 144 2.37 1.25 -14.14
CA ASP A 144 1.63 1.61 -15.34
C ASP A 144 0.16 1.25 -15.18
N LEU A 145 -0.09 0.04 -14.71
CA LEU A 145 -1.45 -0.45 -14.52
C LEU A 145 -2.11 0.13 -13.26
N THR A 146 -1.32 0.59 -12.30
CA THR A 146 -1.89 1.14 -11.07
C THR A 146 -2.46 2.54 -11.31
N VAL A 147 -3.01 3.13 -10.25
CA VAL A 147 -3.62 4.45 -10.34
C VAL A 147 -2.59 5.58 -10.16
N GLU A 148 -2.93 6.77 -10.65
CA GLU A 148 -2.05 7.94 -10.53
C GLU A 148 -1.79 8.27 -9.06
N PHE A 149 -2.86 8.35 -8.30
CA PHE A 149 -2.78 8.67 -6.87
C PHE A 149 -1.83 7.74 -6.12
N LYS A 150 -1.35 6.68 -6.77
CA LYS A 150 -0.46 5.72 -6.12
C LYS A 150 0.74 5.34 -6.98
N LYS A 151 0.77 5.80 -8.23
CA LYS A 151 1.88 5.48 -9.12
C LYS A 151 3.21 5.96 -8.54
N PRO A 152 3.36 7.29 -8.33
CA PRO A 152 4.58 7.85 -7.76
C PRO A 152 4.85 7.31 -6.37
N VAL A 153 3.78 6.92 -5.68
CA VAL A 153 3.91 6.37 -4.35
C VAL A 153 4.61 5.02 -4.45
N TYR A 154 4.06 4.17 -5.29
CA TYR A 154 4.61 2.85 -5.53
C TYR A 154 6.01 2.96 -6.13
N LYS A 155 6.16 3.94 -7.02
CA LYS A 155 7.44 4.19 -7.68
C LYS A 155 8.54 4.44 -6.67
N GLU A 156 8.25 5.26 -5.67
CA GLU A 156 9.23 5.55 -4.64
C GLU A 156 9.47 4.29 -3.84
N VAL A 157 8.43 3.49 -3.69
CA VAL A 157 8.53 2.25 -2.98
C VAL A 157 9.43 1.28 -3.76
N LEU A 158 9.25 1.26 -5.08
CA LEU A 158 10.05 0.40 -5.94
C LEU A 158 11.52 0.78 -5.86
N SER A 159 11.80 2.08 -5.92
CA SER A 159 13.18 2.56 -5.84
C SER A 159 13.83 1.98 -4.59
N VAL A 160 13.08 1.93 -3.51
CA VAL A 160 13.57 1.37 -2.27
C VAL A 160 13.78 -0.12 -2.44
N PHE A 161 12.79 -0.75 -3.09
CA PHE A 161 12.79 -2.18 -3.34
C PHE A 161 13.65 -2.56 -4.55
N ALA A 162 14.34 -1.59 -5.14
CA ALA A 162 15.18 -1.88 -6.30
C ALA A 162 16.25 -2.90 -5.94
N PRO A 163 17.03 -2.66 -4.87
CA PRO A 163 18.08 -3.58 -4.44
C PRO A 163 17.52 -4.98 -4.13
N HIS A 164 16.20 -5.07 -4.05
CA HIS A 164 15.54 -6.34 -3.76
C HIS A 164 14.80 -6.88 -4.98
N LEU A 165 14.51 -6.01 -5.94
CA LEU A 165 13.81 -6.41 -7.15
C LEU A 165 14.79 -6.71 -8.28
N GLY A 1 0.59 18.75 -5.15
CA GLY A 1 0.72 18.14 -3.80
C GLY A 1 1.51 16.83 -3.83
N PRO A 2 2.83 16.90 -4.06
CA PRO A 2 3.68 15.71 -4.09
C PRO A 2 3.82 15.04 -2.72
N LEU A 3 4.47 13.89 -2.70
CA LEU A 3 4.67 13.16 -1.45
C LEU A 3 6.10 13.31 -0.94
N GLY A 4 6.24 13.80 0.28
CA GLY A 4 7.56 13.99 0.85
C GLY A 4 8.06 12.76 1.59
N SER A 5 7.13 11.91 2.01
CA SER A 5 7.49 10.69 2.73
C SER A 5 8.11 11.02 4.09
N MET A 6 9.40 11.32 4.08
CA MET A 6 10.12 11.65 5.31
C MET A 6 10.21 10.43 6.22
N ASP A 7 11.38 10.23 6.81
CA ASP A 7 11.59 9.09 7.70
C ASP A 7 10.77 9.22 8.98
N SER A 8 10.69 10.43 9.52
CA SER A 8 9.92 10.67 10.73
C SER A 8 8.55 11.26 10.40
N PRO A 9 7.49 10.86 11.13
CA PRO A 9 6.14 11.37 10.90
C PRO A 9 5.97 12.79 11.42
N PRO A 10 5.90 13.77 10.50
CA PRO A 10 5.74 15.19 10.85
C PRO A 10 4.64 15.42 11.88
N GLU A 11 4.65 16.62 12.46
CA GLU A 11 3.65 17.02 13.45
C GLU A 11 2.24 16.78 12.92
N GLY A 12 1.42 16.11 13.73
CA GLY A 12 0.05 15.84 13.33
C GLY A 12 -0.05 15.17 11.97
N TYR A 13 0.07 13.85 11.95
CA TYR A 13 -0.01 13.09 10.71
C TYR A 13 -0.55 11.69 10.94
N ARG A 14 -1.20 11.13 9.92
CA ARG A 14 -1.80 9.79 10.01
C ARG A 14 -0.72 8.73 10.23
N ARG A 15 -0.98 7.51 9.80
CA ARG A 15 -0.05 6.41 9.96
C ARG A 15 -0.67 5.13 9.40
N ASN A 16 -0.33 4.83 8.15
CA ASN A 16 -0.81 3.63 7.48
C ASN A 16 0.37 2.90 6.87
N VAL A 17 0.14 1.71 6.36
CA VAL A 17 1.23 0.96 5.74
C VAL A 17 0.78 0.26 4.47
N GLY A 18 1.75 -0.21 3.72
CA GLY A 18 1.47 -0.91 2.50
C GLY A 18 2.30 -2.17 2.41
N ILE A 19 1.91 -3.10 1.56
CA ILE A 19 2.64 -4.35 1.41
C ILE A 19 2.94 -4.66 -0.04
N CYS A 20 4.24 -4.76 -0.35
CA CYS A 20 4.67 -5.10 -1.70
C CYS A 20 5.06 -6.56 -1.74
N LEU A 21 4.27 -7.35 -2.43
CA LEU A 21 4.52 -8.79 -2.52
C LEU A 21 5.08 -9.18 -3.89
N MET A 22 6.22 -9.84 -3.87
CA MET A 22 6.87 -10.28 -5.09
C MET A 22 6.96 -11.79 -5.15
N ASN A 23 6.68 -12.35 -6.31
CA ASN A 23 6.71 -13.79 -6.50
C ASN A 23 8.04 -14.23 -7.11
N ASN A 24 8.12 -15.51 -7.43
CA ASN A 24 9.31 -16.12 -8.02
C ASN A 24 9.78 -15.41 -9.28
N ASP A 25 9.03 -14.42 -9.76
CA ASP A 25 9.40 -13.72 -10.98
C ASP A 25 10.02 -12.36 -10.67
N LYS A 26 10.12 -12.03 -9.40
CA LYS A 26 10.65 -10.75 -8.97
C LYS A 26 9.69 -9.65 -9.36
N LYS A 27 8.42 -10.03 -9.52
CA LYS A 27 7.37 -9.09 -9.88
C LYS A 27 6.68 -8.64 -8.62
N ILE A 28 5.54 -7.99 -8.74
CA ILE A 28 4.81 -7.53 -7.57
C ILE A 28 3.33 -7.82 -7.70
N PHE A 29 2.70 -8.11 -6.57
CA PHE A 29 1.28 -8.39 -6.54
C PHE A 29 0.48 -7.12 -6.79
N ALA A 30 -0.58 -7.25 -7.58
CA ALA A 30 -1.44 -6.12 -7.90
C ALA A 30 -2.89 -6.55 -7.91
N ALA A 31 -3.77 -5.62 -7.55
CA ALA A 31 -5.19 -5.92 -7.51
C ALA A 31 -6.01 -4.71 -7.95
N SER A 32 -7.12 -4.97 -8.63
CA SER A 32 -7.98 -3.89 -9.13
C SER A 32 -9.17 -3.66 -8.20
N ARG A 33 -9.57 -2.40 -8.09
CA ARG A 33 -10.70 -2.02 -7.24
C ARG A 33 -12.01 -2.53 -7.82
N LEU A 34 -12.80 -3.20 -6.98
CA LEU A 34 -14.10 -3.75 -7.40
C LEU A 34 -15.03 -2.69 -7.97
N ASP A 35 -14.55 -1.97 -8.98
CA ASP A 35 -15.34 -0.92 -9.61
C ASP A 35 -14.57 -0.33 -10.78
N ILE A 36 -13.26 -0.27 -10.64
CA ILE A 36 -12.40 0.28 -11.67
C ILE A 36 -11.44 -0.80 -12.18
N PRO A 37 -11.69 -1.32 -13.40
CA PRO A 37 -10.87 -2.40 -14.00
C PRO A 37 -9.39 -2.06 -14.17
N ASP A 38 -9.10 -1.02 -14.94
CA ASP A 38 -7.71 -0.61 -15.19
C ASP A 38 -7.02 -0.05 -13.95
N ALA A 39 -7.73 -0.02 -12.83
CA ALA A 39 -7.15 0.48 -11.60
C ALA A 39 -6.51 -0.64 -10.79
N TRP A 40 -5.20 -0.81 -10.98
CA TRP A 40 -4.44 -1.83 -10.27
C TRP A 40 -3.70 -1.22 -9.09
N GLN A 41 -3.65 -1.94 -7.98
CA GLN A 41 -2.97 -1.44 -6.81
C GLN A 41 -2.29 -2.53 -6.00
N MET A 42 -1.56 -2.08 -5.00
CA MET A 42 -0.85 -2.95 -4.09
C MET A 42 -1.54 -2.94 -2.73
N PRO A 43 -1.66 -4.09 -2.06
CA PRO A 43 -2.30 -4.17 -0.76
C PRO A 43 -1.74 -3.15 0.22
N GLN A 44 -2.59 -2.64 1.11
CA GLN A 44 -2.16 -1.66 2.10
C GLN A 44 -3.29 -1.33 3.07
N GLY A 45 -2.91 -0.84 4.26
CA GLY A 45 -3.90 -0.48 5.26
C GLY A 45 -3.34 0.50 6.26
N GLY A 46 -4.09 0.78 7.32
CA GLY A 46 -3.63 1.72 8.32
C GLY A 46 -3.22 1.08 9.63
N ILE A 47 -2.13 1.57 10.20
CA ILE A 47 -1.61 1.05 11.47
C ILE A 47 -2.53 1.46 12.62
N ASP A 48 -2.63 0.59 13.63
CA ASP A 48 -3.47 0.87 14.78
C ASP A 48 -2.89 1.99 15.63
N GLU A 49 -3.52 2.26 16.77
CA GLU A 49 -3.07 3.31 17.68
C GLU A 49 -1.57 3.21 17.95
N GLY A 50 -1.13 2.02 18.34
CA GLY A 50 0.28 1.80 18.63
C GLY A 50 0.75 0.44 18.17
N GLU A 51 0.70 0.21 16.87
CA GLU A 51 1.13 -1.05 16.29
C GLU A 51 2.30 -0.84 15.34
N ASP A 52 3.16 -1.84 15.21
CA ASP A 52 4.30 -1.73 14.32
C ASP A 52 3.81 -1.73 12.87
N PRO A 53 4.45 -0.91 12.00
CA PRO A 53 4.06 -0.82 10.59
C PRO A 53 4.22 -2.15 9.88
N ARG A 54 5.36 -2.78 10.13
CA ARG A 54 5.67 -4.07 9.55
C ARG A 54 4.52 -5.05 9.79
N ASN A 55 4.06 -5.11 11.04
CA ASN A 55 2.97 -6.00 11.39
C ASN A 55 1.68 -5.57 10.71
N ALA A 56 1.42 -4.26 10.72
CA ALA A 56 0.23 -3.74 10.08
C ALA A 56 0.24 -4.09 8.61
N ALA A 57 1.42 -3.97 7.99
CA ALA A 57 1.58 -4.31 6.60
C ALA A 57 1.19 -5.76 6.36
N ILE A 58 1.81 -6.66 7.11
CA ILE A 58 1.52 -8.09 7.01
C ILE A 58 0.03 -8.37 7.23
N ARG A 59 -0.50 -7.85 8.32
CA ARG A 59 -1.91 -8.05 8.65
C ARG A 59 -2.82 -7.47 7.58
N GLU A 60 -2.67 -6.17 7.30
CA GLU A 60 -3.49 -5.53 6.28
C GLU A 60 -3.44 -6.33 4.99
N LEU A 61 -2.25 -6.80 4.64
CA LEU A 61 -2.06 -7.62 3.45
C LEU A 61 -3.03 -8.79 3.44
N ARG A 62 -3.08 -9.49 4.56
CA ARG A 62 -3.95 -10.65 4.72
C ARG A 62 -5.42 -10.25 4.62
N GLU A 63 -5.88 -9.49 5.60
CA GLU A 63 -7.27 -9.07 5.65
C GLU A 63 -7.78 -8.51 4.32
N GLU A 64 -6.87 -8.06 3.47
CA GLU A 64 -7.26 -7.47 2.19
C GLU A 64 -7.09 -8.43 1.01
N THR A 65 -6.09 -9.30 1.03
CA THR A 65 -5.87 -10.22 -0.08
C THR A 65 -5.87 -11.67 0.35
N GLY A 66 -5.89 -11.92 1.65
CA GLY A 66 -5.87 -13.27 2.16
C GLY A 66 -4.46 -13.84 2.15
N VAL A 67 -3.58 -13.19 1.37
CA VAL A 67 -2.19 -13.61 1.27
C VAL A 67 -1.51 -13.62 2.63
N THR A 68 -1.01 -14.78 3.01
CA THR A 68 -0.31 -14.95 4.26
C THR A 68 1.03 -15.64 4.02
N SER A 69 1.02 -16.60 3.11
CA SER A 69 2.23 -17.34 2.76
C SER A 69 3.29 -16.44 2.15
N ALA A 70 3.94 -15.64 2.98
CA ALA A 70 4.96 -14.72 2.50
C ALA A 70 5.92 -14.28 3.61
N GLU A 71 7.12 -13.87 3.19
CA GLU A 71 8.16 -13.41 4.11
C GLU A 71 8.70 -12.05 3.66
N VAL A 72 9.15 -11.25 4.61
CA VAL A 72 9.70 -9.92 4.30
C VAL A 72 11.08 -10.00 3.69
N ILE A 73 11.25 -9.29 2.59
CA ILE A 73 12.53 -9.24 1.90
C ILE A 73 13.14 -7.85 2.02
N ALA A 74 12.30 -6.86 2.32
CA ALA A 74 12.75 -5.48 2.46
C ALA A 74 11.67 -4.60 3.06
N GLU A 75 12.01 -3.32 3.25
CA GLU A 75 11.06 -2.35 3.81
C GLU A 75 11.44 -0.93 3.41
N VAL A 76 10.45 -0.06 3.27
CA VAL A 76 10.69 1.32 2.88
C VAL A 76 11.31 2.12 4.02
N PRO A 77 12.31 2.96 3.68
CA PRO A 77 13.03 3.80 4.65
C PRO A 77 12.11 4.81 5.33
N TYR A 78 11.68 5.80 4.55
CA TYR A 78 10.82 6.86 5.08
C TYR A 78 9.35 6.49 5.01
N TRP A 79 8.52 7.35 5.59
CA TRP A 79 7.08 7.14 5.61
C TRP A 79 6.40 7.87 4.44
N LEU A 80 6.08 7.13 3.39
CA LEU A 80 5.43 7.72 2.22
C LEU A 80 4.12 8.39 2.62
N THR A 81 4.10 9.71 2.51
CA THR A 81 2.91 10.49 2.85
C THR A 81 2.21 10.99 1.59
N TYR A 82 1.30 11.94 1.77
CA TYR A 82 0.56 12.51 0.65
C TYR A 82 -0.21 13.75 1.11
N ASP A 83 0.47 14.64 1.82
CA ASP A 83 -0.15 15.86 2.30
C ASP A 83 -0.39 16.83 1.15
N PHE A 84 -1.46 17.60 1.25
CA PHE A 84 -1.81 18.57 0.21
C PHE A 84 -1.36 19.97 0.59
N PRO A 85 -1.50 20.95 -0.34
CA PRO A 85 -1.12 22.34 -0.08
C PRO A 85 -1.93 22.95 1.05
N PRO A 86 -1.79 24.26 1.31
CA PRO A 86 -2.52 24.94 2.38
C PRO A 86 -3.99 25.20 2.04
N LYS A 87 -4.52 24.52 1.02
CA LYS A 87 -5.90 24.69 0.61
C LYS A 87 -6.72 23.43 0.90
N VAL A 88 -6.31 22.33 0.29
CA VAL A 88 -6.98 21.04 0.47
C VAL A 88 -7.06 20.66 1.95
N ARG A 89 -6.18 21.25 2.75
CA ARG A 89 -6.14 20.97 4.19
C ARG A 89 -7.53 21.03 4.80
N GLU A 90 -8.31 22.02 4.41
CA GLU A 90 -9.65 22.18 4.94
C GLU A 90 -10.55 21.01 4.51
N LYS A 91 -10.10 20.28 3.50
CA LYS A 91 -10.85 19.13 3.00
C LYS A 91 -10.22 17.81 3.48
N LEU A 92 -8.93 17.88 3.84
CA LEU A 92 -8.21 16.70 4.32
C LEU A 92 -7.66 16.92 5.73
N ASN A 93 -6.82 17.95 5.88
CA ASN A 93 -6.22 18.26 7.18
C ASN A 93 -7.28 18.35 8.28
N ILE A 94 -8.18 19.32 8.15
CA ILE A 94 -9.24 19.52 9.14
C ILE A 94 -10.28 18.41 9.08
N GLN A 95 -10.13 17.53 8.10
CA GLN A 95 -11.05 16.41 7.93
C GLN A 95 -10.84 15.35 9.03
N TRP A 96 -9.81 15.55 9.85
CA TRP A 96 -9.49 14.59 10.91
C TRP A 96 -10.00 15.07 12.27
N GLY A 97 -10.51 16.30 12.33
CA GLY A 97 -11.03 16.82 13.58
C GLY A 97 -9.96 16.94 14.67
N SER A 98 -8.77 17.36 14.28
CA SER A 98 -7.67 17.51 15.23
C SER A 98 -6.43 18.11 14.54
N ASP A 99 -5.28 17.99 15.20
CA ASP A 99 -4.04 18.50 14.65
C ASP A 99 -3.51 17.56 13.58
N TRP A 100 -4.03 17.70 12.36
CA TRP A 100 -3.62 16.85 11.25
C TRP A 100 -3.14 17.71 10.07
N LYS A 101 -3.03 17.09 8.90
CA LYS A 101 -2.58 17.78 7.69
C LYS A 101 -2.22 16.81 6.57
N GLY A 102 -2.10 15.53 6.91
CA GLY A 102 -1.76 14.53 5.90
C GLY A 102 -1.77 13.13 6.45
N GLN A 103 -1.15 12.21 5.74
CA GLN A 103 -1.09 10.82 6.16
C GLN A 103 0.25 10.20 5.81
N ALA A 104 0.93 9.65 6.81
CA ALA A 104 2.22 9.02 6.60
C ALA A 104 2.03 7.53 6.48
N GLN A 105 2.48 6.98 5.35
CA GLN A 105 2.32 5.57 5.10
C GLN A 105 3.63 4.90 4.68
N LYS A 106 4.04 3.90 5.44
CA LYS A 106 5.27 3.15 5.17
C LYS A 106 4.94 1.81 4.53
N TRP A 107 5.70 1.47 3.49
CA TRP A 107 5.48 0.21 2.77
C TRP A 107 6.55 -0.83 3.14
N PHE A 108 6.28 -2.08 2.77
CA PHE A 108 7.19 -3.18 3.06
C PHE A 108 7.25 -4.16 1.89
N LEU A 109 8.36 -4.90 1.78
CA LEU A 109 8.53 -5.90 0.71
C LEU A 109 8.27 -7.29 1.25
N PHE A 110 7.64 -8.13 0.43
CA PHE A 110 7.31 -9.48 0.87
C PHE A 110 7.41 -10.49 -0.27
N LYS A 111 7.86 -11.68 0.09
CA LYS A 111 7.97 -12.77 -0.88
C LYS A 111 6.82 -13.76 -0.66
N PHE A 112 6.06 -14.05 -1.72
CA PHE A 112 4.95 -14.99 -1.63
C PHE A 112 5.44 -16.43 -1.65
N THR A 113 5.58 -17.01 -0.47
CA THR A 113 6.03 -18.39 -0.35
C THR A 113 4.86 -19.34 -0.20
N GLY A 114 3.90 -19.22 -1.11
CA GLY A 114 2.72 -20.06 -1.06
C GLY A 114 2.10 -20.26 -2.43
N GLN A 115 0.77 -20.38 -2.45
CA GLN A 115 0.05 -20.57 -3.72
C GLN A 115 -0.98 -19.47 -3.91
N ASP A 116 -1.17 -19.08 -5.17
CA ASP A 116 -2.12 -18.03 -5.53
C ASP A 116 -3.53 -18.37 -5.11
N GLN A 117 -3.82 -19.65 -5.00
CA GLN A 117 -5.14 -20.13 -4.61
C GLN A 117 -5.57 -19.60 -3.23
N GLU A 118 -4.67 -18.88 -2.56
CA GLU A 118 -4.97 -18.32 -1.24
C GLU A 118 -5.55 -16.91 -1.37
N ILE A 119 -5.34 -16.30 -2.53
CA ILE A 119 -5.83 -14.96 -2.78
C ILE A 119 -7.28 -14.96 -3.25
N ASN A 120 -8.19 -14.61 -2.34
CA ASN A 120 -9.62 -14.57 -2.64
C ASN A 120 -10.13 -13.15 -2.91
N LEU A 121 -9.31 -12.15 -2.59
CA LEU A 121 -9.69 -10.73 -2.76
C LEU A 121 -11.17 -10.49 -2.47
N LEU A 122 -11.75 -11.30 -1.59
CA LEU A 122 -13.15 -11.14 -1.25
C LEU A 122 -13.35 -10.49 0.11
N GLY A 123 -12.24 -10.10 0.73
CA GLY A 123 -12.31 -9.48 2.04
C GLY A 123 -12.88 -10.42 3.07
N ASP A 124 -12.18 -10.51 4.20
CA ASP A 124 -12.61 -11.38 5.27
C ASP A 124 -13.51 -10.63 6.24
N GLY A 125 -14.71 -10.30 5.77
CA GLY A 125 -15.68 -9.59 6.57
C GLY A 125 -17.09 -9.72 6.03
N SER A 126 -18.07 -9.22 6.79
CA SER A 126 -19.46 -9.29 6.38
C SER A 126 -19.88 -8.04 5.58
N GLU A 127 -18.91 -7.21 5.22
CA GLU A 127 -19.20 -5.99 4.47
C GLU A 127 -19.11 -6.24 2.97
N LYS A 128 -17.88 -6.35 2.47
CA LYS A 128 -17.64 -6.58 1.06
C LYS A 128 -16.14 -6.70 0.78
N PRO A 129 -15.80 -7.23 -0.39
CA PRO A 129 -14.41 -7.41 -0.81
C PRO A 129 -13.69 -6.09 -1.04
N GLU A 130 -12.36 -6.16 -1.14
CA GLU A 130 -11.54 -4.98 -1.36
C GLU A 130 -11.21 -4.84 -2.85
N PHE A 131 -10.51 -5.84 -3.37
CA PHE A 131 -10.12 -5.87 -4.77
C PHE A 131 -10.98 -6.84 -5.55
N GLY A 132 -11.23 -6.51 -6.80
CA GLY A 132 -12.04 -7.36 -7.65
C GLY A 132 -11.21 -8.45 -8.31
N GLU A 133 -9.98 -8.10 -8.66
CA GLU A 133 -9.07 -9.05 -9.32
C GLU A 133 -7.62 -8.68 -9.05
N TRP A 134 -6.74 -9.68 -9.13
CA TRP A 134 -5.32 -9.45 -8.90
C TRP A 134 -4.46 -10.12 -9.97
N SER A 135 -3.20 -9.71 -10.03
CA SER A 135 -2.26 -10.25 -11.01
C SER A 135 -0.81 -10.06 -10.57
N TRP A 136 0.09 -10.77 -11.25
CA TRP A 136 1.52 -10.66 -10.96
C TRP A 136 2.20 -9.90 -12.08
N VAL A 137 2.41 -8.62 -11.85
CA VAL A 137 3.08 -7.78 -12.83
C VAL A 137 4.42 -7.31 -12.27
N THR A 138 5.29 -6.83 -13.14
CA THR A 138 6.59 -6.36 -12.68
C THR A 138 6.43 -5.06 -11.90
N PRO A 139 7.50 -4.55 -11.31
CA PRO A 139 7.42 -3.31 -10.55
C PRO A 139 7.04 -2.14 -11.44
N GLU A 140 7.78 -1.96 -12.52
CA GLU A 140 7.51 -0.88 -13.47
C GLU A 140 6.16 -1.08 -14.16
N GLN A 141 5.75 -2.34 -14.26
CA GLN A 141 4.48 -2.69 -14.88
C GLN A 141 3.33 -2.29 -13.98
N LEU A 142 3.45 -2.63 -12.70
CA LEU A 142 2.43 -2.30 -11.72
C LEU A 142 2.18 -0.81 -11.74
N ILE A 143 3.27 -0.04 -11.83
CA ILE A 143 3.16 1.40 -11.87
C ILE A 143 2.35 1.85 -13.08
N ASP A 144 2.48 1.11 -14.18
CA ASP A 144 1.75 1.42 -15.39
C ASP A 144 0.28 1.08 -15.25
N LEU A 145 0.02 -0.16 -14.83
CA LEU A 145 -1.34 -0.65 -14.64
C LEU A 145 -2.02 -0.04 -13.42
N THR A 146 -1.22 0.45 -12.46
CA THR A 146 -1.78 1.02 -11.25
C THR A 146 -2.42 2.38 -11.50
N VAL A 147 -3.08 2.92 -10.48
CA VAL A 147 -3.74 4.20 -10.57
C VAL A 147 -2.74 5.35 -10.44
N GLU A 148 -3.08 6.49 -11.02
CA GLU A 148 -2.21 7.66 -10.96
C GLU A 148 -1.93 8.06 -9.52
N PHE A 149 -2.99 8.28 -8.75
CA PHE A 149 -2.88 8.66 -7.34
C PHE A 149 -2.06 7.66 -6.51
N LYS A 150 -1.53 6.61 -7.14
CA LYS A 150 -0.75 5.61 -6.42
C LYS A 150 0.51 5.19 -7.19
N LYS A 151 0.64 5.67 -8.43
CA LYS A 151 1.81 5.34 -9.25
C LYS A 151 3.10 5.88 -8.64
N PRO A 152 3.18 7.20 -8.39
CA PRO A 152 4.38 7.82 -7.81
C PRO A 152 4.66 7.30 -6.41
N VAL A 153 3.61 6.89 -5.71
CA VAL A 153 3.76 6.35 -4.36
C VAL A 153 4.46 5.01 -4.46
N TYR A 154 3.93 4.14 -5.31
CA TYR A 154 4.51 2.83 -5.52
C TYR A 154 5.90 2.97 -6.14
N LYS A 155 6.00 3.90 -7.07
CA LYS A 155 7.25 4.18 -7.77
C LYS A 155 8.38 4.45 -6.80
N GLU A 156 8.10 5.23 -5.77
CA GLU A 156 9.11 5.54 -4.78
C GLU A 156 9.40 4.30 -3.98
N VAL A 157 8.37 3.48 -3.81
CA VAL A 157 8.51 2.24 -3.09
C VAL A 157 9.45 1.31 -3.85
N LEU A 158 9.29 1.26 -5.17
CA LEU A 158 10.13 0.41 -6.01
C LEU A 158 11.59 0.84 -5.90
N SER A 159 11.84 2.15 -6.02
CA SER A 159 13.20 2.66 -5.91
C SER A 159 13.86 2.09 -4.65
N VAL A 160 13.07 1.98 -3.60
CA VAL A 160 13.55 1.40 -2.35
C VAL A 160 13.80 -0.09 -2.55
N PHE A 161 12.84 -0.74 -3.22
CA PHE A 161 12.91 -2.16 -3.49
C PHE A 161 13.82 -2.50 -4.66
N ALA A 162 14.48 -1.49 -5.23
CA ALA A 162 15.37 -1.72 -6.35
C ALA A 162 16.48 -2.69 -5.97
N PRO A 163 17.21 -2.42 -4.88
CA PRO A 163 18.28 -3.30 -4.41
C PRO A 163 17.77 -4.71 -4.11
N HIS A 164 16.44 -4.86 -4.06
CA HIS A 164 15.83 -6.15 -3.78
C HIS A 164 15.14 -6.73 -5.02
N LEU A 165 14.90 -5.87 -6.01
CA LEU A 165 14.26 -6.30 -7.23
C LEU A 165 15.29 -6.58 -8.32
N GLY A 1 10.62 11.98 -7.73
CA GLY A 1 10.25 11.65 -6.32
C GLY A 1 9.04 12.43 -5.83
N PRO A 2 7.87 12.23 -6.48
CA PRO A 2 6.64 12.94 -6.10
C PRO A 2 6.35 12.83 -4.61
N LEU A 3 5.27 13.49 -4.18
CA LEU A 3 4.86 13.50 -2.76
C LEU A 3 6.05 13.72 -1.83
N GLY A 4 5.81 13.58 -0.54
CA GLY A 4 6.84 13.76 0.45
C GLY A 4 6.95 12.56 1.36
N SER A 5 8.16 12.02 1.50
CA SER A 5 8.38 10.86 2.36
C SER A 5 9.38 11.16 3.46
N MET A 6 8.88 11.34 4.67
CA MET A 6 9.73 11.63 5.81
C MET A 6 10.03 10.35 6.59
N ASP A 7 11.19 10.30 7.23
CA ASP A 7 11.57 9.12 8.00
C ASP A 7 10.62 8.93 9.18
N SER A 8 10.48 9.97 9.99
CA SER A 8 9.59 9.92 11.14
C SER A 8 8.26 10.60 10.78
N PRO A 9 7.13 10.09 11.32
CA PRO A 9 5.82 10.66 11.04
C PRO A 9 5.67 12.06 11.63
N PRO A 10 5.72 13.09 10.78
CA PRO A 10 5.59 14.49 11.20
C PRO A 10 4.34 14.72 12.04
N GLU A 11 4.30 15.87 12.72
CA GLU A 11 3.16 16.21 13.56
C GLU A 11 1.85 16.05 12.80
N GLY A 12 0.97 15.23 13.35
CA GLY A 12 -0.33 15.01 12.73
C GLY A 12 -0.24 14.61 11.26
N TYR A 13 0.05 13.35 11.00
CA TYR A 13 0.15 12.85 9.64
C TYR A 13 -0.26 11.37 9.58
N ARG A 14 -1.52 11.12 9.92
CA ARG A 14 -2.09 9.76 9.92
C ARG A 14 -1.04 8.70 10.23
N ARG A 15 -1.25 7.50 9.73
CA ARG A 15 -0.33 6.39 9.96
C ARG A 15 -0.87 5.10 9.34
N ASN A 16 -0.41 4.81 8.12
CA ASN A 16 -0.83 3.61 7.42
C ASN A 16 0.39 2.91 6.84
N VAL A 17 0.16 1.76 6.22
CA VAL A 17 1.24 1.00 5.61
C VAL A 17 0.81 0.36 4.31
N GLY A 18 1.80 -0.06 3.55
CA GLY A 18 1.53 -0.72 2.30
C GLY A 18 2.32 -2.01 2.19
N ILE A 19 1.83 -2.94 1.38
CA ILE A 19 2.51 -4.22 1.24
C ILE A 19 2.90 -4.50 -0.21
N CYS A 20 4.20 -4.64 -0.43
CA CYS A 20 4.71 -4.94 -1.75
C CYS A 20 5.09 -6.41 -1.82
N LEU A 21 4.23 -7.20 -2.44
CA LEU A 21 4.47 -8.62 -2.54
C LEU A 21 4.97 -9.02 -3.91
N MET A 22 6.15 -9.63 -3.95
CA MET A 22 6.72 -10.07 -5.20
C MET A 22 6.87 -11.59 -5.24
N ASN A 23 6.63 -12.16 -6.41
CA ASN A 23 6.72 -13.60 -6.57
C ASN A 23 8.08 -14.02 -7.11
N ASN A 24 8.22 -15.32 -7.32
CA ASN A 24 9.46 -15.89 -7.85
C ASN A 24 9.88 -15.26 -9.19
N ASP A 25 9.05 -14.38 -9.74
CA ASP A 25 9.36 -13.76 -11.01
C ASP A 25 9.87 -12.33 -10.84
N LYS A 26 9.94 -11.88 -9.60
CA LYS A 26 10.36 -10.52 -9.28
C LYS A 26 9.27 -9.54 -9.68
N LYS A 27 8.03 -10.06 -9.73
CA LYS A 27 6.88 -9.25 -10.08
C LYS A 27 6.22 -8.74 -8.81
N ILE A 28 5.20 -7.91 -8.95
CA ILE A 28 4.51 -7.38 -7.77
C ILE A 28 3.05 -7.77 -7.78
N PHE A 29 2.53 -8.09 -6.61
CA PHE A 29 1.13 -8.46 -6.48
C PHE A 29 0.24 -7.26 -6.77
N ALA A 30 -0.43 -7.29 -7.92
CA ALA A 30 -1.32 -6.19 -8.31
C ALA A 30 -2.77 -6.57 -8.08
N ALA A 31 -3.54 -5.62 -7.57
CA ALA A 31 -4.95 -5.84 -7.30
C ALA A 31 -5.77 -4.63 -7.73
N SER A 32 -6.85 -4.87 -8.46
CA SER A 32 -7.71 -3.79 -8.93
C SER A 32 -8.93 -3.61 -8.05
N ARG A 33 -9.36 -2.36 -7.92
CA ARG A 33 -10.53 -2.04 -7.10
C ARG A 33 -11.80 -2.56 -7.77
N LEU A 34 -12.60 -3.32 -7.01
CA LEU A 34 -13.84 -3.88 -7.54
C LEU A 34 -14.62 -2.84 -8.33
N ASP A 35 -14.54 -1.60 -7.87
CA ASP A 35 -15.23 -0.49 -8.51
C ASP A 35 -14.55 -0.12 -9.82
N ILE A 36 -13.22 -0.22 -9.84
CA ILE A 36 -12.43 0.10 -11.03
C ILE A 36 -11.55 -1.09 -11.44
N PRO A 37 -11.86 -1.73 -12.58
CA PRO A 37 -11.09 -2.89 -13.07
C PRO A 37 -9.74 -2.50 -13.66
N ASP A 38 -9.61 -1.24 -14.06
CA ASP A 38 -8.36 -0.76 -14.66
C ASP A 38 -7.44 -0.16 -13.59
N ALA A 39 -7.94 -0.02 -12.37
CA ALA A 39 -7.15 0.54 -11.28
C ALA A 39 -6.43 -0.55 -10.50
N TRP A 40 -5.19 -0.82 -10.91
CA TRP A 40 -4.38 -1.84 -10.25
C TRP A 40 -3.62 -1.22 -9.08
N GLN A 41 -3.46 -1.96 -8.00
CA GLN A 41 -2.76 -1.45 -6.84
C GLN A 41 -2.12 -2.56 -6.02
N MET A 42 -1.37 -2.14 -5.01
CA MET A 42 -0.69 -3.06 -4.11
C MET A 42 -1.37 -3.05 -2.74
N PRO A 43 -1.41 -4.19 -2.04
CA PRO A 43 -2.03 -4.29 -0.71
C PRO A 43 -1.53 -3.20 0.24
N GLN A 44 -2.33 -2.88 1.24
CA GLN A 44 -1.98 -1.84 2.21
C GLN A 44 -3.03 -1.74 3.31
N GLY A 45 -2.75 -0.92 4.31
CA GLY A 45 -3.68 -0.75 5.40
C GLY A 45 -3.17 0.21 6.45
N GLY A 46 -4.09 0.84 7.19
CA GLY A 46 -3.68 1.78 8.21
C GLY A 46 -3.29 1.12 9.52
N ILE A 47 -2.18 1.59 10.10
CA ILE A 47 -1.68 1.06 11.36
C ILE A 47 -2.59 1.45 12.51
N ASP A 48 -2.72 0.55 13.48
CA ASP A 48 -3.55 0.82 14.66
C ASP A 48 -2.94 1.94 15.49
N GLU A 49 -3.53 2.21 16.63
CA GLU A 49 -3.04 3.25 17.53
C GLU A 49 -1.54 3.12 17.75
N GLY A 50 -1.15 2.17 18.59
CA GLY A 50 0.26 1.96 18.87
C GLY A 50 0.77 0.63 18.34
N GLU A 51 0.62 0.41 17.05
CA GLU A 51 1.07 -0.82 16.42
C GLU A 51 2.18 -0.55 15.41
N ASP A 52 3.10 -1.51 15.27
CA ASP A 52 4.20 -1.36 14.33
C ASP A 52 3.71 -1.48 12.89
N PRO A 53 4.28 -0.68 11.97
CA PRO A 53 3.89 -0.71 10.55
C PRO A 53 3.96 -2.10 9.94
N ARG A 54 5.06 -2.78 10.23
CA ARG A 54 5.30 -4.13 9.71
C ARG A 54 4.13 -5.04 10.01
N ASN A 55 3.64 -4.96 11.22
CA ASN A 55 2.50 -5.79 11.64
C ASN A 55 1.26 -5.41 10.86
N ALA A 56 0.98 -4.12 10.78
CA ALA A 56 -0.18 -3.63 10.05
C ALA A 56 -0.05 -4.03 8.58
N ALA A 57 1.15 -3.84 8.04
CA ALA A 57 1.41 -4.20 6.66
C ALA A 57 1.10 -5.68 6.45
N ILE A 58 1.78 -6.52 7.20
CA ILE A 58 1.60 -7.96 7.13
C ILE A 58 0.14 -8.34 7.38
N ARG A 59 -0.44 -7.85 8.47
CA ARG A 59 -1.82 -8.15 8.80
C ARG A 59 -2.78 -7.62 7.75
N GLU A 60 -2.85 -6.30 7.60
CA GLU A 60 -3.73 -5.69 6.61
C GLU A 60 -3.68 -6.46 5.29
N LEU A 61 -2.47 -6.81 4.87
CA LEU A 61 -2.27 -7.58 3.65
C LEU A 61 -3.14 -8.82 3.67
N ARG A 62 -3.12 -9.52 4.80
CA ARG A 62 -3.91 -10.74 4.97
C ARG A 62 -5.41 -10.43 4.95
N GLU A 63 -5.87 -9.69 5.95
CA GLU A 63 -7.27 -9.33 6.05
C GLU A 63 -7.83 -8.76 4.76
N GLU A 64 -6.95 -8.26 3.90
CA GLU A 64 -7.39 -7.64 2.64
C GLU A 64 -7.29 -8.60 1.45
N THR A 65 -6.27 -9.45 1.40
CA THR A 65 -6.12 -10.36 0.27
C THR A 65 -5.93 -11.82 0.70
N GLY A 66 -5.86 -12.06 2.00
CA GLY A 66 -5.67 -13.41 2.49
C GLY A 66 -4.23 -13.88 2.37
N VAL A 67 -3.43 -13.12 1.62
CA VAL A 67 -2.03 -13.45 1.41
C VAL A 67 -1.28 -13.53 2.73
N THR A 68 -0.88 -14.75 3.08
CA THR A 68 -0.14 -14.98 4.31
C THR A 68 1.18 -15.66 3.97
N SER A 69 1.12 -16.61 3.03
CA SER A 69 2.30 -17.35 2.60
C SER A 69 3.33 -16.42 1.97
N ALA A 70 4.02 -15.64 2.81
CA ALA A 70 5.02 -14.72 2.32
C ALA A 70 5.98 -14.27 3.42
N GLU A 71 7.16 -13.81 3.01
CA GLU A 71 8.18 -13.36 3.94
C GLU A 71 8.70 -11.98 3.54
N VAL A 72 9.11 -11.19 4.52
CA VAL A 72 9.63 -9.85 4.26
C VAL A 72 11.03 -9.92 3.66
N ILE A 73 11.21 -9.26 2.53
CA ILE A 73 12.50 -9.24 1.86
C ILE A 73 13.15 -7.88 2.03
N ALA A 74 12.33 -6.88 2.37
CA ALA A 74 12.82 -5.53 2.56
C ALA A 74 11.74 -4.64 3.15
N GLU A 75 12.10 -3.40 3.44
CA GLU A 75 11.16 -2.43 3.99
C GLU A 75 11.57 -1.01 3.61
N VAL A 76 10.57 -0.15 3.39
CA VAL A 76 10.85 1.23 3.02
C VAL A 76 11.43 2.02 4.19
N PRO A 77 12.46 2.83 3.94
CA PRO A 77 13.13 3.64 4.96
C PRO A 77 12.17 4.61 5.66
N TYR A 78 11.68 5.57 4.90
CA TYR A 78 10.78 6.59 5.42
C TYR A 78 9.33 6.23 5.13
N TRP A 79 8.42 7.13 5.50
CA TRP A 79 7.00 6.92 5.26
C TRP A 79 6.63 7.47 3.88
N LEU A 80 5.37 7.84 3.69
CA LEU A 80 4.93 8.38 2.41
C LEU A 80 3.61 9.13 2.56
N THR A 81 3.69 10.46 2.52
CA THR A 81 2.51 11.31 2.65
C THR A 81 2.24 12.07 1.36
N TYR A 82 1.12 12.79 1.34
CA TYR A 82 0.75 13.58 0.16
C TYR A 82 -0.47 14.44 0.44
N ASP A 83 -0.55 14.98 1.65
CA ASP A 83 -1.65 15.86 2.07
C ASP A 83 -3.01 15.39 1.52
N PHE A 84 -4.03 16.22 1.70
CA PHE A 84 -5.38 15.92 1.22
C PHE A 84 -5.77 16.89 0.10
N PRO A 85 -6.96 16.70 -0.51
CA PRO A 85 -7.43 17.58 -1.60
C PRO A 85 -7.33 19.06 -1.23
N PRO A 86 -7.81 19.97 -2.11
CA PRO A 86 -7.74 21.41 -1.86
C PRO A 86 -8.62 21.84 -0.68
N LYS A 87 -9.93 21.64 -0.80
CA LYS A 87 -10.85 22.03 0.26
C LYS A 87 -10.86 21.00 1.39
N VAL A 88 -10.58 19.74 1.05
CA VAL A 88 -10.55 18.67 2.04
C VAL A 88 -9.41 18.87 3.03
N ARG A 89 -8.45 19.71 2.68
CA ARG A 89 -7.30 19.97 3.54
C ARG A 89 -7.71 20.73 4.81
N GLU A 90 -9.00 21.04 4.96
CA GLU A 90 -9.49 21.75 6.13
C GLU A 90 -10.55 20.94 6.89
N LYS A 91 -11.70 20.76 6.25
CA LYS A 91 -12.82 20.03 6.85
C LYS A 91 -12.40 18.65 7.37
N LEU A 92 -11.58 17.95 6.59
CA LEU A 92 -11.14 16.61 6.96
C LEU A 92 -9.69 16.61 7.47
N ASN A 93 -8.79 17.11 6.65
CA ASN A 93 -7.37 17.15 6.98
C ASN A 93 -7.10 17.86 8.31
N ILE A 94 -7.67 19.05 8.48
CA ILE A 94 -7.49 19.79 9.72
C ILE A 94 -8.35 19.20 10.84
N GLN A 95 -9.21 18.25 10.46
CA GLN A 95 -10.11 17.59 11.41
C GLN A 95 -9.38 16.48 12.18
N TRP A 96 -9.60 15.23 11.77
CA TRP A 96 -8.98 14.07 12.43
C TRP A 96 -8.99 14.21 13.94
N GLY A 97 -10.00 14.89 14.48
CA GLY A 97 -10.10 15.06 15.92
C GLY A 97 -8.96 15.88 16.49
N SER A 98 -8.78 17.09 15.96
CA SER A 98 -7.72 18.00 16.42
C SER A 98 -6.40 17.73 15.69
N ASP A 99 -5.49 18.70 15.75
CA ASP A 99 -4.18 18.59 15.10
C ASP A 99 -4.28 17.90 13.73
N TRP A 100 -3.31 17.05 13.40
CA TRP A 100 -3.31 16.36 12.10
C TRP A 100 -3.09 17.35 10.96
N LYS A 101 -2.96 16.83 9.74
CA LYS A 101 -2.72 17.67 8.56
C LYS A 101 -2.25 16.85 7.35
N GLY A 102 -2.70 15.60 7.25
CA GLY A 102 -2.29 14.77 6.12
C GLY A 102 -2.29 13.29 6.47
N GLN A 103 -1.56 12.50 5.71
CA GLN A 103 -1.50 11.07 5.96
C GLN A 103 -0.14 10.48 5.61
N ALA A 104 0.46 9.78 6.58
CA ALA A 104 1.77 9.15 6.37
C ALA A 104 1.62 7.64 6.26
N GLN A 105 2.10 7.09 5.14
CA GLN A 105 2.00 5.66 4.90
C GLN A 105 3.36 5.05 4.51
N LYS A 106 3.78 4.04 5.27
CA LYS A 106 5.05 3.37 5.00
C LYS A 106 4.81 2.01 4.34
N TRP A 107 5.65 1.67 3.37
CA TRP A 107 5.50 0.41 2.65
C TRP A 107 6.52 -0.64 3.07
N PHE A 108 6.28 -1.88 2.63
CA PHE A 108 7.15 -3.00 2.96
C PHE A 108 7.24 -3.98 1.77
N LEU A 109 8.33 -4.74 1.73
CA LEU A 109 8.55 -5.72 0.67
C LEU A 109 8.27 -7.13 1.18
N PHE A 110 7.61 -7.95 0.37
CA PHE A 110 7.29 -9.31 0.77
C PHE A 110 7.39 -10.30 -0.38
N LYS A 111 7.82 -11.50 -0.04
CA LYS A 111 7.93 -12.58 -1.03
C LYS A 111 6.80 -13.56 -0.83
N PHE A 112 6.01 -13.80 -1.87
CA PHE A 112 4.90 -14.74 -1.78
C PHE A 112 5.40 -16.18 -1.89
N THR A 113 5.54 -16.84 -0.75
CA THR A 113 6.01 -18.22 -0.72
C THR A 113 4.82 -19.17 -0.63
N GLY A 114 3.77 -18.88 -1.40
CA GLY A 114 2.58 -19.71 -1.40
C GLY A 114 2.00 -19.88 -2.79
N GLN A 115 0.68 -20.03 -2.86
CA GLN A 115 -0.01 -20.20 -4.13
C GLN A 115 -1.04 -19.10 -4.35
N ASP A 116 -1.25 -18.74 -5.61
CA ASP A 116 -2.20 -17.68 -5.98
C ASP A 116 -3.60 -18.03 -5.50
N GLN A 117 -3.93 -19.30 -5.59
CA GLN A 117 -5.24 -19.80 -5.20
C GLN A 117 -5.57 -19.47 -3.73
N GLU A 118 -4.63 -18.85 -3.01
CA GLU A 118 -4.84 -18.48 -1.62
C GLU A 118 -5.43 -17.08 -1.54
N ILE A 119 -5.22 -16.31 -2.59
CA ILE A 119 -5.72 -14.94 -2.67
C ILE A 119 -7.16 -14.91 -3.18
N ASN A 120 -8.09 -14.66 -2.28
CA ASN A 120 -9.51 -14.62 -2.66
C ASN A 120 -9.99 -13.18 -2.74
N LEU A 121 -9.35 -12.28 -2.00
CA LEU A 121 -9.72 -10.87 -1.99
C LEU A 121 -10.98 -10.63 -1.15
N LEU A 122 -11.91 -11.59 -1.21
CA LEU A 122 -13.15 -11.49 -0.46
C LEU A 122 -12.90 -11.57 1.04
N GLY A 123 -13.98 -11.71 1.81
CA GLY A 123 -13.86 -11.78 3.25
C GLY A 123 -14.58 -10.65 3.94
N ASP A 124 -15.08 -9.73 3.14
CA ASP A 124 -15.80 -8.57 3.64
C ASP A 124 -17.31 -8.76 3.47
N GLY A 125 -17.86 -9.77 4.13
CA GLY A 125 -19.29 -10.04 4.01
C GLY A 125 -20.12 -9.09 4.85
N SER A 126 -19.81 -7.81 4.79
CA SER A 126 -20.55 -6.79 5.54
C SER A 126 -21.16 -5.76 4.59
N GLU A 127 -20.40 -5.37 3.57
CA GLU A 127 -20.87 -4.39 2.60
C GLU A 127 -20.31 -4.68 1.21
N LYS A 128 -19.01 -4.97 1.14
CA LYS A 128 -18.36 -5.29 -0.13
C LYS A 128 -16.90 -5.62 0.07
N PRO A 129 -16.31 -6.40 -0.85
CA PRO A 129 -14.91 -6.80 -0.78
C PRO A 129 -13.96 -5.64 -1.07
N GLU A 130 -12.66 -5.93 -1.12
CA GLU A 130 -11.65 -4.91 -1.37
C GLU A 130 -11.27 -4.86 -2.84
N PHE A 131 -10.59 -5.90 -3.32
CA PHE A 131 -10.18 -5.98 -4.71
C PHE A 131 -11.05 -6.95 -5.48
N GLY A 132 -11.33 -6.60 -6.73
CA GLY A 132 -12.15 -7.46 -7.56
C GLY A 132 -11.32 -8.46 -8.33
N GLU A 133 -10.13 -8.03 -8.74
CA GLU A 133 -9.22 -8.89 -9.48
C GLU A 133 -7.78 -8.50 -9.22
N TRP A 134 -6.90 -9.49 -9.25
CA TRP A 134 -5.48 -9.25 -9.02
C TRP A 134 -4.63 -10.03 -10.02
N SER A 135 -3.35 -9.70 -10.08
CA SER A 135 -2.43 -10.37 -11.01
C SER A 135 -0.98 -10.21 -10.60
N TRP A 136 -0.11 -10.88 -11.35
CA TRP A 136 1.34 -10.82 -11.12
C TRP A 136 2.00 -10.05 -12.24
N VAL A 137 2.31 -8.78 -11.98
CA VAL A 137 2.95 -7.94 -12.98
C VAL A 137 4.31 -7.48 -12.47
N THR A 138 5.15 -6.95 -13.35
CA THR A 138 6.45 -6.47 -12.92
C THR A 138 6.31 -5.21 -12.10
N PRO A 139 7.37 -4.79 -11.41
CA PRO A 139 7.34 -3.58 -10.61
C PRO A 139 7.01 -2.37 -11.47
N GLU A 140 7.79 -2.19 -12.52
CA GLU A 140 7.55 -1.09 -13.45
C GLU A 140 6.21 -1.27 -14.17
N GLN A 141 5.79 -2.54 -14.32
CA GLN A 141 4.52 -2.84 -14.97
C GLN A 141 3.36 -2.46 -14.08
N LEU A 142 3.45 -2.83 -12.81
CA LEU A 142 2.41 -2.51 -11.85
C LEU A 142 2.20 -1.00 -11.81
N ILE A 143 3.30 -0.26 -11.89
CA ILE A 143 3.22 1.19 -11.87
C ILE A 143 2.39 1.69 -13.05
N ASP A 144 2.52 1.02 -14.18
CA ASP A 144 1.78 1.40 -15.38
C ASP A 144 0.30 1.08 -15.23
N LEU A 145 0.02 -0.16 -14.88
CA LEU A 145 -1.34 -0.64 -14.71
C LEU A 145 -2.01 -0.07 -13.45
N THR A 146 -1.20 0.41 -12.51
CA THR A 146 -1.76 0.95 -11.27
C THR A 146 -2.42 2.29 -11.49
N VAL A 147 -2.95 2.85 -10.42
CA VAL A 147 -3.62 4.14 -10.47
C VAL A 147 -2.60 5.27 -10.32
N GLU A 148 -2.89 6.43 -10.91
CA GLU A 148 -1.99 7.57 -10.83
C GLU A 148 -1.72 7.98 -9.38
N PHE A 149 -2.79 8.21 -8.63
CA PHE A 149 -2.69 8.61 -7.23
C PHE A 149 -1.88 7.62 -6.37
N LYS A 150 -1.37 6.55 -6.97
CA LYS A 150 -0.60 5.55 -6.22
C LYS A 150 0.66 5.10 -6.97
N LYS A 151 0.80 5.53 -8.23
CA LYS A 151 1.96 5.17 -9.03
C LYS A 151 3.25 5.73 -8.43
N PRO A 152 3.31 7.05 -8.13
CA PRO A 152 4.49 7.67 -7.54
C PRO A 152 4.80 7.11 -6.16
N VAL A 153 3.76 6.66 -5.47
CA VAL A 153 3.93 6.09 -4.15
C VAL A 153 4.66 4.77 -4.27
N TYR A 154 4.17 3.93 -5.18
CA TYR A 154 4.78 2.63 -5.44
C TYR A 154 6.15 2.81 -6.06
N LYS A 155 6.26 3.78 -6.96
CA LYS A 155 7.51 4.10 -7.63
C LYS A 155 8.61 4.34 -6.62
N GLU A 156 8.29 5.10 -5.58
CA GLU A 156 9.25 5.39 -4.53
C GLU A 156 9.54 4.12 -3.77
N VAL A 157 8.52 3.29 -3.66
CA VAL A 157 8.64 2.02 -2.97
C VAL A 157 9.58 1.11 -3.76
N LEU A 158 9.46 1.12 -5.09
CA LEU A 158 10.30 0.30 -5.94
C LEU A 158 11.76 0.75 -5.85
N SER A 159 11.97 2.07 -5.90
CA SER A 159 13.32 2.61 -5.80
C SER A 159 14.01 2.06 -4.56
N VAL A 160 13.25 1.98 -3.48
CA VAL A 160 13.78 1.42 -2.24
C VAL A 160 14.06 -0.05 -2.45
N PHE A 161 13.13 -0.71 -3.13
CA PHE A 161 13.23 -2.14 -3.42
C PHE A 161 14.13 -2.44 -4.61
N ALA A 162 14.80 -1.42 -5.14
CA ALA A 162 15.68 -1.64 -6.28
C ALA A 162 16.77 -2.65 -5.93
N PRO A 163 17.50 -2.42 -4.83
CA PRO A 163 18.55 -3.35 -4.39
C PRO A 163 17.99 -4.74 -4.10
N HIS A 164 16.67 -4.85 -4.04
CA HIS A 164 16.01 -6.12 -3.77
C HIS A 164 15.33 -6.68 -5.02
N LEU A 165 15.10 -5.81 -6.01
CA LEU A 165 14.47 -6.22 -7.25
C LEU A 165 15.51 -6.57 -8.31
N GLY A 1 2.74 19.89 -3.94
CA GLY A 1 2.29 19.03 -5.07
C GLY A 1 2.68 17.57 -4.89
N PRO A 2 3.95 17.22 -5.16
CA PRO A 2 4.43 15.85 -5.01
C PRO A 2 4.16 15.28 -3.62
N LEU A 3 4.61 14.06 -3.39
CA LEU A 3 4.42 13.41 -2.10
C LEU A 3 5.68 13.52 -1.23
N GLY A 4 5.48 13.91 0.02
CA GLY A 4 6.61 14.04 0.92
C GLY A 4 6.78 12.82 1.80
N SER A 5 8.01 12.32 1.90
CA SER A 5 8.29 11.14 2.70
C SER A 5 9.31 11.44 3.80
N MET A 6 9.07 10.88 4.98
CA MET A 6 9.95 11.09 6.13
C MET A 6 10.06 9.81 6.96
N ASP A 7 11.22 9.58 7.57
CA ASP A 7 11.42 8.40 8.39
C ASP A 7 10.53 8.41 9.63
N SER A 8 9.87 9.55 9.87
CA SER A 8 8.98 9.69 11.01
C SER A 8 7.79 10.55 10.62
N PRO A 9 6.57 9.99 10.66
CA PRO A 9 5.35 10.73 10.30
C PRO A 9 5.00 11.83 11.30
N PRO A 10 5.24 13.09 10.92
CA PRO A 10 4.96 14.24 11.77
C PRO A 10 3.52 14.24 12.30
N GLU A 11 3.31 15.00 13.35
CA GLU A 11 2.00 15.12 13.97
C GLU A 11 0.94 15.55 12.97
N GLY A 12 -0.16 14.82 12.93
CA GLY A 12 -1.24 15.18 12.03
C GLY A 12 -1.41 14.23 10.86
N TYR A 13 -0.34 13.55 10.49
CA TYR A 13 -0.40 12.62 9.36
C TYR A 13 -0.85 11.25 9.83
N ARG A 14 -1.95 10.75 9.28
CA ARG A 14 -2.46 9.44 9.66
C ARG A 14 -1.56 8.34 9.12
N ARG A 15 -0.51 8.03 9.87
CA ARG A 15 0.43 7.00 9.47
C ARG A 15 -0.29 5.72 9.06
N ASN A 16 -0.01 5.28 7.85
CA ASN A 16 -0.61 4.08 7.29
C ASN A 16 0.49 3.22 6.67
N VAL A 17 0.15 2.03 6.16
CA VAL A 17 1.17 1.17 5.56
C VAL A 17 0.66 0.43 4.33
N GLY A 18 1.60 0.03 3.47
CA GLY A 18 1.26 -0.70 2.27
C GLY A 18 2.03 -2.01 2.19
N ILE A 19 1.64 -2.88 1.27
CA ILE A 19 2.30 -4.17 1.14
C ILE A 19 2.74 -4.46 -0.30
N CYS A 20 4.04 -4.56 -0.49
CA CYS A 20 4.60 -4.88 -1.80
C CYS A 20 5.04 -6.33 -1.84
N LEU A 21 4.18 -7.17 -2.40
CA LEU A 21 4.46 -8.60 -2.47
C LEU A 21 5.00 -8.98 -3.85
N MET A 22 6.14 -9.66 -3.86
CA MET A 22 6.75 -10.11 -5.11
C MET A 22 6.92 -11.62 -5.11
N ASN A 23 6.90 -12.21 -6.30
CA ASN A 23 7.06 -13.66 -6.43
C ASN A 23 8.52 -13.99 -6.69
N ASN A 24 8.83 -15.28 -6.70
CA ASN A 24 10.18 -15.73 -7.02
C ASN A 24 10.60 -15.23 -8.41
N ASP A 25 9.67 -14.60 -9.13
CA ASP A 25 9.94 -14.10 -10.47
C ASP A 25 10.16 -12.59 -10.48
N LYS A 26 10.09 -11.99 -9.31
CA LYS A 26 10.25 -10.55 -9.15
C LYS A 26 9.00 -9.83 -9.63
N LYS A 27 7.87 -10.55 -9.63
CA LYS A 27 6.60 -9.97 -10.04
C LYS A 27 5.88 -9.46 -8.80
N ILE A 28 5.18 -8.34 -8.94
CA ILE A 28 4.47 -7.74 -7.82
C ILE A 28 3.01 -8.13 -7.81
N PHE A 29 2.52 -8.47 -6.62
CA PHE A 29 1.13 -8.84 -6.46
C PHE A 29 0.25 -7.62 -6.73
N ALA A 30 -0.33 -7.57 -7.92
CA ALA A 30 -1.20 -6.46 -8.29
C ALA A 30 -2.66 -6.78 -8.04
N ALA A 31 -3.41 -5.80 -7.56
CA ALA A 31 -4.82 -5.98 -7.28
C ALA A 31 -5.61 -4.75 -7.73
N SER A 32 -6.70 -4.98 -8.46
CA SER A 32 -7.52 -3.89 -8.97
C SER A 32 -8.74 -3.66 -8.09
N ARG A 33 -9.14 -2.39 -7.95
CA ARG A 33 -10.30 -2.03 -7.14
C ARG A 33 -11.59 -2.43 -7.84
N LEU A 34 -12.45 -3.15 -7.14
CA LEU A 34 -13.73 -3.60 -7.71
C LEU A 34 -14.40 -2.48 -8.48
N ASP A 35 -14.29 -1.27 -7.95
CA ASP A 35 -14.89 -0.10 -8.58
C ASP A 35 -14.14 0.30 -9.84
N ILE A 36 -12.82 0.09 -9.84
CA ILE A 36 -12.00 0.43 -10.99
C ILE A 36 -11.19 -0.78 -11.46
N PRO A 37 -11.60 -1.39 -12.59
CA PRO A 37 -10.92 -2.56 -13.14
C PRO A 37 -9.54 -2.23 -13.72
N ASP A 38 -9.32 -0.96 -14.02
CA ASP A 38 -8.04 -0.51 -14.57
C ASP A 38 -7.08 -0.03 -13.48
N ALA A 39 -7.57 0.07 -12.25
CA ALA A 39 -6.76 0.52 -11.13
C ALA A 39 -6.10 -0.65 -10.43
N TRP A 40 -4.83 -0.88 -10.73
CA TRP A 40 -4.08 -1.96 -10.11
C TRP A 40 -3.28 -1.43 -8.93
N GLN A 41 -3.11 -2.25 -7.90
CA GLN A 41 -2.38 -1.83 -6.71
C GLN A 41 -1.96 -3.04 -5.89
N MET A 42 -2.25 -3.03 -4.60
CA MET A 42 -1.90 -4.12 -3.71
C MET A 42 -2.36 -3.77 -2.30
N PRO A 43 -2.44 -4.78 -1.42
CA PRO A 43 -2.89 -4.56 -0.03
C PRO A 43 -2.25 -3.34 0.62
N GLN A 44 -3.00 -2.71 1.53
CA GLN A 44 -2.53 -1.52 2.24
C GLN A 44 -3.52 -1.10 3.33
N GLY A 45 -3.00 -0.57 4.43
CA GLY A 45 -3.87 -0.15 5.51
C GLY A 45 -3.34 1.07 6.24
N GLY A 46 -3.93 1.41 7.39
CA GLY A 46 -3.49 2.59 8.11
C GLY A 46 -2.92 2.33 9.49
N ILE A 47 -2.55 1.09 9.78
CA ILE A 47 -1.98 0.77 11.10
C ILE A 47 -2.96 1.04 12.22
N ASP A 48 -3.05 0.12 13.17
CA ASP A 48 -3.95 0.28 14.31
C ASP A 48 -3.46 1.38 15.24
N GLU A 49 -4.16 1.57 16.35
CA GLU A 49 -3.80 2.60 17.33
C GLU A 49 -2.29 2.56 17.65
N GLY A 50 -1.89 1.65 18.53
CA GLY A 50 -0.49 1.53 18.90
C GLY A 50 0.13 0.28 18.32
N GLU A 51 0.04 0.14 17.01
CA GLU A 51 0.57 -1.03 16.32
C GLU A 51 1.68 -0.63 15.35
N ASP A 52 2.71 -1.48 15.26
CA ASP A 52 3.83 -1.20 14.36
C ASP A 52 3.36 -1.22 12.91
N PRO A 53 4.21 -0.77 11.96
CA PRO A 53 3.87 -0.72 10.55
C PRO A 53 3.92 -2.06 9.86
N ARG A 54 5.06 -2.73 9.98
CA ARG A 54 5.23 -4.03 9.35
C ARG A 54 4.05 -4.94 9.65
N ASN A 55 3.72 -5.10 10.92
CA ASN A 55 2.60 -5.98 11.26
C ASN A 55 1.31 -5.47 10.65
N ALA A 56 1.14 -4.17 10.62
CA ALA A 56 -0.05 -3.60 10.02
C ALA A 56 -0.03 -3.92 8.54
N ALA A 57 1.14 -3.74 7.94
CA ALA A 57 1.34 -4.04 6.54
C ALA A 57 1.07 -5.52 6.28
N ILE A 58 1.85 -6.37 6.93
CA ILE A 58 1.72 -7.81 6.80
C ILE A 58 0.28 -8.24 7.11
N ARG A 59 -0.30 -7.73 8.20
CA ARG A 59 -1.66 -8.09 8.55
C ARG A 59 -2.64 -7.59 7.49
N GLU A 60 -2.70 -6.28 7.31
CA GLU A 60 -3.60 -5.70 6.32
C GLU A 60 -3.56 -6.50 5.03
N LEU A 61 -2.34 -6.89 4.64
CA LEU A 61 -2.14 -7.68 3.44
C LEU A 61 -3.07 -8.88 3.45
N ARG A 62 -3.10 -9.58 4.58
CA ARG A 62 -3.96 -10.74 4.74
C ARG A 62 -5.42 -10.34 4.74
N GLU A 63 -5.82 -9.60 5.76
CA GLU A 63 -7.20 -9.15 5.90
C GLU A 63 -7.74 -8.53 4.62
N GLU A 64 -6.86 -8.01 3.78
CA GLU A 64 -7.27 -7.36 2.55
C GLU A 64 -7.28 -8.30 1.35
N THR A 65 -6.31 -9.23 1.28
CA THR A 65 -6.26 -10.15 0.14
C THR A 65 -6.18 -11.61 0.58
N GLY A 66 -5.56 -11.85 1.72
CA GLY A 66 -5.42 -13.21 2.21
C GLY A 66 -4.00 -13.70 2.08
N VAL A 67 -3.19 -12.98 1.30
CA VAL A 67 -1.80 -13.33 1.09
C VAL A 67 -1.06 -13.44 2.41
N THR A 68 -0.76 -14.67 2.78
CA THR A 68 -0.03 -14.94 4.01
C THR A 68 1.26 -15.69 3.69
N SER A 69 1.15 -16.62 2.75
CA SER A 69 2.31 -17.41 2.32
C SER A 69 3.39 -16.52 1.73
N ALA A 70 4.09 -15.79 2.58
CA ALA A 70 5.13 -14.88 2.13
C ALA A 70 6.07 -14.47 3.26
N GLU A 71 7.29 -14.06 2.88
CA GLU A 71 8.28 -13.63 3.85
C GLU A 71 8.80 -12.24 3.48
N VAL A 72 9.17 -11.46 4.48
CA VAL A 72 9.70 -10.12 4.25
C VAL A 72 11.12 -10.16 3.74
N ILE A 73 11.35 -9.50 2.61
CA ILE A 73 12.67 -9.42 2.01
C ILE A 73 13.25 -8.03 2.18
N ALA A 74 12.38 -7.07 2.40
CA ALA A 74 12.81 -5.69 2.57
C ALA A 74 11.67 -4.80 3.07
N GLU A 75 11.99 -3.53 3.29
CA GLU A 75 11.01 -2.57 3.76
C GLU A 75 11.47 -1.14 3.46
N VAL A 76 10.52 -0.23 3.30
CA VAL A 76 10.84 1.16 3.00
C VAL A 76 11.42 1.86 4.23
N PRO A 77 12.49 2.64 4.03
CA PRO A 77 13.17 3.37 5.12
C PRO A 77 12.25 4.36 5.83
N TYR A 78 11.78 5.33 5.07
CA TYR A 78 10.90 6.36 5.60
C TYR A 78 9.45 6.04 5.30
N TRP A 79 8.56 6.94 5.69
CA TRP A 79 7.13 6.79 5.44
C TRP A 79 6.77 7.51 4.15
N LEU A 80 5.52 7.96 4.02
CA LEU A 80 5.07 8.66 2.83
C LEU A 80 3.75 9.38 3.13
N THR A 81 3.82 10.68 3.34
CA THR A 81 2.63 11.45 3.66
C THR A 81 2.00 12.05 2.41
N TYR A 82 1.05 11.32 1.83
CA TYR A 82 0.37 11.80 0.65
C TYR A 82 -0.68 12.83 1.05
N ASP A 83 -0.27 14.08 1.14
CA ASP A 83 -1.18 15.16 1.50
C ASP A 83 -2.13 15.42 0.35
N PHE A 84 -3.23 16.08 0.64
CA PHE A 84 -4.21 16.39 -0.39
C PHE A 84 -4.11 17.85 -0.82
N PRO A 85 -4.33 18.12 -2.12
CA PRO A 85 -4.27 19.48 -2.66
C PRO A 85 -5.26 20.42 -1.97
N PRO A 86 -5.32 21.70 -2.39
CA PRO A 86 -6.22 22.67 -1.78
C PRO A 86 -7.70 22.33 -2.02
N LYS A 87 -7.95 21.37 -2.91
CA LYS A 87 -9.30 20.95 -3.21
C LYS A 87 -9.73 19.80 -2.31
N VAL A 88 -8.84 18.84 -2.11
CA VAL A 88 -9.14 17.69 -1.26
C VAL A 88 -8.72 17.95 0.19
N ARG A 89 -7.76 18.85 0.39
CA ARG A 89 -7.30 19.18 1.74
C ARG A 89 -8.40 19.94 2.49
N GLU A 90 -9.49 20.25 1.82
CA GLU A 90 -10.60 20.96 2.45
C GLU A 90 -11.85 20.09 2.55
N LYS A 91 -11.86 18.99 1.79
CA LYS A 91 -13.00 18.08 1.80
C LYS A 91 -12.75 16.90 2.72
N LEU A 92 -11.47 16.55 2.90
CA LEU A 92 -11.10 15.44 3.76
C LEU A 92 -10.19 15.90 4.89
N ASN A 93 -9.11 16.60 4.53
CA ASN A 93 -8.16 17.08 5.52
C ASN A 93 -8.80 18.06 6.49
N ILE A 94 -9.88 18.68 6.07
CA ILE A 94 -10.58 19.63 6.93
C ILE A 94 -11.35 18.89 8.02
N GLN A 95 -11.51 17.58 7.84
CA GLN A 95 -12.21 16.75 8.81
C GLN A 95 -11.27 16.38 9.95
N TRP A 96 -10.77 15.14 9.94
CA TRP A 96 -9.84 14.65 10.94
C TRP A 96 -10.11 15.23 12.33
N GLY A 97 -10.82 14.48 13.15
CA GLY A 97 -11.13 14.91 14.50
C GLY A 97 -9.96 15.59 15.19
N SER A 98 -8.94 14.81 15.54
CA SER A 98 -7.75 15.35 16.21
C SER A 98 -7.01 16.32 15.29
N ASP A 99 -5.76 16.63 15.65
CA ASP A 99 -4.94 17.53 14.85
C ASP A 99 -4.22 16.76 13.76
N TRP A 100 -4.86 16.60 12.60
CA TRP A 100 -4.27 15.86 11.49
C TRP A 100 -3.81 16.79 10.37
N LYS A 101 -3.53 16.19 9.19
CA LYS A 101 -3.07 16.93 8.00
C LYS A 101 -2.37 15.97 7.04
N GLY A 102 -3.11 14.98 6.53
CA GLY A 102 -2.52 14.02 5.61
C GLY A 102 -2.34 12.65 6.23
N GLN A 103 -1.62 11.77 5.53
CA GLN A 103 -1.38 10.42 6.02
C GLN A 103 -0.03 9.88 5.55
N ALA A 104 0.78 9.42 6.50
CA ALA A 104 2.10 8.87 6.21
C ALA A 104 2.03 7.36 6.00
N GLN A 105 2.35 6.90 4.80
CA GLN A 105 2.30 5.48 4.50
C GLN A 105 3.67 4.88 4.22
N LYS A 106 4.02 3.87 4.99
CA LYS A 106 5.27 3.16 4.83
C LYS A 106 5.00 1.80 4.20
N TRP A 107 5.78 1.45 3.19
CA TRP A 107 5.58 0.19 2.48
C TRP A 107 6.60 -0.87 2.88
N PHE A 108 6.25 -2.12 2.61
CA PHE A 108 7.11 -3.26 2.93
C PHE A 108 7.21 -4.21 1.74
N LEU A 109 8.31 -4.96 1.68
CA LEU A 109 8.53 -5.93 0.60
C LEU A 109 8.45 -7.35 1.11
N PHE A 110 7.63 -8.18 0.46
CA PHE A 110 7.48 -9.57 0.87
C PHE A 110 7.55 -10.52 -0.32
N LYS A 111 8.07 -11.72 -0.06
CA LYS A 111 8.18 -12.75 -1.09
C LYS A 111 7.03 -13.75 -0.93
N PHE A 112 6.26 -13.95 -1.99
CA PHE A 112 5.14 -14.89 -1.94
C PHE A 112 5.63 -16.33 -2.07
N THR A 113 5.71 -17.02 -0.94
CA THR A 113 6.17 -18.40 -0.92
C THR A 113 4.97 -19.36 -0.87
N GLY A 114 3.93 -19.04 -1.63
CA GLY A 114 2.74 -19.88 -1.65
C GLY A 114 2.13 -19.96 -3.04
N GLN A 115 0.81 -20.08 -3.09
CA GLN A 115 0.10 -20.17 -4.37
C GLN A 115 -0.90 -19.03 -4.53
N ASP A 116 -1.19 -18.68 -5.79
CA ASP A 116 -2.12 -17.60 -6.09
C ASP A 116 -3.49 -17.88 -5.51
N GLN A 117 -3.88 -19.13 -5.60
CA GLN A 117 -5.18 -19.58 -5.11
C GLN A 117 -5.36 -19.32 -3.61
N GLU A 118 -4.34 -18.75 -2.97
CA GLU A 118 -4.41 -18.45 -1.54
C GLU A 118 -4.95 -17.05 -1.32
N ILE A 119 -4.91 -16.23 -2.37
CA ILE A 119 -5.39 -14.86 -2.30
C ILE A 119 -6.90 -14.79 -2.43
N ASN A 120 -7.58 -14.60 -1.31
CA ASN A 120 -9.04 -14.51 -1.30
C ASN A 120 -9.50 -13.05 -1.19
N LEU A 121 -9.76 -12.42 -2.33
CA LEU A 121 -10.20 -11.03 -2.34
C LEU A 121 -11.59 -10.91 -1.74
N LEU A 122 -12.45 -11.86 -2.09
CA LEU A 122 -13.83 -11.86 -1.60
C LEU A 122 -13.98 -12.79 -0.40
N GLY A 123 -14.82 -12.38 0.54
CA GLY A 123 -15.06 -13.18 1.73
C GLY A 123 -16.41 -12.93 2.34
N ASP A 124 -16.44 -12.65 3.63
CA ASP A 124 -17.69 -12.39 4.34
C ASP A 124 -17.92 -10.89 4.47
N GLY A 125 -18.82 -10.36 3.64
CA GLY A 125 -19.12 -8.94 3.67
C GLY A 125 -20.41 -8.60 2.94
N SER A 126 -21.36 -8.04 3.67
CA SER A 126 -22.65 -7.67 3.08
C SER A 126 -22.53 -6.35 2.32
N GLU A 127 -21.41 -5.67 2.46
CA GLU A 127 -21.19 -4.40 1.78
C GLU A 127 -20.51 -4.62 0.43
N LYS A 128 -19.23 -4.96 0.46
CA LYS A 128 -18.48 -5.22 -0.75
C LYS A 128 -17.03 -5.59 -0.43
N PRO A 129 -16.38 -6.36 -1.31
CA PRO A 129 -14.99 -6.76 -1.11
C PRO A 129 -14.01 -5.62 -1.34
N GLU A 130 -12.73 -5.95 -1.32
CA GLU A 130 -11.69 -4.96 -1.54
C GLU A 130 -11.34 -4.84 -3.01
N PHE A 131 -10.63 -5.83 -3.53
CA PHE A 131 -10.23 -5.85 -4.93
C PHE A 131 -11.10 -6.82 -5.72
N GLY A 132 -11.43 -6.44 -6.95
CA GLY A 132 -12.26 -7.27 -7.78
C GLY A 132 -11.46 -8.32 -8.50
N GLU A 133 -10.24 -7.95 -8.88
CA GLU A 133 -9.35 -8.86 -9.59
C GLU A 133 -7.89 -8.52 -9.28
N TRP A 134 -7.05 -9.53 -9.30
CA TRP A 134 -5.63 -9.32 -9.03
C TRP A 134 -4.76 -10.11 -10.00
N SER A 135 -3.47 -9.85 -9.99
CA SER A 135 -2.54 -10.52 -10.88
C SER A 135 -1.09 -10.32 -10.46
N TRP A 136 -0.20 -10.96 -11.20
CA TRP A 136 1.24 -10.85 -10.96
C TRP A 136 1.89 -10.09 -12.10
N VAL A 137 2.23 -8.83 -11.85
CA VAL A 137 2.84 -7.99 -12.86
C VAL A 137 4.21 -7.53 -12.39
N THR A 138 4.99 -6.90 -13.25
CA THR A 138 6.31 -6.43 -12.85
C THR A 138 6.16 -5.20 -11.97
N PRO A 139 7.25 -4.79 -11.30
CA PRO A 139 7.23 -3.62 -10.45
C PRO A 139 6.83 -2.38 -11.24
N GLU A 140 7.58 -2.13 -12.31
CA GLU A 140 7.31 -1.00 -13.19
C GLU A 140 5.95 -1.17 -13.88
N GLN A 141 5.49 -2.41 -14.01
CA GLN A 141 4.22 -2.71 -14.64
C GLN A 141 3.07 -2.31 -13.73
N LEU A 142 3.15 -2.71 -12.47
CA LEU A 142 2.11 -2.39 -11.51
C LEU A 142 1.97 -0.87 -11.40
N ILE A 143 3.09 -0.17 -11.48
CA ILE A 143 3.08 1.29 -11.41
C ILE A 143 2.31 1.86 -12.60
N ASP A 144 2.45 1.22 -13.75
CA ASP A 144 1.76 1.66 -14.95
C ASP A 144 0.27 1.38 -14.85
N LEU A 145 -0.06 0.13 -14.54
CA LEU A 145 -1.44 -0.30 -14.42
C LEU A 145 -2.10 0.24 -13.15
N THR A 146 -1.32 0.71 -12.19
CA THR A 146 -1.88 1.23 -10.95
C THR A 146 -2.48 2.61 -11.14
N VAL A 147 -3.08 3.13 -10.09
CA VAL A 147 -3.69 4.46 -10.13
C VAL A 147 -2.62 5.53 -10.08
N GLU A 148 -2.90 6.69 -10.67
CA GLU A 148 -1.96 7.79 -10.69
C GLU A 148 -1.60 8.21 -9.27
N PHE A 149 -2.61 8.49 -8.47
CA PHE A 149 -2.41 8.91 -7.08
C PHE A 149 -1.60 7.90 -6.24
N LYS A 150 -1.17 6.80 -6.85
CA LYS A 150 -0.39 5.79 -6.12
C LYS A 150 0.83 5.31 -6.93
N LYS A 151 0.90 5.71 -8.19
CA LYS A 151 2.02 5.32 -9.04
C LYS A 151 3.34 5.83 -8.48
N PRO A 152 3.45 7.15 -8.21
CA PRO A 152 4.68 7.74 -7.65
C PRO A 152 4.93 7.26 -6.23
N VAL A 153 3.86 6.94 -5.52
CA VAL A 153 3.98 6.44 -4.17
C VAL A 153 4.62 5.07 -4.22
N TYR A 154 4.04 4.21 -5.04
CA TYR A 154 4.56 2.86 -5.23
C TYR A 154 5.92 2.92 -5.89
N LYS A 155 6.07 3.84 -6.83
CA LYS A 155 7.32 4.03 -7.54
C LYS A 155 8.47 4.27 -6.58
N GLU A 156 8.19 5.05 -5.55
CA GLU A 156 9.20 5.34 -4.54
C GLU A 156 9.48 4.09 -3.75
N VAL A 157 8.46 3.26 -3.60
CA VAL A 157 8.59 2.01 -2.90
C VAL A 157 9.55 1.09 -3.65
N LEU A 158 9.40 1.07 -4.98
CA LEU A 158 10.26 0.23 -5.81
C LEU A 158 11.70 0.71 -5.74
N SER A 159 11.90 2.01 -5.82
CA SER A 159 13.25 2.58 -5.73
C SER A 159 13.94 2.05 -4.49
N VAL A 160 13.17 1.97 -3.41
CA VAL A 160 13.69 1.44 -2.16
C VAL A 160 13.97 -0.05 -2.35
N PHE A 161 13.04 -0.72 -3.01
CA PHE A 161 13.15 -2.14 -3.28
C PHE A 161 14.05 -2.45 -4.45
N ALA A 162 14.72 -1.43 -5.01
CA ALA A 162 15.61 -1.66 -6.13
C ALA A 162 16.70 -2.66 -5.78
N PRO A 163 17.43 -2.42 -4.68
CA PRO A 163 18.49 -3.33 -4.24
C PRO A 163 17.95 -4.74 -3.99
N HIS A 164 16.62 -4.88 -3.95
CA HIS A 164 15.99 -6.16 -3.72
C HIS A 164 15.31 -6.68 -4.99
N LEU A 165 15.04 -5.78 -5.93
CA LEU A 165 14.41 -6.16 -7.19
C LEU A 165 15.46 -6.39 -8.27
N GLY A 1 7.14 19.38 -5.78
CA GLY A 1 6.56 18.07 -6.22
C GLY A 1 5.78 17.39 -5.12
N PRO A 2 4.88 16.46 -5.47
CA PRO A 2 4.07 15.73 -4.49
C PRO A 2 4.89 14.69 -3.73
N LEU A 3 4.22 13.80 -3.02
CA LEU A 3 4.91 12.76 -2.25
C LEU A 3 5.84 13.38 -1.21
N GLY A 4 5.46 13.25 0.06
CA GLY A 4 6.28 13.81 1.13
C GLY A 4 7.22 12.79 1.74
N SER A 5 6.74 11.57 1.90
CA SER A 5 7.52 10.48 2.49
C SER A 5 8.01 10.84 3.89
N MET A 6 9.28 11.18 4.02
CA MET A 6 9.85 11.51 5.33
C MET A 6 9.82 10.30 6.25
N ASP A 7 10.96 9.98 6.84
CA ASP A 7 11.06 8.83 7.74
C ASP A 7 10.25 9.06 9.01
N SER A 8 9.71 10.26 9.17
CA SER A 8 8.91 10.60 10.34
C SER A 8 7.75 11.51 9.92
N PRO A 9 6.52 10.98 9.92
CA PRO A 9 5.33 11.75 9.53
C PRO A 9 4.96 12.82 10.55
N PRO A 10 5.20 14.09 10.21
CA PRO A 10 4.89 15.22 11.08
C PRO A 10 3.48 15.14 11.68
N GLU A 11 3.22 15.99 12.68
CA GLU A 11 1.92 16.03 13.33
C GLU A 11 0.79 16.09 12.32
N GLY A 12 -0.26 15.32 12.56
CA GLY A 12 -1.40 15.32 11.66
C GLY A 12 -1.04 14.83 10.27
N TYR A 13 -0.63 13.57 10.17
CA TYR A 13 -0.27 13.00 8.87
C TYR A 13 -0.57 11.49 8.84
N ARG A 14 -1.82 11.16 9.13
CA ARG A 14 -2.32 9.78 9.14
C ARG A 14 -1.24 8.77 9.55
N ARG A 15 -1.41 7.51 9.16
CA ARG A 15 -0.48 6.45 9.52
C ARG A 15 -0.95 5.10 9.01
N ASN A 16 -0.50 4.71 7.82
CA ASN A 16 -0.84 3.42 7.25
C ASN A 16 0.40 2.75 6.71
N VAL A 17 0.23 1.60 6.11
CA VAL A 17 1.34 0.87 5.55
C VAL A 17 0.97 0.23 4.24
N GLY A 18 1.98 -0.25 3.53
CA GLY A 18 1.75 -0.91 2.27
C GLY A 18 2.55 -2.18 2.16
N ILE A 19 2.08 -3.12 1.35
CA ILE A 19 2.76 -4.39 1.20
C ILE A 19 3.06 -4.69 -0.26
N CYS A 20 4.33 -4.79 -0.59
CA CYS A 20 4.75 -5.13 -1.94
C CYS A 20 5.07 -6.60 -1.98
N LEU A 21 4.13 -7.38 -2.47
CA LEU A 21 4.29 -8.82 -2.54
C LEU A 21 4.72 -9.27 -3.92
N MET A 22 5.93 -9.81 -4.00
CA MET A 22 6.44 -10.29 -5.27
C MET A 22 6.64 -11.80 -5.22
N ASN A 23 6.77 -12.39 -6.40
CA ASN A 23 6.97 -13.82 -6.51
C ASN A 23 8.45 -14.13 -6.70
N ASN A 24 8.79 -15.40 -6.57
CA ASN A 24 10.17 -15.84 -6.78
C ASN A 24 10.68 -15.42 -8.17
N ASP A 25 9.79 -14.83 -8.98
CA ASP A 25 10.15 -14.41 -10.34
C ASP A 25 10.42 -12.92 -10.43
N LYS A 26 10.37 -12.26 -9.29
CA LYS A 26 10.57 -10.81 -9.22
C LYS A 26 9.35 -10.09 -9.76
N LYS A 27 8.20 -10.77 -9.76
CA LYS A 27 6.97 -10.18 -10.24
C LYS A 27 6.25 -9.57 -9.05
N ILE A 28 5.49 -8.52 -9.31
CA ILE A 28 4.79 -7.83 -8.23
C ILE A 28 3.31 -8.16 -8.19
N PHE A 29 2.80 -8.38 -6.99
CA PHE A 29 1.39 -8.67 -6.81
C PHE A 29 0.58 -7.38 -6.94
N ALA A 30 -0.56 -7.45 -7.61
CA ALA A 30 -1.40 -6.27 -7.80
C ALA A 30 -2.87 -6.65 -7.75
N ALA A 31 -3.70 -5.69 -7.35
CA ALA A 31 -5.13 -5.89 -7.25
C ALA A 31 -5.89 -4.63 -7.62
N SER A 32 -6.90 -4.76 -8.46
CA SER A 32 -7.68 -3.61 -8.90
C SER A 32 -8.97 -3.46 -8.09
N ARG A 33 -9.44 -2.22 -7.99
CA ARG A 33 -10.66 -1.91 -7.24
C ARG A 33 -11.91 -2.48 -7.92
N LEU A 34 -12.75 -3.14 -7.11
CA LEU A 34 -13.99 -3.76 -7.59
C LEU A 34 -14.91 -2.75 -8.30
N ASP A 35 -14.38 -2.09 -9.31
CA ASP A 35 -15.12 -1.10 -10.06
C ASP A 35 -14.26 -0.53 -11.19
N ILE A 36 -12.95 -0.50 -10.95
CA ILE A 36 -12.01 -0.01 -11.93
C ILE A 36 -11.03 -1.10 -12.36
N PRO A 37 -11.18 -1.63 -13.57
CA PRO A 37 -10.31 -2.70 -14.08
C PRO A 37 -8.93 -2.20 -14.47
N ASP A 38 -8.81 -0.89 -14.66
CA ASP A 38 -7.53 -0.29 -15.02
C ASP A 38 -6.75 0.21 -13.80
N ALA A 39 -7.43 0.28 -12.65
CA ALA A 39 -6.79 0.73 -11.42
C ALA A 39 -6.23 -0.45 -10.64
N TRP A 40 -4.93 -0.65 -10.73
CA TRP A 40 -4.26 -1.73 -10.04
C TRP A 40 -3.53 -1.20 -8.82
N GLN A 41 -3.44 -1.99 -7.75
CA GLN A 41 -2.76 -1.54 -6.54
C GLN A 41 -2.17 -2.70 -5.76
N MET A 42 -1.21 -2.38 -4.90
CA MET A 42 -0.57 -3.38 -4.07
C MET A 42 -1.18 -3.36 -2.66
N PRO A 43 -1.12 -4.50 -1.95
CA PRO A 43 -1.68 -4.60 -0.60
C PRO A 43 -1.24 -3.45 0.30
N GLN A 44 -2.05 -3.15 1.32
CA GLN A 44 -1.75 -2.05 2.23
C GLN A 44 -2.80 -1.95 3.34
N GLY A 45 -2.61 -1.01 4.25
CA GLY A 45 -3.57 -0.84 5.34
C GLY A 45 -3.08 0.12 6.39
N GLY A 46 -4.01 0.81 7.05
CA GLY A 46 -3.64 1.77 8.07
C GLY A 46 -3.19 1.13 9.37
N ILE A 47 -2.10 1.65 9.90
CA ILE A 47 -1.55 1.16 11.15
C ILE A 47 -2.47 1.55 12.30
N ASP A 48 -2.62 0.66 13.27
CA ASP A 48 -3.47 0.93 14.41
C ASP A 48 -2.88 2.02 15.29
N GLU A 49 -3.47 2.22 16.46
CA GLU A 49 -3.01 3.24 17.40
C GLU A 49 -1.50 3.16 17.61
N GLY A 50 -1.05 2.08 18.25
CA GLY A 50 0.36 1.90 18.50
C GLY A 50 0.86 0.54 18.02
N GLU A 51 0.61 0.28 16.74
CA GLU A 51 1.01 -0.98 16.13
C GLU A 51 2.16 -0.76 15.16
N ASP A 52 3.02 -1.75 15.04
CA ASP A 52 4.15 -1.64 14.12
C ASP A 52 3.68 -1.65 12.68
N PRO A 53 4.29 -0.83 11.82
CA PRO A 53 3.92 -0.75 10.40
C PRO A 53 4.09 -2.10 9.70
N ARG A 54 5.23 -2.71 9.93
CA ARG A 54 5.54 -4.01 9.35
C ARG A 54 4.44 -5.01 9.65
N ASN A 55 4.01 -5.04 10.91
CA ASN A 55 2.95 -5.95 11.32
C ASN A 55 1.63 -5.57 10.67
N ALA A 56 1.34 -4.27 10.66
CA ALA A 56 0.11 -3.78 10.05
C ALA A 56 0.09 -4.15 8.58
N ALA A 57 1.24 -4.00 7.92
CA ALA A 57 1.35 -4.35 6.52
C ALA A 57 1.00 -5.82 6.31
N ILE A 58 1.69 -6.68 7.05
CA ILE A 58 1.45 -8.11 6.98
C ILE A 58 -0.01 -8.44 7.25
N ARG A 59 -0.53 -7.97 8.39
CA ARG A 59 -1.91 -8.23 8.75
C ARG A 59 -2.86 -7.65 7.72
N GLU A 60 -2.86 -6.33 7.58
CA GLU A 60 -3.71 -5.67 6.61
C GLU A 60 -3.68 -6.41 5.29
N LEU A 61 -2.47 -6.75 4.84
CA LEU A 61 -2.30 -7.50 3.60
C LEU A 61 -3.20 -8.74 3.61
N ARG A 62 -3.19 -9.46 4.73
CA ARG A 62 -4.00 -10.66 4.86
C ARG A 62 -5.48 -10.34 4.79
N GLU A 63 -5.96 -9.58 5.76
CA GLU A 63 -7.37 -9.22 5.82
C GLU A 63 -7.90 -8.69 4.48
N GLU A 64 -7.00 -8.24 3.61
CA GLU A 64 -7.40 -7.68 2.32
C GLU A 64 -7.30 -8.69 1.17
N THR A 65 -6.27 -9.53 1.16
CA THR A 65 -6.11 -10.49 0.06
C THR A 65 -5.99 -11.92 0.55
N GLY A 66 -5.93 -12.11 1.86
CA GLY A 66 -5.78 -13.45 2.40
C GLY A 66 -4.34 -13.94 2.31
N VAL A 67 -3.52 -13.21 1.56
CA VAL A 67 -2.12 -13.56 1.39
C VAL A 67 -1.40 -13.62 2.74
N THR A 68 -0.97 -14.81 3.10
CA THR A 68 -0.23 -15.01 4.33
C THR A 68 1.10 -15.67 4.02
N SER A 69 1.06 -16.64 3.10
CA SER A 69 2.25 -17.36 2.69
C SER A 69 3.27 -16.42 2.06
N ALA A 70 3.93 -15.63 2.88
CA ALA A 70 4.91 -14.68 2.39
C ALA A 70 5.86 -14.20 3.49
N GLU A 71 7.08 -13.83 3.09
CA GLU A 71 8.09 -13.33 4.02
C GLU A 71 8.61 -11.99 3.55
N VAL A 72 9.04 -11.16 4.48
CA VAL A 72 9.57 -9.84 4.16
C VAL A 72 10.96 -9.92 3.58
N ILE A 73 11.14 -9.30 2.44
CA ILE A 73 12.43 -9.26 1.76
C ILE A 73 13.08 -7.90 1.92
N ALA A 74 12.26 -6.92 2.25
CA ALA A 74 12.74 -5.55 2.44
C ALA A 74 11.66 -4.65 3.02
N GLU A 75 12.05 -3.40 3.29
CA GLU A 75 11.12 -2.43 3.85
C GLU A 75 11.58 -1.02 3.50
N VAL A 76 10.63 -0.11 3.31
CA VAL A 76 10.95 1.27 2.95
C VAL A 76 11.57 2.00 4.13
N PRO A 77 12.58 2.84 3.86
CA PRO A 77 13.29 3.61 4.90
C PRO A 77 12.38 4.61 5.59
N TYR A 78 11.81 5.52 4.81
CA TYR A 78 10.94 6.54 5.32
C TYR A 78 9.48 6.21 5.05
N TRP A 79 8.60 7.15 5.41
CA TRP A 79 7.16 6.99 5.20
C TRP A 79 6.75 7.50 3.82
N LEU A 80 5.46 7.82 3.66
CA LEU A 80 4.95 8.32 2.38
C LEU A 80 3.62 9.03 2.58
N THR A 81 3.67 10.35 2.58
CA THR A 81 2.49 11.18 2.75
C THR A 81 1.93 11.65 1.41
N TYR A 82 0.92 12.51 1.48
CA TYR A 82 0.30 13.05 0.28
C TYR A 82 -0.67 14.18 0.63
N ASP A 83 -0.15 15.23 1.28
CA ASP A 83 -0.97 16.36 1.67
C ASP A 83 -1.38 17.17 0.45
N PHE A 84 -2.25 18.16 0.65
CA PHE A 84 -2.71 19.00 -0.43
C PHE A 84 -1.99 20.33 -0.44
N PRO A 85 -2.11 21.10 -1.54
CA PRO A 85 -1.47 22.41 -1.67
C PRO A 85 -1.99 23.38 -0.61
N PRO A 86 -1.53 24.65 -0.63
CA PRO A 86 -1.96 25.66 0.35
C PRO A 86 -3.45 26.01 0.23
N LYS A 87 -4.13 25.44 -0.76
CA LYS A 87 -5.54 25.71 -0.96
C LYS A 87 -6.41 24.55 -0.47
N VAL A 88 -6.30 23.42 -1.15
CA VAL A 88 -7.06 22.23 -0.78
C VAL A 88 -6.70 21.77 0.63
N ARG A 89 -5.59 22.29 1.17
CA ARG A 89 -5.14 21.94 2.51
C ARG A 89 -6.27 22.08 3.53
N GLU A 90 -6.57 23.31 3.91
CA GLU A 90 -7.63 23.59 4.87
C GLU A 90 -8.96 22.97 4.45
N LYS A 91 -9.08 22.61 3.17
CA LYS A 91 -10.30 22.03 2.64
C LYS A 91 -10.41 20.53 2.94
N LEU A 92 -9.35 19.78 2.63
CA LEU A 92 -9.35 18.35 2.85
C LEU A 92 -8.38 17.95 3.97
N ASN A 93 -7.18 18.50 3.93
CA ASN A 93 -6.16 18.21 4.94
C ASN A 93 -6.68 18.47 6.35
N ILE A 94 -7.44 19.54 6.52
CA ILE A 94 -8.00 19.88 7.82
C ILE A 94 -9.40 19.27 7.97
N GLN A 95 -9.93 18.74 6.87
CA GLN A 95 -11.26 18.13 6.86
C GLN A 95 -11.29 16.83 7.67
N TRP A 96 -10.13 16.41 8.17
CA TRP A 96 -10.05 15.19 8.96
C TRP A 96 -10.38 15.46 10.42
N GLY A 97 -11.29 16.41 10.67
CA GLY A 97 -11.67 16.75 12.03
C GLY A 97 -10.60 17.52 12.76
N SER A 98 -9.72 18.20 12.00
CA SER A 98 -8.63 18.99 12.58
C SER A 98 -7.48 18.10 13.03
N ASP A 99 -6.36 18.71 13.39
CA ASP A 99 -5.17 17.99 13.84
C ASP A 99 -4.43 17.34 12.66
N TRP A 100 -5.18 16.69 11.77
CA TRP A 100 -4.60 16.01 10.61
C TRP A 100 -4.12 17.03 9.57
N LYS A 101 -3.84 16.54 8.34
CA LYS A 101 -3.38 17.39 7.25
C LYS A 101 -2.84 16.58 6.07
N GLY A 102 -3.04 15.25 6.09
CA GLY A 102 -2.56 14.42 5.01
C GLY A 102 -2.57 12.95 5.38
N GLN A 103 -1.76 12.14 4.72
CA GLN A 103 -1.71 10.71 5.02
C GLN A 103 -0.33 10.11 4.79
N ALA A 104 0.30 9.67 5.88
CA ALA A 104 1.63 9.06 5.83
C ALA A 104 1.54 7.54 5.85
N GLN A 105 2.08 6.92 4.80
CA GLN A 105 2.03 5.47 4.68
C GLN A 105 3.39 4.88 4.32
N LYS A 106 3.83 3.91 5.12
CA LYS A 106 5.11 3.23 4.88
C LYS A 106 4.89 1.87 4.26
N TRP A 107 5.66 1.55 3.23
CA TRP A 107 5.52 0.29 2.53
C TRP A 107 6.57 -0.73 2.94
N PHE A 108 6.30 -2.00 2.61
CA PHE A 108 7.21 -3.09 2.92
C PHE A 108 7.24 -4.10 1.77
N LEU A 109 8.35 -4.82 1.64
CA LEU A 109 8.49 -5.81 0.57
C LEU A 109 8.24 -7.22 1.11
N PHE A 110 7.54 -8.05 0.33
CA PHE A 110 7.23 -9.41 0.76
C PHE A 110 7.32 -10.42 -0.37
N LYS A 111 7.76 -11.62 -0.01
CA LYS A 111 7.89 -12.71 -0.96
C LYS A 111 6.73 -13.68 -0.77
N PHE A 112 5.97 -13.95 -1.83
CA PHE A 112 4.86 -14.88 -1.74
C PHE A 112 5.36 -16.32 -1.78
N THR A 113 5.50 -16.92 -0.61
CA THR A 113 5.97 -18.30 -0.51
C THR A 113 4.79 -19.26 -0.42
N GLY A 114 3.77 -19.01 -1.22
CA GLY A 114 2.60 -19.88 -1.22
C GLY A 114 1.99 -20.06 -2.59
N GLN A 115 0.67 -20.20 -2.63
CA GLN A 115 -0.05 -20.39 -3.89
C GLN A 115 -1.13 -19.34 -4.09
N ASP A 116 -1.38 -19.00 -5.33
CA ASP A 116 -2.38 -17.99 -5.69
C ASP A 116 -3.76 -18.36 -5.15
N GLN A 117 -4.02 -19.66 -5.06
CA GLN A 117 -5.30 -20.17 -4.58
C GLN A 117 -5.59 -19.71 -3.15
N GLU A 118 -4.64 -19.02 -2.53
CA GLU A 118 -4.82 -18.53 -1.16
C GLU A 118 -5.41 -17.12 -1.17
N ILE A 119 -5.27 -16.46 -2.31
CA ILE A 119 -5.79 -15.11 -2.48
C ILE A 119 -7.26 -15.12 -2.86
N ASN A 120 -8.11 -14.75 -1.92
CA ASN A 120 -9.54 -14.71 -2.16
C ASN A 120 -10.03 -13.28 -2.39
N LEU A 121 -9.29 -12.32 -1.84
CA LEU A 121 -9.63 -10.90 -1.98
C LEU A 121 -10.81 -10.52 -1.10
N LEU A 122 -11.78 -11.41 -0.99
CA LEU A 122 -12.96 -11.17 -0.18
C LEU A 122 -12.67 -11.35 1.30
N GLY A 123 -13.60 -10.92 2.14
CA GLY A 123 -13.42 -11.05 3.57
C GLY A 123 -14.37 -12.06 4.18
N ASP A 124 -15.07 -11.64 5.23
CA ASP A 124 -16.01 -12.51 5.91
C ASP A 124 -17.45 -12.24 5.44
N GLY A 125 -17.58 -11.67 4.25
CA GLY A 125 -18.89 -11.36 3.72
C GLY A 125 -19.70 -10.46 4.63
N SER A 126 -19.43 -9.16 4.58
CA SER A 126 -20.14 -8.20 5.41
C SER A 126 -20.91 -7.19 4.56
N GLU A 127 -20.23 -6.66 3.55
CA GLU A 127 -20.85 -5.68 2.66
C GLU A 127 -20.28 -5.81 1.25
N LYS A 128 -18.96 -5.90 1.15
CA LYS A 128 -18.29 -6.05 -0.13
C LYS A 128 -16.78 -6.17 0.04
N PRO A 129 -16.11 -6.81 -0.93
CA PRO A 129 -14.66 -7.00 -0.91
C PRO A 129 -13.89 -5.72 -1.22
N GLU A 130 -12.56 -5.84 -1.25
CA GLU A 130 -11.68 -4.71 -1.53
C GLU A 130 -11.28 -4.68 -2.99
N PHE A 131 -10.53 -5.69 -3.42
CA PHE A 131 -10.10 -5.77 -4.81
C PHE A 131 -10.94 -6.78 -5.57
N GLY A 132 -11.25 -6.43 -6.81
CA GLY A 132 -12.07 -7.31 -7.65
C GLY A 132 -11.24 -8.34 -8.36
N GLU A 133 -10.04 -7.94 -8.75
CA GLU A 133 -9.13 -8.83 -9.45
C GLU A 133 -7.69 -8.46 -9.13
N TRP A 134 -6.84 -9.48 -9.08
CA TRP A 134 -5.43 -9.26 -8.78
C TRP A 134 -4.54 -10.02 -9.78
N SER A 135 -3.28 -9.65 -9.83
CA SER A 135 -2.34 -10.29 -10.75
C SER A 135 -0.89 -10.06 -10.34
N TRP A 136 0.01 -10.69 -11.07
CA TRP A 136 1.44 -10.54 -10.84
C TRP A 136 2.07 -9.76 -11.99
N VAL A 137 2.32 -8.48 -11.75
CA VAL A 137 2.92 -7.62 -12.76
C VAL A 137 4.28 -7.14 -12.27
N THR A 138 5.11 -6.62 -13.17
CA THR A 138 6.41 -6.13 -12.76
C THR A 138 6.28 -4.85 -11.94
N PRO A 139 7.39 -4.41 -11.33
CA PRO A 139 7.38 -3.18 -10.53
C PRO A 139 6.96 -2.00 -11.39
N GLU A 140 7.73 -1.76 -12.45
CA GLU A 140 7.44 -0.67 -13.36
C GLU A 140 6.07 -0.85 -14.03
N GLN A 141 5.65 -2.12 -14.17
CA GLN A 141 4.37 -2.42 -14.78
C GLN A 141 3.24 -2.05 -13.84
N LEU A 142 3.38 -2.46 -12.58
CA LEU A 142 2.37 -2.16 -11.58
C LEU A 142 2.17 -0.65 -11.50
N ILE A 143 3.27 0.09 -11.57
CA ILE A 143 3.21 1.53 -11.52
C ILE A 143 2.39 2.05 -12.68
N ASP A 144 2.52 1.42 -13.83
CA ASP A 144 1.77 1.82 -15.02
C ASP A 144 0.29 1.47 -14.87
N LEU A 145 0.03 0.23 -14.49
CA LEU A 145 -1.33 -0.25 -14.32
C LEU A 145 -2.00 0.29 -13.06
N THR A 146 -1.20 0.74 -12.10
CA THR A 146 -1.76 1.27 -10.84
C THR A 146 -2.37 2.66 -11.05
N VAL A 147 -3.00 3.19 -10.01
CA VAL A 147 -3.64 4.50 -10.09
C VAL A 147 -2.64 5.62 -9.82
N GLU A 148 -2.83 6.75 -10.50
CA GLU A 148 -1.95 7.92 -10.34
C GLU A 148 -1.75 8.26 -8.87
N PHE A 149 -2.85 8.39 -8.14
CA PHE A 149 -2.81 8.73 -6.71
C PHE A 149 -1.90 7.79 -5.91
N LYS A 150 -1.38 6.73 -6.55
CA LYS A 150 -0.52 5.78 -5.86
C LYS A 150 0.69 5.37 -6.70
N LYS A 151 0.75 5.85 -7.94
CA LYS A 151 1.87 5.51 -8.82
C LYS A 151 3.19 6.01 -8.23
N PRO A 152 3.32 7.34 -7.99
CA PRO A 152 4.54 7.91 -7.42
C PRO A 152 4.83 7.35 -6.05
N VAL A 153 3.79 6.95 -5.33
CA VAL A 153 3.96 6.37 -4.02
C VAL A 153 4.62 5.01 -4.18
N TYR A 154 4.01 4.16 -4.99
CA TYR A 154 4.54 2.84 -5.28
C TYR A 154 5.90 2.96 -5.95
N LYS A 155 6.01 3.94 -6.84
CA LYS A 155 7.25 4.19 -7.57
C LYS A 155 8.39 4.43 -6.61
N GLU A 156 8.14 5.21 -5.58
CA GLU A 156 9.15 5.51 -4.60
C GLU A 156 9.47 4.25 -3.82
N VAL A 157 8.45 3.40 -3.68
CA VAL A 157 8.62 2.15 -2.99
C VAL A 157 9.57 1.25 -3.78
N LEU A 158 9.40 1.25 -5.11
CA LEU A 158 10.23 0.44 -5.98
C LEU A 158 11.69 0.86 -5.89
N SER A 159 11.94 2.15 -5.96
CA SER A 159 13.31 2.66 -5.86
C SER A 159 13.96 2.08 -4.62
N VAL A 160 13.18 1.99 -3.55
CA VAL A 160 13.65 1.41 -2.30
C VAL A 160 13.89 -0.07 -2.50
N PHE A 161 12.94 -0.72 -3.16
CA PHE A 161 13.01 -2.15 -3.42
C PHE A 161 13.91 -2.47 -4.60
N ALA A 162 14.58 -1.46 -5.15
CA ALA A 162 15.48 -1.68 -6.28
C ALA A 162 16.59 -2.64 -5.90
N PRO A 163 17.33 -2.36 -4.82
CA PRO A 163 18.41 -3.24 -4.36
C PRO A 163 17.89 -4.64 -4.06
N HIS A 164 16.56 -4.79 -3.98
CA HIS A 164 15.94 -6.07 -3.69
C HIS A 164 15.26 -6.66 -4.93
N LEU A 165 15.04 -5.82 -5.94
CA LEU A 165 14.39 -6.27 -7.17
C LEU A 165 15.44 -6.63 -8.22
N GLY A 1 11.25 13.99 -6.11
CA GLY A 1 10.23 14.39 -7.11
C GLY A 1 8.83 14.39 -6.54
N PRO A 2 7.88 13.67 -7.16
CA PRO A 2 6.49 13.61 -6.67
C PRO A 2 6.42 13.21 -5.21
N LEU A 3 5.26 13.40 -4.59
CA LEU A 3 5.07 13.04 -3.19
C LEU A 3 6.00 13.85 -2.29
N GLY A 4 6.02 13.49 -1.02
CA GLY A 4 6.89 14.17 -0.06
C GLY A 4 7.23 13.27 1.12
N SER A 5 7.66 12.05 0.81
CA SER A 5 8.02 11.07 1.85
C SER A 5 9.02 11.62 2.85
N MET A 6 8.92 11.12 4.10
CA MET A 6 9.80 11.55 5.17
C MET A 6 10.09 10.37 6.11
N ASP A 7 11.22 10.44 6.81
CA ASP A 7 11.61 9.37 7.73
C ASP A 7 10.58 9.19 8.85
N SER A 8 10.29 10.27 9.56
CA SER A 8 9.32 10.22 10.63
C SER A 8 7.95 10.72 10.15
N PRO A 9 6.86 10.27 10.79
CA PRO A 9 5.50 10.67 10.40
C PRO A 9 5.23 12.14 10.75
N PRO A 10 5.19 13.00 9.73
CA PRO A 10 4.94 14.44 9.89
C PRO A 10 3.68 14.74 10.70
N GLU A 11 3.59 15.97 11.17
CA GLU A 11 2.44 16.43 11.95
C GLU A 11 1.13 16.19 11.21
N GLY A 12 0.15 15.65 11.92
CA GLY A 12 -1.15 15.40 11.32
C GLY A 12 -1.06 14.59 10.03
N TYR A 13 -1.06 13.28 10.15
CA TYR A 13 -0.97 12.40 8.99
C TYR A 13 -1.61 11.05 9.29
N ARG A 14 -2.56 10.63 8.45
CA ARG A 14 -3.22 9.34 8.64
C ARG A 14 -2.22 8.20 8.51
N ARG A 15 -1.61 7.83 9.63
CA ARG A 15 -0.62 6.76 9.69
C ARG A 15 -1.17 5.45 9.12
N ASN A 16 -0.70 5.09 7.93
CA ASN A 16 -1.11 3.85 7.28
C ASN A 16 0.13 3.13 6.74
N VAL A 17 -0.04 1.95 6.17
CA VAL A 17 1.09 1.21 5.63
C VAL A 17 0.72 0.51 4.33
N GLY A 18 1.72 -0.01 3.63
CA GLY A 18 1.49 -0.70 2.39
C GLY A 18 2.27 -2.01 2.30
N ILE A 19 1.86 -2.88 1.38
CA ILE A 19 2.53 -4.16 1.22
C ILE A 19 2.93 -4.43 -0.23
N CYS A 20 4.23 -4.63 -0.44
CA CYS A 20 4.75 -4.94 -1.77
C CYS A 20 5.16 -6.40 -1.81
N LEU A 21 4.27 -7.23 -2.34
CA LEU A 21 4.53 -8.66 -2.41
C LEU A 21 4.89 -9.11 -3.82
N MET A 22 6.03 -9.78 -3.93
CA MET A 22 6.48 -10.29 -5.22
C MET A 22 6.73 -11.79 -5.15
N ASN A 23 6.80 -12.43 -6.32
CA ASN A 23 7.04 -13.86 -6.40
C ASN A 23 8.50 -14.14 -6.68
N ASN A 24 8.89 -15.40 -6.60
CA ASN A 24 10.26 -15.81 -6.89
C ASN A 24 10.68 -15.39 -8.31
N ASP A 25 9.74 -14.83 -9.08
CA ASP A 25 10.02 -14.41 -10.45
C ASP A 25 10.32 -12.92 -10.53
N LYS A 26 10.35 -12.28 -9.39
CA LYS A 26 10.59 -10.85 -9.31
C LYS A 26 9.36 -10.08 -9.78
N LYS A 27 8.20 -10.76 -9.78
CA LYS A 27 6.96 -10.13 -10.20
C LYS A 27 6.22 -9.66 -8.96
N ILE A 28 5.57 -8.51 -9.05
CA ILE A 28 4.86 -7.94 -7.92
C ILE A 28 3.36 -8.15 -8.02
N PHE A 29 2.77 -8.33 -6.84
CA PHE A 29 1.34 -8.53 -6.71
C PHE A 29 0.58 -7.23 -6.92
N ALA A 30 -0.53 -7.29 -7.64
CA ALA A 30 -1.35 -6.11 -7.91
C ALA A 30 -2.82 -6.47 -7.83
N ALA A 31 -3.64 -5.52 -7.38
CA ALA A 31 -5.07 -5.76 -7.24
C ALA A 31 -5.86 -4.56 -7.73
N SER A 32 -6.94 -4.82 -8.45
CA SER A 32 -7.78 -3.77 -8.98
C SER A 32 -9.03 -3.57 -8.13
N ARG A 33 -9.46 -2.32 -8.01
CA ARG A 33 -10.65 -1.99 -7.23
C ARG A 33 -11.91 -2.50 -7.92
N LEU A 34 -12.72 -3.26 -7.19
CA LEU A 34 -13.96 -3.82 -7.75
C LEU A 34 -14.69 -2.75 -8.55
N ASP A 35 -14.60 -1.52 -8.09
CA ASP A 35 -15.24 -0.38 -8.74
C ASP A 35 -14.52 -0.03 -10.03
N ILE A 36 -13.19 -0.06 -9.99
CA ILE A 36 -12.38 0.26 -11.16
C ILE A 36 -11.48 -0.91 -11.54
N PRO A 37 -11.83 -1.64 -12.62
CA PRO A 37 -11.05 -2.79 -13.08
C PRO A 37 -9.68 -2.40 -13.62
N ASP A 38 -9.53 -1.14 -14.00
CA ASP A 38 -8.26 -0.64 -14.53
C ASP A 38 -7.39 -0.05 -13.43
N ALA A 39 -7.93 0.03 -12.21
CA ALA A 39 -7.19 0.58 -11.08
C ALA A 39 -6.46 -0.50 -10.31
N TRP A 40 -5.20 -0.74 -10.69
CA TRP A 40 -4.38 -1.74 -10.02
C TRP A 40 -3.65 -1.12 -8.84
N GLN A 41 -3.47 -1.90 -7.78
CA GLN A 41 -2.80 -1.40 -6.60
C GLN A 41 -2.26 -2.54 -5.73
N MET A 42 -1.34 -2.20 -4.85
CA MET A 42 -0.74 -3.17 -3.96
C MET A 42 -1.41 -3.12 -2.59
N PRO A 43 -1.46 -4.25 -1.87
CA PRO A 43 -2.07 -4.33 -0.55
C PRO A 43 -1.59 -3.20 0.36
N GLN A 44 -2.38 -2.87 1.38
CA GLN A 44 -2.05 -1.80 2.31
C GLN A 44 -3.10 -1.71 3.42
N GLY A 45 -2.91 -0.77 4.33
CA GLY A 45 -3.85 -0.60 5.43
C GLY A 45 -3.33 0.36 6.49
N GLY A 46 -4.23 0.94 7.25
CA GLY A 46 -3.83 1.88 8.29
C GLY A 46 -3.40 1.20 9.57
N ILE A 47 -2.31 1.70 10.15
CA ILE A 47 -1.79 1.16 11.40
C ILE A 47 -2.71 1.48 12.57
N ASP A 48 -2.84 0.52 13.48
CA ASP A 48 -3.68 0.71 14.66
C ASP A 48 -3.10 1.75 15.60
N GLU A 49 -3.73 1.91 16.77
CA GLU A 49 -3.27 2.87 17.76
C GLU A 49 -1.76 2.73 18.01
N GLY A 50 -1.39 1.75 18.84
CA GLY A 50 0.01 1.53 19.14
C GLY A 50 0.54 0.25 18.52
N GLU A 51 0.38 0.13 17.21
CA GLU A 51 0.84 -1.06 16.49
C GLU A 51 1.95 -0.70 15.51
N ASP A 52 2.88 -1.62 15.31
CA ASP A 52 3.98 -1.40 14.38
C ASP A 52 3.48 -1.40 12.94
N PRO A 53 4.29 -0.90 12.00
CA PRO A 53 3.93 -0.85 10.58
C PRO A 53 4.00 -2.22 9.94
N ARG A 54 5.11 -2.90 10.21
CA ARG A 54 5.35 -4.24 9.67
C ARG A 54 4.16 -5.16 9.95
N ASN A 55 3.69 -5.11 11.18
CA ASN A 55 2.55 -5.93 11.57
C ASN A 55 1.31 -5.51 10.81
N ALA A 56 1.06 -4.21 10.79
CA ALA A 56 -0.10 -3.68 10.07
C ALA A 56 -0.01 -4.02 8.61
N ALA A 57 1.18 -3.85 8.05
CA ALA A 57 1.42 -4.18 6.65
C ALA A 57 1.10 -5.64 6.40
N ILE A 58 1.80 -6.51 7.12
CA ILE A 58 1.59 -7.94 7.01
C ILE A 58 0.14 -8.33 7.28
N ARG A 59 -0.43 -7.84 8.38
CA ARG A 59 -1.80 -8.15 8.73
C ARG A 59 -2.77 -7.59 7.69
N GLU A 60 -2.82 -6.26 7.56
CA GLU A 60 -3.70 -5.61 6.60
C GLU A 60 -3.69 -6.38 5.27
N LEU A 61 -2.49 -6.76 4.84
CA LEU A 61 -2.33 -7.52 3.61
C LEU A 61 -3.25 -8.74 3.61
N ARG A 62 -3.20 -9.49 4.71
CA ARG A 62 -4.02 -10.68 4.85
C ARG A 62 -5.50 -10.31 4.87
N GLU A 63 -5.91 -9.58 5.89
CA GLU A 63 -7.30 -9.16 6.04
C GLU A 63 -7.84 -8.55 4.75
N GLU A 64 -6.95 -8.02 3.92
CA GLU A 64 -7.36 -7.37 2.68
C GLU A 64 -7.34 -8.33 1.48
N THR A 65 -6.33 -9.21 1.41
CA THR A 65 -6.23 -10.15 0.30
C THR A 65 -6.22 -11.59 0.79
N GLY A 66 -5.61 -11.81 1.95
CA GLY A 66 -5.51 -13.15 2.49
C GLY A 66 -4.11 -13.71 2.36
N VAL A 67 -3.29 -13.01 1.57
CA VAL A 67 -1.90 -13.40 1.35
C VAL A 67 -1.14 -13.50 2.66
N THR A 68 -0.77 -14.72 3.01
CA THR A 68 -0.01 -14.96 4.22
C THR A 68 1.28 -15.68 3.87
N SER A 69 1.19 -16.63 2.94
CA SER A 69 2.35 -17.39 2.49
C SER A 69 3.40 -16.48 1.87
N ALA A 70 4.11 -15.73 2.71
CA ALA A 70 5.13 -14.81 2.23
C ALA A 70 6.09 -14.40 3.33
N GLU A 71 7.30 -14.01 2.93
CA GLU A 71 8.32 -13.58 3.88
C GLU A 71 8.86 -12.20 3.50
N VAL A 72 9.25 -11.42 4.50
CA VAL A 72 9.78 -10.09 4.24
C VAL A 72 11.20 -10.15 3.72
N ILE A 73 11.43 -9.50 2.59
CA ILE A 73 12.74 -9.46 1.97
C ILE A 73 13.36 -8.08 2.16
N ALA A 74 12.52 -7.09 2.41
CA ALA A 74 12.99 -5.73 2.59
C ALA A 74 11.89 -4.82 3.12
N GLU A 75 12.25 -3.57 3.36
CA GLU A 75 11.30 -2.58 3.86
C GLU A 75 11.74 -1.17 3.47
N VAL A 76 10.78 -0.28 3.29
CA VAL A 76 11.08 1.11 2.92
C VAL A 76 11.71 1.86 4.10
N PRO A 77 12.77 2.64 3.83
CA PRO A 77 13.47 3.42 4.86
C PRO A 77 12.53 4.34 5.62
N TYR A 78 12.06 5.36 4.93
CA TYR A 78 11.14 6.34 5.50
C TYR A 78 9.69 5.96 5.21
N TRP A 79 8.77 6.85 5.54
CA TRP A 79 7.37 6.60 5.30
C TRP A 79 6.99 7.14 3.91
N LEU A 80 5.71 7.40 3.69
CA LEU A 80 5.24 7.90 2.41
C LEU A 80 3.87 8.52 2.56
N THR A 81 3.79 9.84 2.40
CA THR A 81 2.53 10.55 2.54
C THR A 81 2.02 11.06 1.20
N TYR A 82 1.05 11.96 1.26
CA TYR A 82 0.45 12.53 0.06
C TYR A 82 -0.43 13.72 0.41
N ASP A 83 0.06 14.57 1.32
CA ASP A 83 -0.68 15.75 1.72
C ASP A 83 -0.68 16.76 0.58
N PHE A 84 -1.70 17.61 0.53
CA PHE A 84 -1.80 18.60 -0.55
C PHE A 84 -1.45 20.00 -0.05
N PRO A 85 -1.21 20.93 -0.99
CA PRO A 85 -0.87 22.33 -0.67
C PRO A 85 -2.00 23.01 0.10
N PRO A 86 -1.78 24.25 0.57
CA PRO A 86 -2.79 25.01 1.32
C PRO A 86 -4.13 25.08 0.59
N LYS A 87 -4.08 25.23 -0.73
CA LYS A 87 -5.30 25.31 -1.52
C LYS A 87 -6.13 24.04 -1.39
N VAL A 88 -5.54 22.92 -1.79
CA VAL A 88 -6.21 21.63 -1.71
C VAL A 88 -6.38 21.20 -0.25
N ARG A 89 -5.49 21.69 0.61
CA ARG A 89 -5.53 21.36 2.03
C ARG A 89 -6.93 21.58 2.61
N GLU A 90 -7.57 22.68 2.19
CA GLU A 90 -8.91 22.99 2.68
C GLU A 90 -9.96 22.04 2.10
N LYS A 91 -9.61 21.39 0.99
CA LYS A 91 -10.53 20.45 0.35
C LYS A 91 -10.18 19.01 0.74
N LEU A 92 -9.02 18.82 1.33
CA LEU A 92 -8.58 17.48 1.73
C LEU A 92 -8.29 17.41 3.24
N ASN A 93 -7.34 18.21 3.71
CA ASN A 93 -6.98 18.22 5.13
C ASN A 93 -8.19 18.52 6.01
N ILE A 94 -8.82 19.65 5.74
CA ILE A 94 -9.99 20.06 6.51
C ILE A 94 -11.20 19.20 6.15
N GLN A 95 -11.05 18.39 5.09
CA GLN A 95 -12.13 17.50 4.66
C GLN A 95 -12.40 16.42 5.69
N TRP A 96 -11.43 16.22 6.60
CA TRP A 96 -11.58 15.23 7.65
C TRP A 96 -11.87 15.88 9.00
N GLY A 97 -12.37 17.11 8.97
CA GLY A 97 -12.66 17.82 10.21
C GLY A 97 -11.38 18.17 10.96
N SER A 98 -10.78 17.18 11.61
CA SER A 98 -9.55 17.39 12.35
C SER A 98 -8.40 17.69 11.38
N ASP A 99 -7.18 17.71 11.90
CA ASP A 99 -6.01 17.98 11.06
C ASP A 99 -5.81 16.88 10.01
N TRP A 100 -5.12 15.81 10.38
CA TRP A 100 -4.85 14.69 9.48
C TRP A 100 -3.79 15.04 8.43
N LYS A 101 -3.74 16.32 8.03
CA LYS A 101 -2.79 16.81 7.02
C LYS A 101 -2.11 15.70 6.23
N GLY A 102 -2.93 14.85 5.60
CA GLY A 102 -2.39 13.78 4.78
C GLY A 102 -2.38 12.43 5.45
N GLN A 103 -1.61 11.51 4.89
CA GLN A 103 -1.50 10.16 5.42
C GLN A 103 -0.09 9.63 5.26
N ALA A 104 0.58 9.33 6.37
CA ALA A 104 1.94 8.81 6.32
C ALA A 104 1.91 7.29 6.25
N GLN A 105 2.42 6.75 5.16
CA GLN A 105 2.40 5.32 4.95
C GLN A 105 3.78 4.73 4.60
N LYS A 106 4.17 3.70 5.34
CA LYS A 106 5.43 3.02 5.11
C LYS A 106 5.16 1.68 4.44
N TRP A 107 5.94 1.37 3.41
CA TRP A 107 5.75 0.13 2.66
C TRP A 107 6.78 -0.94 3.02
N PHE A 108 6.44 -2.18 2.65
CA PHE A 108 7.32 -3.32 2.92
C PHE A 108 7.36 -4.27 1.73
N LEU A 109 8.47 -4.98 1.60
CA LEU A 109 8.65 -5.94 0.50
C LEU A 109 8.58 -7.37 1.02
N PHE A 110 7.66 -8.17 0.47
CA PHE A 110 7.52 -9.55 0.88
C PHE A 110 7.56 -10.52 -0.30
N LYS A 111 8.08 -11.71 -0.06
CA LYS A 111 8.16 -12.75 -1.07
C LYS A 111 7.00 -13.72 -0.89
N PHE A 112 6.21 -13.93 -1.95
CA PHE A 112 5.08 -14.85 -1.87
C PHE A 112 5.55 -16.30 -1.98
N THR A 113 5.61 -16.98 -0.84
CA THR A 113 6.03 -18.38 -0.81
C THR A 113 4.82 -19.29 -0.74
N GLY A 114 3.79 -18.96 -1.51
CA GLY A 114 2.58 -19.76 -1.52
C GLY A 114 1.97 -19.89 -2.91
N GLN A 115 0.65 -20.00 -2.96
CA GLN A 115 -0.06 -20.13 -4.22
C GLN A 115 -1.08 -19.01 -4.40
N ASP A 116 -1.33 -18.64 -5.66
CA ASP A 116 -2.28 -17.57 -5.98
C ASP A 116 -3.66 -17.89 -5.43
N GLN A 117 -4.03 -19.16 -5.53
CA GLN A 117 -5.33 -19.63 -5.07
C GLN A 117 -5.57 -19.32 -3.58
N GLU A 118 -4.57 -18.75 -2.91
CA GLU A 118 -4.70 -18.41 -1.50
C GLU A 118 -5.27 -17.01 -1.34
N ILE A 119 -5.19 -16.22 -2.41
CA ILE A 119 -5.69 -14.86 -2.41
C ILE A 119 -7.17 -14.82 -2.79
N ASN A 120 -8.01 -14.56 -1.80
CA ASN A 120 -9.45 -14.52 -2.04
C ASN A 120 -9.93 -13.08 -2.24
N LEU A 121 -9.15 -12.11 -1.75
CA LEU A 121 -9.48 -10.69 -1.88
C LEU A 121 -10.58 -10.28 -0.90
N LEU A 122 -11.53 -11.17 -0.65
CA LEU A 122 -12.63 -10.88 0.27
C LEU A 122 -12.14 -10.63 1.67
N GLY A 123 -13.00 -10.02 2.49
CA GLY A 123 -12.66 -9.71 3.86
C GLY A 123 -13.85 -9.25 4.68
N ASP A 124 -15.02 -9.25 4.07
CA ASP A 124 -16.24 -8.83 4.72
C ASP A 124 -16.12 -7.38 5.22
N GLY A 125 -16.53 -6.45 4.36
CA GLY A 125 -16.47 -5.04 4.72
C GLY A 125 -17.83 -4.48 5.07
N SER A 126 -18.14 -3.31 4.51
CA SER A 126 -19.42 -2.66 4.77
C SER A 126 -20.44 -2.99 3.69
N GLU A 127 -19.95 -3.36 2.51
CA GLU A 127 -20.83 -3.70 1.39
C GLU A 127 -20.22 -4.79 0.52
N LYS A 128 -18.92 -4.66 0.25
CA LYS A 128 -18.22 -5.61 -0.60
C LYS A 128 -16.71 -5.52 -0.41
N PRO A 129 -15.98 -6.52 -0.93
CA PRO A 129 -14.52 -6.60 -0.84
C PRO A 129 -13.84 -5.29 -1.24
N GLU A 130 -12.51 -5.34 -1.33
CA GLU A 130 -11.73 -4.17 -1.71
C GLU A 130 -11.30 -4.24 -3.16
N PHE A 131 -10.66 -5.33 -3.55
CA PHE A 131 -10.21 -5.52 -4.92
C PHE A 131 -11.06 -6.57 -5.62
N GLY A 132 -11.36 -6.35 -6.88
CA GLY A 132 -12.16 -7.29 -7.63
C GLY A 132 -11.31 -8.32 -8.36
N GLU A 133 -10.11 -7.91 -8.75
CA GLU A 133 -9.19 -8.80 -9.45
C GLU A 133 -7.75 -8.44 -9.13
N TRP A 134 -6.87 -9.42 -9.16
CA TRP A 134 -5.46 -9.18 -8.88
C TRP A 134 -4.57 -9.95 -9.86
N SER A 135 -3.28 -9.63 -9.85
CA SER A 135 -2.33 -10.29 -10.75
C SER A 135 -0.88 -10.08 -10.32
N TRP A 136 0.01 -10.75 -11.04
CA TRP A 136 1.45 -10.64 -10.81
C TRP A 136 2.09 -9.90 -11.96
N VAL A 137 2.49 -8.65 -11.73
CA VAL A 137 3.10 -7.84 -12.77
C VAL A 137 4.49 -7.38 -12.35
N THR A 138 5.23 -6.77 -13.26
CA THR A 138 6.55 -6.28 -12.93
C THR A 138 6.44 -5.03 -12.06
N PRO A 139 7.55 -4.54 -11.51
CA PRO A 139 7.54 -3.35 -10.69
C PRO A 139 7.09 -2.16 -11.52
N GLU A 140 7.78 -1.95 -12.63
CA GLU A 140 7.46 -0.86 -13.55
C GLU A 140 6.07 -1.06 -14.16
N GLN A 141 5.66 -2.32 -14.30
CA GLN A 141 4.35 -2.64 -14.86
C GLN A 141 3.25 -2.26 -13.88
N LEU A 142 3.44 -2.63 -12.62
CA LEU A 142 2.45 -2.32 -11.58
C LEU A 142 2.25 -0.81 -11.52
N ILE A 143 3.34 -0.07 -11.66
CA ILE A 143 3.26 1.39 -11.63
C ILE A 143 2.41 1.89 -12.78
N ASP A 144 2.54 1.24 -13.94
CA ASP A 144 1.79 1.63 -15.12
C ASP A 144 0.31 1.28 -14.94
N LEU A 145 0.06 0.04 -14.57
CA LEU A 145 -1.28 -0.46 -14.38
C LEU A 145 -1.96 0.09 -13.12
N THR A 146 -1.15 0.56 -12.17
CA THR A 146 -1.71 1.09 -10.93
C THR A 146 -2.36 2.46 -11.15
N VAL A 147 -3.01 2.96 -10.11
CA VAL A 147 -3.68 4.25 -10.17
C VAL A 147 -2.65 5.39 -10.07
N GLU A 148 -3.02 6.56 -10.59
CA GLU A 148 -2.13 7.72 -10.56
C GLU A 148 -1.76 8.08 -9.12
N PHE A 149 -2.77 8.31 -8.29
CA PHE A 149 -2.55 8.68 -6.89
C PHE A 149 -1.69 7.67 -6.12
N LYS A 150 -1.26 6.58 -6.78
CA LYS A 150 -0.43 5.58 -6.10
C LYS A 150 0.77 5.14 -6.94
N LYS A 151 0.83 5.59 -8.19
CA LYS A 151 1.93 5.22 -9.08
C LYS A 151 3.26 5.77 -8.54
N PRO A 152 3.36 7.09 -8.30
CA PRO A 152 4.59 7.69 -7.78
C PRO A 152 4.88 7.19 -6.37
N VAL A 153 3.82 6.78 -5.67
CA VAL A 153 3.96 6.25 -4.33
C VAL A 153 4.67 4.92 -4.40
N TYR A 154 4.16 4.05 -5.26
CA TYR A 154 4.74 2.74 -5.48
C TYR A 154 6.09 2.88 -6.14
N LYS A 155 6.20 3.84 -7.04
CA LYS A 155 7.44 4.11 -7.75
C LYS A 155 8.56 4.41 -6.78
N GLU A 156 8.25 5.18 -5.74
CA GLU A 156 9.23 5.52 -4.74
C GLU A 156 9.54 4.28 -3.92
N VAL A 157 8.53 3.47 -3.72
CA VAL A 157 8.68 2.23 -2.99
C VAL A 157 9.57 1.28 -3.77
N LEU A 158 9.37 1.25 -5.09
CA LEU A 158 10.16 0.39 -5.97
C LEU A 158 11.63 0.77 -5.92
N SER A 159 11.89 2.07 -5.94
CA SER A 159 13.26 2.56 -5.89
C SER A 159 13.95 1.98 -4.68
N VAL A 160 13.22 1.91 -3.58
CA VAL A 160 13.74 1.33 -2.36
C VAL A 160 13.94 -0.17 -2.56
N PHE A 161 12.94 -0.79 -3.17
CA PHE A 161 12.95 -2.22 -3.42
C PHE A 161 13.78 -2.59 -4.66
N ALA A 162 14.44 -1.63 -5.27
CA ALA A 162 15.26 -1.90 -6.44
C ALA A 162 16.34 -2.93 -6.12
N PRO A 163 17.13 -2.69 -5.06
CA PRO A 163 18.20 -3.62 -4.66
C PRO A 163 17.65 -5.01 -4.34
N HIS A 164 16.33 -5.14 -4.24
CA HIS A 164 15.70 -6.41 -3.94
C HIS A 164 14.91 -6.94 -5.14
N LEU A 165 14.59 -6.06 -6.07
CA LEU A 165 13.84 -6.45 -7.26
C LEU A 165 14.78 -6.72 -8.43
#